data_8JUZ
#
_entry.id   8JUZ
#
_cell.length_a   1.00
_cell.length_b   1.00
_cell.length_c   1.00
_cell.angle_alpha   90.00
_cell.angle_beta   90.00
_cell.angle_gamma   90.00
#
_symmetry.space_group_name_H-M   'P 1'
#
loop_
_entity.id
_entity.type
_entity.pdbx_description
1 polymer 'ATPase family AAA domain-containing protein 2'
2 non-polymer "ADENOSINE-5'-DIPHOSPHATE"
3 non-polymer "ADENOSINE-5'-TRIPHOSPHATE"
#
_entity_poly.entity_id   1
_entity_poly.type   'polypeptide(L)'
_entity_poly.pdbx_seq_one_letter_code
;DRMKIGASLADVDPMQLDSSVRFDSVGGLSNHIAALKEMVVFPLLYPEVFEKFKIQPPRGCLFYGPPGTGKTLVARALAN
ECSQGDKRVAFFMRKGADCLSKWVGESERQLRLLFDQAYQMRPSIIFFDQIDGLAPVRSSRQDQIHSSIVSTLLALMDGL
DSRGEIVVIGATNRLDSIDPALRRPGRFDREFLFSLPDKEARKEILKIHTRDWNPKPLDTFLEELAENCVGYCGADIKSI
CAEAALCALRRRYPQIYTTSEKLQLDLSSINISAKDFEVAMQKMIPASQRAVTSPGQALSTVVKPLLQNTVDKILEALQR
VFPHAEFRTNKTLDSDISCPLLESDLAYSDDDVPSVYENGLSQKSSHKAKDNFNFLHLNRNACYQPMSFRPRILIVGEPG
FGQGSHLAPAVIHALEKFTVYTLDIPVLFGVSTTSPEETCAQVIREAKRTAPSIVYVPHIHVWWEIVGPTLKATFTTLLQ
NIPSFAPVLLLATSDKPHSALPEEVQELFIRDYGEIFNVQLPDKEERTKFFEDLILKQAAKPPISKKKAVLQALEVLPVA
PPPEPRSLTAEEVKRLEEQEEYAPSYYHVMPKQNSTLVGDKRSDPEQNEKLKTPSTPVACSTPAQLKRKIRKKSNWYLGT
IKKRRKISQAKDDSQNAIDHKIESDTEETQDTSVDHNETGNTGESSVEENEKQQNASESKLELRNNSNTCNIENELEDSR
KTTACTELRDKIACNGDASSSQIIHISDENEGKEMCVLRMTQPTPSLVVDHERLKNLLKTVVKKSQNYNIFQLENLYAVI
SQCIYRHRKDHDKTSLIQKMEQEVENFSCSR
;
_entity_poly.pdbx_strand_id   A,B,C,D,E,F
#
loop_
_chem_comp.id
_chem_comp.type
_chem_comp.name
_chem_comp.formula
ADP non-polymer ADENOSINE-5'-DIPHOSPHATE 'C10 H15 N5 O10 P2'
ATP non-polymer ADENOSINE-5'-TRIPHOSPHATE 'C10 H16 N5 O13 P3'
#
# COMPACT_ATOMS: atom_id res chain seq x y z
N VAL A 12 25.32 -21.92 -19.75
CA VAL A 12 26.55 -22.08 -18.98
C VAL A 12 27.69 -22.55 -19.89
N ASP A 13 27.32 -23.04 -21.07
CA ASP A 13 28.32 -23.47 -22.03
C ASP A 13 29.12 -22.26 -22.55
N PRO A 14 30.42 -22.40 -22.76
CA PRO A 14 31.19 -21.31 -23.35
C PRO A 14 30.74 -21.04 -24.78
N MET A 15 30.25 -19.83 -25.00
CA MET A 15 29.73 -19.42 -26.30
C MET A 15 30.85 -19.41 -27.33
N GLN A 16 30.49 -19.60 -28.59
CA GLN A 16 31.47 -19.66 -29.67
C GLN A 16 32.03 -18.27 -29.95
N LEU A 17 33.01 -17.86 -29.15
CA LEU A 17 33.57 -16.53 -29.26
C LEU A 17 34.61 -16.47 -30.38
N ASP A 18 34.54 -15.40 -31.16
CA ASP A 18 35.55 -15.16 -32.18
C ASP A 18 36.88 -14.80 -31.52
N SER A 19 37.97 -15.25 -32.14
CA SER A 19 39.31 -15.07 -31.58
C SER A 19 39.93 -13.74 -31.95
N SER A 20 39.20 -12.86 -32.65
CA SER A 20 39.75 -11.59 -33.09
C SER A 20 39.64 -10.48 -32.05
N VAL A 21 39.00 -10.75 -30.91
CA VAL A 21 38.88 -9.77 -29.83
C VAL A 21 39.78 -10.25 -28.69
N ARG A 22 41.00 -9.73 -28.65
CA ARG A 22 42.02 -10.12 -27.69
C ARG A 22 42.69 -8.89 -27.11
N PHE A 23 41.87 -7.94 -26.65
CA PHE A 23 42.22 -6.58 -26.21
C PHE A 23 42.48 -5.63 -27.37
N ASP A 24 42.26 -6.07 -28.61
CA ASP A 24 42.41 -5.20 -29.77
C ASP A 24 41.10 -4.53 -30.17
N SER A 25 40.02 -4.79 -29.44
CA SER A 25 38.71 -4.20 -29.73
C SER A 25 38.24 -3.30 -28.59
N VAL A 26 39.14 -2.86 -27.72
CA VAL A 26 38.83 -1.94 -26.63
C VAL A 26 39.62 -0.66 -26.83
N GLY A 27 38.96 0.48 -26.68
CA GLY A 27 39.60 1.76 -26.94
C GLY A 27 39.42 2.79 -25.85
N GLY A 28 40.53 3.38 -25.39
CA GLY A 28 40.50 4.44 -24.42
C GLY A 28 40.42 4.00 -22.97
N LEU A 29 40.15 2.72 -22.71
CA LEU A 29 40.03 2.21 -21.35
C LEU A 29 41.34 1.51 -20.99
N SER A 30 42.35 2.33 -20.69
CA SER A 30 43.67 1.83 -20.33
C SER A 30 43.85 1.65 -18.83
N ASN A 31 43.53 2.68 -18.04
CA ASN A 31 43.68 2.57 -16.59
C ASN A 31 42.77 1.49 -16.01
N HIS A 32 41.53 1.41 -16.49
CA HIS A 32 40.62 0.39 -15.99
C HIS A 32 41.13 -1.01 -16.29
N ILE A 33 41.62 -1.22 -17.51
CA ILE A 33 42.13 -2.53 -17.89
C ILE A 33 43.43 -2.84 -17.17
N ALA A 34 44.34 -1.86 -17.11
CA ALA A 34 45.62 -2.08 -16.44
C ALA A 34 45.45 -2.38 -14.96
N ALA A 35 44.41 -1.83 -14.33
CA ALA A 35 44.08 -2.18 -12.95
C ALA A 35 43.31 -3.49 -12.85
N LEU A 36 42.75 -3.97 -13.96
CA LEU A 36 42.05 -5.25 -13.93
C LEU A 36 42.96 -6.38 -14.39
N LYS A 37 43.93 -6.08 -15.27
CA LYS A 37 44.90 -7.08 -15.65
C LYS A 37 45.76 -7.53 -14.47
N GLU A 38 46.15 -6.61 -13.59
CA GLU A 38 46.81 -6.97 -12.36
C GLU A 38 45.82 -7.47 -11.30
N MET A 39 44.52 -7.41 -11.58
CA MET A 39 43.49 -7.84 -10.65
C MET A 39 43.17 -9.33 -10.78
N VAL A 40 43.23 -9.89 -11.98
CA VAL A 40 42.92 -11.29 -12.23
C VAL A 40 44.06 -12.00 -12.94
N VAL A 41 44.57 -11.41 -14.02
CA VAL A 41 45.56 -12.09 -14.86
C VAL A 41 46.86 -12.31 -14.10
N PHE A 42 47.33 -11.29 -13.38
CA PHE A 42 48.61 -11.42 -12.68
C PHE A 42 48.62 -12.54 -11.63
N PRO A 43 47.60 -12.71 -10.77
CA PRO A 43 47.67 -13.85 -9.83
C PRO A 43 47.80 -15.20 -10.52
N LEU A 44 47.11 -15.40 -11.63
CA LEU A 44 47.18 -16.68 -12.33
C LEU A 44 48.47 -16.81 -13.15
N LEU A 45 48.91 -15.74 -13.81
CA LEU A 45 50.10 -15.79 -14.63
C LEU A 45 51.39 -15.78 -13.80
N TYR A 46 51.36 -15.19 -12.62
CA TYR A 46 52.52 -15.15 -11.72
C TYR A 46 52.08 -15.65 -10.34
N PRO A 47 51.77 -16.94 -10.22
CA PRO A 47 51.36 -17.46 -8.90
C PRO A 47 52.48 -17.53 -7.88
N GLU A 48 53.73 -17.43 -8.32
CA GLU A 48 54.87 -17.53 -7.42
C GLU A 48 55.21 -16.22 -6.73
N VAL A 49 54.83 -15.07 -7.32
CA VAL A 49 55.19 -13.79 -6.72
C VAL A 49 54.12 -13.30 -5.75
N PHE A 50 52.87 -13.72 -5.91
CA PHE A 50 51.83 -13.34 -4.96
C PHE A 50 51.81 -14.21 -3.72
N GLU A 51 52.65 -15.24 -3.65
CA GLU A 51 52.82 -16.03 -2.45
C GLU A 51 54.22 -15.87 -1.85
N LYS A 52 54.85 -14.71 -2.08
CA LYS A 52 56.20 -14.50 -1.57
C LYS A 52 56.22 -14.53 -0.04
N PHE A 53 55.54 -13.59 0.60
CA PHE A 53 55.40 -13.61 2.06
C PHE A 53 53.95 -13.86 2.43
N LYS A 54 53.03 -12.96 2.07
CA LYS A 54 51.58 -13.08 2.21
C LYS A 54 50.93 -11.97 1.39
N ILE A 55 50.04 -12.31 0.46
CA ILE A 55 49.31 -11.27 -0.25
C ILE A 55 47.81 -11.53 -0.18
N GLN A 56 47.36 -12.68 -0.67
CA GLN A 56 45.94 -13.02 -0.73
C GLN A 56 45.14 -11.90 -1.40
N PRO A 57 45.28 -11.71 -2.71
CA PRO A 57 44.61 -10.59 -3.38
C PRO A 57 43.11 -10.76 -3.38
N PRO A 58 42.35 -9.67 -3.43
CA PRO A 58 40.89 -9.77 -3.45
C PRO A 58 40.38 -10.24 -4.79
N ARG A 59 39.07 -10.53 -4.84
CA ARG A 59 38.44 -11.07 -6.04
C ARG A 59 37.14 -10.34 -6.38
N GLY A 60 37.13 -9.02 -6.29
CA GLY A 60 35.89 -8.29 -6.53
C GLY A 60 36.07 -6.87 -7.02
N CYS A 61 35.22 -6.46 -7.97
CA CYS A 61 35.23 -5.10 -8.50
C CYS A 61 33.82 -4.74 -8.94
N LEU A 62 33.56 -3.45 -9.06
CA LEU A 62 32.26 -2.94 -9.47
C LEU A 62 32.42 -1.88 -10.56
N PHE A 63 31.48 -1.88 -11.51
CA PHE A 63 31.45 -0.91 -12.60
C PHE A 63 30.16 -0.12 -12.54
N TYR A 64 30.24 1.20 -12.68
CA TYR A 64 29.06 2.05 -12.70
C TYR A 64 29.22 3.12 -13.78
N GLY A 65 28.08 3.54 -14.32
CA GLY A 65 28.07 4.57 -15.34
C GLY A 65 26.78 4.57 -16.14
N PRO A 66 26.63 5.56 -17.03
CA PRO A 66 25.42 5.60 -17.86
C PRO A 66 25.40 4.44 -18.84
N PRO A 67 24.22 4.03 -19.30
CA PRO A 67 24.16 2.92 -20.25
C PRO A 67 24.77 3.30 -21.58
N GLY A 68 25.30 2.29 -22.28
CA GLY A 68 25.84 2.47 -23.59
C GLY A 68 27.30 2.87 -23.68
N THR A 69 27.96 3.09 -22.54
CA THR A 69 29.38 3.44 -22.54
C THR A 69 30.27 2.20 -22.48
N GLY A 70 29.73 1.05 -22.89
CA GLY A 70 30.50 -0.19 -22.86
C GLY A 70 30.36 -1.00 -21.59
N LYS A 71 29.16 -1.03 -21.02
CA LYS A 71 28.91 -1.88 -19.85
C LYS A 71 29.10 -3.35 -20.19
N THR A 72 28.57 -3.78 -21.33
CA THR A 72 28.56 -5.20 -21.70
C THR A 72 29.73 -5.59 -22.58
N LEU A 73 30.19 -4.70 -23.47
CA LEU A 73 31.33 -5.02 -24.32
C LEU A 73 32.58 -5.28 -23.50
N VAL A 74 32.80 -4.51 -22.44
CA VAL A 74 33.96 -4.75 -21.60
C VAL A 74 33.89 -6.13 -20.98
N ALA A 75 32.71 -6.54 -20.51
CA ALA A 75 32.56 -7.86 -19.92
C ALA A 75 32.82 -8.96 -20.93
N ARG A 76 32.24 -8.82 -22.14
CA ARG A 76 32.44 -9.84 -23.16
C ARG A 76 33.90 -9.92 -23.59
N ALA A 77 34.55 -8.77 -23.78
CA ALA A 77 35.95 -8.76 -24.19
C ALA A 77 36.84 -9.37 -23.11
N LEU A 78 36.57 -9.05 -21.85
CA LEU A 78 37.34 -9.65 -20.76
C LEU A 78 37.12 -11.15 -20.71
N ALA A 79 35.88 -11.59 -20.91
CA ALA A 79 35.60 -13.03 -20.88
C ALA A 79 36.32 -13.75 -22.00
N ASN A 80 36.40 -13.14 -23.19
CA ASN A 80 37.10 -13.80 -24.29
C ASN A 80 38.61 -13.76 -24.09
N GLU A 81 39.17 -12.60 -23.74
CA GLU A 81 40.62 -12.48 -23.61
C GLU A 81 41.15 -13.32 -22.45
N CYS A 82 40.47 -13.31 -21.32
CA CYS A 82 40.91 -14.12 -20.19
C CYS A 82 40.93 -15.60 -20.55
N SER A 83 40.00 -16.02 -21.42
CA SER A 83 39.91 -17.41 -21.85
C SER A 83 40.78 -17.61 -23.09
N GLN A 84 42.09 -17.46 -22.88
CA GLN A 84 43.04 -17.60 -23.96
C GLN A 84 44.14 -18.61 -23.68
N GLY A 85 44.64 -18.68 -22.46
CA GLY A 85 45.72 -19.59 -22.14
C GLY A 85 45.44 -20.50 -20.96
N ASP A 86 44.39 -20.19 -20.20
CA ASP A 86 43.98 -20.96 -19.04
C ASP A 86 42.56 -21.49 -19.23
N LYS A 87 42.31 -22.07 -20.40
CA LYS A 87 41.00 -22.61 -20.73
C LYS A 87 40.56 -23.65 -19.70
N ARG A 88 39.31 -23.54 -19.24
CA ARG A 88 38.42 -22.48 -19.68
C ARG A 88 37.86 -21.70 -18.50
N VAL A 89 38.05 -20.39 -18.51
CA VAL A 89 37.48 -19.53 -17.49
C VAL A 89 35.99 -19.34 -17.80
N ALA A 90 35.14 -19.88 -16.93
CA ALA A 90 33.70 -19.86 -17.19
C ALA A 90 33.13 -18.46 -17.01
N PHE A 91 32.10 -18.16 -17.80
CA PHE A 91 31.43 -16.87 -17.77
C PHE A 91 29.94 -17.08 -17.55
N PHE A 92 29.40 -16.47 -16.50
CA PHE A 92 27.99 -16.57 -16.17
C PHE A 92 27.37 -15.19 -16.22
N MET A 93 26.35 -15.01 -17.05
CA MET A 93 25.66 -13.74 -17.22
C MET A 93 24.27 -13.87 -16.65
N ARG A 94 23.93 -13.00 -15.70
CA ARG A 94 22.61 -12.94 -15.09
C ARG A 94 22.09 -11.52 -15.14
N LYS A 95 20.85 -11.37 -15.60
CA LYS A 95 20.17 -10.07 -15.65
C LYS A 95 19.18 -9.97 -14.50
N GLY A 96 18.99 -8.77 -13.98
CA GLY A 96 18.14 -8.59 -12.83
C GLY A 96 16.66 -8.64 -13.18
N ALA A 97 15.85 -9.02 -12.18
CA ALA A 97 14.39 -9.00 -12.26
C ALA A 97 13.88 -9.84 -13.44
N ASP A 98 14.12 -11.15 -13.35
CA ASP A 98 13.71 -12.10 -14.38
C ASP A 98 12.80 -13.17 -13.76
N CYS A 99 11.51 -12.84 -13.67
CA CYS A 99 10.43 -13.77 -13.28
C CYS A 99 10.76 -14.57 -12.02
N LEU A 100 11.64 -14.06 -11.16
CA LEU A 100 11.96 -14.73 -9.91
C LEU A 100 11.67 -13.88 -8.67
N SER A 101 11.61 -12.56 -8.82
CA SER A 101 11.24 -11.71 -7.69
C SER A 101 9.75 -11.89 -7.36
N LYS A 102 9.40 -11.53 -6.12
CA LYS A 102 8.03 -11.65 -5.63
C LYS A 102 7.53 -13.09 -5.73
N TRP A 103 8.42 -14.05 -5.44
CA TRP A 103 8.06 -15.46 -5.53
C TRP A 103 8.99 -16.27 -4.65
N VAL A 104 8.44 -16.92 -3.62
CA VAL A 104 9.21 -17.54 -2.56
C VAL A 104 9.04 -19.06 -2.63
N GLY A 105 10.14 -19.79 -2.43
CA GLY A 105 11.48 -19.25 -2.25
C GLY A 105 12.54 -19.72 -3.23
N GLU A 106 12.20 -19.79 -4.52
CA GLU A 106 13.08 -20.44 -5.48
C GLU A 106 14.39 -19.68 -5.70
N SER A 107 14.39 -18.36 -5.44
CA SER A 107 15.52 -17.53 -5.83
C SER A 107 16.81 -17.93 -5.11
N GLU A 108 16.75 -18.15 -3.80
CA GLU A 108 17.96 -18.50 -3.07
C GLU A 108 18.46 -19.89 -3.47
N ARG A 109 17.54 -20.80 -3.80
CA ARG A 109 17.97 -22.10 -4.31
C ARG A 109 18.71 -21.94 -5.64
N GLN A 110 18.19 -21.09 -6.53
CA GLN A 110 18.89 -20.83 -7.79
C GLN A 110 20.28 -20.26 -7.54
N LEU A 111 20.37 -19.29 -6.62
CA LEU A 111 21.66 -18.69 -6.32
C LEU A 111 22.63 -19.71 -5.74
N ARG A 112 22.15 -20.57 -4.84
CA ARG A 112 23.02 -21.57 -4.23
C ARG A 112 23.52 -22.57 -5.26
N LEU A 113 22.64 -23.04 -6.15
CA LEU A 113 23.09 -23.98 -7.17
C LEU A 113 24.06 -23.33 -8.14
N LEU A 114 23.82 -22.06 -8.49
CA LEU A 114 24.73 -21.34 -9.36
C LEU A 114 26.12 -21.22 -8.74
N PHE A 115 26.18 -20.84 -7.46
CA PHE A 115 27.47 -20.74 -6.80
C PHE A 115 28.14 -22.10 -6.67
N ASP A 116 27.36 -23.15 -6.39
CA ASP A 116 27.94 -24.49 -6.26
C ASP A 116 28.58 -24.91 -7.56
N GLN A 117 27.87 -24.75 -8.68
CA GLN A 117 28.43 -25.16 -9.97
C GLN A 117 29.59 -24.25 -10.39
N ALA A 118 29.55 -22.97 -10.02
CA ALA A 118 30.67 -22.08 -10.32
C ALA A 118 31.92 -22.52 -9.58
N TYR A 119 31.78 -22.89 -8.31
CA TYR A 119 32.92 -23.45 -7.58
C TYR A 119 33.35 -24.78 -8.17
N GLN A 120 32.41 -25.56 -8.68
CA GLN A 120 32.76 -26.84 -9.30
C GLN A 120 33.58 -26.65 -10.56
N MET A 121 33.32 -25.57 -11.31
CA MET A 121 34.09 -25.31 -12.52
C MET A 121 35.55 -25.01 -12.20
N ARG A 122 35.79 -23.91 -11.46
CA ARG A 122 37.12 -23.58 -10.96
C ARG A 122 38.17 -23.59 -12.07
N PRO A 123 38.26 -22.53 -12.89
CA PRO A 123 37.74 -21.17 -12.66
C PRO A 123 36.37 -20.85 -13.23
N SER A 124 35.89 -19.65 -12.87
CA SER A 124 34.65 -19.09 -13.39
C SER A 124 34.68 -17.58 -13.17
N ILE A 125 33.80 -16.89 -13.90
CA ILE A 125 33.61 -15.46 -13.74
C ILE A 125 32.11 -15.18 -13.72
N ILE A 126 31.67 -14.43 -12.72
CA ILE A 126 30.25 -14.12 -12.54
C ILE A 126 30.02 -12.67 -12.90
N PHE A 127 28.99 -12.40 -13.71
CA PHE A 127 28.66 -11.06 -14.16
C PHE A 127 27.19 -10.80 -13.88
N PHE A 128 26.91 -10.07 -12.80
CA PHE A 128 25.55 -9.70 -12.44
C PHE A 128 25.21 -8.37 -13.11
N ASP A 129 24.13 -8.34 -13.86
CA ASP A 129 23.69 -7.14 -14.57
C ASP A 129 22.56 -6.47 -13.82
N GLN A 130 22.68 -5.17 -13.60
CA GLN A 130 21.63 -4.34 -12.99
C GLN A 130 21.25 -4.87 -11.61
N ILE A 131 22.22 -4.80 -10.70
CA ILE A 131 22.02 -5.24 -9.32
C ILE A 131 21.00 -4.38 -8.59
N ASP A 132 20.68 -3.20 -9.12
CA ASP A 132 19.71 -2.32 -8.48
C ASP A 132 18.40 -3.03 -8.20
N GLY A 133 18.00 -3.94 -9.07
CA GLY A 133 16.82 -4.76 -8.86
C GLY A 133 17.05 -6.01 -8.04
N LEU A 134 18.26 -6.22 -7.53
CA LEU A 134 18.57 -7.39 -6.73
C LEU A 134 18.58 -7.09 -5.23
N ALA A 135 19.31 -6.07 -4.80
CA ALA A 135 19.52 -5.78 -3.38
C ALA A 135 19.19 -4.31 -3.10
N PRO A 136 17.91 -3.98 -3.00
CA PRO A 136 17.55 -2.61 -2.60
C PRO A 136 17.92 -2.34 -1.16
N VAL A 137 18.11 -1.05 -0.86
CA VAL A 137 18.52 -0.62 0.47
C VAL A 137 17.47 -0.99 1.51
N GLN A 144 8.84 -9.76 3.10
CA GLN A 144 10.27 -9.91 2.94
C GLN A 144 10.64 -10.40 1.54
N ILE A 145 10.13 -9.69 0.53
CA ILE A 145 10.44 -10.05 -0.85
C ILE A 145 11.94 -9.87 -1.12
N HIS A 146 12.52 -8.82 -0.57
CA HIS A 146 13.87 -8.40 -0.95
C HIS A 146 14.92 -8.68 0.12
N SER A 147 14.53 -8.85 1.38
CA SER A 147 15.53 -8.97 2.44
C SER A 147 16.22 -10.33 2.42
N SER A 148 15.46 -11.40 2.22
CA SER A 148 16.05 -12.74 2.27
C SER A 148 17.08 -12.94 1.17
N ILE A 149 16.79 -12.49 -0.04
CA ILE A 149 17.71 -12.71 -1.15
C ILE A 149 19.02 -11.96 -0.94
N VAL A 150 18.97 -10.70 -0.49
CA VAL A 150 20.20 -9.96 -0.28
C VAL A 150 20.99 -10.54 0.88
N SER A 151 20.29 -10.94 1.96
CA SER A 151 20.99 -11.54 3.10
C SER A 151 21.74 -12.80 2.68
N THR A 152 21.05 -13.71 1.97
CA THR A 152 21.71 -14.95 1.58
C THR A 152 22.78 -14.69 0.52
N LEU A 153 22.59 -13.69 -0.34
CA LEU A 153 23.59 -13.38 -1.35
C LEU A 153 24.89 -12.92 -0.69
N LEU A 154 24.79 -11.98 0.25
CA LEU A 154 26.01 -11.51 0.91
C LEU A 154 26.61 -12.57 1.82
N ALA A 155 25.78 -13.42 2.44
CA ALA A 155 26.32 -14.53 3.21
C ALA A 155 27.12 -15.49 2.34
N LEU A 156 26.57 -15.83 1.16
CA LEU A 156 27.29 -16.71 0.24
C LEU A 156 28.57 -16.05 -0.26
N MET A 157 28.51 -14.74 -0.54
CA MET A 157 29.70 -14.04 -1.00
C MET A 157 30.79 -14.03 0.06
N ASP A 158 30.41 -13.83 1.33
CA ASP A 158 31.37 -13.97 2.42
C ASP A 158 31.86 -15.39 2.56
N GLY A 159 31.04 -16.37 2.15
CA GLY A 159 31.47 -17.76 2.19
C GLY A 159 32.44 -18.15 1.10
N LEU A 160 32.66 -17.29 0.11
CA LEU A 160 33.64 -17.57 -0.93
C LEU A 160 35.05 -17.57 -0.35
N ASP A 161 35.85 -18.53 -0.81
CA ASP A 161 37.22 -18.63 -0.32
C ASP A 161 38.07 -17.49 -0.85
N SER A 162 39.24 -17.32 -0.23
CA SER A 162 40.10 -16.18 -0.57
C SER A 162 40.64 -16.29 -1.98
N ARG A 163 41.19 -17.45 -2.34
CA ARG A 163 41.84 -17.58 -3.66
C ARG A 163 40.83 -17.69 -4.78
N GLY A 164 39.59 -18.03 -4.50
CA GLY A 164 38.55 -18.12 -5.51
C GLY A 164 38.44 -19.52 -6.09
N GLU A 165 38.76 -19.67 -7.37
CA GLU A 165 39.17 -18.55 -8.22
C GLU A 165 37.99 -17.96 -8.97
N ILE A 166 37.02 -17.45 -8.21
CA ILE A 166 35.80 -16.86 -8.76
C ILE A 166 35.85 -15.36 -8.52
N VAL A 167 35.74 -14.59 -9.60
CA VAL A 167 35.76 -13.14 -9.55
C VAL A 167 34.35 -12.64 -9.87
N VAL A 168 33.80 -11.81 -9.00
CA VAL A 168 32.45 -11.29 -9.15
C VAL A 168 32.53 -9.89 -9.77
N ILE A 169 31.71 -9.65 -10.79
CA ILE A 169 31.66 -8.37 -11.49
C ILE A 169 30.21 -7.92 -11.54
N GLY A 170 29.97 -6.67 -11.18
CA GLY A 170 28.63 -6.11 -11.19
C GLY A 170 28.59 -4.77 -11.90
N ALA A 171 27.44 -4.46 -12.50
CA ALA A 171 27.26 -3.22 -13.23
C ALA A 171 25.91 -2.61 -12.88
N THR A 172 25.89 -1.28 -12.81
CA THR A 172 24.66 -0.54 -12.54
C THR A 172 24.84 0.89 -13.04
N ASN A 173 23.71 1.59 -13.18
CA ASN A 173 23.74 2.99 -13.61
C ASN A 173 23.62 3.96 -12.45
N ARG A 174 23.54 3.48 -11.21
CA ARG A 174 23.43 4.35 -10.04
C ARG A 174 23.89 3.59 -8.81
N LEU A 175 24.92 4.11 -8.13
CA LEU A 175 25.47 3.46 -6.95
C LEU A 175 24.64 3.72 -5.70
N ASP A 176 23.67 4.62 -5.76
CA ASP A 176 22.94 4.98 -4.55
C ASP A 176 21.85 3.98 -4.20
N SER A 177 21.59 3.00 -5.06
CA SER A 177 20.56 2.00 -4.84
C SER A 177 21.13 0.64 -4.43
N ILE A 178 22.26 0.63 -3.73
CA ILE A 178 22.90 -0.60 -3.28
C ILE A 178 22.97 -0.57 -1.76
N ASP A 179 22.84 -1.74 -1.14
CA ASP A 179 22.91 -1.83 0.31
C ASP A 179 24.33 -1.52 0.76
N PRO A 180 24.51 -0.66 1.77
CA PRO A 180 25.86 -0.24 2.18
C PRO A 180 26.74 -1.35 2.71
N ALA A 181 26.17 -2.45 3.19
CA ALA A 181 26.96 -3.52 3.79
C ALA A 181 27.78 -4.30 2.77
N LEU A 182 27.55 -4.08 1.47
CA LEU A 182 28.29 -4.79 0.45
C LEU A 182 29.63 -4.13 0.14
N ARG A 183 29.69 -2.80 0.17
CA ARG A 183 30.92 -2.07 -0.13
C ARG A 183 31.86 -2.17 1.07
N ARG A 184 32.42 -3.36 1.23
CA ARG A 184 33.36 -3.66 2.29
C ARG A 184 34.54 -4.38 1.65
N PRO A 185 35.77 -4.05 2.04
CA PRO A 185 36.93 -4.72 1.43
C PRO A 185 36.87 -6.23 1.62
N GLY A 186 36.72 -6.95 0.51
CA GLY A 186 36.49 -8.38 0.51
C GLY A 186 35.36 -8.79 -0.41
N ARG A 187 34.41 -7.89 -0.68
CA ARG A 187 33.34 -8.16 -1.63
C ARG A 187 33.39 -7.22 -2.83
N PHE A 188 33.33 -5.92 -2.62
CA PHE A 188 33.25 -4.92 -3.69
C PHE A 188 34.19 -3.76 -3.38
N ASP A 189 35.44 -4.08 -3.05
CA ASP A 189 36.35 -3.07 -2.50
C ASP A 189 36.65 -1.95 -3.50
N ARG A 190 36.85 -2.29 -4.77
CA ARG A 190 37.31 -1.33 -5.76
C ARG A 190 36.18 -0.90 -6.67
N GLU A 191 36.15 0.39 -7.01
CA GLU A 191 35.12 0.98 -7.86
C GLU A 191 35.74 1.61 -9.10
N PHE A 192 35.04 1.52 -10.22
CA PHE A 192 35.50 2.08 -11.48
C PHE A 192 34.35 2.83 -12.15
N LEU A 193 34.65 3.98 -12.74
CA LEU A 193 33.66 4.81 -13.41
C LEU A 193 33.85 4.74 -14.92
N PHE A 194 32.75 4.65 -15.64
CA PHE A 194 32.74 4.54 -17.10
C PHE A 194 32.01 5.74 -17.66
N SER A 195 32.75 6.80 -17.98
CA SER A 195 32.18 8.04 -18.45
C SER A 195 32.07 8.05 -19.98
N LEU A 196 31.55 9.15 -20.51
CA LEU A 196 31.45 9.30 -21.95
C LEU A 196 32.85 9.43 -22.56
N PRO A 197 33.13 8.73 -23.65
CA PRO A 197 34.44 8.87 -24.30
C PRO A 197 34.65 10.28 -24.81
N ASP A 198 35.89 10.75 -24.69
CA ASP A 198 36.24 12.09 -25.13
C ASP A 198 36.69 12.06 -26.60
N LYS A 199 37.27 13.16 -27.07
CA LYS A 199 37.71 13.24 -28.46
C LYS A 199 38.78 12.19 -28.77
N GLU A 200 39.76 12.05 -27.88
CA GLU A 200 40.82 11.07 -28.11
C GLU A 200 40.25 9.65 -28.07
N ALA A 201 39.39 9.37 -27.08
CA ALA A 201 38.75 8.06 -27.04
C ALA A 201 37.85 7.84 -28.25
N ARG A 202 37.16 8.89 -28.71
CA ARG A 202 36.32 8.74 -29.89
C ARG A 202 37.13 8.40 -31.12
N LYS A 203 38.28 9.07 -31.31
CA LYS A 203 39.10 8.77 -32.47
C LYS A 203 39.71 7.38 -32.37
N GLU A 204 40.08 6.96 -31.15
CA GLU A 204 40.59 5.60 -30.98
C GLU A 204 39.51 4.56 -31.29
N ILE A 205 38.27 4.82 -30.87
CA ILE A 205 37.16 3.92 -31.19
C ILE A 205 36.95 3.86 -32.70
N LEU A 206 36.98 5.02 -33.36
CA LEU A 206 36.83 5.03 -34.82
C LEU A 206 37.95 4.25 -35.49
N LYS A 207 39.18 4.40 -35.01
CA LYS A 207 40.30 3.64 -35.58
C LYS A 207 40.13 2.15 -35.39
N ILE A 208 39.70 1.74 -34.19
CA ILE A 208 39.52 0.31 -33.91
C ILE A 208 38.40 -0.27 -34.78
N HIS A 209 37.29 0.45 -34.90
CA HIS A 209 36.14 -0.02 -35.66
C HIS A 209 36.35 0.03 -37.16
N THR A 210 37.43 0.64 -37.64
CA THR A 210 37.69 0.72 -39.07
C THR A 210 38.97 -0.02 -39.44
N ARG A 211 39.17 -1.20 -38.88
CA ARG A 211 40.29 -2.06 -39.23
C ARG A 211 40.05 -2.84 -40.51
N ASP A 212 38.98 -3.61 -40.57
CA ASP A 212 38.72 -4.51 -41.70
C ASP A 212 37.99 -3.79 -42.83
N TRP A 213 38.53 -2.65 -43.25
CA TRP A 213 38.01 -1.86 -44.36
C TRP A 213 39.16 -1.46 -45.26
N ASN A 214 39.15 -1.96 -46.50
CA ASN A 214 40.20 -1.56 -47.43
C ASN A 214 40.05 -0.12 -47.93
N PRO A 215 38.84 0.52 -47.92
CA PRO A 215 38.91 1.96 -48.28
C PRO A 215 39.17 2.82 -47.05
N LYS A 216 40.42 2.82 -46.59
CA LYS A 216 40.77 3.53 -45.37
C LYS A 216 40.62 5.04 -45.58
N PRO A 217 39.81 5.72 -44.78
CA PRO A 217 39.64 7.16 -44.96
C PRO A 217 40.89 7.94 -44.58
N LEU A 218 41.01 9.13 -45.17
CA LEU A 218 42.14 10.01 -44.89
C LEU A 218 42.07 10.51 -43.45
N ASP A 219 43.23 10.88 -42.90
CA ASP A 219 43.31 11.29 -41.50
C ASP A 219 42.45 12.50 -41.23
N THR A 220 42.46 13.50 -42.12
CA THR A 220 41.64 14.69 -41.91
C THR A 220 40.16 14.35 -42.01
N PHE A 221 39.79 13.35 -42.80
CA PHE A 221 38.39 12.94 -42.88
C PHE A 221 37.93 12.34 -41.56
N LEU A 222 38.72 11.43 -40.99
CA LEU A 222 38.39 10.88 -39.68
C LEU A 222 38.37 11.97 -38.61
N GLU A 223 39.29 12.93 -38.71
CA GLU A 223 39.28 14.05 -37.78
C GLU A 223 37.96 14.81 -37.86
N GLU A 224 37.67 15.40 -39.02
CA GLU A 224 36.44 16.18 -39.17
C GLU A 224 35.21 15.36 -38.79
N LEU A 225 35.26 14.04 -38.97
CA LEU A 225 34.21 13.18 -38.42
C LEU A 225 34.19 13.25 -36.90
N ALA A 226 35.37 13.18 -36.26
CA ALA A 226 35.42 13.12 -34.80
C ALA A 226 34.94 14.43 -34.18
N GLU A 227 35.42 15.57 -34.68
CA GLU A 227 34.86 16.84 -34.22
C GLU A 227 33.45 17.06 -34.73
N ASN A 228 33.00 16.28 -35.72
CA ASN A 228 31.60 16.29 -36.12
C ASN A 228 30.77 15.34 -35.27
N CYS A 229 31.39 14.43 -34.53
CA CYS A 229 30.69 13.43 -33.74
C CYS A 229 30.93 13.72 -32.26
N VAL A 230 29.90 14.18 -31.57
CA VAL A 230 29.98 14.52 -30.16
C VAL A 230 28.83 13.88 -29.42
N GLY A 231 29.11 13.41 -28.20
CA GLY A 231 28.10 12.75 -27.41
C GLY A 231 27.81 11.33 -27.81
N TYR A 232 28.67 10.73 -28.63
CA TYR A 232 28.47 9.37 -29.12
C TYR A 232 29.30 8.39 -28.32
N CYS A 233 28.67 7.30 -27.89
CA CYS A 233 29.32 6.31 -27.03
C CYS A 233 29.13 4.91 -27.62
N GLY A 234 30.02 4.52 -28.53
CA GLY A 234 30.17 3.13 -28.90
C GLY A 234 29.03 2.53 -29.71
N ALA A 235 27.88 2.33 -29.07
CA ALA A 235 26.78 1.65 -29.75
C ALA A 235 26.26 2.44 -30.94
N ASP A 236 26.10 3.76 -30.78
CA ASP A 236 25.71 4.57 -31.92
C ASP A 236 26.85 4.70 -32.92
N ILE A 237 28.10 4.58 -32.46
CA ILE A 237 29.22 4.46 -33.38
C ILE A 237 29.10 3.18 -34.20
N LYS A 238 28.72 2.08 -33.54
CA LYS A 238 28.45 0.84 -34.26
C LYS A 238 27.37 1.05 -35.31
N SER A 239 26.28 1.71 -34.93
CA SER A 239 25.18 1.93 -35.86
C SER A 239 25.62 2.77 -37.06
N ILE A 240 26.41 3.82 -36.80
CA ILE A 240 26.89 4.67 -37.89
C ILE A 240 27.79 3.87 -38.83
N CYS A 241 28.70 3.08 -38.26
CA CYS A 241 29.61 2.30 -39.09
C CYS A 241 28.86 1.25 -39.92
N ALA A 242 27.85 0.61 -39.33
CA ALA A 242 27.09 -0.40 -40.05
C ALA A 242 26.07 0.19 -41.01
N GLU A 243 25.68 1.45 -40.81
CA GLU A 243 24.68 2.09 -41.67
C GLU A 243 25.30 2.86 -42.81
N ALA A 244 26.53 3.36 -42.66
CA ALA A 244 27.22 3.95 -43.80
C ALA A 244 27.45 2.91 -44.89
N ALA A 245 27.81 1.69 -44.50
CA ALA A 245 27.97 0.62 -45.46
C ALA A 245 26.66 0.30 -46.18
N LEU A 246 25.55 0.27 -45.44
CA LEU A 246 24.26 0.02 -46.06
C LEU A 246 23.86 1.15 -47.01
N CYS A 247 24.13 2.40 -46.63
CA CYS A 247 23.83 3.52 -47.51
C CYS A 247 24.66 3.45 -48.79
N ALA A 248 25.94 3.11 -48.66
CA ALA A 248 26.79 2.97 -49.84
C ALA A 248 26.31 1.82 -50.72
N LEU A 249 25.89 0.71 -50.10
CA LEU A 249 25.41 -0.43 -50.87
C LEU A 249 24.13 -0.10 -51.61
N ARG A 250 23.21 0.64 -50.98
CA ARG A 250 21.95 0.98 -51.63
C ARG A 250 22.14 2.06 -52.68
N ARG A 251 23.17 2.90 -52.53
CA ARG A 251 23.36 3.99 -53.47
C ARG A 251 24.21 3.59 -54.67
N ARG A 252 25.16 2.67 -54.49
CA ARG A 252 26.15 2.39 -55.51
C ARG A 252 25.54 1.70 -56.73
N TYR A 253 24.74 0.66 -56.50
CA TYR A 253 24.24 -0.21 -57.57
C TYR A 253 22.72 -0.30 -57.49
N PRO A 254 22.00 0.70 -58.02
CA PRO A 254 20.54 0.64 -58.02
C PRO A 254 19.95 -0.20 -59.14
N GLN A 255 20.76 -0.63 -60.11
CA GLN A 255 20.26 -1.46 -61.22
C GLN A 255 20.17 -2.93 -60.85
N ILE A 256 20.73 -3.34 -59.70
CA ILE A 256 20.69 -4.73 -59.29
C ILE A 256 19.65 -4.99 -58.21
N TYR A 257 18.84 -4.00 -57.86
CA TYR A 257 17.84 -4.16 -56.81
C TYR A 257 16.47 -4.49 -57.40
N GLN A 264 22.53 -12.83 -60.65
CA GLN A 264 23.97 -12.63 -60.77
C GLN A 264 24.32 -11.15 -60.62
N LEU A 265 25.22 -10.86 -59.67
CA LEU A 265 25.62 -9.50 -59.37
C LEU A 265 27.13 -9.36 -59.54
N ASP A 266 27.58 -8.12 -59.75
CA ASP A 266 28.98 -7.81 -59.97
C ASP A 266 29.52 -7.13 -58.71
N LEU A 267 30.42 -7.83 -58.02
CA LEU A 267 31.05 -7.31 -56.80
C LEU A 267 32.41 -6.72 -57.14
N SER A 268 32.38 -5.55 -57.76
CA SER A 268 33.62 -4.96 -58.24
C SER A 268 33.84 -3.52 -57.77
N SER A 269 32.80 -2.69 -57.74
CA SER A 269 32.96 -1.26 -57.52
C SER A 269 31.98 -0.74 -56.48
N ILE A 270 31.88 -1.43 -55.34
CA ILE A 270 31.00 -1.01 -54.26
C ILE A 270 31.79 -0.30 -53.15
N ASN A 271 32.94 0.28 -53.50
CA ASN A 271 33.74 1.00 -52.52
C ASN A 271 32.99 2.22 -51.98
N ILE A 272 33.21 2.50 -50.71
CA ILE A 272 32.55 3.59 -50.02
C ILE A 272 33.45 4.82 -50.07
N SER A 273 32.83 6.00 -50.07
CA SER A 273 33.55 7.26 -50.16
C SER A 273 32.82 8.30 -49.33
N ALA A 274 33.19 9.57 -49.52
CA ALA A 274 32.60 10.67 -48.77
C ALA A 274 31.16 10.90 -49.23
N LYS A 275 30.52 11.90 -48.62
CA LYS A 275 29.12 12.27 -48.89
C LYS A 275 28.17 11.15 -48.51
N ASP A 276 28.68 10.09 -47.90
CA ASP A 276 27.86 9.02 -47.36
C ASP A 276 27.78 9.03 -45.84
N PHE A 277 28.57 9.88 -45.19
CA PHE A 277 28.64 9.86 -43.73
C PHE A 277 27.77 10.95 -43.12
N GLU A 278 27.69 12.12 -43.76
CA GLU A 278 26.82 13.17 -43.25
C GLU A 278 25.35 12.79 -43.41
N VAL A 279 25.00 12.17 -44.54
CA VAL A 279 23.66 11.62 -44.68
C VAL A 279 23.41 10.54 -43.63
N ALA A 280 24.47 9.85 -43.19
CA ALA A 280 24.35 8.97 -42.05
C ALA A 280 24.17 9.76 -40.76
N MET A 281 24.86 10.90 -40.64
CA MET A 281 24.69 11.74 -39.46
C MET A 281 23.25 12.22 -39.30
N GLN A 282 22.55 12.42 -40.42
CA GLN A 282 21.29 13.14 -40.37
C GLN A 282 20.16 12.31 -39.76
N LYS A 283 20.18 10.99 -39.96
CA LYS A 283 18.96 10.19 -39.80
C LYS A 283 18.82 9.51 -38.43
N MET A 284 19.62 9.87 -37.43
CA MET A 284 19.33 9.44 -36.06
C MET A 284 19.66 10.57 -35.09
N ILE A 285 19.50 10.29 -33.81
CA ILE A 285 19.73 11.25 -32.73
C ILE A 285 20.72 10.64 -31.73
N PRO A 286 21.48 11.45 -31.00
CA PRO A 286 22.43 10.89 -30.04
C PRO A 286 21.73 10.35 -28.80
N ALA A 287 22.49 9.58 -28.01
CA ALA A 287 21.96 9.00 -26.79
C ALA A 287 21.90 10.00 -25.65
N SER A 288 22.63 11.12 -25.75
CA SER A 288 22.62 12.11 -24.67
C SER A 288 21.27 12.82 -24.56
N GLN A 289 20.59 13.02 -25.69
CA GLN A 289 19.32 13.74 -25.71
C GLN A 289 18.12 12.84 -25.44
N ARG A 290 18.33 11.53 -25.21
CA ARG A 290 17.23 10.61 -24.99
C ARG A 290 16.89 10.47 -23.50
N ALA A 291 17.88 10.08 -22.69
CA ALA A 291 17.64 9.89 -21.26
C ALA A 291 18.65 10.69 -20.43
N VAL A 292 19.86 10.88 -20.97
CA VAL A 292 20.88 11.64 -20.26
C VAL A 292 20.43 13.08 -20.07
N THR A 293 19.84 13.69 -21.11
CA THR A 293 19.40 15.09 -21.10
C THR A 293 20.55 16.01 -20.74
N SER A 294 21.65 15.85 -21.46
CA SER A 294 22.83 16.67 -21.21
C SER A 294 22.53 18.13 -21.51
N PRO A 295 23.02 19.05 -20.68
CA PRO A 295 22.79 20.48 -20.93
C PRO A 295 23.72 21.02 -22.01
N GLY A 296 24.92 20.45 -22.09
CA GLY A 296 25.89 20.92 -23.08
C GLY A 296 25.44 20.55 -24.49
N GLN A 297 25.14 21.57 -25.28
CA GLN A 297 24.72 21.37 -26.67
C GLN A 297 25.55 22.29 -27.56
N ALA A 298 26.04 21.74 -28.67
CA ALA A 298 26.88 22.52 -29.57
C ALA A 298 26.09 23.66 -30.18
N LEU A 299 26.75 24.81 -30.32
CA LEU A 299 26.10 25.97 -30.92
C LEU A 299 25.75 25.68 -32.37
N SER A 300 24.58 26.16 -32.79
CA SER A 300 24.14 25.95 -34.16
C SER A 300 25.07 26.70 -35.12
N THR A 301 25.37 26.06 -36.25
CA THR A 301 26.29 26.64 -37.21
C THR A 301 25.76 27.94 -37.79
N VAL A 302 24.43 28.10 -37.85
CA VAL A 302 23.86 29.35 -38.36
C VAL A 302 24.15 30.50 -37.40
N VAL A 303 23.94 30.28 -36.11
CA VAL A 303 24.15 31.32 -35.10
C VAL A 303 25.63 31.48 -34.75
N LYS A 304 26.46 30.49 -35.05
CA LYS A 304 27.87 30.50 -34.64
C LYS A 304 28.62 31.79 -34.98
N PRO A 305 28.54 32.34 -36.21
CA PRO A 305 29.35 33.53 -36.51
C PRO A 305 28.86 34.79 -35.80
N LEU A 306 27.79 34.66 -35.02
CA LEU A 306 27.25 35.80 -34.27
C LEU A 306 27.65 35.78 -32.80
N LEU A 307 27.83 34.61 -32.20
CA LEU A 307 28.14 34.50 -30.79
C LEU A 307 29.43 33.73 -30.50
N GLN A 308 30.18 33.33 -31.52
CA GLN A 308 31.41 32.59 -31.27
C GLN A 308 32.43 33.44 -30.52
N ASN A 309 32.56 34.71 -30.91
CA ASN A 309 33.50 35.60 -30.22
C ASN A 309 33.11 35.78 -28.76
N THR A 310 31.81 35.95 -28.48
CA THR A 310 31.37 36.09 -27.11
C THR A 310 31.63 34.81 -26.31
N VAL A 311 31.35 33.66 -26.91
CA VAL A 311 31.58 32.39 -26.23
C VAL A 311 33.05 32.24 -25.89
N ASP A 312 33.94 32.60 -26.83
CA ASP A 312 35.36 32.59 -26.53
C ASP A 312 35.69 33.56 -25.41
N LYS A 313 35.12 34.77 -25.44
CA LYS A 313 35.44 35.78 -24.44
C LYS A 313 35.05 35.33 -23.05
N ILE A 314 33.97 34.56 -22.92
CA ILE A 314 33.56 34.08 -21.60
C ILE A 314 34.65 33.20 -20.99
N LEU A 315 35.32 32.41 -21.82
CA LEU A 315 36.29 31.44 -21.32
C LEU A 315 37.48 32.09 -20.62
N GLU A 316 38.05 33.16 -21.17
CA GLU A 316 39.19 33.79 -20.50
C GLU A 316 38.77 34.37 -19.15
N ALA A 317 37.59 34.97 -19.08
CA ALA A 317 37.05 35.45 -17.81
C ALA A 317 36.79 34.30 -16.83
N LEU A 318 36.67 33.07 -17.32
CA LEU A 318 36.52 31.92 -16.43
C LEU A 318 37.85 31.43 -15.88
N GLN A 319 38.94 31.61 -16.62
CA GLN A 319 40.25 31.16 -16.15
C GLN A 319 40.80 32.01 -15.04
N ARG A 320 40.18 33.15 -14.74
CA ARG A 320 40.63 33.98 -13.62
C ARG A 320 40.32 33.33 -12.29
N VAL A 321 39.22 32.59 -12.19
CA VAL A 321 38.81 31.98 -10.94
C VAL A 321 38.88 30.45 -10.98
N PHE A 322 38.98 29.85 -12.17
CA PHE A 322 39.06 28.39 -12.32
C PHE A 322 40.26 28.07 -13.19
N PRO A 323 41.46 28.02 -12.60
CA PRO A 323 42.67 27.80 -13.41
C PRO A 323 42.74 26.42 -14.05
N HIS A 324 41.92 25.49 -13.56
CA HIS A 324 41.91 24.14 -14.11
C HIS A 324 41.38 24.09 -15.54
N ALA A 325 40.66 25.13 -15.98
CA ALA A 325 40.16 25.18 -17.34
C ALA A 325 41.25 25.37 -18.39
N GLU A 326 42.46 25.73 -17.96
CA GLU A 326 43.59 25.92 -18.87
C GLU A 326 44.39 24.63 -19.06
N PHE A 327 43.80 23.49 -18.72
CA PHE A 327 44.47 22.21 -18.88
C PHE A 327 43.73 21.36 -19.91
N GLN A 385 51.26 22.66 -9.63
CA GLN A 385 50.36 22.57 -8.48
C GLN A 385 49.22 23.58 -8.59
N PRO A 386 48.21 23.26 -9.42
CA PRO A 386 47.06 24.15 -9.59
C PRO A 386 46.23 24.20 -8.32
N MET A 387 46.03 25.41 -7.80
CA MET A 387 45.26 25.64 -6.59
C MET A 387 44.06 26.54 -6.89
N SER A 388 42.90 26.17 -6.36
CA SER A 388 41.68 26.94 -6.57
C SER A 388 40.95 27.11 -5.24
N PHE A 389 40.16 28.17 -5.15
CA PHE A 389 39.36 28.46 -3.95
C PHE A 389 37.96 28.91 -4.38
N ARG A 390 36.96 28.09 -4.04
CA ARG A 390 35.54 28.39 -4.23
C ARG A 390 35.25 28.93 -5.63
N PRO A 391 35.40 28.12 -6.68
CA PRO A 391 35.12 28.61 -8.03
C PRO A 391 33.64 28.91 -8.22
N ARG A 392 33.31 30.17 -8.48
CA ARG A 392 31.95 30.59 -8.72
C ARG A 392 31.91 31.56 -9.89
N ILE A 393 30.75 31.62 -10.55
CA ILE A 393 30.58 32.48 -11.71
C ILE A 393 29.08 32.61 -11.97
N LEU A 394 28.70 33.73 -12.60
CA LEU A 394 27.30 33.99 -12.94
C LEU A 394 27.26 34.97 -14.10
N ILE A 395 26.51 34.63 -15.14
CA ILE A 395 26.36 35.47 -16.32
C ILE A 395 24.99 36.13 -16.26
N VAL A 396 24.96 37.45 -16.39
CA VAL A 396 23.74 38.23 -16.28
C VAL A 396 23.59 39.08 -17.54
N GLY A 397 22.38 39.11 -18.08
CA GLY A 397 22.11 39.92 -19.25
C GLY A 397 20.64 40.31 -19.31
N GLU A 398 20.30 41.02 -20.37
CA GLU A 398 18.93 41.46 -20.56
C GLU A 398 18.01 40.28 -20.88
N PRO A 399 16.73 40.39 -20.53
CA PRO A 399 15.81 39.26 -20.75
C PRO A 399 15.48 39.06 -22.21
N GLY A 400 16.33 38.33 -22.93
CA GLY A 400 16.15 38.13 -24.36
C GLY A 400 17.46 38.10 -25.12
N PHE A 401 18.56 38.29 -24.40
CA PHE A 401 19.89 38.22 -25.00
C PHE A 401 20.43 36.79 -25.06
N GLY A 402 19.59 35.80 -24.80
CA GLY A 402 20.00 34.40 -24.90
C GLY A 402 21.04 33.97 -23.89
N GLN A 403 20.87 34.33 -22.62
CA GLN A 403 21.81 33.92 -21.59
C GLN A 403 21.75 32.41 -21.38
N GLY A 404 20.60 31.91 -20.95
CA GLY A 404 20.41 30.51 -20.65
C GLY A 404 19.94 29.64 -21.80
N SER A 405 19.81 30.20 -23.01
CA SER A 405 19.33 29.44 -24.15
C SER A 405 20.45 28.97 -25.07
N HIS A 406 21.46 29.80 -25.33
CA HIS A 406 22.55 29.44 -26.23
C HIS A 406 23.91 29.53 -25.56
N LEU A 407 24.15 30.55 -24.74
CA LEU A 407 25.48 30.75 -24.17
C LEU A 407 25.84 29.64 -23.19
N ALA A 408 24.93 29.33 -22.27
CA ALA A 408 25.23 28.32 -21.25
C ALA A 408 25.47 26.93 -21.83
N PRO A 409 24.63 26.40 -22.72
CA PRO A 409 24.96 25.09 -23.31
C PRO A 409 26.26 25.09 -24.09
N ALA A 410 26.57 26.19 -24.79
CA ALA A 410 27.82 26.26 -25.53
C ALA A 410 29.01 26.24 -24.59
N VAL A 411 28.94 26.99 -23.49
CA VAL A 411 30.02 27.01 -22.52
C VAL A 411 30.19 25.64 -21.88
N ILE A 412 29.08 24.98 -21.52
CA ILE A 412 29.17 23.68 -20.89
C ILE A 412 29.77 22.66 -21.84
N HIS A 413 29.35 22.68 -23.12
CA HIS A 413 29.93 21.78 -24.09
C HIS A 413 31.41 22.05 -24.29
N ALA A 414 31.79 23.33 -24.30
CA ALA A 414 33.21 23.67 -24.43
C ALA A 414 34.02 23.12 -23.27
N LEU A 415 33.45 23.09 -22.07
CA LEU A 415 34.11 22.50 -20.91
C LEU A 415 33.88 20.99 -20.91
N GLU A 416 34.50 20.33 -21.88
CA GLU A 416 34.46 18.88 -21.96
C GLU A 416 35.43 18.28 -20.96
N LYS A 417 35.39 16.95 -20.82
CA LYS A 417 36.19 16.15 -19.89
C LYS A 417 35.81 16.37 -18.44
N PHE A 418 34.80 17.21 -18.17
CA PHE A 418 34.34 17.47 -16.81
C PHE A 418 32.89 17.00 -16.69
N THR A 419 32.64 16.15 -15.70
CA THR A 419 31.28 15.67 -15.48
C THR A 419 30.37 16.81 -15.03
N VAL A 420 29.16 16.83 -15.58
CA VAL A 420 28.20 17.90 -15.32
C VAL A 420 26.94 17.29 -14.69
N TYR A 421 26.38 17.98 -13.72
CA TYR A 421 25.12 17.59 -13.09
C TYR A 421 24.15 18.75 -13.14
N THR A 422 22.89 18.44 -13.43
CA THR A 422 21.86 19.45 -13.63
C THR A 422 20.92 19.50 -12.44
N LEU A 423 20.58 20.71 -12.02
CA LEU A 423 19.58 20.96 -10.98
C LEU A 423 18.51 21.87 -11.57
N ASP A 424 17.51 21.27 -12.20
CA ASP A 424 16.41 22.00 -12.80
C ASP A 424 15.09 21.48 -12.25
N ILE A 425 14.05 22.31 -12.38
CA ILE A 425 12.75 21.96 -11.81
C ILE A 425 12.20 20.67 -12.39
N PRO A 426 12.22 20.44 -13.71
CA PRO A 426 11.76 19.13 -14.22
C PRO A 426 12.60 17.97 -13.72
N VAL A 427 13.85 18.21 -13.35
CA VAL A 427 14.67 17.15 -12.75
C VAL A 427 14.34 16.95 -11.28
N LEU A 428 14.08 18.05 -10.57
CA LEU A 428 13.82 17.96 -9.14
C LEU A 428 12.48 17.31 -8.83
N PHE A 429 11.44 17.64 -9.61
CA PHE A 429 10.07 17.27 -9.26
C PHE A 429 9.54 16.13 -10.13
N GLY A 430 9.57 16.28 -11.45
CA GLY A 430 8.96 15.31 -12.34
C GLY A 430 9.57 13.92 -12.27
N VAL A 431 10.82 13.81 -12.71
CA VAL A 431 11.50 12.51 -12.67
C VAL A 431 11.77 12.13 -11.22
N SER A 432 11.68 10.82 -10.94
CA SER A 432 11.96 10.27 -9.62
C SER A 432 11.05 10.91 -8.56
N THR A 433 9.76 10.62 -8.69
CA THR A 433 8.74 11.30 -7.90
C THR A 433 8.83 10.90 -6.43
N THR A 434 9.86 11.43 -5.76
CA THR A 434 10.04 11.34 -4.32
C THR A 434 10.19 12.76 -3.78
N SER A 435 10.56 12.86 -2.51
CA SER A 435 10.78 14.17 -1.92
C SER A 435 11.96 14.85 -2.61
N PRO A 436 11.83 16.14 -2.96
CA PRO A 436 12.94 16.84 -3.61
C PRO A 436 14.17 17.01 -2.73
N GLU A 437 14.06 16.74 -1.42
CA GLU A 437 15.20 16.86 -0.52
C GLU A 437 16.25 15.78 -0.76
N GLU A 438 15.95 14.77 -1.56
CA GLU A 438 16.86 13.65 -1.77
C GLU A 438 17.86 13.91 -2.89
N THR A 439 17.36 14.33 -4.06
CA THR A 439 18.19 14.44 -5.25
C THR A 439 19.30 15.46 -5.07
N CYS A 440 19.01 16.59 -4.41
CA CYS A 440 20.04 17.60 -4.19
C CYS A 440 21.19 17.04 -3.38
N ALA A 441 20.88 16.36 -2.27
CA ALA A 441 21.94 15.76 -1.47
C ALA A 441 22.70 14.70 -2.25
N GLN A 442 21.98 13.89 -3.03
CA GLN A 442 22.63 12.83 -3.79
C GLN A 442 23.61 13.41 -4.80
N VAL A 443 23.18 14.43 -5.55
CA VAL A 443 24.05 15.00 -6.57
C VAL A 443 25.21 15.74 -5.93
N ILE A 444 24.98 16.40 -4.78
CA ILE A 444 26.08 17.09 -4.10
C ILE A 444 27.14 16.08 -3.67
N ARG A 445 26.71 14.98 -3.05
CA ARG A 445 27.67 13.98 -2.61
C ARG A 445 28.39 13.34 -3.79
N GLU A 446 27.67 13.04 -4.86
CA GLU A 446 28.30 12.45 -6.04
C GLU A 446 29.31 13.40 -6.67
N ALA A 447 28.98 14.69 -6.77
CA ALA A 447 29.93 15.66 -7.32
C ALA A 447 31.15 15.79 -6.44
N LYS A 448 30.96 15.79 -5.12
CA LYS A 448 32.11 15.85 -4.22
C LYS A 448 32.99 14.61 -4.37
N ARG A 449 32.38 13.44 -4.57
CA ARG A 449 33.17 12.22 -4.68
C ARG A 449 33.98 12.18 -5.96
N THR A 450 33.52 12.86 -7.02
CA THR A 450 34.19 12.78 -8.32
C THR A 450 34.71 14.13 -8.77
N ALA A 451 35.37 14.87 -7.87
CA ALA A 451 35.93 16.15 -8.25
C ALA A 451 37.03 15.96 -9.30
N PRO A 452 37.18 16.92 -10.24
CA PRO A 452 36.34 18.11 -10.40
C PRO A 452 35.04 17.85 -11.15
N SER A 453 34.08 18.75 -11.02
CA SER A 453 32.82 18.63 -11.74
C SER A 453 32.17 20.00 -11.82
N ILE A 454 31.06 20.06 -12.55
CA ILE A 454 30.32 21.31 -12.77
C ILE A 454 28.90 21.11 -12.26
N VAL A 455 28.44 22.05 -11.43
CA VAL A 455 27.07 22.09 -10.96
C VAL A 455 26.35 23.22 -11.67
N TYR A 456 25.26 22.88 -12.37
CA TYR A 456 24.59 23.81 -13.28
C TYR A 456 23.17 24.04 -12.81
N VAL A 457 22.80 25.32 -12.66
CA VAL A 457 21.44 25.69 -12.25
C VAL A 457 21.02 26.97 -12.96
N PRO A 458 20.42 26.88 -14.13
CA PRO A 458 19.99 28.09 -14.86
C PRO A 458 18.70 28.69 -14.29
N HIS A 459 18.47 29.94 -14.71
CA HIS A 459 17.28 30.70 -14.32
C HIS A 459 17.12 30.75 -12.80
N ILE A 460 18.13 31.33 -12.15
CA ILE A 460 18.14 31.40 -10.69
C ILE A 460 17.04 32.31 -10.16
N HIS A 461 16.61 33.29 -10.93
CA HIS A 461 15.59 34.23 -10.46
C HIS A 461 14.19 33.63 -10.43
N VAL A 462 13.97 32.52 -11.14
CA VAL A 462 12.67 31.85 -11.13
C VAL A 462 12.77 30.63 -10.24
N TRP A 463 13.92 29.96 -10.27
CA TRP A 463 14.14 28.78 -9.44
C TRP A 463 14.02 29.13 -7.96
N TRP A 464 14.34 30.36 -7.59
CA TRP A 464 14.37 30.73 -6.18
C TRP A 464 12.97 30.89 -5.59
N GLU A 465 11.94 30.98 -6.41
CA GLU A 465 10.59 31.23 -5.93
C GLU A 465 9.63 30.07 -6.23
N ILE A 466 10.15 28.85 -6.34
CA ILE A 466 9.29 27.68 -6.60
C ILE A 466 9.45 26.69 -5.45
N VAL A 467 10.61 26.70 -4.83
CA VAL A 467 10.95 25.73 -3.79
C VAL A 467 10.58 26.30 -2.43
N GLY A 468 10.31 25.41 -1.48
CA GLY A 468 9.99 25.80 -0.13
C GLY A 468 11.23 26.17 0.65
N PRO A 469 11.00 26.73 1.84
CA PRO A 469 12.15 27.15 2.68
C PRO A 469 13.07 26.00 3.08
N THR A 470 12.54 24.80 3.27
CA THR A 470 13.38 23.68 3.69
C THR A 470 14.44 23.36 2.65
N LEU A 471 14.05 23.29 1.39
CA LEU A 471 15.02 23.03 0.32
C LEU A 471 16.01 24.18 0.19
N LYS A 472 15.56 25.41 0.39
CA LYS A 472 16.47 26.56 0.35
C LYS A 472 17.55 26.43 1.42
N ALA A 473 17.14 26.13 2.66
CA ALA A 473 18.11 25.98 3.74
C ALA A 473 19.05 24.81 3.48
N THR A 474 18.51 23.69 2.98
CA THR A 474 19.35 22.53 2.68
C THR A 474 20.40 22.88 1.63
N PHE A 475 19.98 23.55 0.56
CA PHE A 475 20.92 23.91 -0.50
C PHE A 475 21.97 24.89 -0.01
N THR A 476 21.57 25.85 0.83
CA THR A 476 22.55 26.78 1.38
C THR A 476 23.57 26.07 2.27
N THR A 477 23.10 25.15 3.12
CA THR A 477 24.03 24.46 4.01
C THR A 477 24.95 23.50 3.27
N LEU A 478 24.45 22.81 2.25
CA LEU A 478 25.26 21.82 1.55
C LEU A 478 26.47 22.44 0.86
N LEU A 479 26.45 23.74 0.60
CA LEU A 479 27.59 24.41 0.00
C LEU A 479 28.64 24.84 1.00
N GLN A 480 28.40 24.63 2.30
CA GLN A 480 29.35 25.05 3.32
C GLN A 480 30.14 23.89 3.92
N ASN A 481 29.69 22.64 3.72
CA ASN A 481 30.44 21.49 4.19
C ASN A 481 31.55 21.08 3.23
N ILE A 482 31.55 21.60 2.01
CA ILE A 482 32.59 21.26 1.04
C ILE A 482 33.92 21.85 1.50
N PRO A 483 35.02 21.14 1.37
CA PRO A 483 36.33 21.75 1.65
C PRO A 483 36.59 22.94 0.74
N SER A 484 37.32 23.92 1.27
CA SER A 484 37.52 25.17 0.56
C SER A 484 38.27 24.96 -0.75
N PHE A 485 39.30 24.13 -0.73
CA PHE A 485 40.17 23.93 -1.89
C PHE A 485 39.69 22.81 -2.81
N ALA A 486 38.47 22.33 -2.61
CA ALA A 486 37.92 21.31 -3.49
C ALA A 486 37.50 21.96 -4.80
N PRO A 487 38.04 21.52 -5.94
CA PRO A 487 37.73 22.15 -7.24
C PRO A 487 36.34 21.79 -7.77
N VAL A 488 35.33 22.50 -7.27
CA VAL A 488 33.95 22.33 -7.71
C VAL A 488 33.43 23.70 -8.12
N LEU A 489 32.90 23.80 -9.34
CA LEU A 489 32.38 25.04 -9.87
C LEU A 489 30.86 25.04 -9.85
N LEU A 490 30.28 26.17 -9.48
CA LEU A 490 28.83 26.36 -9.50
C LEU A 490 28.50 27.40 -10.58
N LEU A 491 27.65 27.01 -11.51
CA LEU A 491 27.30 27.85 -12.66
C LEU A 491 25.82 28.17 -12.64
N ALA A 492 25.48 29.44 -12.84
CA ALA A 492 24.10 29.89 -12.84
C ALA A 492 23.92 31.01 -13.84
N THR A 493 22.68 31.16 -14.31
CA THR A 493 22.31 32.23 -15.22
C THR A 493 21.08 32.95 -14.68
N SER A 494 20.92 34.20 -15.08
CA SER A 494 19.79 35.00 -14.63
C SER A 494 19.49 36.07 -15.67
N ASP A 495 18.30 36.65 -15.55
CA ASP A 495 17.86 37.71 -16.45
C ASP A 495 17.67 39.05 -15.77
N LYS A 496 17.29 39.07 -14.50
CA LYS A 496 17.19 40.32 -13.77
C LYS A 496 18.59 40.84 -13.45
N PRO A 497 18.74 42.15 -13.27
CA PRO A 497 20.04 42.70 -12.88
C PRO A 497 20.47 42.19 -11.51
N HIS A 498 21.75 42.39 -11.21
CA HIS A 498 22.32 41.85 -9.98
C HIS A 498 21.63 42.39 -8.74
N SER A 499 21.36 43.69 -8.72
CA SER A 499 20.70 44.30 -7.57
C SER A 499 19.24 43.85 -7.45
N ALA A 500 18.61 43.42 -8.54
CA ALA A 500 17.22 43.01 -8.50
C ALA A 500 17.04 41.65 -7.83
N LEU A 501 18.10 40.86 -7.76
CA LEU A 501 18.01 39.53 -7.16
C LEU A 501 17.81 39.64 -5.65
N PRO A 502 17.17 38.65 -5.03
CA PRO A 502 17.01 38.68 -3.57
C PRO A 502 18.36 38.67 -2.88
N GLU A 503 18.40 39.32 -1.70
CA GLU A 503 19.67 39.49 -0.99
C GLU A 503 20.26 38.16 -0.54
N GLU A 504 19.42 37.16 -0.27
CA GLU A 504 19.94 35.85 0.13
C GLU A 504 20.80 35.25 -0.97
N VAL A 505 20.34 35.32 -2.21
CA VAL A 505 21.15 34.87 -3.34
C VAL A 505 22.36 35.77 -3.51
N GLN A 506 22.15 37.08 -3.40
CA GLN A 506 23.25 38.04 -3.59
C GLN A 506 24.38 37.79 -2.60
N GLU A 507 24.08 37.20 -1.45
CA GLU A 507 25.15 36.87 -0.52
C GLU A 507 25.76 35.51 -0.89
N LEU A 508 26.04 35.31 -2.16
CA LEU A 508 26.88 34.22 -2.64
C LEU A 508 27.89 34.65 -3.69
N PHE A 509 27.68 35.78 -4.36
CA PHE A 509 28.58 36.24 -5.41
C PHE A 509 29.26 37.51 -4.94
N ILE A 510 30.55 37.62 -5.24
CA ILE A 510 31.46 38.57 -4.59
C ILE A 510 32.08 39.47 -5.66
N ARG A 511 31.25 39.96 -6.58
CA ARG A 511 31.65 40.53 -7.87
C ARG A 511 32.98 41.27 -7.85
N ASP A 512 33.27 42.00 -6.77
CA ASP A 512 34.59 42.61 -6.64
C ASP A 512 35.70 41.58 -6.69
N TYR A 513 35.41 40.31 -6.38
CA TYR A 513 36.35 39.23 -6.64
C TYR A 513 36.46 38.90 -8.11
N GLY A 514 35.48 39.28 -8.92
CA GLY A 514 35.46 38.94 -10.34
C GLY A 514 34.63 37.70 -10.61
N GLU A 515 33.41 37.65 -10.07
CA GLU A 515 32.54 36.50 -10.23
C GLU A 515 31.28 36.79 -11.03
N ILE A 516 31.17 37.99 -11.62
CA ILE A 516 29.98 38.38 -12.36
C ILE A 516 30.41 38.80 -13.77
N PHE A 517 29.72 38.26 -14.77
CA PHE A 517 29.96 38.60 -16.17
C PHE A 517 28.70 39.20 -16.77
N ASN A 518 28.88 40.26 -17.55
CA ASN A 518 27.78 40.94 -18.23
C ASN A 518 27.94 40.72 -19.73
N VAL A 519 26.83 40.42 -20.40
CA VAL A 519 26.83 40.12 -21.82
C VAL A 519 26.14 41.25 -22.56
N GLN A 520 26.46 41.38 -23.85
CA GLN A 520 25.89 42.42 -24.69
C GLN A 520 25.45 41.79 -26.02
N LEU A 521 25.01 42.63 -26.95
CA LEU A 521 24.56 42.16 -28.25
C LEU A 521 25.74 41.69 -29.11
N ASP A 523 28.22 44.86 -32.50
CA ASP A 523 29.15 45.36 -33.51
C ASP A 523 28.51 45.35 -34.89
N LYS A 524 28.88 46.34 -35.70
CA LYS A 524 28.48 46.33 -37.11
C LYS A 524 29.07 45.12 -37.83
N GLU A 525 30.33 44.80 -37.53
CA GLU A 525 31.03 43.75 -38.27
C GLU A 525 30.42 42.37 -38.01
N GLU A 526 30.05 42.07 -36.76
CA GLU A 526 29.54 40.73 -36.47
C GLU A 526 28.19 40.48 -37.14
N ARG A 527 27.28 41.46 -37.08
CA ARG A 527 26.01 41.31 -37.78
C ARG A 527 26.21 41.32 -39.29
N THR A 528 27.11 42.17 -39.79
CA THR A 528 27.38 42.17 -41.23
C THR A 528 27.87 40.80 -41.68
N LYS A 529 28.72 40.17 -40.87
CA LYS A 529 29.22 38.82 -41.15
C LYS A 529 28.09 37.80 -41.11
N PHE A 530 27.17 37.94 -40.15
CA PHE A 530 26.01 37.06 -40.10
C PHE A 530 25.13 37.24 -41.32
N PHE A 531 25.20 38.41 -41.96
CA PHE A 531 24.20 38.70 -42.98
C PHE A 531 24.66 38.54 -44.44
N GLU A 532 25.96 38.70 -44.77
CA GLU A 532 26.26 38.70 -46.22
C GLU A 532 25.96 37.32 -46.79
N ASP A 533 26.30 36.27 -46.07
CA ASP A 533 25.96 34.92 -46.54
C ASP A 533 24.55 34.52 -46.08
N LEU A 534 23.65 35.44 -46.20
CA LEU A 534 22.19 35.31 -46.27
C LEU A 534 21.62 36.15 -47.40
N ILE A 535 22.19 37.32 -47.64
CA ILE A 535 21.62 38.26 -48.61
C ILE A 535 22.46 38.38 -49.89
N LEU A 536 23.76 38.07 -49.85
CA LEU A 536 24.58 38.12 -51.07
C LEU A 536 24.75 36.74 -51.69
N LYS A 537 25.34 35.77 -50.99
CA LYS A 537 25.61 34.51 -51.68
C LYS A 537 24.44 33.56 -51.54
N GLN A 538 23.90 33.40 -50.33
CA GLN A 538 22.76 32.51 -50.12
C GLN A 538 21.58 32.91 -50.98
N ALA A 539 21.44 34.20 -51.28
CA ALA A 539 20.43 34.68 -52.21
C ALA A 539 20.85 34.49 -53.67
N ALA A 540 22.09 34.09 -53.91
CA ALA A 540 22.60 33.87 -55.27
C ALA A 540 23.15 32.46 -55.45
N LYS A 541 22.78 31.53 -54.57
CA LYS A 541 23.14 30.12 -54.74
C LYS A 541 22.13 29.43 -55.63
N VAL A 768 19.20 35.62 -63.70
CA VAL A 768 20.08 36.77 -63.66
C VAL A 768 20.05 37.40 -62.27
N VAL A 769 21.19 37.90 -61.81
CA VAL A 769 21.34 38.53 -60.51
C VAL A 769 21.83 39.96 -60.74
N ASP A 770 21.19 40.92 -60.04
CA ASP A 770 21.58 42.32 -60.21
C ASP A 770 23.01 42.56 -59.75
N HIS A 771 23.40 41.95 -58.63
CA HIS A 771 24.75 42.04 -58.06
C HIS A 771 25.11 43.46 -57.62
N GLU A 772 24.17 44.40 -57.71
CA GLU A 772 24.41 45.77 -57.30
C GLU A 772 23.51 46.21 -56.15
N ARG A 773 22.20 46.04 -56.28
CA ARG A 773 21.29 46.45 -55.22
C ARG A 773 21.31 45.50 -54.03
N LEU A 774 21.97 44.34 -54.16
CA LEU A 774 22.12 43.46 -53.02
C LEU A 774 22.89 44.13 -51.89
N LYS A 775 23.96 44.86 -52.24
CA LYS A 775 24.73 45.57 -51.23
C LYS A 775 23.89 46.67 -50.57
N ASN A 776 23.09 47.39 -51.36
CA ASN A 776 22.24 48.44 -50.79
C ASN A 776 21.21 47.84 -49.85
N LEU A 777 20.59 46.73 -50.24
CA LEU A 777 19.60 46.10 -49.36
C LEU A 777 20.28 45.57 -48.10
N LEU A 778 21.49 45.02 -48.22
CA LEU A 778 22.23 44.60 -47.05
C LEU A 778 22.50 45.77 -46.10
N LYS A 779 22.92 46.91 -46.66
CA LYS A 779 23.17 48.08 -45.82
C LYS A 779 21.89 48.53 -45.12
N THR A 780 20.77 48.56 -45.85
CA THR A 780 19.52 49.00 -45.25
C THR A 780 19.09 48.07 -44.13
N VAL A 781 19.17 46.76 -44.35
CA VAL A 781 18.73 45.81 -43.33
C VAL A 781 19.67 45.83 -42.13
N VAL A 782 20.97 46.01 -42.37
CA VAL A 782 21.93 46.09 -41.27
C VAL A 782 21.67 47.33 -40.42
N LYS A 783 21.43 48.47 -41.08
CA LYS A 783 21.11 49.69 -40.35
C LYS A 783 19.79 49.55 -39.60
N LYS A 784 18.85 48.80 -40.17
CA LYS A 784 17.54 48.62 -39.54
C LYS A 784 17.62 47.69 -38.33
N SER A 785 18.65 46.85 -38.23
CA SER A 785 18.76 45.86 -37.16
C SER A 785 19.58 46.38 -35.99
N GLN A 786 19.51 47.69 -35.73
CA GLN A 786 20.32 48.32 -34.70
C GLN A 786 19.86 47.99 -33.28
N ASN A 787 18.59 47.62 -33.09
CA ASN A 787 18.08 47.46 -31.73
C ASN A 787 17.23 46.20 -31.56
N TYR A 788 17.53 45.12 -32.29
CA TYR A 788 16.80 43.87 -32.14
C TYR A 788 17.59 42.88 -31.30
N ASN A 789 16.86 42.05 -30.55
CA ASN A 789 17.49 41.01 -29.76
C ASN A 789 17.63 39.73 -30.60
N ILE A 790 18.29 38.72 -30.03
CA ILE A 790 18.63 37.52 -30.79
C ILE A 790 17.36 36.82 -31.26
N PHE A 791 16.34 36.75 -30.41
CA PHE A 791 15.10 36.07 -30.79
C PHE A 791 14.46 36.75 -32.00
N GLN A 792 14.42 38.09 -32.00
CA GLN A 792 13.92 38.80 -33.18
C GLN A 792 14.92 38.75 -34.33
N LEU A 793 16.21 38.87 -34.01
CA LEU A 793 17.23 38.83 -35.07
C LEU A 793 17.23 37.48 -35.77
N GLU A 794 17.13 36.39 -35.03
CA GLU A 794 17.11 35.06 -35.62
C GLU A 794 15.89 34.83 -36.50
N ASN A 795 14.76 35.47 -36.20
CA ASN A 795 13.55 35.28 -36.99
C ASN A 795 13.66 35.90 -38.38
N LEU A 796 14.52 36.90 -38.54
CA LEU A 796 14.75 37.46 -39.87
C LEU A 796 15.31 36.40 -40.82
N TYR A 797 16.24 35.59 -40.34
CA TYR A 797 16.74 34.47 -41.15
C TYR A 797 15.61 33.48 -41.45
N ALA A 798 14.72 33.26 -40.49
CA ALA A 798 13.62 32.32 -40.67
C ALA A 798 12.55 32.84 -41.62
N VAL A 799 12.45 34.15 -41.83
CA VAL A 799 11.41 34.69 -42.69
C VAL A 799 11.90 35.00 -44.10
N ILE A 800 13.16 35.42 -44.26
CA ILE A 800 13.68 35.70 -45.60
C ILE A 800 13.88 34.42 -46.37
N SER A 801 14.46 33.39 -45.73
CA SER A 801 14.63 32.10 -46.39
C SER A 801 13.30 31.45 -46.72
N GLN A 802 12.31 31.59 -45.83
CA GLN A 802 11.02 30.98 -46.07
C GLN A 802 10.31 31.63 -47.25
N CYS A 803 10.54 32.93 -47.46
CA CYS A 803 9.98 33.60 -48.63
C CYS A 803 10.63 33.11 -49.91
N ILE A 804 11.93 32.80 -49.87
CA ILE A 804 12.59 32.16 -51.00
C ILE A 804 11.97 30.79 -51.24
N TYR A 805 11.68 30.05 -50.17
CA TYR A 805 11.06 28.74 -50.32
C TYR A 805 9.67 28.87 -50.96
N ARG A 806 8.92 29.91 -50.59
CA ARG A 806 7.66 30.21 -51.25
C ARG A 806 7.81 30.57 -52.73
N HIS A 807 8.98 31.02 -53.14
CA HIS A 807 9.22 31.43 -54.52
C HIS A 807 10.15 30.44 -55.23
N ARG A 808 9.96 29.15 -54.96
CA ARG A 808 10.81 28.13 -55.56
C ARG A 808 10.67 28.12 -57.08
N LYS A 809 9.43 28.08 -57.57
CA LYS A 809 9.17 28.03 -59.01
C LYS A 809 8.97 29.40 -59.64
N ASP A 810 9.02 30.47 -58.84
CA ASP A 810 8.99 31.83 -59.39
C ASP A 810 10.41 32.22 -59.76
N HIS A 811 10.83 31.87 -60.98
CA HIS A 811 12.21 32.11 -61.40
C HIS A 811 12.51 33.60 -61.53
N ASP A 812 11.48 34.43 -61.59
CA ASP A 812 11.67 35.88 -61.67
C ASP A 812 12.17 36.38 -60.32
N LYS A 813 13.49 36.59 -60.21
CA LYS A 813 14.06 37.16 -58.99
C LYS A 813 14.04 38.69 -59.03
N THR A 814 12.89 39.24 -59.43
CA THR A 814 12.64 40.66 -59.35
C THR A 814 11.29 40.87 -58.67
N SER A 815 10.38 39.93 -58.86
CA SER A 815 9.13 39.91 -58.11
C SER A 815 9.34 39.60 -56.64
N LEU A 816 10.47 39.02 -56.28
CA LEU A 816 10.81 38.77 -54.88
C LEU A 816 11.73 39.82 -54.29
N ILE A 817 12.57 40.46 -55.11
CA ILE A 817 13.40 41.56 -54.61
C ILE A 817 12.51 42.68 -54.09
N GLN A 818 11.48 43.03 -54.87
CA GLN A 818 10.46 43.94 -54.35
C GLN A 818 9.72 43.33 -53.16
N LYS A 819 9.44 42.02 -53.21
CA LYS A 819 8.80 41.36 -52.09
C LYS A 819 9.69 41.43 -50.85
N MET A 820 11.00 41.20 -51.03
CA MET A 820 11.92 41.30 -49.90
C MET A 820 11.98 42.71 -49.35
N GLU A 821 12.08 43.72 -50.22
CA GLU A 821 12.23 45.09 -49.73
C GLU A 821 10.95 45.62 -49.09
N GLN A 822 9.78 45.12 -49.49
CA GLN A 822 8.56 45.40 -48.75
C GLN A 822 8.46 44.59 -47.46
N GLU A 823 8.93 43.35 -47.47
CA GLU A 823 8.89 42.53 -46.26
C GLU A 823 9.73 43.16 -45.15
N VAL A 824 10.97 43.53 -45.46
CA VAL A 824 11.80 44.21 -44.47
C VAL A 824 11.21 45.57 -44.10
N GLU A 825 10.22 46.05 -44.84
CA GLU A 825 9.50 47.25 -44.49
C GLU A 825 8.19 46.99 -43.76
N ASN A 826 7.43 45.98 -44.18
CA ASN A 826 6.17 45.64 -43.53
C ASN A 826 6.33 44.73 -42.32
N PHE A 827 7.49 44.11 -42.14
CA PHE A 827 7.74 43.28 -40.97
C PHE A 827 8.34 44.13 -39.86
N SER A 828 7.74 44.04 -38.67
CA SER A 828 8.18 44.80 -37.52
C SER A 828 8.77 43.86 -36.49
N CYS A 829 9.55 44.44 -35.58
CA CYS A 829 10.19 43.67 -34.51
C CYS A 829 9.16 43.18 -33.50
N SER B 20 43.36 -21.50 8.84
CA SER B 20 43.68 -22.18 10.09
C SER B 20 44.15 -21.19 11.16
N VAL B 21 43.21 -20.38 11.63
CA VAL B 21 43.49 -19.40 12.68
C VAL B 21 43.00 -19.93 14.02
N ARG B 22 43.85 -19.82 15.05
CA ARG B 22 43.54 -20.37 16.37
C ARG B 22 43.83 -19.30 17.42
N PHE B 23 42.84 -18.45 17.69
CA PHE B 23 42.91 -17.42 18.73
C PHE B 23 44.22 -16.63 18.71
N ASP B 24 44.78 -16.40 17.53
CA ASP B 24 46.00 -15.63 17.41
C ASP B 24 45.90 -14.47 16.43
N SER B 25 45.09 -14.59 15.37
CA SER B 25 44.87 -13.48 14.45
C SER B 25 43.96 -12.42 15.02
N VAL B 26 43.31 -12.68 16.13
CA VAL B 26 42.45 -11.70 16.80
C VAL B 26 43.32 -10.60 17.40
N GLY B 27 42.76 -9.41 17.48
CA GLY B 27 43.49 -8.29 18.04
C GLY B 27 42.61 -7.31 18.80
N GLY B 28 42.99 -7.00 20.03
CA GLY B 28 42.31 -6.00 20.83
C GLY B 28 41.06 -6.48 21.54
N LEU B 29 40.70 -7.74 21.38
CA LEU B 29 39.50 -8.30 22.03
C LEU B 29 39.97 -9.37 23.00
N SER B 30 40.04 -9.01 24.28
CA SER B 30 40.44 -9.93 25.33
C SER B 30 39.26 -10.37 26.19
N ASN B 31 38.44 -9.43 26.64
CA ASN B 31 37.31 -9.78 27.49
C ASN B 31 36.31 -10.66 26.76
N HIS B 32 36.03 -10.36 25.50
CA HIS B 32 35.04 -11.12 24.75
C HIS B 32 35.47 -12.58 24.59
N ILE B 33 36.74 -12.80 24.23
CA ILE B 33 37.22 -14.17 24.08
C ILE B 33 37.24 -14.89 25.41
N ALA B 34 37.57 -14.18 26.49
CA ALA B 34 37.54 -14.80 27.81
C ALA B 34 36.13 -15.26 28.17
N ALA B 35 35.13 -14.40 27.94
CA ALA B 35 33.75 -14.78 28.20
C ALA B 35 33.32 -15.93 27.31
N LEU B 36 33.78 -15.94 26.06
CA LEU B 36 33.34 -16.96 25.11
C LEU B 36 34.00 -18.30 25.40
N LYS B 37 35.21 -18.29 25.97
CA LYS B 37 35.82 -19.55 26.39
C LYS B 37 35.29 -20.02 27.73
N GLU B 38 34.84 -19.10 28.58
CA GLU B 38 33.97 -19.49 29.69
C GLU B 38 32.66 -20.07 29.20
N MET B 39 32.24 -19.70 27.99
CA MET B 39 30.91 -19.97 27.49
C MET B 39 30.68 -21.43 27.12
N VAL B 40 31.67 -22.09 26.50
CA VAL B 40 31.47 -23.44 26.00
C VAL B 40 32.56 -24.42 26.42
N VAL B 41 33.74 -23.96 26.83
CA VAL B 41 34.86 -24.85 27.12
C VAL B 41 34.84 -25.36 28.55
N PHE B 42 34.48 -24.49 29.49
CA PHE B 42 34.53 -24.87 30.91
C PHE B 42 33.66 -26.07 31.25
N PRO B 43 32.39 -26.16 30.85
CA PRO B 43 31.61 -27.37 31.20
C PRO B 43 32.15 -28.64 30.59
N LEU B 44 32.89 -28.56 29.49
CA LEU B 44 33.55 -29.73 28.92
C LEU B 44 34.90 -30.00 29.55
N LEU B 45 35.36 -29.15 30.44
CA LEU B 45 36.67 -29.30 31.06
C LEU B 45 36.61 -29.45 32.57
N TYR B 46 35.74 -28.69 33.25
CA TYR B 46 35.65 -28.70 34.70
C TYR B 46 34.20 -29.01 35.11
N PRO B 47 33.75 -30.25 34.91
CA PRO B 47 32.37 -30.59 35.28
C PRO B 47 32.24 -30.98 36.75
N GLU B 48 32.83 -30.20 37.64
CA GLU B 48 32.69 -30.42 39.07
C GLU B 48 32.16 -29.20 39.82
N VAL B 49 32.59 -28.00 39.43
CA VAL B 49 32.04 -26.80 40.05
C VAL B 49 30.58 -26.61 39.67
N PHE B 50 30.23 -26.92 38.42
CA PHE B 50 28.85 -26.75 37.98
C PHE B 50 27.91 -27.69 38.72
N GLU B 51 28.31 -28.95 38.91
CA GLU B 51 27.48 -29.87 39.66
C GLU B 51 27.49 -29.57 41.15
N LYS B 52 28.45 -28.77 41.63
CA LYS B 52 28.52 -28.45 43.04
C LYS B 52 27.30 -27.65 43.49
N PHE B 53 26.90 -26.66 42.69
CA PHE B 53 25.75 -25.82 43.02
C PHE B 53 24.61 -25.94 42.02
N LYS B 54 24.72 -26.84 41.04
CA LYS B 54 23.72 -27.00 39.98
C LYS B 54 23.54 -25.69 39.21
N ILE B 55 24.63 -25.28 38.57
CA ILE B 55 24.66 -24.03 37.81
C ILE B 55 24.04 -24.21 36.43
N GLN B 56 24.55 -25.17 35.65
CA GLN B 56 24.15 -25.33 34.25
C GLN B 56 24.36 -23.99 33.54
N PRO B 57 25.60 -23.64 33.23
CA PRO B 57 25.90 -22.30 32.70
C PRO B 57 25.13 -22.00 31.42
N PRO B 58 25.03 -20.73 31.03
CA PRO B 58 24.21 -20.38 29.87
C PRO B 58 24.67 -21.06 28.60
N ARG B 59 23.80 -21.05 27.58
CA ARG B 59 24.08 -21.68 26.30
C ARG B 59 23.58 -20.80 25.15
N GLY B 60 23.84 -19.49 25.22
CA GLY B 60 23.38 -18.60 24.17
C GLY B 60 24.07 -17.25 24.11
N CYS B 61 24.28 -16.74 22.89
CA CYS B 61 24.92 -15.44 22.68
C CYS B 61 24.30 -14.77 21.47
N LEU B 62 24.58 -13.48 21.33
CA LEU B 62 24.16 -12.71 20.18
C LEU B 62 25.20 -11.64 19.89
N PHE B 63 25.65 -11.58 18.64
CA PHE B 63 26.60 -10.56 18.19
C PHE B 63 25.86 -9.50 17.38
N TYR B 64 26.29 -8.25 17.54
CA TYR B 64 25.70 -7.17 16.75
C TYR B 64 26.66 -6.00 16.73
N GLY B 65 26.67 -5.28 15.60
CA GLY B 65 27.52 -4.13 15.44
C GLY B 65 27.74 -3.76 13.98
N PRO B 66 28.48 -2.69 13.74
CA PRO B 66 28.77 -2.26 12.37
C PRO B 66 29.62 -3.29 11.64
N PRO B 67 29.50 -3.38 10.32
CA PRO B 67 30.15 -4.47 9.58
C PRO B 67 31.67 -4.36 9.60
N GLY B 68 32.31 -5.51 9.42
CA GLY B 68 33.76 -5.55 9.29
C GLY B 68 34.52 -5.40 10.59
N THR B 69 33.90 -5.71 11.72
CA THR B 69 34.55 -5.59 13.02
C THR B 69 35.08 -6.92 13.53
N GLY B 70 35.03 -7.97 12.73
CA GLY B 70 35.46 -9.28 13.17
C GLY B 70 34.32 -10.14 13.66
N LYS B 71 33.14 -9.90 13.09
CA LYS B 71 31.94 -10.64 13.50
C LYS B 71 32.05 -12.12 13.18
N THR B 72 32.60 -12.47 12.01
CA THR B 72 32.66 -13.89 11.62
C THR B 72 33.97 -14.55 12.01
N LEU B 73 35.05 -13.77 12.08
CA LEU B 73 36.36 -14.34 12.38
C LEU B 73 36.39 -14.98 13.76
N VAL B 74 35.68 -14.41 14.73
CA VAL B 74 35.67 -14.99 16.06
C VAL B 74 35.06 -16.39 16.03
N ALA B 75 33.92 -16.53 15.35
CA ALA B 75 33.27 -17.84 15.26
C ALA B 75 34.14 -18.83 14.51
N ARG B 76 34.77 -18.39 13.41
CA ARG B 76 35.62 -19.30 12.66
C ARG B 76 36.81 -19.76 13.49
N ALA B 77 37.43 -18.85 14.23
CA ALA B 77 38.55 -19.21 15.09
C ALA B 77 38.11 -20.19 16.17
N LEU B 78 36.94 -19.95 16.77
CA LEU B 78 36.44 -20.88 17.77
C LEU B 78 36.24 -22.27 17.18
N ALA B 79 35.60 -22.35 16.01
CA ALA B 79 35.33 -23.63 15.39
C ALA B 79 36.62 -24.37 15.05
N ASN B 80 37.60 -23.64 14.48
CA ASN B 80 38.87 -24.28 14.14
C ASN B 80 39.64 -24.72 15.37
N GLU B 81 39.65 -23.92 16.44
CA GLU B 81 40.43 -24.26 17.62
C GLU B 81 39.83 -25.44 18.37
N CYS B 82 38.51 -25.42 18.60
CA CYS B 82 37.90 -26.44 19.42
C CYS B 82 37.79 -27.80 18.75
N SER B 83 37.97 -27.87 17.42
CA SER B 83 37.90 -29.17 16.74
C SER B 83 39.11 -30.04 17.07
N GLN B 84 40.17 -29.44 17.59
CA GLN B 84 41.39 -30.19 17.95
C GLN B 84 41.21 -30.79 19.33
N GLY B 85 40.47 -31.90 19.38
CA GLY B 85 40.24 -32.59 20.62
C GLY B 85 41.46 -33.36 21.09
N ASP B 86 41.36 -33.92 22.30
CA ASP B 86 40.16 -33.83 23.12
C ASP B 86 40.07 -32.49 23.87
N LYS B 87 38.86 -31.97 24.04
CA LYS B 87 37.64 -32.68 23.65
C LYS B 87 37.14 -32.24 22.28
N ARG B 88 36.71 -33.20 21.48
CA ARG B 88 36.19 -32.92 20.15
C ARG B 88 34.84 -32.21 20.25
N VAL B 89 34.67 -31.18 19.42
CA VAL B 89 33.42 -30.42 19.36
C VAL B 89 32.97 -30.36 17.91
N ALA B 90 31.72 -30.71 17.66
CA ALA B 90 31.17 -30.69 16.31
C ALA B 90 30.85 -29.25 15.91
N PHE B 91 30.26 -29.09 14.72
CA PHE B 91 29.89 -27.77 14.24
C PHE B 91 28.82 -27.84 13.16
N PHE B 92 27.84 -26.95 13.23
CA PHE B 92 26.82 -26.82 12.20
C PHE B 92 26.71 -25.36 11.79
N MET B 93 26.86 -25.10 10.50
CA MET B 93 26.80 -23.74 9.97
C MET B 93 25.63 -23.62 9.01
N ARG B 94 24.90 -22.52 9.12
CA ARG B 94 23.72 -22.28 8.29
C ARG B 94 23.75 -20.87 7.76
N LYS B 95 23.27 -20.71 6.52
CA LYS B 95 23.16 -19.39 5.91
C LYS B 95 21.91 -18.69 6.38
N GLY B 96 21.55 -17.58 5.73
CA GLY B 96 20.41 -16.78 6.13
C GLY B 96 19.08 -17.50 6.14
N ALA B 97 18.60 -17.92 4.98
CA ALA B 97 17.25 -18.46 4.83
C ALA B 97 17.27 -19.74 4.00
N ASP B 98 18.18 -20.66 4.35
CA ASP B 98 18.25 -21.95 3.66
C ASP B 98 16.96 -22.77 3.80
N CYS B 99 16.18 -22.52 4.84
CA CYS B 99 15.02 -23.35 5.17
C CYS B 99 13.74 -22.80 4.54
N LEU B 100 13.75 -22.69 3.21
CA LEU B 100 12.58 -22.27 2.46
C LEU B 100 12.38 -23.18 1.26
N SER B 101 11.13 -23.56 1.01
CA SER B 101 10.77 -24.43 -0.09
C SER B 101 9.39 -24.05 -0.61
N LYS B 102 9.09 -24.50 -1.83
CA LYS B 102 7.84 -24.14 -2.48
C LYS B 102 6.63 -24.85 -1.88
N TRP B 103 6.79 -26.06 -1.37
CA TRP B 103 5.66 -26.77 -0.78
C TRP B 103 5.36 -26.19 0.60
N VAL B 104 4.36 -26.77 1.26
CA VAL B 104 3.84 -26.17 2.49
C VAL B 104 4.45 -26.78 3.76
N GLY B 105 5.01 -27.98 3.69
CA GLY B 105 5.42 -28.67 4.90
C GLY B 105 6.87 -29.09 4.99
N GLU B 106 7.79 -28.29 4.47
CA GLU B 106 9.21 -28.59 4.53
C GLU B 106 10.02 -27.56 5.30
N SER B 107 9.66 -26.27 5.20
CA SER B 107 10.47 -25.22 5.83
C SER B 107 10.59 -25.45 7.33
N GLU B 108 9.48 -25.77 7.99
CA GLU B 108 9.48 -26.02 9.42
C GLU B 108 10.00 -27.40 9.79
N ARG B 109 10.28 -28.25 8.81
CA ARG B 109 10.83 -29.57 9.07
C ARG B 109 12.34 -29.61 8.96
N GLN B 110 12.95 -28.73 8.15
CA GLN B 110 14.40 -28.66 8.07
C GLN B 110 15.00 -28.30 9.42
N LEU B 111 14.40 -27.33 10.13
CA LEU B 111 14.89 -26.98 11.46
C LEU B 111 14.75 -28.17 12.41
N ARG B 112 13.64 -28.90 12.32
CA ARG B 112 13.43 -30.03 13.22
C ARG B 112 14.48 -31.11 12.98
N LEU B 113 14.74 -31.44 11.71
CA LEU B 113 15.74 -32.47 11.42
C LEU B 113 17.14 -31.98 11.77
N LEU B 114 17.40 -30.69 11.58
CA LEU B 114 18.70 -30.14 11.97
C LEU B 114 18.91 -30.25 13.48
N PHE B 115 17.88 -29.92 14.26
CA PHE B 115 17.99 -30.05 15.71
C PHE B 115 18.15 -31.50 16.12
N ASP B 116 17.43 -32.41 15.46
CA ASP B 116 17.59 -33.84 15.76
C ASP B 116 19.01 -34.30 15.48
N GLN B 117 19.56 -33.90 14.33
CA GLN B 117 20.92 -34.30 13.97
C GLN B 117 21.94 -33.74 14.93
N ALA B 118 21.79 -32.46 15.31
CA ALA B 118 22.72 -31.86 16.26
C ALA B 118 22.62 -32.53 17.63
N TYR B 119 21.40 -32.81 18.08
CA TYR B 119 21.22 -33.50 19.36
C TYR B 119 21.80 -34.90 19.32
N GLN B 120 21.83 -35.53 18.14
CA GLN B 120 22.39 -36.87 18.03
C GLN B 120 23.88 -36.88 18.34
N MET B 121 24.62 -35.91 17.82
CA MET B 121 26.07 -35.83 18.00
C MET B 121 26.47 -34.78 19.04
N ARG B 122 25.69 -34.65 20.10
CA ARG B 122 26.05 -33.73 21.17
C ARG B 122 27.34 -34.17 21.85
N PRO B 123 28.16 -33.21 22.31
CA PRO B 123 27.99 -31.76 22.22
C PRO B 123 28.27 -31.22 20.83
N SER B 124 27.67 -30.08 20.50
CA SER B 124 27.82 -29.49 19.18
C SER B 124 27.55 -27.99 19.28
N ILE B 125 27.76 -27.29 18.17
CA ILE B 125 27.55 -25.85 18.09
C ILE B 125 26.73 -25.55 16.85
N ILE B 126 25.65 -24.78 17.03
CA ILE B 126 24.80 -24.34 15.92
C ILE B 126 24.92 -22.84 15.81
N PHE B 127 25.32 -22.37 14.63
CA PHE B 127 25.55 -20.95 14.39
C PHE B 127 24.60 -20.48 13.29
N PHE B 128 23.57 -19.74 13.69
CA PHE B 128 22.69 -19.08 12.73
C PHE B 128 23.34 -17.79 12.27
N ASP B 129 23.66 -17.70 10.98
CA ASP B 129 24.34 -16.55 10.43
C ASP B 129 23.29 -15.56 9.94
N GLN B 130 23.29 -14.36 10.54
CA GLN B 130 22.37 -13.28 10.17
C GLN B 130 20.91 -13.72 10.35
N ILE B 131 20.58 -13.96 11.62
CA ILE B 131 19.21 -14.32 11.99
C ILE B 131 18.22 -13.22 11.65
N ASP B 132 18.69 -11.98 11.47
CA ASP B 132 17.80 -10.86 11.16
C ASP B 132 16.95 -11.11 9.93
N GLY B 133 17.45 -11.88 8.97
CA GLY B 133 16.71 -12.22 7.78
C GLY B 133 15.84 -13.46 7.92
N LEU B 134 15.72 -14.00 9.12
CA LEU B 134 14.96 -15.22 9.36
C LEU B 134 13.82 -15.06 10.34
N ALA B 135 14.00 -14.29 11.42
CA ALA B 135 13.01 -14.16 12.48
C ALA B 135 12.72 -12.68 12.73
N PRO B 136 11.87 -12.07 11.89
CA PRO B 136 11.50 -10.67 12.12
C PRO B 136 10.52 -10.54 13.27
N VAL B 137 10.11 -9.30 13.51
CA VAL B 137 9.07 -9.03 14.50
C VAL B 137 7.74 -9.60 14.00
N ARG B 138 7.01 -10.25 14.89
CA ARG B 138 5.73 -10.83 14.51
C ARG B 138 4.72 -9.75 14.21
N SER B 139 3.92 -9.97 13.16
CA SER B 139 2.93 -8.99 12.75
C SER B 139 1.81 -9.70 12.01
N SER B 140 0.66 -9.04 11.92
CA SER B 140 -0.51 -9.58 11.25
C SER B 140 -0.63 -9.11 9.80
N ARG B 141 0.30 -8.29 9.32
CA ARG B 141 0.23 -7.75 7.96
C ARG B 141 0.96 -8.62 6.94
N GLN B 142 2.10 -9.19 7.32
CA GLN B 142 2.92 -9.94 6.36
C GLN B 142 2.36 -11.34 6.16
N ASP B 143 3.14 -12.17 5.47
CA ASP B 143 2.71 -13.53 5.16
C ASP B 143 2.73 -14.41 6.40
N GLN B 144 1.94 -15.48 6.36
CA GLN B 144 1.84 -16.40 7.48
C GLN B 144 3.05 -17.32 7.60
N ILE B 145 3.81 -17.51 6.52
CA ILE B 145 4.93 -18.44 6.56
C ILE B 145 6.01 -17.94 7.52
N HIS B 146 6.26 -16.64 7.53
CA HIS B 146 7.24 -16.08 8.47
C HIS B 146 6.78 -16.28 9.91
N SER B 147 5.50 -16.05 10.18
CA SER B 147 4.98 -16.28 11.52
C SER B 147 5.12 -17.75 11.92
N SER B 148 4.83 -18.67 11.01
CA SER B 148 4.94 -20.08 11.33
C SER B 148 6.39 -20.47 11.63
N ILE B 149 7.34 -19.99 10.81
CA ILE B 149 8.71 -20.40 11.02
C ILE B 149 9.28 -19.77 12.29
N VAL B 150 8.93 -18.51 12.58
CA VAL B 150 9.41 -17.92 13.82
C VAL B 150 8.78 -18.63 15.02
N SER B 151 7.52 -19.06 14.89
CA SER B 151 6.89 -19.79 15.99
C SER B 151 7.57 -21.12 16.24
N THR B 152 7.87 -21.88 15.18
CA THR B 152 8.50 -23.18 15.39
C THR B 152 9.91 -23.02 15.93
N LEU B 153 10.65 -22.02 15.44
CA LEU B 153 11.98 -21.76 15.98
C LEU B 153 11.90 -21.37 17.45
N LEU B 154 10.91 -20.56 17.80
CA LEU B 154 10.70 -20.17 19.19
C LEU B 154 10.35 -21.35 20.08
N ALA B 155 9.62 -22.33 19.55
CA ALA B 155 9.28 -23.50 20.36
C ALA B 155 10.44 -24.46 20.50
N LEU B 156 11.29 -24.57 19.48
CA LEU B 156 12.40 -25.52 19.54
C LEU B 156 13.40 -25.16 20.62
N MET B 157 13.72 -23.86 20.77
CA MET B 157 14.77 -23.45 21.69
C MET B 157 14.44 -23.83 23.13
N ASP B 158 13.21 -23.53 23.57
CA ASP B 158 12.77 -23.87 24.92
C ASP B 158 11.36 -24.44 24.82
N GLY B 159 11.27 -25.76 24.69
CA GLY B 159 9.99 -26.43 24.63
C GLY B 159 9.69 -27.19 25.89
N LEU B 160 8.77 -28.17 25.80
CA LEU B 160 8.47 -28.99 26.96
C LEU B 160 9.69 -29.81 27.38
N ASP B 161 10.41 -30.36 26.40
CA ASP B 161 11.63 -31.12 26.66
C ASP B 161 12.84 -30.21 26.51
N SER B 162 13.78 -30.32 27.44
CA SER B 162 14.98 -29.49 27.44
C SER B 162 16.02 -30.06 26.49
N ARG B 163 16.60 -29.19 25.67
CA ARG B 163 17.70 -29.61 24.81
C ARG B 163 18.95 -29.87 25.65
N GLY B 164 19.92 -30.52 25.03
CA GLY B 164 21.09 -30.97 25.76
C GLY B 164 22.21 -29.95 25.81
N GLU B 165 23.37 -30.30 25.25
CA GLU B 165 24.57 -29.47 25.32
C GLU B 165 24.76 -28.66 24.04
N ILE B 166 23.67 -28.22 23.42
CA ILE B 166 23.78 -27.43 22.20
C ILE B 166 23.89 -25.95 22.57
N VAL B 167 24.71 -25.22 21.83
CA VAL B 167 24.91 -23.79 22.03
C VAL B 167 24.55 -23.07 20.75
N VAL B 168 23.78 -21.99 20.86
CA VAL B 168 23.26 -21.25 19.72
C VAL B 168 23.95 -19.89 19.66
N ILE B 169 24.45 -19.54 18.47
CA ILE B 169 25.14 -18.27 18.25
C ILE B 169 24.51 -17.58 17.05
N GLY B 170 24.26 -16.28 17.18
CA GLY B 170 23.67 -15.51 16.11
C GLY B 170 24.39 -14.19 15.90
N ALA B 171 24.35 -13.71 14.66
CA ALA B 171 24.97 -12.46 14.28
C ALA B 171 23.93 -11.59 13.60
N THR B 172 24.08 -10.27 13.72
CA THR B 172 23.07 -9.36 13.22
C THR B 172 23.66 -7.97 13.07
N ASN B 173 23.19 -7.24 12.05
CA ASN B 173 23.57 -5.85 11.87
C ASN B 173 22.56 -4.85 12.42
N ARG B 174 21.32 -5.27 12.67
CA ARG B 174 20.28 -4.42 13.24
C ARG B 174 19.66 -5.16 14.43
N LEU B 175 20.09 -4.81 15.64
CA LEU B 175 19.66 -5.54 16.82
C LEU B 175 18.17 -5.37 17.08
N ASP B 176 17.64 -4.16 16.84
CA ASP B 176 16.26 -3.85 17.18
C ASP B 176 15.25 -4.57 16.30
N SER B 177 15.66 -5.21 15.22
CA SER B 177 14.75 -5.85 14.29
C SER B 177 14.44 -7.30 14.65
N ILE B 178 15.02 -7.79 15.73
CA ILE B 178 14.78 -9.17 16.17
C ILE B 178 13.50 -9.20 16.99
N ASP B 179 12.81 -10.34 16.94
CA ASP B 179 11.57 -10.50 17.68
C ASP B 179 11.84 -10.36 19.17
N PRO B 180 11.02 -9.61 19.91
CA PRO B 180 11.28 -9.43 21.34
C PRO B 180 11.21 -10.71 22.15
N ALA B 181 10.53 -11.75 21.66
CA ALA B 181 10.43 -12.99 22.41
C ALA B 181 11.68 -13.85 22.32
N LEU B 182 12.58 -13.57 21.40
CA LEU B 182 13.82 -14.34 21.31
C LEU B 182 14.82 -13.92 22.38
N ARG B 183 14.93 -12.61 22.63
CA ARG B 183 15.88 -12.10 23.61
C ARG B 183 15.31 -12.32 25.01
N ARG B 184 15.79 -13.37 25.67
CA ARG B 184 15.30 -13.78 26.97
C ARG B 184 16.26 -14.83 27.53
N PRO B 185 16.48 -14.87 28.85
CA PRO B 185 17.29 -15.95 29.42
C PRO B 185 16.78 -17.33 29.04
N GLY B 186 17.56 -18.06 28.26
CA GLY B 186 17.16 -19.37 27.79
C GLY B 186 17.41 -19.54 26.30
N ARG B 187 17.27 -18.46 25.54
CA ARG B 187 17.55 -18.49 24.11
C ARG B 187 18.73 -17.59 23.75
N PHE B 188 18.64 -16.28 24.03
CA PHE B 188 19.73 -15.33 23.80
C PHE B 188 19.80 -14.44 25.04
N ASP B 189 20.59 -14.86 26.02
CA ASP B 189 20.66 -14.17 27.30
C ASP B 189 21.89 -13.29 27.44
N ARG B 190 22.72 -13.19 26.40
CA ARG B 190 23.91 -12.34 26.46
C ARG B 190 24.04 -11.60 25.15
N GLU B 191 24.30 -10.30 25.23
CA GLU B 191 24.46 -9.45 24.06
C GLU B 191 25.84 -8.81 24.09
N PHE B 192 26.64 -9.06 23.07
CA PHE B 192 27.98 -8.52 22.96
C PHE B 192 28.00 -7.41 21.90
N LEU B 193 28.59 -6.27 22.26
CA LEU B 193 28.65 -5.12 21.39
C LEU B 193 30.00 -5.09 20.70
N PHE B 194 30.00 -5.19 19.38
CA PHE B 194 31.22 -5.13 18.58
C PHE B 194 31.32 -3.75 17.97
N SER B 195 32.30 -2.97 18.41
CA SER B 195 32.49 -1.60 17.97
C SER B 195 33.72 -1.49 17.08
N LEU B 196 33.88 -0.32 16.48
CA LEU B 196 35.05 -0.08 15.65
C LEU B 196 36.30 -0.05 16.51
N PRO B 197 37.45 -0.49 15.99
CA PRO B 197 38.68 -0.48 16.78
C PRO B 197 39.11 0.94 17.14
N ASP B 198 39.73 1.06 18.30
CA ASP B 198 40.23 2.34 18.78
C ASP B 198 41.67 2.54 18.31
N LYS B 199 42.34 3.55 18.86
CA LYS B 199 43.71 3.84 18.47
C LYS B 199 44.66 2.69 18.81
N GLU B 200 44.48 2.10 20.00
CA GLU B 200 45.43 1.10 20.48
C GLU B 200 45.40 -0.16 19.64
N ALA B 201 44.19 -0.71 19.41
CA ALA B 201 44.06 -2.03 18.78
C ALA B 201 44.64 -2.08 17.37
N ARG B 202 44.71 -0.93 16.68
CA ARG B 202 45.26 -0.91 15.33
C ARG B 202 46.71 -1.39 15.33
N LYS B 203 47.45 -1.12 16.40
CA LYS B 203 48.83 -1.58 16.47
C LYS B 203 48.91 -3.10 16.43
N GLU B 204 48.09 -3.78 17.24
CA GLU B 204 48.10 -5.25 17.23
C GLU B 204 47.59 -5.78 15.90
N ILE B 205 46.60 -5.12 15.30
CA ILE B 205 46.11 -5.59 14.01
C ILE B 205 47.22 -5.51 12.96
N LEU B 206 47.95 -4.40 12.91
CA LEU B 206 49.06 -4.28 11.98
C LEU B 206 50.14 -5.30 12.27
N LYS B 207 50.44 -5.52 13.55
CA LYS B 207 51.46 -6.51 13.91
C LYS B 207 51.08 -7.90 13.44
N ILE B 208 49.81 -8.29 13.64
CA ILE B 208 49.37 -9.61 13.24
C ILE B 208 49.40 -9.75 11.73
N HIS B 209 48.90 -8.73 11.01
CA HIS B 209 48.85 -8.83 9.55
C HIS B 209 50.21 -8.66 8.89
N THR B 210 51.20 -8.14 9.61
CA THR B 210 52.55 -8.00 9.05
C THR B 210 53.55 -8.75 9.92
N ARG B 211 53.21 -9.98 10.31
CA ARG B 211 54.05 -10.72 11.24
C ARG B 211 55.23 -11.38 10.54
N ASP B 212 54.97 -12.27 9.59
CA ASP B 212 56.01 -13.08 8.96
C ASP B 212 56.55 -12.34 7.74
N TRP B 213 57.32 -11.28 8.01
CA TRP B 213 58.06 -10.56 6.99
C TRP B 213 59.53 -10.53 7.39
N ASN B 214 60.42 -10.87 6.46
CA ASN B 214 61.85 -10.84 6.78
C ASN B 214 62.31 -9.44 7.16
N PRO B 215 62.03 -8.37 6.38
CA PRO B 215 62.34 -7.02 6.89
C PRO B 215 61.17 -6.42 7.68
N LYS B 216 61.05 -6.85 8.94
CA LYS B 216 59.95 -6.38 9.78
C LYS B 216 60.03 -4.87 9.97
N PRO B 217 58.96 -4.14 9.71
CA PRO B 217 58.95 -2.71 10.04
C PRO B 217 59.07 -2.49 11.53
N LEU B 218 59.72 -1.38 11.89
CA LEU B 218 59.94 -1.07 13.29
C LEU B 218 58.62 -0.72 13.97
N ASP B 219 58.58 -0.91 15.30
CA ASP B 219 57.37 -0.59 16.05
C ASP B 219 57.01 0.88 15.95
N THR B 220 58.01 1.75 15.87
CA THR B 220 57.74 3.17 15.68
C THR B 220 57.06 3.42 14.33
N PHE B 221 57.49 2.70 13.30
CA PHE B 221 56.85 2.82 11.99
C PHE B 221 55.39 2.41 12.06
N LEU B 222 55.11 1.27 12.70
CA LEU B 222 53.74 0.80 12.84
C LEU B 222 52.91 1.80 13.63
N GLU B 223 53.45 2.33 14.71
CA GLU B 223 52.70 3.29 15.53
C GLU B 223 52.41 4.57 14.75
N GLU B 224 53.40 5.08 14.00
CA GLU B 224 53.21 6.32 13.27
C GLU B 224 52.24 6.13 12.11
N LEU B 225 52.16 4.91 11.59
CA LEU B 225 51.04 4.58 10.70
C LEU B 225 49.74 4.50 11.49
N ALA B 226 49.81 4.08 12.74
CA ALA B 226 48.60 3.85 13.53
C ALA B 226 47.85 5.15 13.81
N GLU B 227 48.55 6.23 14.17
CA GLU B 227 47.75 7.41 14.50
C GLU B 227 47.17 8.08 13.26
N ASN B 228 47.62 7.70 12.06
CA ASN B 228 47.15 8.33 10.83
C ASN B 228 45.98 7.61 10.19
N CYS B 229 45.50 6.51 10.77
CA CYS B 229 44.37 5.76 10.23
C CYS B 229 43.21 5.88 11.21
N VAL B 230 42.22 6.67 10.85
CA VAL B 230 41.02 6.88 11.67
C VAL B 230 39.81 6.41 10.88
N GLY B 231 38.97 5.60 11.50
CA GLY B 231 37.81 5.05 10.82
C GLY B 231 38.06 3.79 10.04
N TYR B 232 39.22 3.17 10.20
CA TYR B 232 39.51 1.91 9.54
C TYR B 232 38.98 0.77 10.39
N CYS B 233 38.23 -0.14 9.77
CA CYS B 233 37.47 -1.16 10.50
C CYS B 233 37.88 -2.56 10.03
N GLY B 234 38.94 -3.09 10.64
CA GLY B 234 39.25 -4.51 10.54
C GLY B 234 39.72 -4.98 9.18
N ALA B 235 38.88 -4.82 8.17
CA ALA B 235 39.21 -5.29 6.83
C ALA B 235 39.97 -4.24 6.01
N ASP B 236 39.74 -2.96 6.30
CA ASP B 236 40.51 -1.91 5.65
C ASP B 236 42.00 -2.10 5.91
N ILE B 237 42.36 -2.49 7.13
CA ILE B 237 43.76 -2.69 7.48
C ILE B 237 44.36 -3.83 6.68
N LYS B 238 43.63 -4.93 6.54
CA LYS B 238 44.12 -6.03 5.71
C LYS B 238 44.26 -5.60 4.26
N SER B 239 43.30 -4.84 3.73
CA SER B 239 43.37 -4.40 2.35
C SER B 239 44.58 -3.50 2.12
N ILE B 240 44.83 -2.57 3.04
CA ILE B 240 45.92 -1.62 2.84
C ILE B 240 47.27 -2.33 2.89
N CYS B 241 47.39 -3.39 3.68
CA CYS B 241 48.65 -4.13 3.72
C CYS B 241 48.94 -4.85 2.42
N ALA B 242 47.91 -5.27 1.69
CA ALA B 242 48.08 -5.90 0.40
C ALA B 242 48.10 -4.92 -0.76
N GLU B 243 47.49 -3.75 -0.61
CA GLU B 243 47.53 -2.74 -1.64
C GLU B 243 48.85 -2.00 -1.69
N ALA B 244 49.73 -2.22 -0.71
CA ALA B 244 51.04 -1.57 -0.68
C ALA B 244 52.14 -2.44 -1.25
N ALA B 245 52.12 -3.74 -0.97
CA ALA B 245 53.13 -4.64 -1.52
C ALA B 245 53.03 -4.78 -3.03
N LEU B 246 51.91 -4.38 -3.63
CA LEU B 246 51.77 -4.37 -5.08
C LEU B 246 52.33 -3.11 -5.72
N CYS B 247 52.36 -1.99 -4.98
CA CYS B 247 52.98 -0.78 -5.50
C CYS B 247 54.47 -0.99 -5.72
N ALA B 248 55.14 -1.67 -4.79
CA ALA B 248 56.56 -1.97 -4.97
C ALA B 248 56.78 -2.86 -6.18
N LEU B 249 55.90 -3.85 -6.38
CA LEU B 249 56.02 -4.74 -7.54
C LEU B 249 55.85 -3.94 -8.83
N ARG B 250 54.87 -3.04 -8.87
CA ARG B 250 54.66 -2.24 -10.07
C ARG B 250 55.84 -1.31 -10.34
N ARG B 251 56.41 -0.73 -9.28
CA ARG B 251 57.55 0.17 -9.45
C ARG B 251 58.79 -0.58 -9.91
N ARG B 252 59.02 -1.78 -9.37
CA ARG B 252 60.27 -2.49 -9.61
C ARG B 252 60.39 -2.96 -11.05
N TYR B 253 59.35 -3.61 -11.58
CA TYR B 253 59.38 -4.24 -12.90
C TYR B 253 58.23 -3.68 -13.74
N PRO B 254 58.40 -2.48 -14.30
CA PRO B 254 57.31 -1.90 -15.12
C PRO B 254 56.93 -2.73 -16.32
N GLN B 255 57.88 -3.40 -16.97
CA GLN B 255 57.62 -4.10 -18.24
C GLN B 255 57.11 -5.51 -18.00
N ILE B 256 55.97 -5.63 -17.31
CA ILE B 256 55.36 -6.93 -17.08
C ILE B 256 54.00 -6.99 -17.77
N TYR B 257 53.35 -5.84 -17.93
CA TYR B 257 52.04 -5.79 -18.57
C TYR B 257 52.14 -5.90 -20.09
N THR B 258 53.27 -5.51 -20.68
CA THR B 258 53.37 -5.48 -22.14
C THR B 258 53.26 -6.88 -22.73
N THR B 259 53.93 -7.85 -22.12
CA THR B 259 53.94 -9.21 -22.65
C THR B 259 52.63 -9.92 -22.32
N SER B 260 52.50 -11.15 -22.83
CA SER B 260 51.34 -11.97 -22.54
C SER B 260 51.72 -13.42 -22.24
N GLU B 261 52.95 -13.66 -21.76
CA GLU B 261 53.44 -15.00 -21.50
C GLU B 261 54.16 -15.02 -20.14
N LYS B 262 54.61 -16.20 -19.76
CA LYS B 262 55.30 -16.38 -18.49
C LYS B 262 56.69 -15.74 -18.53
N LEU B 263 57.08 -15.14 -17.42
CA LEU B 263 58.41 -14.57 -17.25
C LEU B 263 59.05 -15.12 -15.98
N GLN B 264 60.35 -14.81 -15.82
CA GLN B 264 61.11 -15.21 -14.64
C GLN B 264 61.54 -13.96 -13.88
N LEU B 265 61.35 -13.97 -12.56
CA LEU B 265 61.55 -12.80 -11.74
C LEU B 265 62.70 -13.02 -10.77
N ASP B 266 62.94 -12.02 -9.92
CA ASP B 266 64.14 -11.93 -9.08
C ASP B 266 63.75 -11.53 -7.66
N LEU B 267 62.83 -12.30 -7.05
CA LEU B 267 62.18 -11.86 -5.82
C LEU B 267 63.14 -11.83 -4.64
N SER B 268 64.12 -10.92 -4.70
CA SER B 268 65.00 -10.67 -3.58
C SER B 268 65.35 -9.20 -3.39
N SER B 269 64.77 -8.29 -4.20
CA SER B 269 65.09 -6.87 -4.13
C SER B 269 63.83 -6.02 -4.30
N ILE B 270 62.70 -6.50 -3.81
CA ILE B 270 61.43 -5.80 -3.96
C ILE B 270 60.91 -5.50 -2.56
N ASN B 271 61.84 -5.25 -1.63
CA ASN B 271 61.46 -4.97 -0.26
C ASN B 271 60.57 -3.73 -0.18
N ILE B 272 59.59 -3.78 0.71
CA ILE B 272 58.61 -2.73 0.85
C ILE B 272 59.23 -1.54 1.57
N SER B 273 58.90 -0.34 1.12
CA SER B 273 59.43 0.88 1.72
C SER B 273 58.30 1.70 2.33
N ALA B 274 58.69 2.73 3.10
CA ALA B 274 57.70 3.58 3.75
C ALA B 274 56.89 4.38 2.72
N LYS B 275 57.54 4.84 1.65
CA LYS B 275 56.88 5.72 0.69
C LYS B 275 55.75 5.00 -0.04
N ASP B 276 55.77 3.66 -0.05
CA ASP B 276 54.69 2.92 -0.68
C ASP B 276 53.38 3.10 0.07
N PHE B 277 53.44 3.23 1.39
CA PHE B 277 52.22 3.32 2.20
C PHE B 277 51.43 4.57 1.88
N GLU B 278 52.11 5.68 1.60
CA GLU B 278 51.44 6.97 1.43
C GLU B 278 50.52 6.95 0.21
N VAL B 279 50.99 6.37 -0.90
CA VAL B 279 50.18 6.35 -2.11
C VAL B 279 48.91 5.54 -1.88
N ALA B 280 49.05 4.37 -1.26
CA ALA B 280 47.89 3.53 -0.98
C ALA B 280 46.91 4.25 -0.05
N MET B 281 47.44 4.93 0.96
CA MET B 281 46.59 5.68 1.87
C MET B 281 45.84 6.82 1.17
N GLN B 282 46.49 7.55 0.27
CA GLN B 282 45.82 8.60 -0.48
C GLN B 282 44.82 8.05 -1.49
N LYS B 283 45.00 6.81 -1.94
CA LYS B 283 44.14 6.24 -2.97
C LYS B 283 42.82 5.69 -2.44
N MET B 284 42.85 4.95 -1.33
CA MET B 284 41.66 4.27 -0.84
C MET B 284 40.94 5.09 0.21
N ILE B 285 39.71 4.68 0.52
CA ILE B 285 38.89 5.31 1.55
C ILE B 285 38.37 4.24 2.49
N PRO B 286 38.12 4.56 3.76
CA PRO B 286 37.61 3.55 4.70
C PRO B 286 36.18 3.17 4.39
N ALA B 287 35.78 2.01 4.90
CA ALA B 287 34.43 1.51 4.67
C ALA B 287 33.39 2.35 5.38
N SER B 288 33.73 2.92 6.54
CA SER B 288 32.75 3.71 7.29
C SER B 288 32.34 4.96 6.52
N GLN B 289 33.30 5.65 5.92
CA GLN B 289 33.04 6.89 5.20
C GLN B 289 32.80 6.60 3.72
N ARG B 290 31.88 5.68 3.45
CA ARG B 290 31.52 5.32 2.08
C ARG B 290 30.07 5.54 1.75
N ALA B 291 29.16 5.43 2.72
CA ALA B 291 27.74 5.67 2.51
C ALA B 291 27.25 6.98 3.10
N VAL B 292 27.82 7.42 4.21
CA VAL B 292 27.50 8.70 4.83
C VAL B 292 28.79 9.39 5.21
N THR B 293 28.85 10.70 5.02
CA THR B 293 30.04 11.45 5.37
C THR B 293 30.28 11.41 6.88
N SER B 294 31.56 11.28 7.24
CA SER B 294 31.83 11.24 8.67
C SER B 294 31.98 12.66 9.21
N PRO B 295 31.27 12.98 10.30
CA PRO B 295 31.36 14.34 10.84
C PRO B 295 32.64 14.57 11.63
N GLY B 296 33.76 14.17 11.07
CA GLY B 296 35.05 14.43 11.69
C GLY B 296 36.15 14.62 10.65
N GLN B 297 36.82 15.78 10.70
CA GLN B 297 37.91 16.07 9.79
C GLN B 297 39.00 16.82 10.55
N ALA B 298 40.24 16.36 10.41
CA ALA B 298 41.36 17.09 10.97
C ALA B 298 41.67 18.31 10.12
N LEU B 299 42.26 19.32 10.76
CA LEU B 299 42.61 20.54 10.07
C LEU B 299 43.63 20.25 8.98
N SER B 300 43.52 20.98 7.87
CA SER B 300 44.46 20.83 6.78
C SER B 300 45.84 21.34 7.19
N THR B 301 46.85 20.90 6.45
CA THR B 301 48.22 21.32 6.75
C THR B 301 48.43 22.81 6.53
N VAL B 302 47.51 23.48 5.86
CA VAL B 302 47.64 24.92 5.63
C VAL B 302 47.04 25.74 6.77
N VAL B 303 45.95 25.25 7.37
CA VAL B 303 45.23 26.01 8.39
C VAL B 303 45.78 25.77 9.80
N LYS B 304 46.49 24.65 10.02
CA LYS B 304 46.99 24.30 11.34
C LYS B 304 47.77 25.43 12.02
N PRO B 305 48.75 26.10 11.37
CA PRO B 305 49.52 27.13 12.08
C PRO B 305 48.75 28.43 12.22
N LEU B 306 47.44 28.37 12.01
CA LEU B 306 46.55 29.50 12.26
C LEU B 306 45.49 29.22 13.32
N LEU B 307 45.19 27.96 13.59
CA LEU B 307 44.12 27.61 14.54
C LEU B 307 44.54 26.60 15.60
N GLN B 308 45.82 26.20 15.63
CA GLN B 308 46.25 25.20 16.61
C GLN B 308 46.00 25.66 18.05
N ASN B 309 46.39 26.89 18.36
CA ASN B 309 46.26 27.38 19.73
C ASN B 309 44.80 27.51 20.13
N THR B 310 43.95 27.99 19.21
CA THR B 310 42.53 28.10 19.51
C THR B 310 41.91 26.73 19.76
N VAL B 311 42.29 25.74 18.94
CA VAL B 311 41.77 24.39 19.17
C VAL B 311 42.21 23.86 20.52
N ASP B 312 43.48 24.09 20.88
CA ASP B 312 43.95 23.63 22.18
C ASP B 312 43.19 24.30 23.31
N LYS B 313 42.90 25.59 23.18
CA LYS B 313 42.11 26.29 24.20
C LYS B 313 40.72 25.69 24.30
N ILE B 314 40.11 25.37 23.17
CA ILE B 314 38.77 24.77 23.20
C ILE B 314 38.80 23.44 23.93
N LEU B 315 39.78 22.58 23.62
CA LEU B 315 39.86 21.31 24.31
C LEU B 315 40.17 21.46 25.80
N GLU B 316 40.98 22.45 26.20
CA GLU B 316 41.25 22.59 27.63
C GLU B 316 40.01 23.10 28.38
N ALA B 317 39.24 23.98 27.75
CA ALA B 317 37.98 24.39 28.36
C ALA B 317 37.03 23.21 28.46
N LEU B 318 36.99 22.37 27.41
CA LEU B 318 36.17 21.15 27.47
C LEU B 318 36.63 20.24 28.60
N GLN B 319 37.94 20.09 28.75
CA GLN B 319 38.47 19.32 29.88
C GLN B 319 38.01 19.89 31.21
N ARG B 320 37.93 21.21 31.31
CA ARG B 320 37.37 21.81 32.51
C ARG B 320 35.93 21.40 32.72
N VAL B 321 35.13 21.41 31.65
CA VAL B 321 33.69 21.18 31.79
C VAL B 321 33.35 19.69 31.64
N PHE B 322 34.16 18.95 30.88
CA PHE B 322 33.93 17.53 30.63
C PHE B 322 35.10 16.73 31.20
N PRO B 323 34.98 16.22 32.43
CA PRO B 323 36.12 15.52 33.05
C PRO B 323 36.53 14.26 32.34
N HIS B 324 35.65 13.63 31.57
CA HIS B 324 35.96 12.38 30.90
C HIS B 324 36.96 12.53 29.75
N ALA B 325 37.31 13.77 29.39
CA ALA B 325 38.28 14.02 28.33
C ALA B 325 39.70 14.09 28.86
N GLU B 326 40.00 13.39 29.95
CA GLU B 326 41.32 13.47 30.57
C GLU B 326 42.42 13.02 29.62
N PHE B 327 42.17 11.99 28.82
CA PHE B 327 43.19 11.47 27.90
C PHE B 327 42.56 10.65 26.78
N TYR B 384 36.86 3.67 40.87
CA TYR B 384 36.49 5.07 40.97
C TYR B 384 36.41 5.71 39.59
N GLN B 385 35.39 6.53 39.38
CA GLN B 385 35.16 7.16 38.09
C GLN B 385 34.89 8.65 38.25
N PRO B 386 35.25 9.45 37.25
CA PRO B 386 34.86 10.87 37.29
C PRO B 386 33.35 11.01 37.22
N MET B 387 32.85 12.06 37.87
CA MET B 387 31.42 12.34 37.91
C MET B 387 31.17 13.74 37.38
N SER B 388 30.22 13.87 36.46
CA SER B 388 29.85 15.15 35.87
C SER B 388 28.33 15.28 35.88
N PHE B 389 27.86 16.50 35.65
CA PHE B 389 26.42 16.78 35.65
C PHE B 389 26.05 17.54 34.37
N ARG B 390 25.46 16.83 33.42
CA ARG B 390 24.91 17.38 32.19
C ARG B 390 25.95 18.20 31.45
N PRO B 391 26.96 17.57 30.85
CA PRO B 391 28.00 18.34 30.15
C PRO B 391 27.45 18.95 28.87
N ARG B 392 27.52 20.27 28.79
CA ARG B 392 27.03 21.01 27.64
C ARG B 392 27.98 22.16 27.32
N ILE B 393 28.15 22.43 26.03
CA ILE B 393 29.08 23.45 25.58
C ILE B 393 28.56 24.04 24.28
N LEU B 394 28.83 25.33 24.08
CA LEU B 394 28.40 26.05 22.88
C LEU B 394 29.50 27.01 22.45
N ILE B 395 29.77 27.04 21.15
CA ILE B 395 30.77 27.94 20.58
C ILE B 395 30.05 29.03 19.81
N VAL B 396 30.39 30.29 20.09
CA VAL B 396 29.74 31.43 19.47
C VAL B 396 30.81 32.36 18.93
N GLY B 397 30.49 33.04 17.82
CA GLY B 397 31.41 33.98 17.24
C GLY B 397 30.77 34.67 16.05
N GLU B 398 31.45 35.72 15.59
CA GLU B 398 30.95 36.48 14.46
C GLU B 398 30.99 35.65 13.17
N PRO B 399 30.09 35.93 12.24
CA PRO B 399 30.09 35.20 10.96
C PRO B 399 31.41 35.41 10.22
N GLY B 400 31.83 34.39 9.49
CA GLY B 400 33.08 34.45 8.77
C GLY B 400 34.30 34.14 9.61
N PHE B 401 34.11 33.69 10.86
CA PHE B 401 35.21 33.35 11.74
C PHE B 401 35.63 31.90 11.62
N GLY B 402 34.94 31.11 10.79
CA GLY B 402 35.29 29.72 10.62
C GLY B 402 34.96 28.82 11.78
N GLN B 403 34.04 29.25 12.66
CA GLN B 403 33.72 28.44 13.83
C GLN B 403 32.99 27.16 13.45
N GLY B 404 31.96 27.25 12.61
CA GLY B 404 31.16 26.10 12.27
C GLY B 404 31.65 25.35 11.05
N SER B 405 32.86 25.69 10.59
CA SER B 405 33.42 25.08 9.40
C SER B 405 34.79 24.46 9.60
N HIS B 406 35.57 24.92 10.58
CA HIS B 406 36.92 24.43 10.79
C HIS B 406 37.20 24.02 12.23
N LEU B 407 36.53 24.63 13.20
CA LEU B 407 36.85 24.37 14.60
C LEU B 407 36.15 23.13 15.12
N ALA B 408 34.82 23.08 15.00
CA ALA B 408 34.07 21.94 15.53
C ALA B 408 34.50 20.61 14.91
N PRO B 409 34.71 20.48 13.60
CA PRO B 409 35.23 19.21 13.07
C PRO B 409 36.56 18.82 13.66
N ALA B 410 37.47 19.77 13.86
CA ALA B 410 38.75 19.46 14.47
C ALA B 410 38.59 18.98 15.91
N VAL B 411 37.70 19.63 16.65
CA VAL B 411 37.45 19.22 18.04
C VAL B 411 36.89 17.81 18.07
N ILE B 412 35.93 17.52 17.19
CA ILE B 412 35.34 16.19 17.15
C ILE B 412 36.39 15.15 16.79
N HIS B 413 37.23 15.45 15.81
CA HIS B 413 38.28 14.51 15.40
C HIS B 413 39.28 14.26 16.51
N ALA B 414 39.64 15.29 17.27
CA ALA B 414 40.60 15.12 18.36
C ALA B 414 40.08 14.16 19.42
N LEU B 415 38.80 14.27 19.75
CA LEU B 415 38.17 13.36 20.72
C LEU B 415 37.73 12.11 20.00
N GLU B 416 38.65 11.15 19.87
CA GLU B 416 38.33 9.86 19.28
C GLU B 416 37.70 8.98 20.36
N LYS B 417 37.56 7.68 20.05
CA LYS B 417 37.07 6.64 20.95
C LYS B 417 35.69 6.95 21.52
N PHE B 418 35.01 7.96 21.02
CA PHE B 418 33.67 8.33 21.46
C PHE B 418 32.76 8.36 20.24
N THR B 419 31.72 7.53 20.25
CA THR B 419 30.78 7.52 19.15
C THR B 419 30.04 8.84 19.05
N VAL B 420 29.91 9.35 17.83
CA VAL B 420 29.31 10.66 17.58
C VAL B 420 28.14 10.47 16.61
N TYR B 421 27.02 11.13 16.91
CA TYR B 421 25.83 11.07 16.09
C TYR B 421 25.47 12.47 15.61
N THR B 422 25.20 12.61 14.33
CA THR B 422 24.93 13.90 13.72
C THR B 422 23.43 14.20 13.72
N LEU B 423 23.11 15.47 13.99
CA LEU B 423 21.73 15.96 13.93
C LEU B 423 21.78 17.32 13.23
N ASP B 424 21.38 17.35 11.97
CA ASP B 424 21.39 18.57 11.18
C ASP B 424 20.38 18.44 10.04
N ILE B 425 20.18 19.55 9.34
CA ILE B 425 19.18 19.67 8.29
C ILE B 425 19.33 18.58 7.22
N PRO B 426 20.53 18.32 6.70
CA PRO B 426 20.65 17.28 5.67
C PRO B 426 20.22 15.89 6.11
N VAL B 427 20.29 15.58 7.40
CA VAL B 427 19.99 14.24 7.87
C VAL B 427 18.51 14.07 8.18
N LEU B 428 17.90 15.03 8.86
CA LEU B 428 16.49 14.91 9.25
C LEU B 428 15.60 14.78 8.02
N PHE B 429 15.81 15.64 7.03
CA PHE B 429 15.02 15.61 5.81
C PHE B 429 15.66 14.79 4.70
N GLY B 430 16.78 14.12 5.00
CA GLY B 430 17.47 13.29 4.04
C GLY B 430 16.90 11.90 3.86
N VAL B 431 15.80 11.58 4.55
CA VAL B 431 15.11 10.32 4.40
C VAL B 431 13.64 10.63 4.11
N SER B 432 13.05 9.90 3.17
CA SER B 432 11.68 10.16 2.75
C SER B 432 10.69 9.11 3.25
N THR B 433 11.13 8.20 4.12
CA THR B 433 10.27 7.11 4.59
C THR B 433 9.89 7.21 6.06
N THR B 434 10.57 8.05 6.84
CA THR B 434 10.33 8.14 8.27
C THR B 434 10.19 9.59 8.70
N SER B 435 9.42 9.81 9.76
CA SER B 435 9.25 11.15 10.29
C SER B 435 10.53 11.62 10.98
N PRO B 436 10.87 12.91 10.86
CA PRO B 436 12.11 13.39 11.49
C PRO B 436 12.16 13.16 12.99
N GLU B 437 11.03 13.31 13.68
CA GLU B 437 11.00 13.08 15.12
C GLU B 437 11.32 11.63 15.46
N GLU B 438 10.93 10.69 14.60
CA GLU B 438 11.32 9.30 14.82
C GLU B 438 12.83 9.14 14.74
N THR B 439 13.45 9.81 13.76
CA THR B 439 14.91 9.78 13.66
C THR B 439 15.56 10.37 14.90
N CYS B 440 15.02 11.49 15.40
CA CYS B 440 15.59 12.10 16.60
C CYS B 440 15.47 11.17 17.80
N ALA B 441 14.32 10.53 17.98
CA ALA B 441 14.15 9.62 19.10
C ALA B 441 15.11 8.44 19.00
N GLN B 442 15.27 7.89 17.79
CA GLN B 442 16.20 6.79 17.60
C GLN B 442 17.63 7.21 17.91
N VAL B 443 18.03 8.40 17.47
CA VAL B 443 19.40 8.88 17.69
C VAL B 443 19.64 9.07 19.19
N ILE B 444 18.68 9.67 19.89
CA ILE B 444 18.84 9.88 21.33
C ILE B 444 18.93 8.55 22.06
N ARG B 445 18.09 7.58 21.68
CA ARG B 445 18.14 6.28 22.34
C ARG B 445 19.48 5.60 22.12
N GLU B 446 20.00 5.65 20.88
CA GLU B 446 21.29 5.04 20.61
C GLU B 446 22.41 5.74 21.36
N ALA B 447 22.33 7.07 21.48
CA ALA B 447 23.32 7.80 22.25
C ALA B 447 23.29 7.39 23.72
N LYS B 448 22.09 7.20 24.27
CA LYS B 448 21.97 6.75 25.65
C LYS B 448 22.55 5.35 25.82
N ARG B 449 22.32 4.47 24.85
CA ARG B 449 22.67 3.07 25.02
C ARG B 449 24.18 2.88 25.20
N THR B 450 24.98 3.63 24.44
CA THR B 450 26.43 3.45 24.41
C THR B 450 27.17 4.65 24.99
N ALA B 451 26.72 5.18 26.12
CA ALA B 451 27.41 6.30 26.74
C ALA B 451 28.80 5.89 27.17
N PRO B 452 29.78 6.80 27.18
CA PRO B 452 29.67 8.22 26.80
C PRO B 452 29.62 8.42 25.29
N SER B 453 29.01 9.53 24.85
CA SER B 453 28.89 9.83 23.44
C SER B 453 28.69 11.33 23.29
N ILE B 454 28.88 11.84 22.07
CA ILE B 454 28.76 13.26 21.78
C ILE B 454 27.70 13.44 20.72
N VAL B 455 26.70 14.27 21.00
CA VAL B 455 25.65 14.61 20.06
C VAL B 455 26.01 15.92 19.40
N TYR B 456 26.20 15.90 18.08
CA TYR B 456 26.69 17.05 17.35
C TYR B 456 25.53 17.69 16.59
N VAL B 457 25.38 19.00 16.75
CA VAL B 457 24.34 19.76 16.07
C VAL B 457 24.87 21.14 15.69
N PRO B 458 25.17 21.37 14.41
CA PRO B 458 25.77 22.65 14.01
C PRO B 458 24.76 23.70 13.58
N HIS B 459 25.11 24.98 13.78
CA HIS B 459 24.32 26.12 13.30
C HIS B 459 22.90 26.11 13.87
N ILE B 460 22.82 26.23 15.19
CA ILE B 460 21.52 26.25 15.85
C ILE B 460 20.74 27.52 15.52
N HIS B 461 21.41 28.60 15.14
CA HIS B 461 20.72 29.86 14.89
C HIS B 461 19.85 29.82 13.63
N VAL B 462 20.11 28.88 12.73
CA VAL B 462 19.25 28.67 11.57
C VAL B 462 18.45 27.39 11.81
N TRP B 463 19.03 26.47 12.56
CA TRP B 463 18.39 25.18 12.79
C TRP B 463 17.06 25.34 13.52
N TRP B 464 16.96 26.35 14.40
CA TRP B 464 15.78 26.47 15.25
C TRP B 464 14.53 26.80 14.43
N GLU B 465 14.61 27.82 13.58
CA GLU B 465 13.41 28.30 12.89
C GLU B 465 13.23 27.62 11.53
N ILE B 466 13.30 26.29 11.52
CA ILE B 466 13.05 25.52 10.31
C ILE B 466 12.05 24.39 10.51
N VAL B 467 11.90 23.86 11.72
CA VAL B 467 11.09 22.67 11.94
C VAL B 467 9.82 23.06 12.69
N GLY B 468 8.82 22.18 12.64
CA GLY B 468 7.56 22.40 13.31
C GLY B 468 7.69 22.32 14.82
N PRO B 469 6.69 22.83 15.53
CA PRO B 469 6.77 22.83 17.00
C PRO B 469 6.84 21.45 17.60
N THR B 470 6.26 20.44 16.94
CA THR B 470 6.28 19.09 17.50
C THR B 470 7.70 18.58 17.68
N LEU B 471 8.55 18.79 16.68
CA LEU B 471 9.94 18.35 16.80
C LEU B 471 10.66 19.11 17.91
N LYS B 472 10.41 20.41 18.03
CA LYS B 472 11.03 21.18 19.11
C LYS B 472 10.65 20.61 20.47
N ALA B 473 9.36 20.36 20.68
CA ALA B 473 8.90 19.82 21.97
C ALA B 473 9.49 18.45 22.22
N THR B 474 9.51 17.59 21.19
CA THR B 474 10.06 16.25 21.36
C THR B 474 11.54 16.29 21.72
N PHE B 475 12.30 17.13 21.03
CA PHE B 475 13.73 17.25 21.32
C PHE B 475 13.95 17.81 22.72
N THR B 476 13.15 18.79 23.12
CA THR B 476 13.31 19.37 24.45
C THR B 476 13.01 18.34 25.54
N THR B 477 11.96 17.55 25.36
CA THR B 477 11.60 16.58 26.40
C THR B 477 12.54 15.40 26.42
N LEU B 478 12.96 14.90 25.26
CA LEU B 478 13.81 13.71 25.22
C LEU B 478 15.13 13.94 25.93
N LEU B 479 15.75 15.10 25.69
CA LEU B 479 17.00 15.42 26.36
C LEU B 479 16.82 15.58 27.87
N GLN B 480 15.63 15.98 28.33
CA GLN B 480 15.40 16.18 29.75
C GLN B 480 15.27 14.88 30.52
N ASN B 481 14.94 13.78 29.85
CA ASN B 481 14.72 12.50 30.52
C ASN B 481 15.99 11.68 30.69
N ILE B 482 17.12 12.12 30.14
CA ILE B 482 18.38 11.41 30.33
C ILE B 482 18.77 11.47 31.80
N PRO B 483 19.32 10.41 32.38
CA PRO B 483 19.79 10.49 33.77
C PRO B 483 20.81 11.60 33.95
N SER B 484 20.74 12.25 35.11
CA SER B 484 21.49 13.49 35.33
C SER B 484 22.99 13.26 35.22
N PHE B 485 23.49 12.14 35.75
CA PHE B 485 24.91 11.88 35.78
C PHE B 485 25.40 11.09 34.57
N ALA B 486 24.53 10.81 33.61
CA ALA B 486 24.97 10.10 32.41
C ALA B 486 25.84 11.01 31.55
N PRO B 487 27.06 10.60 31.25
CA PRO B 487 27.97 11.49 30.52
C PRO B 487 27.71 11.53 29.02
N VAL B 488 26.71 12.31 28.60
CA VAL B 488 26.44 12.55 27.19
C VAL B 488 26.63 14.05 26.94
N LEU B 489 27.46 14.37 25.96
CA LEU B 489 27.79 15.76 25.69
C LEU B 489 26.89 16.33 24.60
N LEU B 490 26.51 17.59 24.76
CA LEU B 490 25.72 18.31 23.78
C LEU B 490 26.56 19.45 23.22
N LEU B 491 26.91 19.35 21.94
CA LEU B 491 27.79 20.30 21.29
C LEU B 491 27.02 21.05 20.20
N ALA B 492 27.13 22.37 20.21
CA ALA B 492 26.41 23.20 19.26
C ALA B 492 27.25 24.43 18.92
N THR B 493 26.94 25.03 17.78
CA THR B 493 27.65 26.21 17.30
C THR B 493 26.63 27.24 16.83
N SER B 494 27.03 28.51 16.89
CA SER B 494 26.13 29.58 16.52
C SER B 494 26.92 30.73 15.90
N ASP B 495 26.21 31.58 15.16
CA ASP B 495 26.78 32.77 14.55
C ASP B 495 26.27 34.05 15.17
N LYS B 496 24.99 34.11 15.52
CA LYS B 496 24.47 35.26 16.24
C LYS B 496 24.99 35.27 17.67
N PRO B 497 25.14 36.44 18.28
CA PRO B 497 25.63 36.49 19.67
C PRO B 497 24.64 35.84 20.63
N HIS B 498 25.13 35.53 21.83
CA HIS B 498 24.33 34.82 22.80
C HIS B 498 23.08 35.60 23.19
N SER B 499 23.20 36.91 23.40
CA SER B 499 22.04 37.71 23.77
C SER B 499 21.00 37.80 22.65
N ALA B 500 21.42 37.60 21.40
CA ALA B 500 20.51 37.71 20.27
C ALA B 500 19.76 36.41 19.98
N LEU B 501 20.16 35.30 20.59
CA LEU B 501 19.48 34.04 20.33
C LEU B 501 18.09 34.04 20.97
N PRO B 502 17.16 33.26 20.42
CA PRO B 502 15.85 33.13 21.05
C PRO B 502 15.98 32.55 22.45
N GLU B 503 15.05 32.94 23.32
CA GLU B 503 15.15 32.56 24.73
C GLU B 503 15.13 31.06 24.91
N GLU B 504 14.26 30.34 24.18
CA GLU B 504 14.14 28.90 24.35
C GLU B 504 15.51 28.23 24.29
N VAL B 505 16.37 28.70 23.40
CA VAL B 505 17.77 28.28 23.43
C VAL B 505 18.46 28.82 24.68
N GLN B 506 18.12 30.04 25.09
CA GLN B 506 18.91 30.72 26.14
C GLN B 506 18.83 29.98 27.47
N GLU B 507 17.67 29.47 27.86
CA GLU B 507 17.64 28.69 29.09
C GLU B 507 18.03 27.23 28.85
N LEU B 508 19.12 27.04 28.10
CA LEU B 508 19.84 25.78 28.05
C LEU B 508 21.35 25.96 28.19
N PHE B 509 21.86 27.18 28.22
CA PHE B 509 23.27 27.46 28.44
C PHE B 509 23.40 28.48 29.55
N ILE B 510 24.26 28.18 30.52
CA ILE B 510 24.22 28.76 31.86
C ILE B 510 25.53 29.46 32.17
N ARG B 511 26.02 30.28 31.23
CA ARG B 511 27.39 30.81 31.18
C ARG B 511 28.00 31.05 32.56
N ASP B 512 27.20 31.55 33.51
CA ASP B 512 27.63 31.58 34.90
C ASP B 512 28.32 30.29 35.31
N TYR B 513 27.81 29.14 34.86
CA TYR B 513 28.46 27.87 35.11
C TYR B 513 29.73 27.67 34.29
N GLY B 514 29.91 28.43 33.22
CA GLY B 514 31.06 28.25 32.36
C GLY B 514 30.78 27.32 31.20
N GLU B 515 29.72 27.61 30.44
CA GLU B 515 29.31 26.78 29.33
C GLU B 515 29.35 27.52 28.00
N ILE B 516 30.04 28.66 27.93
CA ILE B 516 30.09 29.46 26.73
C ILE B 516 31.54 29.82 26.44
N PHE B 517 31.96 29.63 25.19
CA PHE B 517 33.31 29.95 24.75
C PHE B 517 33.23 30.94 23.60
N ASN B 518 34.00 32.01 23.69
CA ASN B 518 34.03 33.03 22.65
C ASN B 518 35.27 32.87 21.79
N VAL B 519 35.20 33.40 20.56
CA VAL B 519 36.28 33.25 19.58
C VAL B 519 36.80 34.63 19.24
N GLN B 520 38.13 34.76 19.17
CA GLN B 520 38.77 36.00 18.77
C GLN B 520 39.79 35.71 17.67
N LEU B 521 40.08 36.74 16.87
CA LEU B 521 40.94 36.56 15.72
C LEU B 521 42.38 36.29 16.15
N PRO B 522 43.16 35.58 15.33
CA PRO B 522 44.54 35.29 15.68
C PRO B 522 45.40 36.54 15.75
N ASP B 523 46.47 36.47 16.53
CA ASP B 523 47.35 37.60 16.76
C ASP B 523 48.35 37.76 15.61
N LYS B 524 49.30 38.69 15.80
CA LYS B 524 50.22 39.04 14.72
C LYS B 524 51.21 37.93 14.45
N GLU B 525 51.72 37.26 15.49
CA GLU B 525 52.71 36.22 15.28
C GLU B 525 52.14 35.04 14.51
N GLU B 526 50.90 34.65 14.83
CA GLU B 526 50.26 33.55 14.13
C GLU B 526 50.09 33.88 12.65
N ARG B 527 49.62 35.09 12.35
CA ARG B 527 49.46 35.51 10.96
C ARG B 527 50.80 35.56 10.25
N THR B 528 51.84 36.02 10.95
CA THR B 528 53.17 36.07 10.36
C THR B 528 53.65 34.67 9.99
N LYS B 529 53.45 33.70 10.90
CA LYS B 529 53.81 32.33 10.59
C LYS B 529 52.95 31.76 9.47
N PHE B 530 51.72 32.26 9.31
CA PHE B 530 50.84 31.74 8.27
C PHE B 530 51.42 31.96 6.88
N PHE B 531 51.98 33.14 6.63
CA PHE B 531 52.61 33.45 5.36
C PHE B 531 54.10 33.19 5.35
N GLU B 532 54.66 32.71 6.47
CA GLU B 532 56.11 32.57 6.57
C GLU B 532 56.66 31.56 5.56
N ASP B 533 55.99 30.43 5.38
CA ASP B 533 56.49 29.40 4.47
C ASP B 533 56.48 29.84 3.01
N LEU B 534 55.43 30.54 2.56
CA LEU B 534 55.36 30.94 1.16
C LEU B 534 56.46 31.93 0.81
N ILE B 535 56.69 32.93 1.68
CA ILE B 535 57.69 33.96 1.46
C ILE B 535 58.61 33.97 2.67
N LEU B 536 59.89 33.67 2.45
CA LEU B 536 60.40 33.38 1.12
C LEU B 536 61.12 32.02 1.06
N LYS B 537 60.33 30.97 0.84
CA LYS B 537 60.88 29.64 0.66
C LYS B 537 60.36 29.02 -0.63
N GLN B 538 59.08 29.27 -0.94
CA GLN B 538 58.50 28.79 -2.18
C GLN B 538 58.75 29.75 -3.33
N ALA B 539 58.64 31.07 -3.07
CA ALA B 539 58.95 32.06 -4.09
C ALA B 539 60.43 32.10 -4.43
N ALA B 540 61.28 31.81 -3.45
CA ALA B 540 62.72 31.82 -3.66
C ALA B 540 63.24 30.42 -3.95
N LYS B 541 62.36 29.57 -4.46
CA LYS B 541 62.72 28.19 -4.79
C LYS B 541 63.11 28.04 -6.26
N PRO B 542 64.34 27.55 -6.50
CA PRO B 542 64.86 27.35 -7.85
C PRO B 542 63.95 26.44 -8.68
N PRO B 543 63.78 26.75 -9.97
CA PRO B 543 62.93 25.96 -10.88
C PRO B 543 63.59 24.64 -11.26
N ILE B 544 62.81 23.56 -11.26
CA ILE B 544 63.32 22.24 -11.60
C ILE B 544 62.48 21.59 -12.69
N HIS B 771 67.29 39.05 -2.27
CA HIS B 771 66.35 38.30 -1.47
C HIS B 771 65.96 39.11 -0.23
N GLU B 772 65.95 40.43 -0.37
CA GLU B 772 65.75 41.30 0.79
C GLU B 772 64.44 42.08 0.67
N ARG B 773 64.05 42.44 -0.54
CA ARG B 773 62.79 43.16 -0.74
C ARG B 773 61.58 42.31 -0.37
N LEU B 774 61.70 40.99 -0.50
CA LEU B 774 60.60 40.11 -0.12
C LEU B 774 60.29 40.21 1.38
N LYS B 775 61.27 40.60 2.20
CA LYS B 775 60.97 40.90 3.59
C LYS B 775 59.98 42.06 3.69
N ASN B 776 60.20 43.11 2.90
CA ASN B 776 59.28 44.25 2.90
C ASN B 776 57.92 43.85 2.34
N LEU B 777 57.89 42.98 1.34
CA LEU B 777 56.63 42.47 0.84
C LEU B 777 55.87 41.72 1.94
N LEU B 778 56.58 40.87 2.69
CA LEU B 778 55.95 40.17 3.80
C LEU B 778 55.43 41.15 4.83
N LYS B 779 56.22 42.19 5.14
CA LYS B 779 55.80 43.18 6.13
C LYS B 779 54.53 43.90 5.69
N THR B 780 54.48 44.35 4.44
CA THR B 780 53.29 45.07 3.98
C THR B 780 52.09 44.15 3.87
N VAL B 781 52.29 42.87 3.51
CA VAL B 781 51.18 41.94 3.45
C VAL B 781 50.60 41.70 4.84
N VAL B 782 51.47 41.44 5.82
CA VAL B 782 50.97 41.17 7.17
C VAL B 782 50.37 42.41 7.81
N LYS B 783 50.86 43.61 7.48
CA LYS B 783 50.26 44.81 8.03
C LYS B 783 48.94 45.14 7.34
N LYS B 784 48.80 44.74 6.08
CA LYS B 784 47.57 45.03 5.33
C LYS B 784 46.43 44.12 5.77
N SER B 785 46.73 42.89 6.15
CA SER B 785 45.72 41.89 6.48
C SER B 785 45.51 41.75 7.98
N GLN B 786 45.62 42.86 8.72
CA GLN B 786 45.50 42.81 10.16
C GLN B 786 44.05 42.90 10.66
N ASN B 787 43.09 43.04 9.75
CA ASN B 787 41.66 43.00 10.10
C ASN B 787 40.88 42.17 9.09
N TYR B 788 41.39 40.98 8.76
CA TYR B 788 40.73 40.09 7.84
C TYR B 788 40.20 38.86 8.58
N ASN B 789 39.01 38.41 8.21
CA ASN B 789 38.47 37.16 8.73
C ASN B 789 39.18 35.98 8.05
N ILE B 790 38.74 34.77 8.38
CA ILE B 790 39.36 33.58 7.83
C ILE B 790 39.23 33.55 6.31
N PHE B 791 37.99 33.58 5.81
CA PHE B 791 37.74 33.39 4.39
C PHE B 791 38.60 34.32 3.54
N GLN B 792 38.68 35.59 3.92
CA GLN B 792 39.55 36.52 3.21
C GLN B 792 41.01 36.10 3.33
N LEU B 793 41.40 35.53 4.48
CA LEU B 793 42.78 35.11 4.65
C LEU B 793 43.16 34.00 3.68
N GLU B 794 42.37 32.93 3.62
CA GLU B 794 42.79 31.91 2.66
C GLU B 794 42.52 32.32 1.22
N ASN B 795 41.59 33.24 0.97
CA ASN B 795 41.40 33.72 -0.40
C ASN B 795 42.65 34.44 -0.89
N LEU B 796 43.25 35.28 -0.05
CA LEU B 796 44.49 35.96 -0.40
C LEU B 796 45.64 34.98 -0.61
N TYR B 797 45.63 33.86 0.11
CA TYR B 797 46.71 32.88 -0.04
C TYR B 797 46.68 32.25 -1.42
N ALA B 798 45.48 31.97 -1.94
CA ALA B 798 45.36 31.28 -3.22
C ALA B 798 45.83 32.16 -4.38
N VAL B 799 45.48 33.45 -4.36
CA VAL B 799 45.79 34.31 -5.50
C VAL B 799 47.29 34.47 -5.68
N ILE B 800 48.05 34.50 -4.59
CA ILE B 800 49.50 34.63 -4.71
C ILE B 800 50.09 33.33 -5.26
N SER B 801 49.62 32.19 -4.75
CA SER B 801 50.09 30.90 -5.28
C SER B 801 49.74 30.75 -6.75
N GLN B 802 48.66 31.39 -7.21
CA GLN B 802 48.34 31.35 -8.63
C GLN B 802 49.46 31.94 -9.47
N CYS B 803 49.91 33.15 -9.13
CA CYS B 803 50.99 33.77 -9.90
C CYS B 803 52.31 33.05 -9.63
N ILE B 804 52.43 32.40 -8.47
CA ILE B 804 53.60 31.56 -8.22
C ILE B 804 53.67 30.43 -9.24
N TYR B 805 52.55 29.73 -9.43
CA TYR B 805 52.48 28.67 -10.42
C TYR B 805 52.51 29.19 -11.85
N ARG B 806 52.21 30.47 -12.06
CA ARG B 806 52.22 31.05 -13.39
C ARG B 806 53.61 31.07 -14.04
N HIS B 807 54.68 30.83 -13.28
CA HIS B 807 56.04 31.11 -13.73
C HIS B 807 56.94 29.88 -13.58
N ARG B 808 56.50 28.74 -14.11
CA ARG B 808 57.27 27.51 -13.97
C ARG B 808 58.68 27.66 -14.50
N LYS B 809 58.82 28.12 -15.75
CA LYS B 809 60.07 28.00 -16.49
C LYS B 809 60.83 29.31 -16.62
N ASP B 810 60.66 30.23 -15.67
CA ASP B 810 61.44 31.46 -15.67
C ASP B 810 62.56 31.35 -14.64
N HIS B 811 63.78 31.13 -15.13
CA HIS B 811 64.93 31.02 -14.25
C HIS B 811 65.46 32.36 -13.78
N ASP B 812 65.04 33.46 -14.42
CA ASP B 812 65.43 34.80 -14.02
C ASP B 812 64.31 35.40 -13.19
N LYS B 813 64.62 35.77 -11.94
CA LYS B 813 63.63 36.37 -11.07
C LYS B 813 63.49 37.85 -11.41
N THR B 814 62.80 38.59 -10.55
CA THR B 814 62.52 40.02 -10.70
C THR B 814 61.61 40.29 -11.90
N SER B 815 61.21 39.23 -12.61
CA SER B 815 60.22 39.33 -13.66
C SER B 815 58.80 39.10 -13.16
N LEU B 816 58.66 38.68 -11.90
CA LEU B 816 57.36 38.49 -11.28
C LEU B 816 57.25 39.07 -9.88
N ILE B 817 58.36 39.50 -9.27
CA ILE B 817 58.29 40.16 -7.98
C ILE B 817 57.48 41.44 -8.07
N GLN B 818 57.73 42.23 -9.13
CA GLN B 818 56.88 43.39 -9.38
C GLN B 818 55.44 42.97 -9.63
N LYS B 819 55.24 41.83 -10.28
CA LYS B 819 53.89 41.30 -10.44
C LYS B 819 53.27 40.95 -9.10
N MET B 820 54.06 40.39 -8.19
CA MET B 820 53.57 40.07 -6.85
C MET B 820 53.13 41.33 -6.13
N GLU B 821 54.00 42.35 -6.10
CA GLU B 821 53.66 43.56 -5.38
C GLU B 821 52.52 44.32 -6.04
N GLN B 822 52.31 44.15 -7.35
CA GLN B 822 51.14 44.74 -7.98
C GLN B 822 49.88 43.98 -7.60
N GLU B 823 49.96 42.64 -7.58
CA GLU B 823 48.79 41.84 -7.25
C GLU B 823 48.33 42.08 -5.81
N VAL B 824 49.27 42.19 -4.88
CA VAL B 824 48.89 42.33 -3.47
C VAL B 824 48.20 43.67 -3.23
N GLU B 825 48.55 44.70 -4.00
CA GLU B 825 47.88 45.99 -3.87
C GLU B 825 46.65 46.12 -4.76
N ASN B 826 46.63 45.44 -5.91
CA ASN B 826 45.43 45.46 -6.74
C ASN B 826 44.28 44.75 -6.05
N PHE B 827 44.56 43.66 -5.35
CA PHE B 827 43.54 42.97 -4.57
C PHE B 827 43.02 43.87 -3.46
N SER B 828 41.71 43.91 -3.29
CA SER B 828 41.07 44.73 -2.27
C SER B 828 39.75 44.07 -1.89
N CYS B 829 39.62 43.72 -0.61
CA CYS B 829 38.41 43.08 -0.09
C CYS B 829 37.93 43.88 1.11
N SER B 830 36.63 44.11 1.21
CA SER B 830 36.06 44.87 2.31
C SER B 830 34.60 44.51 2.54
N SER C 19 12.98 -33.70 34.76
CA SER C 19 12.16 -34.90 34.83
C SER C 19 11.86 -35.29 36.28
N SER C 20 12.10 -34.35 37.20
CA SER C 20 11.85 -34.57 38.62
C SER C 20 11.15 -33.38 39.25
N VAL C 21 10.28 -32.71 38.50
CA VAL C 21 9.52 -31.57 38.99
C VAL C 21 8.08 -32.01 39.18
N ARG C 22 7.51 -31.73 40.36
CA ARG C 22 6.14 -32.15 40.64
C ARG C 22 5.50 -31.12 41.59
N PHE C 23 4.88 -30.11 41.00
CA PHE C 23 4.03 -29.15 41.71
C PHE C 23 4.72 -28.50 42.90
N ASP C 24 6.05 -28.60 42.97
CA ASP C 24 6.81 -28.01 44.05
C ASP C 24 7.84 -26.99 43.59
N SER C 25 8.42 -27.15 42.41
CA SER C 25 9.33 -26.16 41.87
C SER C 25 8.60 -24.91 41.38
N VAL C 26 7.28 -24.94 41.32
CA VAL C 26 6.47 -23.78 40.94
C VAL C 26 6.25 -22.94 42.18
N GLY C 27 6.35 -21.63 42.04
CA GLY C 27 6.17 -20.70 43.14
C GLY C 27 5.38 -19.48 42.72
N GLY C 28 4.60 -18.94 43.64
CA GLY C 28 3.87 -17.72 43.44
C GLY C 28 2.55 -17.87 42.74
N LEU C 29 2.31 -19.02 42.10
CA LEU C 29 1.05 -19.29 41.42
C LEU C 29 0.28 -20.29 42.27
N SER C 30 -0.77 -19.81 42.93
CA SER C 30 -1.61 -20.64 43.77
C SER C 30 -3.04 -20.75 43.27
N ASN C 31 -3.65 -19.64 42.84
CA ASN C 31 -5.02 -19.69 42.35
C ASN C 31 -5.12 -20.52 41.08
N HIS C 32 -4.16 -20.36 40.17
CA HIS C 32 -4.21 -21.07 38.89
C HIS C 32 -4.04 -22.57 39.08
N ILE C 33 -3.04 -22.98 39.87
CA ILE C 33 -2.83 -24.41 40.08
C ILE C 33 -3.99 -25.01 40.85
N ALA C 34 -4.58 -24.25 41.78
CA ALA C 34 -5.73 -24.74 42.51
C ALA C 34 -6.93 -24.93 41.59
N ALA C 35 -7.17 -23.98 40.70
CA ALA C 35 -8.28 -24.08 39.75
C ALA C 35 -7.99 -25.01 38.59
N LEU C 36 -6.75 -25.50 38.48
CA LEU C 36 -6.38 -26.39 37.39
C LEU C 36 -6.58 -27.86 37.73
N LYS C 37 -6.15 -28.30 38.91
CA LYS C 37 -6.26 -29.70 39.30
C LYS C 37 -7.71 -30.15 39.45
N GLU C 38 -8.66 -29.23 39.55
CA GLU C 38 -10.07 -29.58 39.65
C GLU C 38 -10.66 -30.01 38.32
N MET C 39 -9.87 -29.91 37.23
CA MET C 39 -10.35 -30.27 35.90
C MET C 39 -9.89 -31.63 35.43
N VAL C 40 -8.66 -32.04 35.77
CA VAL C 40 -8.13 -33.32 35.31
C VAL C 40 -7.94 -34.33 36.44
N VAL C 41 -8.30 -34.01 37.68
CA VAL C 41 -8.17 -34.94 38.78
C VAL C 41 -9.50 -35.21 39.46
N PHE C 42 -10.25 -34.16 39.75
CA PHE C 42 -11.53 -34.32 40.46
C PHE C 42 -12.51 -35.25 39.75
N PRO C 43 -12.71 -35.19 38.43
CA PRO C 43 -13.65 -36.15 37.81
C PRO C 43 -13.23 -37.60 37.98
N LEU C 44 -11.94 -37.88 38.20
CA LEU C 44 -11.50 -39.25 38.38
C LEU C 44 -11.46 -39.64 39.86
N LEU C 45 -10.99 -38.73 40.71
CA LEU C 45 -10.88 -39.05 42.12
C LEU C 45 -12.24 -39.13 42.80
N TYR C 46 -13.13 -38.18 42.50
CA TYR C 46 -14.47 -38.13 43.09
C TYR C 46 -15.53 -38.25 42.01
N PRO C 47 -15.66 -39.41 41.37
CA PRO C 47 -16.63 -39.56 40.27
C PRO C 47 -18.06 -39.71 40.72
N GLU C 48 -18.32 -39.80 42.03
CA GLU C 48 -19.66 -40.04 42.55
C GLU C 48 -20.44 -38.76 42.82
N VAL C 49 -19.88 -37.60 42.50
CA VAL C 49 -20.57 -36.34 42.74
C VAL C 49 -21.15 -35.72 41.47
N PHE C 50 -20.40 -35.71 40.37
CA PHE C 50 -20.83 -35.04 39.15
C PHE C 50 -22.10 -35.64 38.56
N GLU C 51 -22.21 -36.97 38.54
CA GLU C 51 -23.41 -37.60 37.98
C GLU C 51 -24.67 -37.26 38.75
N LYS C 52 -24.53 -36.86 40.01
CA LYS C 52 -25.69 -36.37 40.76
C LYS C 52 -26.25 -35.10 40.13
N PHE C 53 -25.36 -34.20 39.69
CA PHE C 53 -25.76 -32.97 39.05
C PHE C 53 -25.55 -32.97 37.54
N LYS C 54 -25.10 -34.09 36.97
CA LYS C 54 -24.81 -34.25 35.54
C LYS C 54 -24.08 -33.03 34.98
N ILE C 55 -22.89 -32.82 35.53
CA ILE C 55 -22.14 -31.58 35.32
C ILE C 55 -21.38 -31.59 34.01
N GLN C 56 -20.57 -32.64 33.77
CA GLN C 56 -19.62 -32.64 32.66
C GLN C 56 -18.75 -31.40 32.75
N PRO C 57 -17.81 -31.35 33.68
CA PRO C 57 -17.08 -30.11 33.97
C PRO C 57 -16.29 -29.63 32.78
N PRO C 58 -15.97 -28.34 32.71
CA PRO C 58 -15.29 -27.78 31.54
C PRO C 58 -13.96 -28.47 31.28
N ARG C 59 -13.60 -28.56 30.01
CA ARG C 59 -12.40 -29.28 29.58
C ARG C 59 -11.60 -28.41 28.60
N GLY C 60 -11.36 -27.17 28.97
CA GLY C 60 -10.59 -26.27 28.11
C GLY C 60 -9.86 -25.20 28.87
N CYS C 61 -8.61 -24.94 28.48
CA CYS C 61 -7.80 -23.89 29.10
C CYS C 61 -6.94 -23.26 28.02
N LEU C 62 -6.50 -22.02 28.28
CA LEU C 62 -5.65 -21.30 27.35
C LEU C 62 -4.78 -20.35 28.15
N PHE C 63 -3.49 -20.63 28.23
CA PHE C 63 -2.58 -19.77 28.98
C PHE C 63 -2.02 -18.67 28.08
N TYR C 64 -1.81 -17.50 28.65
CA TYR C 64 -1.28 -16.36 27.90
C TYR C 64 -0.74 -15.34 28.86
N GLY C 65 0.28 -14.60 28.41
CA GLY C 65 0.87 -13.56 29.21
C GLY C 65 2.14 -13.00 28.61
N PRO C 66 2.76 -12.06 29.31
CA PRO C 66 4.04 -11.52 28.87
C PRO C 66 5.11 -12.60 28.83
N PRO C 67 6.10 -12.46 27.96
CA PRO C 67 7.10 -13.53 27.80
C PRO C 67 7.93 -13.73 29.05
N GLY C 68 8.38 -14.97 29.25
CA GLY C 68 9.25 -15.28 30.36
C GLY C 68 8.60 -15.28 31.72
N THR C 69 7.31 -15.57 31.81
CA THR C 69 6.60 -15.61 33.07
C THR C 69 6.39 -17.03 33.59
N GLY C 70 6.95 -18.02 32.93
CA GLY C 70 6.85 -19.39 33.41
C GLY C 70 5.56 -20.09 33.07
N LYS C 71 5.28 -20.28 31.78
CA LYS C 71 4.10 -21.02 31.39
C LYS C 71 4.37 -22.50 31.19
N THR C 72 5.40 -22.86 30.39
CA THR C 72 5.60 -24.27 30.06
C THR C 72 6.00 -25.11 31.26
N LEU C 73 6.53 -24.47 32.31
CA LEU C 73 6.85 -25.19 33.53
C LEU C 73 5.61 -25.81 34.15
N VAL C 74 4.47 -25.11 34.08
CA VAL C 74 3.22 -25.66 34.59
C VAL C 74 2.84 -26.92 33.83
N ALA C 75 2.94 -26.88 32.50
CA ALA C 75 2.63 -28.06 31.71
C ALA C 75 3.55 -29.22 32.05
N ARG C 76 4.85 -28.93 32.18
CA ARG C 76 5.82 -29.98 32.52
C ARG C 76 5.50 -30.60 33.87
N ALA C 77 5.20 -29.76 34.87
CA ALA C 77 4.90 -30.27 36.19
C ALA C 77 3.63 -31.12 36.18
N LEU C 78 2.59 -30.66 35.47
CA LEU C 78 1.36 -31.43 35.40
C LEU C 78 1.59 -32.78 34.72
N ALA C 79 2.33 -32.79 33.61
CA ALA C 79 2.58 -34.04 32.90
C ALA C 79 3.38 -35.01 33.77
N ASN C 80 4.43 -34.51 34.43
CA ASN C 80 5.25 -35.39 35.25
C ASN C 80 4.48 -35.91 36.45
N GLU C 81 3.63 -35.08 37.05
CA GLU C 81 2.85 -35.52 38.21
C GLU C 81 1.80 -36.55 37.81
N CYS C 82 1.04 -36.28 36.75
CA CYS C 82 -0.04 -37.18 36.39
C CYS C 82 0.47 -38.46 35.73
N SER C 83 1.64 -38.42 35.09
CA SER C 83 2.16 -39.61 34.44
C SER C 83 2.47 -40.71 35.45
N GLN C 84 3.01 -40.33 36.60
CA GLN C 84 3.36 -41.28 37.66
C GLN C 84 2.37 -41.11 38.80
N GLY C 85 1.49 -42.09 38.97
CA GLY C 85 0.50 -42.03 40.01
C GLY C 85 -0.43 -43.22 39.94
N ASP C 86 -1.37 -43.24 40.90
CA ASP C 86 -2.33 -44.35 40.97
C ASP C 86 -3.20 -44.41 39.72
N LYS C 87 -3.69 -43.27 39.25
CA LYS C 87 -4.53 -43.20 38.06
C LYS C 87 -3.66 -42.77 36.90
N ARG C 88 -3.60 -43.61 35.86
CA ARG C 88 -2.73 -43.37 34.72
C ARG C 88 -3.51 -42.66 33.63
N VAL C 89 -2.97 -41.51 33.18
CA VAL C 89 -3.56 -40.74 32.09
C VAL C 89 -2.49 -40.51 31.04
N ALA C 90 -2.85 -40.74 29.78
CA ALA C 90 -1.91 -40.56 28.69
C ALA C 90 -1.60 -39.08 28.49
N PHE C 91 -0.55 -38.81 27.71
CA PHE C 91 -0.12 -37.43 27.47
C PHE C 91 0.46 -37.34 26.06
N PHE C 92 -0.03 -36.37 25.29
CA PHE C 92 0.45 -36.11 23.94
C PHE C 92 0.97 -34.68 23.88
N MET C 93 2.02 -34.47 23.10
CA MET C 93 2.64 -33.17 22.94
C MET C 93 2.77 -32.83 21.46
N ARG C 94 2.62 -31.55 21.13
CA ARG C 94 2.75 -31.08 19.76
C ARG C 94 3.50 -29.76 19.74
N LYS C 95 4.12 -29.47 18.61
CA LYS C 95 4.81 -28.20 18.39
C LYS C 95 3.85 -27.20 17.74
N GLY C 96 4.39 -26.10 17.25
CA GLY C 96 3.58 -25.05 16.66
C GLY C 96 2.77 -25.48 15.45
N ALA C 97 3.44 -25.83 14.36
CA ALA C 97 2.81 -26.18 13.09
C ALA C 97 3.44 -27.44 12.51
N ASP C 98 3.55 -28.47 13.34
CA ASP C 98 4.23 -29.71 12.95
C ASP C 98 3.34 -30.67 12.18
N CYS C 99 2.08 -30.32 11.90
CA CYS C 99 1.14 -31.22 11.26
C CYS C 99 1.05 -31.03 9.75
N LEU C 100 1.57 -29.91 9.23
CA LEU C 100 1.43 -29.60 7.81
C LEU C 100 2.32 -30.50 6.97
N SER C 101 1.78 -30.96 5.84
CA SER C 101 2.50 -31.84 4.94
C SER C 101 2.24 -31.40 3.50
N LYS C 102 3.17 -31.76 2.62
CA LYS C 102 3.09 -31.32 1.23
C LYS C 102 1.86 -31.85 0.51
N TRP C 103 1.53 -33.13 0.73
CA TRP C 103 0.36 -33.70 0.06
C TRP C 103 -0.91 -33.08 0.61
N VAL C 104 -1.88 -32.88 -0.28
CA VAL C 104 -3.10 -32.15 0.08
C VAL C 104 -3.92 -32.94 1.09
N GLY C 105 -3.93 -34.27 0.98
CA GLY C 105 -4.73 -35.09 1.85
C GLY C 105 -4.12 -35.40 3.21
N GLU C 106 -2.89 -34.96 3.46
CA GLU C 106 -2.22 -35.25 4.71
C GLU C 106 -2.11 -34.06 5.64
N SER C 107 -2.44 -32.85 5.17
CA SER C 107 -2.35 -31.67 6.02
C SER C 107 -3.32 -31.76 7.19
N GLU C 108 -4.53 -32.25 6.94
CA GLU C 108 -5.57 -32.29 7.96
C GLU C 108 -5.79 -33.69 8.52
N ARG C 109 -5.27 -34.72 7.86
CA ARG C 109 -5.48 -36.09 8.32
C ARG C 109 -4.69 -36.42 9.57
N GLN C 110 -3.55 -35.76 9.78
CA GLN C 110 -2.77 -36.00 10.99
C GLN C 110 -3.53 -35.63 12.24
N LEU C 111 -4.26 -34.51 12.21
CA LEU C 111 -5.07 -34.13 13.37
C LEU C 111 -6.14 -35.18 13.66
N ARG C 112 -6.78 -35.69 12.60
CA ARG C 112 -7.79 -36.73 12.80
C ARG C 112 -7.18 -37.99 13.41
N LEU C 113 -6.01 -38.39 12.92
CA LEU C 113 -5.33 -39.56 13.49
C LEU C 113 -4.97 -39.33 14.95
N LEU C 114 -4.47 -38.13 15.27
CA LEU C 114 -4.11 -37.83 16.66
C LEU C 114 -5.33 -37.87 17.56
N PHE C 115 -6.44 -37.29 17.10
CA PHE C 115 -7.66 -37.29 17.90
C PHE C 115 -8.18 -38.71 18.10
N ASP C 116 -8.12 -39.54 17.04
CA ASP C 116 -8.56 -40.92 17.17
C ASP C 116 -7.69 -41.68 18.17
N GLN C 117 -6.38 -41.49 18.10
CA GLN C 117 -5.49 -42.16 19.04
C GLN C 117 -5.75 -41.70 20.47
N ALA C 118 -5.98 -40.40 20.66
CA ALA C 118 -6.27 -39.89 21.99
C ALA C 118 -7.58 -40.48 22.53
N TYR C 119 -8.60 -40.55 21.69
CA TYR C 119 -9.88 -41.11 22.12
C TYR C 119 -9.75 -42.59 22.44
N GLN C 120 -8.95 -43.33 21.67
CA GLN C 120 -8.78 -44.76 21.90
C GLN C 120 -8.14 -45.06 23.25
N MET C 121 -7.37 -44.12 23.81
CA MET C 121 -6.69 -44.32 25.07
C MET C 121 -7.16 -43.34 26.15
N ARG C 122 -8.43 -42.96 26.12
CA ARG C 122 -8.93 -42.00 27.09
C ARG C 122 -8.87 -42.59 28.50
N PRO C 123 -8.64 -41.75 29.51
CA PRO C 123 -8.39 -40.31 29.45
C PRO C 123 -7.00 -39.96 28.93
N SER C 124 -6.83 -38.75 28.41
CA SER C 124 -5.56 -38.32 27.84
C SER C 124 -5.53 -36.80 27.84
N ILE C 125 -4.35 -36.25 27.52
CA ILE C 125 -4.14 -34.82 27.48
C ILE C 125 -3.47 -34.45 26.17
N ILE C 126 -4.00 -33.41 25.52
CA ILE C 126 -3.44 -32.88 24.28
C ILE C 126 -2.95 -31.47 24.55
N PHE C 127 -1.71 -31.19 24.17
CA PHE C 127 -1.08 -29.91 24.44
C PHE C 127 -0.63 -29.28 23.12
N PHE C 128 -1.06 -28.05 22.88
CA PHE C 128 -0.59 -27.26 21.74
C PHE C 128 0.35 -26.19 22.28
N ASP C 129 1.55 -26.10 21.69
CA ASP C 129 2.51 -25.09 22.07
C ASP C 129 2.58 -24.02 20.98
N GLN C 130 2.46 -22.76 21.40
CA GLN C 130 2.41 -21.63 20.47
C GLN C 130 1.28 -21.81 19.46
N ILE C 131 0.06 -21.88 20.00
CA ILE C 131 -1.12 -22.09 19.17
C ILE C 131 -1.34 -20.97 18.17
N ASP C 132 -0.81 -19.77 18.45
CA ASP C 132 -0.97 -18.65 17.53
C ASP C 132 -0.29 -18.88 16.19
N GLY C 133 0.60 -19.85 16.10
CA GLY C 133 1.23 -20.22 14.86
C GLY C 133 0.52 -21.35 14.12
N LEU C 134 -0.68 -21.72 14.54
CA LEU C 134 -1.40 -22.83 13.90
C LEU C 134 -2.78 -22.38 13.46
N ALA C 135 -3.43 -21.53 14.24
CA ALA C 135 -4.82 -21.15 14.03
C ALA C 135 -4.95 -19.64 13.96
N PRO C 136 -4.58 -19.03 12.83
CA PRO C 136 -4.79 -17.60 12.67
C PRO C 136 -6.25 -17.29 12.39
N VAL C 137 -6.59 -16.01 12.52
CA VAL C 137 -7.95 -15.58 12.28
C VAL C 137 -8.30 -15.75 10.81
N ARG C 138 -9.49 -16.29 10.54
CA ARG C 138 -9.90 -16.53 9.16
C ARG C 138 -9.98 -15.23 8.37
N SER C 139 -9.40 -15.23 7.17
CA SER C 139 -9.41 -14.07 6.31
C SER C 139 -9.33 -14.52 4.86
N SER C 140 -9.77 -13.64 3.97
CA SER C 140 -9.81 -13.93 2.54
C SER C 140 -8.58 -13.43 1.80
N ARG C 141 -7.63 -12.79 2.49
CA ARG C 141 -6.45 -12.24 1.86
C ARG C 141 -5.22 -13.13 2.05
N GLN C 142 -5.41 -14.43 2.27
CA GLN C 142 -4.31 -15.35 2.41
C GLN C 142 -4.71 -16.68 1.79
N ASP C 143 -3.87 -17.69 1.98
CA ASP C 143 -4.08 -18.99 1.35
C ASP C 143 -5.32 -19.69 1.93
N GLN C 144 -5.62 -20.86 1.37
CA GLN C 144 -6.78 -21.63 1.78
C GLN C 144 -6.46 -22.75 2.76
N ILE C 145 -5.21 -23.22 2.81
CA ILE C 145 -4.89 -24.35 3.67
C ILE C 145 -5.04 -23.98 5.14
N HIS C 146 -4.66 -22.75 5.49
CA HIS C 146 -4.84 -22.30 6.87
C HIS C 146 -6.32 -22.25 7.24
N SER C 147 -7.16 -21.73 6.33
CA SER C 147 -8.59 -21.69 6.59
C SER C 147 -9.16 -23.10 6.72
N SER C 148 -8.69 -24.03 5.89
CA SER C 148 -9.15 -25.41 5.98
C SER C 148 -8.79 -26.02 7.33
N ILE C 149 -7.55 -25.80 7.79
CA ILE C 149 -7.12 -26.36 9.06
C ILE C 149 -7.93 -25.75 10.21
N VAL C 150 -8.13 -24.44 10.17
CA VAL C 150 -8.93 -23.78 11.21
C VAL C 150 -10.35 -24.34 11.22
N SER C 151 -10.94 -24.53 10.04
CA SER C 151 -12.31 -25.01 9.96
C SER C 151 -12.41 -26.42 10.53
N THR C 152 -11.53 -27.32 10.11
CA THR C 152 -11.63 -28.70 10.58
C THR C 152 -11.32 -28.78 12.08
N LEU C 153 -10.45 -27.90 12.58
CA LEU C 153 -10.16 -27.90 14.01
C LEU C 153 -11.38 -27.44 14.81
N LEU C 154 -11.99 -26.34 14.40
CA LEU C 154 -13.14 -25.82 15.13
C LEU C 154 -14.38 -26.70 14.98
N ALA C 155 -14.45 -27.50 13.92
CA ALA C 155 -15.58 -28.41 13.74
C ALA C 155 -15.34 -29.80 14.31
N LEU C 156 -14.09 -30.13 14.62
CA LEU C 156 -13.75 -31.47 15.09
C LEU C 156 -13.73 -31.58 16.61
N MET C 157 -13.40 -30.49 17.32
CA MET C 157 -13.26 -30.56 18.76
C MET C 157 -14.61 -30.79 19.45
N ASP C 158 -15.65 -30.12 18.97
CA ASP C 158 -16.99 -30.24 19.56
C ASP C 158 -18.00 -30.10 18.41
N GLY C 159 -18.42 -31.24 17.87
CA GLY C 159 -19.37 -31.25 16.78
C GLY C 159 -20.54 -32.18 17.02
N LEU C 160 -20.75 -33.13 16.13
CA LEU C 160 -21.87 -34.06 16.19
C LEU C 160 -21.53 -35.35 16.93
N ASP C 161 -20.33 -35.48 17.47
CA ASP C 161 -19.85 -36.75 18.00
C ASP C 161 -19.65 -36.79 19.50
N SER C 162 -19.57 -35.62 20.17
CA SER C 162 -19.40 -35.57 21.63
C SER C 162 -18.13 -36.30 22.05
N ARG C 163 -17.00 -35.70 21.67
CA ARG C 163 -15.69 -36.34 21.82
C ARG C 163 -15.47 -36.99 23.18
N GLY C 164 -16.15 -36.52 24.21
CA GLY C 164 -16.10 -37.17 25.51
C GLY C 164 -15.08 -36.50 26.44
N GLU C 165 -14.17 -37.30 26.99
CA GLU C 165 -13.21 -36.83 27.99
C GLU C 165 -11.86 -36.56 27.32
N ILE C 166 -11.78 -35.44 26.62
CA ILE C 166 -10.53 -34.95 26.04
C ILE C 166 -10.36 -33.49 26.45
N VAL C 167 -9.16 -33.14 26.91
CA VAL C 167 -8.86 -31.81 27.40
C VAL C 167 -7.76 -31.21 26.54
N VAL C 168 -8.01 -30.01 26.02
CA VAL C 168 -7.08 -29.32 25.13
C VAL C 168 -6.50 -28.12 25.87
N ILE C 169 -5.18 -27.95 25.76
CA ILE C 169 -4.48 -26.85 26.39
C ILE C 169 -3.59 -26.16 25.36
N GLY C 170 -3.69 -24.84 25.30
CA GLY C 170 -2.85 -24.06 24.41
C GLY C 170 -2.15 -22.95 25.15
N ALA C 171 -1.10 -22.41 24.52
CA ALA C 171 -0.32 -21.33 25.10
C ALA C 171 0.10 -20.39 23.97
N THR C 172 0.12 -19.09 24.28
CA THR C 172 0.51 -18.10 23.29
C THR C 172 0.86 -16.80 24.00
N ASN C 173 1.41 -15.86 23.23
CA ASN C 173 1.76 -14.55 23.73
C ASN C 173 0.88 -13.44 23.19
N ARG C 174 0.21 -13.68 22.06
CA ARG C 174 -0.62 -12.68 21.39
C ARG C 174 -2.05 -13.22 21.36
N LEU C 175 -2.83 -12.85 22.39
CA LEU C 175 -4.17 -13.41 22.53
C LEU C 175 -5.11 -12.90 21.45
N ASP C 176 -4.98 -11.63 21.06
CA ASP C 176 -5.94 -11.03 20.15
C ASP C 176 -5.86 -11.58 18.73
N SER C 177 -4.91 -12.47 18.44
CA SER C 177 -4.73 -13.04 17.10
C SER C 177 -5.31 -14.44 17.01
N ILE C 178 -6.41 -14.71 17.70
CA ILE C 178 -7.08 -16.00 17.64
C ILE C 178 -8.48 -15.79 17.06
N ASP C 179 -8.88 -16.69 16.18
CA ASP C 179 -10.22 -16.62 15.60
C ASP C 179 -11.26 -16.67 16.71
N PRO C 180 -12.17 -15.70 16.79
CA PRO C 180 -13.14 -15.68 17.89
C PRO C 180 -14.03 -16.90 17.94
N ALA C 181 -14.21 -17.60 16.82
CA ALA C 181 -15.00 -18.83 16.84
C ALA C 181 -14.40 -19.90 17.72
N LEU C 182 -13.08 -19.90 17.92
CA LEU C 182 -12.43 -20.85 18.82
C LEU C 182 -12.61 -20.50 20.28
N ARG C 183 -12.90 -19.24 20.61
CA ARG C 183 -12.99 -18.79 21.99
C ARG C 183 -14.46 -18.59 22.34
N ARG C 184 -15.10 -19.68 22.77
CA ARG C 184 -16.42 -19.64 23.38
C ARG C 184 -16.65 -20.98 24.05
N PRO C 185 -17.46 -21.05 25.11
CA PRO C 185 -17.54 -22.29 25.89
C PRO C 185 -17.92 -23.48 25.02
N GLY C 186 -17.25 -24.60 25.28
CA GLY C 186 -17.36 -25.78 24.44
C GLY C 186 -16.04 -26.10 23.77
N ARG C 187 -15.31 -25.07 23.35
CA ARG C 187 -14.02 -25.24 22.68
C ARG C 187 -12.86 -24.87 23.59
N PHE C 188 -12.80 -23.60 24.02
CA PHE C 188 -11.84 -23.11 25.01
C PHE C 188 -12.64 -22.44 26.13
N ASP C 189 -12.76 -23.14 27.25
CA ASP C 189 -13.67 -22.69 28.30
C ASP C 189 -13.07 -21.56 29.13
N ARG C 190 -11.94 -21.82 29.78
CA ARG C 190 -11.33 -20.87 30.70
C ARG C 190 -10.06 -20.29 30.13
N GLU C 191 -9.77 -19.05 30.50
CA GLU C 191 -8.53 -18.37 30.14
C GLU C 191 -7.85 -17.90 31.43
N PHE C 192 -6.53 -18.02 31.47
CA PHE C 192 -5.75 -17.70 32.66
C PHE C 192 -4.73 -16.63 32.31
N LEU C 193 -4.55 -15.67 33.22
CA LEU C 193 -3.61 -14.57 33.02
C LEU C 193 -2.35 -14.82 33.83
N PHE C 194 -1.20 -14.76 33.17
CA PHE C 194 0.10 -15.04 33.78
C PHE C 194 0.88 -13.74 33.84
N SER C 195 0.76 -13.01 34.94
CA SER C 195 1.38 -11.71 35.10
C SER C 195 2.78 -11.87 35.67
N LEU C 196 3.53 -10.77 35.65
CA LEU C 196 4.86 -10.76 36.23
C LEU C 196 4.78 -10.98 37.74
N PRO C 197 5.75 -11.67 38.33
CA PRO C 197 5.72 -11.91 39.77
C PRO C 197 5.92 -10.61 40.54
N ASP C 198 5.24 -10.54 41.69
CA ASP C 198 5.32 -9.40 42.59
C ASP C 198 6.40 -9.65 43.64
N LYS C 199 6.36 -8.86 44.72
CA LYS C 199 7.39 -8.92 45.75
C LYS C 199 7.51 -10.32 46.36
N GLU C 200 6.39 -10.88 46.83
CA GLU C 200 6.46 -12.11 47.62
C GLU C 200 6.80 -13.31 46.74
N ALA C 201 6.25 -13.34 45.52
CA ALA C 201 6.55 -14.42 44.60
C ALA C 201 8.02 -14.47 44.24
N ARG C 202 8.68 -13.31 44.12
CA ARG C 202 10.12 -13.30 43.85
C ARG C 202 10.89 -13.95 44.99
N LYS C 203 10.52 -13.64 46.23
CA LYS C 203 11.15 -14.29 47.37
C LYS C 203 10.92 -15.79 47.34
N GLU C 204 9.70 -16.20 47.01
CA GLU C 204 9.40 -17.64 46.95
C GLU C 204 10.23 -18.34 45.89
N ILE C 205 10.39 -17.73 44.71
CA ILE C 205 11.15 -18.38 43.66
C ILE C 205 12.64 -18.38 43.99
N LEU C 206 13.12 -17.35 44.71
CA LEU C 206 14.47 -17.40 45.23
C LEU C 206 14.63 -18.58 46.19
N LYS C 207 13.66 -18.78 47.07
CA LYS C 207 13.71 -19.91 47.98
C LYS C 207 13.74 -21.22 47.21
N ILE C 208 12.99 -21.29 46.11
CA ILE C 208 12.95 -22.51 45.30
C ILE C 208 14.29 -22.77 44.63
N HIS C 209 14.92 -21.73 44.10
CA HIS C 209 16.08 -21.90 43.23
C HIS C 209 17.41 -21.96 43.96
N THR C 210 17.43 -21.91 45.29
CA THR C 210 18.67 -21.99 46.06
C THR C 210 18.55 -23.01 47.18
N ARG C 211 17.61 -23.94 47.02
CA ARG C 211 17.28 -24.90 48.06
C ARG C 211 18.46 -25.77 48.47
N ASP C 212 19.17 -26.34 47.49
CA ASP C 212 20.24 -27.29 47.78
C ASP C 212 21.61 -26.62 47.73
N TRP C 213 21.85 -25.72 48.68
CA TRP C 213 23.16 -25.12 48.88
C TRP C 213 23.63 -25.43 50.30
N ASN C 214 24.84 -25.97 50.41
CA ASN C 214 25.36 -26.37 51.72
C ASN C 214 25.50 -25.19 52.68
N PRO C 215 26.14 -24.06 52.31
CA PRO C 215 26.09 -22.89 53.19
C PRO C 215 24.79 -22.12 52.96
N LYS C 216 23.72 -22.55 53.60
CA LYS C 216 22.39 -22.02 53.30
C LYS C 216 22.31 -20.54 53.63
N PRO C 217 21.98 -19.68 52.66
CA PRO C 217 21.86 -18.25 52.94
C PRO C 217 20.72 -17.95 53.89
N LEU C 218 20.90 -16.87 54.67
CA LEU C 218 19.87 -16.45 55.61
C LEU C 218 18.69 -15.84 54.88
N ASP C 219 17.48 -16.06 55.43
CA ASP C 219 16.27 -15.54 54.80
C ASP C 219 16.22 -14.02 54.79
N THR C 220 16.74 -13.36 55.83
CA THR C 220 16.75 -11.91 55.85
C THR C 220 17.58 -11.31 54.72
N PHE C 221 18.60 -12.02 54.24
CA PHE C 221 19.34 -11.58 53.07
C PHE C 221 18.50 -11.66 51.81
N LEU C 222 17.78 -12.77 51.63
CA LEU C 222 16.92 -12.91 50.46
C LEU C 222 15.81 -11.88 50.45
N GLU C 223 15.21 -11.61 51.62
CA GLU C 223 14.16 -10.62 51.70
C GLU C 223 14.67 -9.24 51.31
N GLU C 224 15.86 -8.88 51.79
CA GLU C 224 16.45 -7.60 51.39
C GLU C 224 16.75 -7.56 49.90
N LEU C 225 17.24 -8.67 49.35
CA LEU C 225 17.60 -8.71 47.94
C LEU C 225 16.37 -8.67 47.03
N ALA C 226 15.22 -9.17 47.50
CA ALA C 226 14.05 -9.29 46.64
C ALA C 226 13.57 -7.92 46.17
N GLU C 227 13.51 -6.93 47.08
CA GLU C 227 13.03 -5.62 46.70
C GLU C 227 13.97 -4.92 45.72
N ASN C 228 15.22 -5.33 45.63
CA ASN C 228 16.13 -4.75 44.67
C ASN C 228 15.84 -5.21 43.24
N CYS C 229 15.26 -6.40 43.07
CA CYS C 229 15.02 -6.95 41.74
C CYS C 229 13.58 -6.65 41.32
N VAL C 230 13.38 -5.45 40.81
CA VAL C 230 12.08 -5.02 40.30
C VAL C 230 12.07 -5.22 38.79
N GLY C 231 10.99 -5.80 38.28
CA GLY C 231 10.86 -6.09 36.87
C GLY C 231 11.43 -7.41 36.44
N TYR C 232 12.11 -8.13 37.33
CA TYR C 232 12.61 -9.46 37.00
C TYR C 232 11.48 -10.46 36.95
N CYS C 233 11.71 -11.57 36.27
CA CYS C 233 10.69 -12.61 36.14
C CYS C 233 11.34 -13.94 35.76
N GLY C 234 11.32 -14.90 36.68
CA GLY C 234 11.68 -16.27 36.35
C GLY C 234 13.09 -16.47 35.82
N ALA C 235 13.18 -16.69 34.51
CA ALA C 235 14.44 -17.06 33.89
C ALA C 235 15.54 -16.05 34.19
N ASP C 236 15.16 -14.77 34.39
CA ASP C 236 16.14 -13.78 34.81
C ASP C 236 16.73 -14.14 36.17
N ILE C 237 15.88 -14.52 37.12
CA ILE C 237 16.37 -14.94 38.44
C ILE C 237 17.25 -16.17 38.30
N LYS C 238 16.82 -17.13 37.48
CA LYS C 238 17.63 -18.34 37.30
C LYS C 238 19.00 -18.02 36.72
N SER C 239 19.07 -17.10 35.75
CA SER C 239 20.34 -16.73 35.16
C SER C 239 21.22 -15.98 36.15
N ILE C 240 20.61 -15.13 36.98
CA ILE C 240 21.38 -14.42 38.00
C ILE C 240 22.00 -15.41 38.98
N CYS C 241 21.23 -16.42 39.39
CA CYS C 241 21.73 -17.39 40.35
C CYS C 241 22.91 -18.18 39.82
N ALA C 242 23.11 -18.21 38.50
CA ALA C 242 24.26 -18.91 37.94
C ALA C 242 25.42 -17.95 37.69
N GLU C 243 25.12 -16.76 37.17
CA GLU C 243 26.16 -15.77 36.93
C GLU C 243 26.85 -15.40 38.24
N ALA C 244 26.13 -15.49 39.36
CA ALA C 244 26.77 -15.22 40.65
C ALA C 244 27.87 -16.23 40.95
N ALA C 245 27.59 -17.51 40.74
CA ALA C 245 28.61 -18.54 40.97
C ALA C 245 29.78 -18.37 40.01
N LEU C 246 29.48 -18.03 38.76
CA LEU C 246 30.56 -17.79 37.81
C LEU C 246 31.44 -16.62 38.25
N CYS C 247 30.82 -15.55 38.77
CA CYS C 247 31.61 -14.42 39.25
C CYS C 247 32.44 -14.80 40.46
N ALA C 248 31.90 -15.67 41.33
CA ALA C 248 32.69 -16.14 42.47
C ALA C 248 33.92 -16.92 42.01
N LEU C 249 33.73 -17.81 41.03
CA LEU C 249 34.88 -18.54 40.49
C LEU C 249 35.88 -17.59 39.84
N ARG C 250 35.38 -16.55 39.18
CA ARG C 250 36.24 -15.51 38.64
C ARG C 250 37.06 -14.81 39.71
N ARG C 251 36.43 -14.45 40.82
CA ARG C 251 37.11 -13.78 41.92
C ARG C 251 38.11 -14.68 42.63
N ARG C 252 37.88 -15.99 42.63
CA ARG C 252 38.72 -16.91 43.38
C ARG C 252 39.98 -17.35 42.65
N TYR C 253 39.88 -17.70 41.36
CA TYR C 253 41.01 -18.20 40.59
C TYR C 253 41.13 -17.42 39.28
N PRO C 254 41.67 -16.20 39.32
CA PRO C 254 41.75 -15.38 38.10
C PRO C 254 42.79 -15.85 37.10
N GLN C 255 43.54 -16.91 37.38
CA GLN C 255 44.63 -17.35 36.52
C GLN C 255 44.21 -18.46 35.56
N ILE C 256 42.91 -18.74 35.46
CA ILE C 256 42.46 -19.90 34.69
C ILE C 256 42.41 -19.65 33.19
N TYR C 257 42.32 -18.39 32.75
CA TYR C 257 42.14 -18.11 31.34
C TYR C 257 43.42 -18.09 30.54
N THR C 258 44.59 -18.07 31.19
CA THR C 258 45.86 -17.98 30.51
C THR C 258 46.52 -19.36 30.42
N THR C 259 45.71 -20.41 30.36
CA THR C 259 46.24 -21.76 30.34
C THR C 259 45.32 -22.64 29.49
N SER C 260 45.92 -23.51 28.70
CA SER C 260 45.20 -24.45 27.86
C SER C 260 45.25 -25.86 28.42
N GLU C 261 45.51 -26.00 29.72
CA GLU C 261 45.57 -27.29 30.37
C GLU C 261 44.81 -27.24 31.69
N LYS C 262 44.26 -28.39 32.08
CA LYS C 262 43.51 -28.47 33.33
C LYS C 262 44.45 -28.26 34.52
N LEU C 263 43.99 -27.48 35.50
CA LEU C 263 44.74 -27.21 36.71
C LEU C 263 44.14 -27.97 37.88
N GLN C 264 44.70 -27.75 39.07
CA GLN C 264 44.23 -28.37 40.30
C GLN C 264 43.42 -27.35 41.07
N LEU C 265 42.16 -27.68 41.35
CA LEU C 265 41.24 -26.77 42.00
C LEU C 265 40.81 -27.35 43.35
N ASP C 266 40.58 -26.47 44.32
CA ASP C 266 40.17 -26.87 45.67
C ASP C 266 38.76 -26.36 45.91
N LEU C 267 37.84 -27.26 46.22
CA LEU C 267 36.42 -26.93 46.39
C LEU C 267 36.10 -26.64 47.85
N SER C 268 36.87 -25.71 48.43
CA SER C 268 36.61 -25.28 49.80
C SER C 268 36.57 -23.78 50.00
N SER C 269 37.11 -23.00 49.07
CA SER C 269 37.11 -21.54 49.15
C SER C 269 36.26 -20.94 48.04
N ILE C 270 35.10 -21.57 47.77
CA ILE C 270 34.23 -21.15 46.68
C ILE C 270 32.92 -20.66 47.29
N ASN C 271 33.01 -20.07 48.47
CA ASN C 271 31.83 -19.55 49.13
C ASN C 271 31.33 -18.29 48.44
N ILE C 272 30.09 -17.91 48.76
CA ILE C 272 29.40 -16.81 48.08
C ILE C 272 29.29 -15.62 49.03
N SER C 273 29.57 -14.43 48.52
CA SER C 273 29.49 -13.20 49.29
C SER C 273 28.51 -12.24 48.60
N ALA C 274 28.20 -11.15 49.32
CA ALA C 274 27.22 -10.19 48.81
C ALA C 274 27.77 -9.37 47.65
N LYS C 275 29.06 -9.02 47.69
CA LYS C 275 29.64 -8.19 46.63
C LYS C 275 29.55 -8.89 45.28
N ASP C 276 29.59 -10.23 45.28
CA ASP C 276 29.39 -10.96 44.04
C ASP C 276 28.01 -10.71 43.47
N PHE C 277 26.97 -10.78 44.31
CA PHE C 277 25.63 -10.52 43.82
C PHE C 277 25.49 -9.07 43.38
N GLU C 278 26.18 -8.16 44.06
CA GLU C 278 26.16 -6.76 43.63
C GLU C 278 26.72 -6.61 42.23
N VAL C 279 27.87 -7.23 41.98
CA VAL C 279 28.49 -7.16 40.65
C VAL C 279 27.57 -7.80 39.60
N ALA C 280 27.02 -8.98 39.91
CA ALA C 280 26.16 -9.67 38.96
C ALA C 280 24.93 -8.85 38.63
N MET C 281 24.28 -8.26 39.64
CA MET C 281 23.12 -7.42 39.41
C MET C 281 23.49 -6.18 38.60
N GLN C 282 24.65 -5.60 38.85
CA GLN C 282 25.09 -4.45 38.07
C GLN C 282 25.29 -4.81 36.60
N LYS C 283 25.85 -5.98 36.32
CA LYS C 283 26.14 -6.38 34.95
C LYS C 283 24.89 -6.71 34.15
N MET C 284 23.79 -7.09 34.79
CA MET C 284 22.66 -7.70 34.10
C MET C 284 21.51 -6.69 34.05
N ILE C 285 20.65 -6.84 33.06
CA ILE C 285 19.45 -6.01 32.90
C ILE C 285 18.23 -6.92 32.73
N PRO C 286 17.05 -6.51 33.17
CA PRO C 286 15.89 -7.40 33.08
C PRO C 286 15.44 -7.60 31.64
N ALA C 287 14.67 -8.68 31.45
CA ALA C 287 14.19 -9.06 30.13
C ALA C 287 13.04 -8.20 29.63
N SER C 288 12.18 -7.70 30.52
CA SER C 288 11.00 -6.96 30.08
C SER C 288 11.38 -5.64 29.43
N GLN C 289 12.07 -4.77 30.17
CA GLN C 289 12.45 -3.46 29.66
C GLN C 289 13.77 -3.51 28.91
N ARG C 290 13.86 -4.40 27.92
CA ARG C 290 15.03 -4.49 27.06
C ARG C 290 14.84 -3.84 25.71
N ALA C 291 13.65 -3.95 25.11
CA ALA C 291 13.36 -3.30 23.85
C ALA C 291 12.86 -1.87 24.04
N VAL C 292 12.16 -1.60 25.14
CA VAL C 292 11.70 -0.27 25.50
C VAL C 292 12.13 0.01 26.93
N THR C 293 11.73 1.17 27.44
CA THR C 293 12.04 1.55 28.82
C THR C 293 10.74 1.78 29.57
N SER C 294 10.65 1.22 30.77
CA SER C 294 9.46 1.41 31.59
C SER C 294 9.52 2.77 32.28
N PRO C 295 8.38 3.42 32.48
CA PRO C 295 8.35 4.74 33.12
C PRO C 295 8.39 4.66 34.64
N GLY C 296 9.35 3.91 35.17
CA GLY C 296 9.50 3.80 36.61
C GLY C 296 10.94 3.56 37.04
N GLN C 297 11.45 4.42 37.92
CA GLN C 297 12.82 4.33 38.41
C GLN C 297 12.86 4.78 39.85
N ALA C 298 13.72 4.15 40.64
CA ALA C 298 13.85 4.52 42.04
C ALA C 298 14.90 5.61 42.21
N LEU C 299 14.93 6.20 43.41
CA LEU C 299 15.92 7.22 43.71
C LEU C 299 17.33 6.63 43.67
N SER C 300 18.25 7.36 43.05
CA SER C 300 19.65 6.98 43.10
C SER C 300 20.20 7.21 44.51
N THR C 301 21.25 6.46 44.83
CA THR C 301 21.83 6.55 46.18
C THR C 301 22.34 7.94 46.50
N VAL C 302 22.82 8.68 45.50
CA VAL C 302 23.34 10.02 45.74
C VAL C 302 22.21 10.97 46.11
N VAL C 303 21.07 10.87 45.45
CA VAL C 303 19.98 11.81 45.68
C VAL C 303 19.00 11.31 46.73
N LYS C 304 19.08 10.04 47.12
CA LYS C 304 18.08 9.44 48.01
C LYS C 304 17.86 10.22 49.32
N PRO C 305 18.90 10.59 50.10
CA PRO C 305 18.62 11.18 51.41
C PRO C 305 18.18 12.64 51.32
N LEU C 306 17.23 12.94 50.44
CA LEU C 306 16.67 14.28 50.33
C LEU C 306 15.16 14.33 50.14
N LEU C 307 14.51 13.25 49.68
CA LEU C 307 13.12 13.34 49.28
C LEU C 307 12.23 12.22 49.81
N GLN C 308 12.71 11.39 50.73
CA GLN C 308 11.87 10.33 51.28
C GLN C 308 10.67 10.90 52.03
N ASN C 309 10.86 12.02 52.73
CA ASN C 309 9.73 12.64 53.42
C ASN C 309 8.67 13.09 52.44
N THR C 310 9.08 13.72 51.34
CA THR C 310 8.11 14.15 50.33
C THR C 310 7.43 12.95 49.69
N VAL C 311 8.18 11.89 49.41
CA VAL C 311 7.59 10.68 48.81
C VAL C 311 6.56 10.09 49.76
N ASP C 312 6.87 10.04 51.05
CA ASP C 312 5.93 9.49 52.02
C ASP C 312 4.68 10.36 52.13
N LYS C 313 4.85 11.69 52.10
CA LYS C 313 3.68 12.57 52.12
C LYS C 313 2.80 12.35 50.90
N ILE C 314 3.43 12.21 49.72
CA ILE C 314 2.66 11.94 48.52
C ILE C 314 1.91 10.62 48.64
N LEU C 315 2.59 9.59 49.14
CA LEU C 315 1.94 8.29 49.31
C LEU C 315 0.77 8.37 50.27
N GLU C 316 0.91 9.15 51.35
CA GLU C 316 -0.22 9.34 52.26
C GLU C 316 -1.37 10.05 51.56
N ALA C 317 -1.06 11.04 50.72
CA ALA C 317 -2.12 11.72 49.97
C ALA C 317 -2.85 10.75 49.06
N LEU C 318 -2.11 9.90 48.34
CA LEU C 318 -2.73 8.88 47.50
C LEU C 318 -3.60 7.95 48.33
N GLN C 319 -3.08 7.49 49.47
CA GLN C 319 -3.87 6.62 50.34
C GLN C 319 -5.16 7.30 50.77
N ARG C 320 -5.11 8.61 51.00
CA ARG C 320 -6.33 9.35 51.30
C ARG C 320 -7.28 9.34 50.11
N VAL C 321 -6.76 9.49 48.89
CA VAL C 321 -7.60 9.59 47.71
C VAL C 321 -7.83 8.21 47.10
N PHE C 322 -6.75 7.45 46.92
CA PHE C 322 -6.80 6.12 46.31
C PHE C 322 -6.66 5.10 47.44
N PRO C 323 -7.74 4.44 47.85
CA PRO C 323 -7.68 3.56 49.02
C PRO C 323 -6.99 2.22 48.78
N HIS C 324 -6.77 1.83 47.53
CA HIS C 324 -6.18 0.53 47.21
C HIS C 324 -4.71 0.44 47.60
N ALA C 325 -4.07 1.55 47.95
CA ALA C 325 -2.66 1.54 48.32
C ALA C 325 -2.43 0.75 49.60
N TYR C 384 -16.14 -7.61 51.80
CA TYR C 384 -15.86 -6.18 51.85
C TYR C 384 -14.65 -5.81 50.99
N GLN C 385 -14.82 -4.76 50.19
CA GLN C 385 -13.73 -4.20 49.40
C GLN C 385 -13.77 -2.69 49.54
N PRO C 386 -12.62 -2.03 49.47
CA PRO C 386 -12.61 -0.56 49.57
C PRO C 386 -13.32 0.08 48.39
N MET C 387 -13.89 1.25 48.64
CA MET C 387 -14.68 1.97 47.66
C MET C 387 -13.96 3.23 47.22
N SER C 388 -14.08 3.57 45.94
CA SER C 388 -13.45 4.75 45.39
C SER C 388 -14.29 5.29 44.25
N PHE C 389 -14.08 6.57 43.93
CA PHE C 389 -14.86 7.25 42.90
C PHE C 389 -13.91 8.15 42.09
N ARG C 390 -13.44 7.64 40.96
CA ARG C 390 -12.62 8.38 40.00
C ARG C 390 -11.41 9.02 40.66
N PRO C 391 -10.42 8.25 41.08
CA PRO C 391 -9.24 8.84 41.71
C PRO C 391 -8.40 9.64 40.72
N ARG C 392 -8.04 10.85 41.13
CA ARG C 392 -7.19 11.72 40.33
C ARG C 392 -6.28 12.50 41.26
N ILE C 393 -5.17 13.00 40.71
CA ILE C 393 -4.21 13.79 41.48
C ILE C 393 -3.34 14.56 40.50
N LEU C 394 -2.71 15.63 41.00
CA LEU C 394 -1.86 16.48 40.19
C LEU C 394 -0.79 17.07 41.08
N ILE C 395 0.48 16.82 40.76
CA ILE C 395 1.60 17.40 41.49
C ILE C 395 2.03 18.66 40.76
N VAL C 396 2.12 19.77 41.50
CA VAL C 396 2.49 21.05 40.94
C VAL C 396 3.63 21.64 41.75
N GLY C 397 4.50 22.38 41.07
CA GLY C 397 5.62 23.01 41.74
C GLY C 397 6.32 23.97 40.81
N GLU C 398 7.10 24.86 41.42
CA GLU C 398 7.85 25.84 40.66
C GLU C 398 8.92 25.14 39.82
N PRO C 399 9.32 25.75 38.70
CA PRO C 399 10.36 25.12 37.86
C PRO C 399 11.65 24.96 38.65
N GLY C 400 12.31 23.82 38.42
CA GLY C 400 13.51 23.49 39.14
C GLY C 400 13.29 22.80 40.46
N PHE C 401 12.04 22.68 40.92
CA PHE C 401 11.75 21.98 42.16
C PHE C 401 11.87 20.47 42.02
N GLY C 402 11.96 19.95 40.79
CA GLY C 402 12.14 18.53 40.58
C GLY C 402 10.90 17.71 40.84
N GLN C 403 9.81 18.00 40.11
CA GLN C 403 8.59 17.21 40.23
C GLN C 403 8.30 16.36 39.01
N GLY C 404 8.81 16.74 37.84
CA GLY C 404 8.55 15.98 36.62
C GLY C 404 9.69 15.07 36.24
N SER C 405 10.74 15.03 37.06
CA SER C 405 11.90 14.22 36.75
C SER C 405 12.40 13.35 37.88
N HIS C 406 11.97 13.58 39.13
CA HIS C 406 12.49 12.81 40.24
C HIS C 406 11.37 12.23 41.10
N LEU C 407 10.24 12.92 41.16
CA LEU C 407 9.17 12.56 42.09
C LEU C 407 8.19 11.55 41.48
N ALA C 408 7.59 11.91 40.35
CA ALA C 408 6.58 11.03 39.74
C ALA C 408 7.13 9.65 39.38
N PRO C 409 8.30 9.51 38.76
CA PRO C 409 8.83 8.14 38.56
C PRO C 409 9.05 7.40 39.85
N ALA C 410 9.42 8.08 40.93
CA ALA C 410 9.57 7.42 42.21
C ALA C 410 8.24 6.86 42.70
N VAL C 411 7.17 7.64 42.59
CA VAL C 411 5.85 7.16 43.00
C VAL C 411 5.43 5.97 42.14
N ILE C 412 5.67 6.05 40.83
CA ILE C 412 5.31 4.95 39.94
C ILE C 412 6.06 3.68 40.33
N HIS C 413 7.36 3.82 40.61
CA HIS C 413 8.16 2.65 41.00
C HIS C 413 7.69 2.06 42.32
N ALA C 414 7.38 2.92 43.30
CA ALA C 414 6.95 2.43 44.61
C ALA C 414 5.65 1.63 44.50
N LEU C 415 4.71 2.11 43.69
CA LEU C 415 3.44 1.43 43.51
C LEU C 415 3.54 0.37 42.41
N GLU C 416 4.27 -0.70 42.73
CA GLU C 416 4.39 -1.82 41.81
C GLU C 416 3.11 -2.65 41.87
N LYS C 417 3.13 -3.83 41.24
CA LYS C 417 2.02 -4.77 41.10
C LYS C 417 0.79 -4.09 40.50
N PHE C 418 0.99 -2.90 39.94
CA PHE C 418 -0.02 -2.21 39.13
C PHE C 418 0.62 -1.91 37.79
N THR C 419 0.10 -2.52 36.72
CA THR C 419 0.67 -2.30 35.41
C THR C 419 0.52 -0.84 34.99
N VAL C 420 1.56 -0.30 34.36
CA VAL C 420 1.64 1.12 34.04
C VAL C 420 1.48 1.30 32.54
N TYR C 421 0.89 2.44 32.16
CA TYR C 421 0.71 2.83 30.77
C TYR C 421 1.13 4.29 30.64
N THR C 422 2.34 4.54 30.15
CA THR C 422 2.80 5.90 29.95
C THR C 422 2.09 6.52 28.75
N LEU C 423 2.02 7.85 28.77
CA LEU C 423 1.33 8.58 27.70
C LEU C 423 1.90 10.00 27.66
N ASP C 424 2.79 10.26 26.71
CA ASP C 424 3.41 11.56 26.59
C ASP C 424 3.89 11.75 25.16
N ILE C 425 4.62 12.84 24.91
CA ILE C 425 5.04 13.24 23.58
C ILE C 425 5.91 12.18 22.90
N PRO C 426 6.96 11.64 23.54
CA PRO C 426 7.83 10.68 22.82
C PRO C 426 7.13 9.38 22.45
N VAL C 427 5.97 9.08 23.03
CA VAL C 427 5.27 7.84 22.68
C VAL C 427 4.17 8.11 21.66
N LEU C 428 3.46 9.24 21.80
CA LEU C 428 2.40 9.55 20.87
C LEU C 428 2.92 9.72 19.44
N PHE C 429 4.03 10.43 19.29
CA PHE C 429 4.60 10.69 17.97
C PHE C 429 5.79 9.81 17.65
N GLY C 430 6.52 9.33 18.67
CA GLY C 430 7.76 8.61 18.45
C GLY C 430 7.64 7.37 17.58
N VAL C 431 6.47 6.77 17.49
CA VAL C 431 6.23 5.64 16.60
C VAL C 431 5.35 6.12 15.45
N SER C 432 5.79 5.83 14.22
CA SER C 432 5.06 6.23 13.04
C SER C 432 4.13 5.11 12.59
N THR C 433 3.60 5.23 11.37
CA THR C 433 2.75 4.20 10.75
C THR C 433 1.47 3.96 11.53
N THR C 434 1.04 4.94 12.32
CA THR C 434 -0.20 4.83 13.06
C THR C 434 -0.69 6.23 13.44
N SER C 435 -1.94 6.31 13.78
CA SER C 435 -2.48 7.60 14.20
C SER C 435 -2.45 7.71 15.72
N PRO C 436 -2.26 8.93 16.24
CA PRO C 436 -2.28 9.10 17.71
C PRO C 436 -3.59 8.66 18.34
N GLU C 437 -4.70 8.85 17.65
CA GLU C 437 -6.00 8.47 18.21
C GLU C 437 -6.07 6.96 18.44
N GLU C 438 -5.55 6.17 17.50
CA GLU C 438 -5.53 4.73 17.69
C GLU C 438 -4.73 4.35 18.93
N THR C 439 -3.56 4.98 19.10
CA THR C 439 -2.72 4.65 20.25
C THR C 439 -3.41 5.02 21.57
N CYS C 440 -4.00 6.22 21.63
CA CYS C 440 -4.61 6.62 22.89
C CYS C 440 -5.84 5.78 23.21
N ALA C 441 -6.64 5.43 22.20
CA ALA C 441 -7.76 4.54 22.44
C ALA C 441 -7.30 3.16 22.91
N GLN C 442 -6.26 2.62 22.26
CA GLN C 442 -5.77 1.30 22.65
C GLN C 442 -5.25 1.30 24.08
N VAL C 443 -4.49 2.33 24.44
CA VAL C 443 -3.95 2.40 25.79
C VAL C 443 -5.04 2.43 26.85
N ILE C 444 -6.06 3.28 26.67
CA ILE C 444 -7.14 3.35 27.63
C ILE C 444 -7.94 2.05 27.68
N ARG C 445 -8.25 1.44 26.53
CA ARG C 445 -8.98 0.18 26.56
C ARG C 445 -8.19 -0.91 27.28
N GLU C 446 -6.89 -0.99 27.00
CA GLU C 446 -6.07 -1.99 27.66
C GLU C 446 -6.01 -1.75 29.16
N ALA C 447 -5.87 -0.49 29.57
CA ALA C 447 -5.85 -0.17 30.99
C ALA C 447 -7.17 -0.53 31.66
N LYS C 448 -8.29 -0.31 30.95
CA LYS C 448 -9.59 -0.70 31.48
C LYS C 448 -9.66 -2.22 31.64
N ARG C 449 -9.10 -2.97 30.69
CA ARG C 449 -9.15 -4.43 30.78
C ARG C 449 -8.44 -4.95 32.02
N THR C 450 -7.27 -4.39 32.32
CA THR C 450 -6.43 -4.88 33.43
C THR C 450 -6.58 -4.02 34.67
N ALA C 451 -7.78 -3.53 34.94
CA ALA C 451 -7.99 -2.72 36.13
C ALA C 451 -7.68 -3.53 37.39
N PRO C 452 -7.05 -2.92 38.41
CA PRO C 452 -6.63 -1.52 38.46
C PRO C 452 -5.33 -1.27 37.71
N SER C 453 -5.07 -0.02 37.35
CA SER C 453 -3.87 0.35 36.61
C SER C 453 -3.56 1.82 36.90
N ILE C 454 -2.59 2.38 36.17
CA ILE C 454 -2.18 3.76 36.34
C ILE C 454 -1.99 4.38 34.96
N VAL C 455 -2.53 5.59 34.79
CA VAL C 455 -2.38 6.36 33.57
C VAL C 455 -1.55 7.59 33.89
N TYR C 456 -0.47 7.79 33.14
CA TYR C 456 0.53 8.81 33.44
C TYR C 456 0.61 9.80 32.29
N VAL C 457 0.45 11.08 32.58
CA VAL C 457 0.52 12.15 31.59
C VAL C 457 1.43 13.25 32.11
N PRO C 458 2.74 13.15 31.92
CA PRO C 458 3.65 14.17 32.46
C PRO C 458 3.69 15.42 31.63
N HIS C 459 4.01 16.53 32.29
CA HIS C 459 4.17 17.84 31.66
C HIS C 459 2.89 18.23 30.89
N ILE C 460 1.80 18.31 31.65
CA ILE C 460 0.51 18.59 31.05
C ILE C 460 0.48 20.01 30.46
N HIS C 461 1.18 20.95 31.10
CA HIS C 461 1.10 22.34 30.67
C HIS C 461 1.73 22.57 29.30
N VAL C 462 2.54 21.64 28.83
CA VAL C 462 3.06 21.69 27.46
C VAL C 462 2.37 20.65 26.58
N TRP C 463 2.00 19.50 27.17
CA TRP C 463 1.30 18.46 26.43
C TRP C 463 -0.04 18.97 25.90
N TRP C 464 -0.61 19.97 26.55
CA TRP C 464 -1.92 20.50 26.16
C TRP C 464 -1.86 21.41 24.94
N GLU C 465 -0.67 21.77 24.46
CA GLU C 465 -0.55 22.74 23.39
C GLU C 465 0.02 22.17 22.11
N ILE C 466 0.61 20.98 22.14
CA ILE C 466 1.23 20.39 20.95
C ILE C 466 0.35 19.30 20.33
N VAL C 467 -0.95 19.31 20.64
CA VAL C 467 -1.88 18.35 20.08
C VAL C 467 -3.03 19.11 19.42
N GLY C 468 -3.65 18.46 18.43
CA GLY C 468 -4.75 19.05 17.72
C GLY C 468 -6.06 18.92 18.47
N PRO C 469 -7.09 19.62 17.99
CA PRO C 469 -8.40 19.53 18.66
C PRO C 469 -8.99 18.13 18.65
N THR C 470 -8.76 17.36 17.58
CA THR C 470 -9.35 16.03 17.48
C THR C 470 -8.89 15.13 18.61
N LEU C 471 -7.59 15.11 18.88
CA LEU C 471 -7.08 14.29 19.98
C LEU C 471 -7.60 14.78 21.32
N LYS C 472 -7.70 16.11 21.49
CA LYS C 472 -8.24 16.64 22.73
C LYS C 472 -9.65 16.14 22.97
N ALA C 473 -10.51 16.24 21.96
CA ALA C 473 -11.88 15.77 22.10
C ALA C 473 -11.93 14.26 22.36
N THR C 474 -11.12 13.50 21.63
CA THR C 474 -11.12 12.05 21.82
C THR C 474 -10.71 11.68 23.23
N PHE C 475 -9.65 12.29 23.75
CA PHE C 475 -9.21 11.97 25.10
C PHE C 475 -10.25 12.39 26.13
N THR C 476 -10.75 13.62 26.03
CA THR C 476 -11.76 14.09 26.97
C THR C 476 -13.02 13.25 26.94
N THR C 477 -13.34 12.61 25.81
CA THR C 477 -14.49 11.73 25.76
C THR C 477 -14.21 10.35 26.33
N LEU C 478 -13.00 9.82 26.13
CA LEU C 478 -12.72 8.44 26.55
C LEU C 478 -12.84 8.21 28.04
N LEU C 479 -12.36 9.12 28.89
CA LEU C 479 -12.33 8.86 30.32
C LEU C 479 -13.68 9.06 30.98
N GLN C 480 -14.68 9.55 30.25
CA GLN C 480 -16.02 9.69 30.79
C GLN C 480 -16.86 8.44 30.63
N ASN C 481 -16.43 7.49 29.80
CA ASN C 481 -17.19 6.28 29.54
C ASN C 481 -16.80 5.12 30.45
N ILE C 482 -15.72 5.24 31.21
CA ILE C 482 -15.26 4.16 32.09
C ILE C 482 -16.25 4.03 33.23
N PRO C 483 -16.38 2.87 33.85
CA PRO C 483 -17.25 2.74 35.03
C PRO C 483 -16.80 3.68 36.14
N SER C 484 -17.77 4.25 36.84
CA SER C 484 -17.47 5.28 37.83
C SER C 484 -16.64 4.74 38.99
N PHE C 485 -16.98 3.54 39.48
CA PHE C 485 -16.34 2.99 40.66
C PHE C 485 -15.12 2.14 40.33
N ALA C 486 -14.73 2.06 39.07
CA ALA C 486 -13.54 1.30 38.71
C ALA C 486 -12.28 2.00 39.23
N PRO C 487 -11.27 1.26 39.67
CA PRO C 487 -10.03 1.88 40.18
C PRO C 487 -9.02 2.19 39.08
N VAL C 488 -9.27 3.27 38.34
CA VAL C 488 -8.42 3.71 37.24
C VAL C 488 -7.89 5.08 37.61
N LEU C 489 -6.66 5.12 38.12
CA LEU C 489 -6.05 6.38 38.51
C LEU C 489 -5.48 7.11 37.29
N LEU C 490 -5.57 8.44 37.32
CA LEU C 490 -4.96 9.29 36.32
C LEU C 490 -3.98 10.22 37.01
N LEU C 491 -2.71 10.14 36.62
CA LEU C 491 -1.64 10.88 37.27
C LEU C 491 -1.02 11.85 36.27
N ALA C 492 -0.79 13.09 36.71
CA ALA C 492 -0.21 14.12 35.86
C ALA C 492 0.53 15.11 36.72
N THR C 493 1.52 15.77 36.10
CA THR C 493 2.34 16.76 36.77
C THR C 493 2.28 18.07 36.00
N SER C 494 2.37 19.17 36.73
CA SER C 494 2.31 20.51 36.15
C SER C 494 3.41 21.36 36.75
N ASP C 495 3.79 22.40 36.01
CA ASP C 495 4.82 23.33 36.44
C ASP C 495 4.27 24.72 36.73
N LYS C 496 3.46 25.28 35.85
CA LYS C 496 2.79 26.53 36.16
C LYS C 496 1.71 26.28 37.20
N PRO C 497 1.37 27.27 38.02
CA PRO C 497 0.34 27.06 39.05
C PRO C 497 -1.02 26.77 38.41
N HIS C 498 -1.86 26.08 39.19
CA HIS C 498 -3.16 25.65 38.69
C HIS C 498 -4.03 26.82 38.25
N SER C 499 -3.80 28.01 38.84
CA SER C 499 -4.58 29.18 38.45
C SER C 499 -4.32 29.55 37.00
N ALA C 500 -3.07 29.48 36.55
CA ALA C 500 -2.71 29.90 35.21
C ALA C 500 -3.00 28.83 34.15
N LEU C 501 -3.33 27.61 34.54
CA LEU C 501 -3.62 26.57 33.57
C LEU C 501 -4.90 26.91 32.80
N PRO C 502 -4.99 26.50 31.54
CA PRO C 502 -6.14 26.88 30.71
C PRO C 502 -7.41 26.19 31.17
N GLU C 503 -8.52 26.59 30.54
CA GLU C 503 -9.81 26.01 30.85
C GLU C 503 -9.88 24.58 30.33
N GLU C 504 -10.91 23.87 30.80
CA GLU C 504 -11.15 22.44 30.56
C GLU C 504 -10.09 21.56 31.20
N VAL C 505 -9.09 22.14 31.85
CA VAL C 505 -8.11 21.38 32.62
C VAL C 505 -8.39 21.66 34.09
N GLN C 506 -8.72 22.90 34.40
CA GLN C 506 -9.06 23.28 35.77
C GLN C 506 -10.34 22.64 36.26
N GLU C 507 -11.21 22.20 35.34
CA GLU C 507 -12.44 21.54 35.73
C GLU C 507 -12.30 20.03 35.87
N LEU C 508 -11.16 19.47 35.46
CA LEU C 508 -10.88 18.06 35.69
C LEU C 508 -10.35 17.80 37.10
N PHE C 509 -10.00 18.86 37.83
CA PHE C 509 -9.47 18.74 39.18
C PHE C 509 -10.32 19.59 40.13
N ILE C 510 -10.69 19.00 41.26
CA ILE C 510 -11.73 19.49 42.14
C ILE C 510 -11.16 19.78 43.52
N ARG C 511 -9.98 20.42 43.55
CA ARG C 511 -9.10 20.49 44.71
C ARG C 511 -9.80 20.67 46.05
N ASP C 512 -11.02 21.20 46.05
CA ASP C 512 -11.84 21.18 47.26
C ASP C 512 -11.95 19.76 47.81
N TYR C 513 -12.03 18.76 46.92
CA TYR C 513 -12.00 17.37 47.35
C TYR C 513 -10.64 16.96 47.91
N GLY C 514 -9.59 17.71 47.59
CA GLY C 514 -8.24 17.32 47.97
C GLY C 514 -7.54 16.58 46.86
N GLU C 515 -7.68 17.08 45.63
CA GLU C 515 -7.11 16.45 44.45
C GLU C 515 -5.87 17.16 43.95
N ILE C 516 -5.29 18.05 44.75
CA ILE C 516 -4.12 18.82 44.35
C ILE C 516 -3.10 18.77 45.47
N PHE C 517 -1.84 18.54 45.10
CA PHE C 517 -0.74 18.52 46.04
C PHE C 517 0.27 19.59 45.64
N ASN C 518 0.86 20.25 46.63
CA ASN C 518 1.85 21.29 46.41
C ASN C 518 3.17 20.87 47.04
N VAL C 519 4.26 21.00 46.29
CA VAL C 519 5.58 20.63 46.76
C VAL C 519 6.25 21.85 47.37
N GLN C 520 7.25 21.61 48.21
CA GLN C 520 8.01 22.69 48.84
C GLN C 520 9.45 22.23 49.03
N LEU C 521 10.35 23.20 49.15
CA LEU C 521 11.76 22.92 49.18
C LEU C 521 12.15 22.18 50.46
N PRO C 522 13.16 21.32 50.40
CA PRO C 522 13.64 20.65 51.61
C PRO C 522 14.32 21.62 52.56
N ASP C 523 14.30 21.27 53.84
CA ASP C 523 14.80 22.14 54.90
C ASP C 523 16.25 21.80 55.24
N LYS C 524 16.72 22.38 56.34
CA LYS C 524 18.15 22.35 56.67
C LYS C 524 18.63 20.93 56.99
N GLU C 525 17.80 20.14 57.67
CA GLU C 525 18.27 18.85 58.19
C GLU C 525 18.68 17.91 57.07
N GLU C 526 17.81 17.69 56.09
CA GLU C 526 18.15 16.83 54.98
C GLU C 526 19.25 17.44 54.11
N ARG C 527 19.30 18.78 54.04
CA ARG C 527 20.41 19.41 53.34
C ARG C 527 21.74 19.04 53.95
N THR C 528 21.84 19.08 55.28
CA THR C 528 23.06 18.69 55.96
C THR C 528 23.33 17.20 55.81
N LYS C 529 22.28 16.38 55.87
CA LYS C 529 22.45 14.94 55.70
C LYS C 529 22.96 14.59 54.32
N PHE C 530 22.61 15.41 53.32
CA PHE C 530 23.09 15.19 51.96
C PHE C 530 24.61 15.32 51.86
N PHE C 531 25.18 16.32 52.53
CA PHE C 531 26.59 16.64 52.35
C PHE C 531 27.51 16.06 53.42
N GLU C 532 26.96 15.66 54.58
CA GLU C 532 27.82 15.19 55.66
C GLU C 532 28.55 13.90 55.27
N ASP C 533 27.87 13.00 54.56
CA ASP C 533 28.50 11.74 54.18
C ASP C 533 29.71 11.97 53.27
N LEU C 534 29.59 12.92 52.34
CA LEU C 534 30.70 13.19 51.44
C LEU C 534 31.82 13.95 52.14
N ILE C 535 31.47 14.97 52.92
CA ILE C 535 32.48 15.90 53.41
C ILE C 535 33.01 15.55 54.80
N LEU C 536 32.51 14.49 55.43
CA LEU C 536 33.06 14.01 56.70
C LEU C 536 33.85 12.73 56.52
N LYS C 537 33.23 11.69 55.94
CA LYS C 537 33.86 10.38 55.85
C LYS C 537 34.66 10.23 54.55
N GLN C 538 33.99 10.41 53.41
CA GLN C 538 34.65 10.20 52.12
C GLN C 538 35.80 11.18 51.91
N ALA C 539 35.71 12.37 52.50
CA ALA C 539 36.77 13.36 52.32
C ALA C 539 38.10 12.93 52.93
N ALA C 540 38.07 12.02 53.91
CA ALA C 540 39.28 11.55 54.59
C ALA C 540 39.38 10.04 54.37
N LYS C 541 40.18 9.65 53.37
CA LYS C 541 40.39 8.26 53.05
C LYS C 541 41.86 7.88 53.22
N PRO C 542 42.13 6.66 53.68
CA PRO C 542 43.53 6.24 53.88
C PRO C 542 44.35 6.31 52.60
N PRO C 543 43.78 5.96 51.42
CA PRO C 543 44.68 6.14 50.29
C PRO C 543 44.82 7.61 49.87
N HIS C 771 41.32 18.51 61.51
CA HIS C 771 40.06 17.93 61.03
C HIS C 771 38.87 18.74 61.52
N GLU C 772 39.15 19.76 62.34
CA GLU C 772 38.11 20.67 62.83
C GLU C 772 37.64 21.63 61.77
N ARG C 773 38.50 21.98 60.81
CA ARG C 773 38.10 22.86 59.73
C ARG C 773 37.07 22.21 58.81
N LEU C 774 36.96 20.89 58.84
CA LEU C 774 35.91 20.21 58.07
C LEU C 774 34.53 20.63 58.55
N LYS C 775 34.36 20.75 59.87
CA LYS C 775 33.09 21.25 60.39
C LYS C 775 32.83 22.67 59.93
N ASN C 776 33.86 23.52 59.91
CA ASN C 776 33.70 24.88 59.45
C ASN C 776 33.28 24.91 57.98
N LEU C 777 33.92 24.11 57.14
CA LEU C 777 33.55 24.05 55.74
C LEU C 777 32.11 23.56 55.59
N LEU C 778 31.73 22.55 56.37
CA LEU C 778 30.38 22.02 56.29
C LEU C 778 29.35 23.08 56.65
N LYS C 779 29.57 23.79 57.77
CA LYS C 779 28.60 24.78 58.20
C LYS C 779 28.53 25.95 57.22
N THR C 780 29.68 26.37 56.68
CA THR C 780 29.66 27.45 55.69
C THR C 780 28.90 27.03 54.44
N VAL C 781 29.13 25.81 53.96
CA VAL C 781 28.44 25.33 52.76
C VAL C 781 26.94 25.22 53.01
N VAL C 782 26.55 24.69 54.16
CA VAL C 782 25.13 24.58 54.47
C VAL C 782 24.49 25.95 54.55
N LYS C 783 25.15 26.90 55.21
CA LYS C 783 24.58 28.24 55.38
C LYS C 783 24.43 28.95 54.04
N LYS C 784 25.46 28.88 53.18
CA LYS C 784 25.43 29.66 51.94
C LYS C 784 24.37 29.18 50.97
N SER C 785 24.00 27.90 51.03
CA SER C 785 23.12 27.29 50.02
C SER C 785 21.71 27.06 50.53
N GLN C 786 21.18 27.96 51.35
CA GLN C 786 19.87 27.77 51.96
C GLN C 786 18.73 28.26 51.06
N ASN C 787 19.02 28.61 49.81
CA ASN C 787 17.97 29.05 48.88
C ASN C 787 18.17 28.49 47.48
N TYR C 788 18.75 27.30 47.37
CA TYR C 788 19.02 26.69 46.08
C TYR C 788 18.00 25.59 45.77
N ASN C 789 17.81 25.31 44.48
CA ASN C 789 16.92 24.26 44.05
C ASN C 789 17.70 22.96 43.82
N ILE C 790 17.01 21.94 43.32
CA ILE C 790 17.61 20.61 43.22
C ILE C 790 18.77 20.59 42.24
N PHE C 791 18.59 21.23 41.07
CA PHE C 791 19.64 21.21 40.07
C PHE C 791 20.90 21.89 40.58
N GLN C 792 20.75 23.03 41.26
CA GLN C 792 21.89 23.72 41.82
C GLN C 792 22.58 22.86 42.88
N LEU C 793 21.80 22.16 43.70
CA LEU C 793 22.38 21.30 44.73
C LEU C 793 23.21 20.18 44.11
N GLU C 794 22.67 19.50 43.10
CA GLU C 794 23.44 18.42 42.50
C GLU C 794 24.66 18.94 41.76
N ASN C 795 24.54 20.11 41.11
CA ASN C 795 25.70 20.70 40.45
C ASN C 795 26.79 21.02 41.47
N LEU C 796 26.41 21.58 42.61
CA LEU C 796 27.39 21.88 43.66
C LEU C 796 28.03 20.59 44.17
N TYR C 797 27.23 19.54 44.33
CA TYR C 797 27.77 18.26 44.78
C TYR C 797 28.81 17.74 43.81
N ALA C 798 28.51 17.81 42.51
CA ALA C 798 29.45 17.32 41.50
C ALA C 798 30.73 18.15 41.48
N VAL C 799 30.59 19.48 41.53
CA VAL C 799 31.78 20.32 41.48
C VAL C 799 32.62 20.14 42.74
N ILE C 800 31.98 19.79 43.87
CA ILE C 800 32.75 19.45 45.06
C ILE C 800 33.51 18.15 44.85
N SER C 801 32.82 17.10 44.40
CA SER C 801 33.45 15.79 44.23
C SER C 801 34.57 15.80 43.21
N GLN C 802 34.54 16.75 42.27
CA GLN C 802 35.62 16.83 41.29
C GLN C 802 36.97 17.03 41.96
N CYS C 803 37.03 17.87 42.99
CA CYS C 803 38.30 18.11 43.68
C CYS C 803 38.81 16.86 44.38
N ILE C 804 37.93 16.14 45.08
CA ILE C 804 38.33 14.90 45.73
C ILE C 804 38.86 13.92 44.70
N TYR C 805 38.21 13.84 43.54
CA TYR C 805 38.74 12.96 42.49
C TYR C 805 40.12 13.41 42.05
N ARG C 806 40.30 14.71 41.81
CA ARG C 806 41.55 15.16 41.21
C ARG C 806 42.71 15.19 42.20
N HIS C 807 42.44 15.04 43.49
CA HIS C 807 43.49 14.96 44.50
C HIS C 807 43.62 13.54 45.06
N ARG C 808 43.49 12.53 44.20
CA ARG C 808 43.49 11.15 44.65
C ARG C 808 44.87 10.73 45.18
N LYS C 809 45.92 11.02 44.43
CA LYS C 809 47.22 10.40 44.62
C LYS C 809 48.16 11.21 45.51
N ASP C 810 47.65 12.18 46.25
CA ASP C 810 48.47 12.96 47.18
C ASP C 810 48.31 12.39 48.59
N HIS C 811 49.44 11.96 49.18
CA HIS C 811 49.42 11.37 50.52
C HIS C 811 49.22 12.39 51.62
N ASP C 812 49.44 13.67 51.36
CA ASP C 812 49.33 14.72 52.36
C ASP C 812 48.15 15.62 52.07
N LYS C 813 47.32 15.85 53.08
CA LYS C 813 46.18 16.75 52.95
C LYS C 813 46.62 18.20 53.09
N THR C 814 45.64 19.10 53.24
CA THR C 814 45.86 20.53 53.43
C THR C 814 46.30 21.16 52.10
N SER C 815 46.51 20.33 51.09
CA SER C 815 46.74 20.82 49.74
C SER C 815 45.44 20.97 48.96
N LEU C 816 44.42 20.19 49.31
CA LEU C 816 43.13 20.26 48.64
C LEU C 816 42.09 21.04 49.42
N ILE C 817 42.30 21.27 50.72
CA ILE C 817 41.35 22.04 51.51
C ILE C 817 41.26 23.47 51.00
N GLN C 818 42.40 24.07 50.68
CA GLN C 818 42.36 25.40 50.08
C GLN C 818 41.58 25.38 48.77
N LYS C 819 41.89 24.43 47.87
CA LYS C 819 41.20 24.35 46.61
C LYS C 819 39.69 24.25 46.81
N MET C 820 39.27 23.46 47.79
CA MET C 820 37.86 23.40 48.15
C MET C 820 37.34 24.77 48.57
N GLU C 821 38.13 25.52 49.35
CA GLU C 821 37.72 26.86 49.74
C GLU C 821 37.48 27.74 48.52
N GLN C 822 38.52 27.95 47.69
CA GLN C 822 38.32 28.80 46.51
C GLN C 822 37.17 28.30 45.64
N GLU C 823 36.95 26.99 45.58
CA GLU C 823 35.76 26.50 44.90
C GLU C 823 34.49 27.00 45.60
N VAL C 824 34.52 27.11 46.92
CA VAL C 824 33.35 27.57 47.65
C VAL C 824 33.05 29.03 47.31
N GLU C 825 34.03 29.93 47.44
CA GLU C 825 33.67 31.34 47.22
C GLU C 825 33.55 31.67 45.73
N ASN C 826 34.39 31.08 44.89
CA ASN C 826 34.38 31.43 43.47
C ASN C 826 33.13 30.92 42.75
N PHE C 827 32.45 29.92 43.29
CA PHE C 827 31.26 29.35 42.66
C PHE C 827 30.03 30.10 43.13
N SER C 828 29.38 30.81 42.21
CA SER C 828 28.13 31.50 42.48
C SER C 828 27.08 31.03 41.49
N CYS C 829 25.90 30.72 42.01
CA CYS C 829 24.76 30.32 41.20
C CYS C 829 24.12 31.56 40.59
N SER C 830 23.03 31.35 39.85
CA SER C 830 22.28 32.45 39.23
C SER C 830 21.04 32.78 40.03
N ARG C 831 20.28 31.77 40.45
CA ARG C 831 19.07 31.95 41.24
C ARG C 831 18.07 32.86 40.54
N LEU D 17 -22.95 -40.40 19.77
CA LEU D 17 -24.26 -39.79 19.59
C LEU D 17 -25.07 -39.83 20.88
N ASP D 18 -26.14 -39.04 20.93
CA ASP D 18 -27.07 -39.05 22.04
C ASP D 18 -28.45 -39.47 21.56
N SER D 19 -29.24 -40.02 22.48
CA SER D 19 -30.60 -40.46 22.19
C SER D 19 -31.61 -39.74 23.08
N SER D 20 -31.17 -38.70 23.79
CA SER D 20 -32.03 -37.95 24.69
C SER D 20 -32.50 -36.63 24.11
N VAL D 21 -32.18 -36.32 22.86
CA VAL D 21 -32.64 -35.10 22.21
C VAL D 21 -33.71 -35.48 21.20
N ARG D 22 -34.93 -35.01 21.43
CA ARG D 22 -36.09 -35.37 20.61
C ARG D 22 -36.93 -34.13 20.32
N PHE D 23 -36.25 -33.04 19.94
CA PHE D 23 -36.87 -31.73 19.75
C PHE D 23 -37.43 -31.19 21.07
N ASP D 24 -37.18 -31.89 22.16
CA ASP D 24 -37.66 -31.46 23.48
C ASP D 24 -36.67 -30.57 24.20
N SER D 25 -35.39 -30.88 24.13
CA SER D 25 -34.37 -30.03 24.74
C SER D 25 -33.85 -29.00 23.74
N VAL D 26 -34.78 -28.30 23.10
CA VAL D 26 -34.47 -27.24 22.15
C VAL D 26 -35.48 -26.13 22.40
N GLY D 27 -35.04 -25.05 23.02
CA GLY D 27 -35.93 -23.98 23.45
C GLY D 27 -35.62 -22.68 22.74
N GLY D 28 -36.67 -21.88 22.53
CA GLY D 28 -36.55 -20.58 21.92
C GLY D 28 -36.72 -20.56 20.41
N LEU D 29 -36.60 -21.70 19.76
CA LEU D 29 -36.70 -21.79 18.30
C LEU D 29 -37.98 -22.55 17.95
N SER D 30 -39.06 -21.82 17.75
CA SER D 30 -40.32 -22.42 17.34
C SER D 30 -40.71 -22.07 15.91
N ASN D 31 -40.30 -20.91 15.41
CA ASN D 31 -40.59 -20.51 14.04
C ASN D 31 -39.80 -21.32 13.02
N HIS D 32 -38.64 -21.86 13.39
CA HIS D 32 -37.79 -22.56 12.44
C HIS D 32 -38.08 -24.06 12.39
N ILE D 33 -38.31 -24.69 13.54
CA ILE D 33 -38.64 -26.11 13.54
C ILE D 33 -39.96 -26.36 12.79
N ALA D 34 -40.96 -25.49 13.00
CA ALA D 34 -42.20 -25.63 12.27
C ALA D 34 -41.99 -25.46 10.77
N ALA D 35 -41.15 -24.50 10.39
CA ALA D 35 -40.80 -24.29 9.00
C ALA D 35 -39.89 -25.39 8.46
N LEU D 36 -39.37 -26.26 9.32
CA LEU D 36 -38.47 -27.32 8.92
C LEU D 36 -39.16 -28.66 8.74
N LYS D 37 -40.01 -29.07 9.69
CA LYS D 37 -40.76 -30.30 9.51
C LYS D 37 -41.74 -30.23 8.35
N GLU D 38 -42.08 -29.02 7.90
CA GLU D 38 -42.81 -28.83 6.66
C GLU D 38 -42.00 -29.22 5.43
N MET D 39 -40.69 -29.39 5.57
CA MET D 39 -39.80 -29.57 4.44
C MET D 39 -39.50 -31.03 4.14
N VAL D 40 -39.58 -31.92 5.15
CA VAL D 40 -39.23 -33.32 4.99
C VAL D 40 -40.38 -34.24 5.39
N VAL D 41 -41.02 -33.98 6.52
CA VAL D 41 -42.06 -34.88 7.03
C VAL D 41 -43.35 -34.77 6.22
N PHE D 42 -43.74 -33.55 5.87
CA PHE D 42 -45.01 -33.35 5.17
C PHE D 42 -45.07 -34.06 3.82
N PRO D 43 -44.06 -33.99 2.94
CA PRO D 43 -44.18 -34.70 1.66
C PRO D 43 -44.37 -36.19 1.82
N LEU D 44 -43.72 -36.82 2.80
CA LEU D 44 -43.90 -38.25 3.01
C LEU D 44 -45.26 -38.55 3.61
N LEU D 45 -45.67 -37.80 4.63
CA LEU D 45 -46.91 -38.10 5.34
C LEU D 45 -48.14 -37.77 4.49
N TYR D 46 -48.10 -36.66 3.76
CA TYR D 46 -49.26 -36.18 3.00
C TYR D 46 -48.86 -35.99 1.53
N PRO D 47 -48.60 -37.09 0.82
CA PRO D 47 -48.24 -37.00 -0.61
C PRO D 47 -49.48 -36.94 -1.52
N GLU D 48 -50.45 -36.15 -1.13
CA GLU D 48 -51.63 -35.92 -1.96
C GLU D 48 -51.91 -34.43 -2.18
N VAL D 49 -51.67 -33.60 -1.18
CA VAL D 49 -51.81 -32.16 -1.36
C VAL D 49 -50.69 -31.62 -2.24
N PHE D 50 -49.47 -32.13 -2.08
CA PHE D 50 -48.35 -31.67 -2.88
C PHE D 50 -48.55 -31.98 -4.36
N GLU D 51 -49.02 -33.17 -4.67
CA GLU D 51 -49.20 -33.59 -6.06
C GLU D 51 -50.48 -33.06 -6.68
N LYS D 52 -51.35 -32.41 -5.90
CA LYS D 52 -52.56 -31.84 -6.48
C LYS D 52 -52.25 -30.73 -7.46
N PHE D 53 -51.27 -29.89 -7.15
CA PHE D 53 -50.90 -28.77 -8.00
C PHE D 53 -49.53 -28.92 -8.65
N LYS D 54 -48.82 -30.03 -8.39
CA LYS D 54 -47.51 -30.29 -8.97
C LYS D 54 -46.53 -29.16 -8.61
N ILE D 55 -46.26 -29.04 -7.32
CA ILE D 55 -45.54 -27.90 -6.78
C ILE D 55 -44.07 -28.20 -6.57
N GLN D 56 -43.74 -29.46 -6.21
CA GLN D 56 -42.36 -29.87 -5.93
C GLN D 56 -41.71 -28.96 -4.90
N PRO D 57 -42.07 -29.09 -3.62
CA PRO D 57 -41.61 -28.13 -2.62
C PRO D 57 -40.10 -28.14 -2.52
N PRO D 58 -39.50 -27.05 -2.04
CA PRO D 58 -38.03 -26.94 -2.04
C PRO D 58 -37.36 -28.00 -1.20
N ARG D 59 -36.09 -28.25 -1.50
CA ARG D 59 -35.27 -29.26 -0.82
C ARG D 59 -33.89 -28.71 -0.50
N GLY D 60 -33.84 -27.49 0.06
CA GLY D 60 -32.57 -26.88 0.41
C GLY D 60 -32.69 -25.82 1.48
N CYS D 61 -31.71 -25.77 2.38
CA CYS D 61 -31.70 -24.80 3.47
C CYS D 61 -30.27 -24.35 3.75
N LEU D 62 -30.13 -23.42 4.68
CA LEU D 62 -28.82 -22.87 5.02
C LEU D 62 -28.92 -22.23 6.40
N PHE D 63 -28.09 -22.71 7.34
CA PHE D 63 -28.01 -22.13 8.67
C PHE D 63 -26.81 -21.18 8.76
N TYR D 64 -27.00 -20.06 9.45
CA TYR D 64 -25.94 -19.09 9.67
C TYR D 64 -26.33 -18.19 10.83
N GLY D 65 -25.32 -17.82 11.63
CA GLY D 65 -25.54 -16.95 12.76
C GLY D 65 -24.30 -16.69 13.58
N PRO D 66 -24.43 -15.87 14.62
CA PRO D 66 -23.29 -15.56 15.50
C PRO D 66 -22.84 -16.80 16.26
N PRO D 67 -21.59 -16.83 16.73
CA PRO D 67 -21.06 -18.06 17.34
C PRO D 67 -21.88 -18.54 18.53
N GLY D 68 -22.61 -19.62 18.32
CA GLY D 68 -23.27 -20.36 19.37
C GLY D 68 -24.73 -20.01 19.55
N THR D 69 -25.60 -20.76 18.89
CA THR D 69 -27.03 -20.68 19.17
C THR D 69 -27.71 -22.04 19.11
N GLY D 70 -26.99 -23.12 18.87
CA GLY D 70 -27.59 -24.42 18.65
C GLY D 70 -27.78 -24.81 17.20
N LYS D 71 -26.91 -24.36 16.29
CA LYS D 71 -27.06 -24.70 14.88
C LYS D 71 -26.88 -26.20 14.66
N THR D 72 -25.84 -26.79 15.25
CA THR D 72 -25.66 -28.23 15.15
C THR D 72 -26.63 -28.98 16.07
N LEU D 73 -27.14 -28.31 17.11
CA LEU D 73 -28.07 -28.96 18.02
C LEU D 73 -29.35 -29.37 17.30
N VAL D 74 -29.90 -28.49 16.45
CA VAL D 74 -31.12 -28.81 15.74
C VAL D 74 -30.86 -29.94 14.74
N ALA D 75 -29.66 -29.95 14.14
CA ALA D 75 -29.31 -31.05 13.23
C ALA D 75 -29.26 -32.38 13.98
N ARG D 76 -28.65 -32.39 15.17
CA ARG D 76 -28.59 -33.62 15.96
C ARG D 76 -29.99 -34.08 16.35
N ALA D 77 -30.84 -33.13 16.77
CA ALA D 77 -32.20 -33.48 17.16
C ALA D 77 -32.98 -34.03 15.97
N LEU D 78 -32.82 -33.43 14.80
CA LEU D 78 -33.47 -33.93 13.60
C LEU D 78 -32.99 -35.34 13.26
N ALA D 79 -31.69 -35.58 13.38
CA ALA D 79 -31.17 -36.91 13.08
C ALA D 79 -31.74 -37.96 14.03
N ASN D 80 -31.81 -37.63 15.32
CA ASN D 80 -32.40 -38.58 16.27
C ASN D 80 -33.88 -38.79 16.00
N GLU D 81 -34.60 -37.73 15.65
CA GLU D 81 -36.03 -37.86 15.36
C GLU D 81 -36.26 -38.74 14.14
N CYS D 82 -35.46 -38.55 13.08
CA CYS D 82 -35.67 -39.28 11.84
C CYS D 82 -35.25 -40.73 11.96
N SER D 83 -34.08 -40.98 12.56
CA SER D 83 -33.61 -42.35 12.71
C SER D 83 -34.54 -43.16 13.59
N GLN D 84 -34.99 -42.58 14.70
CA GLN D 84 -35.92 -43.24 15.62
C GLN D 84 -37.34 -42.76 15.34
N GLY D 85 -37.90 -43.28 14.26
CA GLY D 85 -39.26 -42.94 13.87
C GLY D 85 -39.88 -44.07 13.07
N ASP D 86 -41.16 -43.89 12.73
CA ASP D 86 -41.84 -44.88 11.89
C ASP D 86 -41.20 -44.98 10.52
N LYS D 87 -40.85 -43.85 9.92
CA LYS D 87 -40.11 -43.84 8.68
C LYS D 87 -38.62 -43.91 8.95
N ARG D 88 -37.90 -44.59 8.07
CA ARG D 88 -36.48 -44.90 8.26
C ARG D 88 -35.61 -44.17 7.26
N VAL D 89 -35.88 -42.88 7.03
CA VAL D 89 -35.10 -42.10 6.09
C VAL D 89 -33.67 -41.97 6.59
N ALA D 90 -32.72 -42.25 5.70
CA ALA D 90 -31.32 -42.33 6.10
C ALA D 90 -30.74 -40.95 6.38
N PHE D 91 -29.61 -40.93 7.09
CA PHE D 91 -28.92 -39.71 7.47
C PHE D 91 -27.45 -39.82 7.06
N PHE D 92 -26.90 -38.71 6.55
CA PHE D 92 -25.50 -38.64 6.15
C PHE D 92 -24.88 -37.37 6.69
N MET D 93 -23.63 -37.48 7.13
CA MET D 93 -22.90 -36.38 7.73
C MET D 93 -21.48 -36.31 7.18
N ARG D 94 -21.00 -35.09 6.96
CA ARG D 94 -19.65 -34.84 6.51
C ARG D 94 -19.05 -33.69 7.29
N LYS D 95 -17.72 -33.66 7.39
CA LYS D 95 -17.01 -32.57 8.04
C LYS D 95 -16.66 -31.51 6.99
N GLY D 96 -15.80 -30.57 7.34
CA GLY D 96 -15.43 -29.50 6.45
C GLY D 96 -14.89 -29.96 5.11
N ALA D 97 -13.73 -30.62 5.12
CA ALA D 97 -13.11 -31.17 3.90
C ALA D 97 -12.63 -32.59 4.23
N ASP D 98 -13.51 -33.57 4.03
CA ASP D 98 -13.16 -34.97 4.22
C ASP D 98 -13.06 -35.76 2.93
N CYS D 99 -13.46 -35.17 1.81
CA CYS D 99 -13.43 -35.84 0.52
C CYS D 99 -12.14 -35.59 -0.25
N LEU D 100 -11.22 -34.81 0.31
CA LEU D 100 -9.96 -34.55 -0.38
C LEU D 100 -9.02 -35.74 -0.28
N SER D 101 -8.22 -35.93 -1.32
CA SER D 101 -7.27 -37.03 -1.37
C SER D 101 -6.08 -36.63 -2.22
N LYS D 102 -4.98 -37.38 -2.06
CA LYS D 102 -3.75 -37.05 -2.76
C LYS D 102 -3.82 -37.29 -4.26
N TRP D 103 -4.64 -38.24 -4.71
CA TRP D 103 -4.73 -38.57 -6.12
C TRP D 103 -5.61 -37.57 -6.85
N VAL D 104 -5.39 -37.47 -8.17
CA VAL D 104 -6.02 -36.41 -8.95
C VAL D 104 -7.53 -36.59 -9.00
N GLY D 105 -8.00 -37.79 -9.32
CA GLY D 105 -9.39 -38.00 -9.60
C GLY D 105 -10.23 -38.56 -8.46
N GLU D 106 -9.64 -38.89 -7.33
CA GLU D 106 -10.37 -39.47 -6.21
C GLU D 106 -11.32 -38.49 -5.54
N SER D 107 -10.90 -37.23 -5.37
CA SER D 107 -11.72 -36.28 -4.62
C SER D 107 -13.06 -36.04 -5.30
N GLU D 108 -13.05 -35.72 -6.59
CA GLU D 108 -14.30 -35.43 -7.29
C GLU D 108 -15.19 -36.66 -7.35
N ARG D 109 -14.60 -37.83 -7.58
CA ARG D 109 -15.42 -39.04 -7.72
C ARG D 109 -16.02 -39.43 -6.37
N GLN D 110 -15.38 -39.04 -5.27
CA GLN D 110 -15.96 -39.32 -3.96
C GLN D 110 -17.32 -38.66 -3.79
N LEU D 111 -17.45 -37.42 -4.27
CA LEU D 111 -18.72 -36.71 -4.12
C LEU D 111 -19.85 -37.42 -4.86
N ARG D 112 -19.61 -37.78 -6.12
CA ARG D 112 -20.66 -38.44 -6.90
C ARG D 112 -20.93 -39.84 -6.39
N LEU D 113 -19.90 -40.52 -5.85
CA LEU D 113 -20.14 -41.81 -5.22
C LEU D 113 -21.04 -41.66 -4.00
N LEU D 114 -20.79 -40.63 -3.18
CA LEU D 114 -21.65 -40.38 -2.03
C LEU D 114 -23.07 -40.08 -2.46
N PHE D 115 -23.25 -39.23 -3.47
CA PHE D 115 -24.59 -38.92 -3.96
C PHE D 115 -25.32 -40.13 -4.55
N ASP D 116 -24.62 -40.97 -5.30
CA ASP D 116 -25.22 -42.19 -5.84
C ASP D 116 -25.59 -43.18 -4.75
N GLN D 117 -24.76 -43.31 -3.71
CA GLN D 117 -25.15 -44.13 -2.56
C GLN D 117 -26.39 -43.55 -1.89
N ALA D 118 -26.45 -42.22 -1.77
CA ALA D 118 -27.63 -41.59 -1.18
C ALA D 118 -28.88 -41.83 -2.02
N TYR D 119 -28.76 -41.75 -3.35
CA TYR D 119 -29.92 -41.96 -4.21
C TYR D 119 -30.43 -43.39 -4.12
N GLN D 120 -29.53 -44.34 -3.82
CA GLN D 120 -29.93 -45.74 -3.73
C GLN D 120 -30.92 -45.96 -2.58
N MET D 121 -30.72 -45.27 -1.47
CA MET D 121 -31.54 -45.44 -0.28
C MET D 121 -32.38 -44.19 -0.04
N ARG D 122 -32.95 -43.64 -1.11
CA ARG D 122 -33.81 -42.48 -0.97
C ARG D 122 -35.09 -42.84 -0.21
N PRO D 123 -35.63 -41.92 0.59
CA PRO D 123 -35.09 -40.57 0.82
C PRO D 123 -33.95 -40.56 1.84
N SER D 124 -33.16 -39.49 1.83
CA SER D 124 -32.05 -39.36 2.77
C SER D 124 -31.76 -37.89 3.00
N ILE D 125 -31.14 -37.59 4.14
CA ILE D 125 -30.67 -36.25 4.47
C ILE D 125 -29.16 -36.24 4.34
N ILE D 126 -28.64 -35.30 3.56
CA ILE D 126 -27.21 -35.05 3.47
C ILE D 126 -26.94 -33.71 4.13
N PHE D 127 -26.00 -33.69 5.07
CA PHE D 127 -25.76 -32.53 5.92
C PHE D 127 -24.28 -32.19 5.89
N PHE D 128 -23.97 -30.94 5.58
CA PHE D 128 -22.60 -30.43 5.52
C PHE D 128 -22.36 -29.53 6.72
N ASP D 129 -21.23 -29.73 7.40
CA ASP D 129 -20.84 -28.86 8.50
C ASP D 129 -19.68 -27.98 8.08
N GLN D 130 -19.80 -26.68 8.34
CA GLN D 130 -18.76 -25.69 8.01
C GLN D 130 -18.46 -25.70 6.52
N ILE D 131 -19.48 -25.35 5.73
CA ILE D 131 -19.34 -25.32 4.28
C ILE D 131 -18.34 -24.27 3.83
N ASP D 132 -18.19 -23.18 4.58
CA ASP D 132 -17.29 -22.09 4.19
C ASP D 132 -15.86 -22.57 4.02
N GLY D 133 -15.47 -23.66 4.66
CA GLY D 133 -14.18 -24.27 4.44
C GLY D 133 -14.14 -25.24 3.29
N LEU D 134 -15.24 -25.41 2.57
CA LEU D 134 -15.34 -26.33 1.46
C LEU D 134 -15.68 -25.67 0.13
N ALA D 135 -16.53 -24.64 0.15
CA ALA D 135 -16.98 -23.96 -1.06
C ALA D 135 -16.76 -22.46 -0.90
N PRO D 136 -15.53 -21.99 -1.05
CA PRO D 136 -15.28 -20.55 -1.06
C PRO D 136 -15.72 -19.92 -2.38
N VAL D 137 -15.72 -18.59 -2.39
CA VAL D 137 -15.99 -17.87 -3.63
C VAL D 137 -14.90 -18.18 -4.63
N ARG D 138 -15.29 -18.41 -5.88
CA ARG D 138 -14.35 -18.80 -6.92
C ARG D 138 -13.45 -17.62 -7.27
N SER D 139 -12.14 -17.85 -7.29
CA SER D 139 -11.18 -16.82 -7.64
C SER D 139 -10.00 -17.45 -8.37
N SER D 140 -9.35 -16.66 -9.20
CA SER D 140 -8.19 -17.10 -9.97
C SER D 140 -6.87 -16.86 -9.27
N ARG D 141 -6.90 -16.30 -8.05
CA ARG D 141 -5.68 -15.98 -7.31
C ARG D 141 -5.22 -17.12 -6.40
N GLN D 142 -5.85 -18.29 -6.50
CA GLN D 142 -5.46 -19.45 -5.71
C GLN D 142 -5.45 -20.70 -6.57
N ASP D 143 -5.35 -21.87 -5.93
CA ASP D 143 -5.27 -23.13 -6.66
C ASP D 143 -6.56 -23.37 -7.45
N GLN D 144 -6.51 -24.39 -8.31
CA GLN D 144 -7.62 -24.72 -9.18
C GLN D 144 -8.44 -25.92 -8.72
N ILE D 145 -7.90 -26.74 -7.82
CA ILE D 145 -8.67 -27.88 -7.31
C ILE D 145 -9.90 -27.40 -6.57
N HIS D 146 -9.80 -26.31 -5.81
CA HIS D 146 -10.97 -25.77 -5.13
C HIS D 146 -12.01 -25.28 -6.13
N SER D 147 -11.57 -24.58 -7.18
CA SER D 147 -12.49 -24.09 -8.20
C SER D 147 -13.11 -25.21 -9.02
N SER D 148 -12.46 -26.37 -9.10
CA SER D 148 -13.08 -27.51 -9.76
C SER D 148 -14.07 -28.23 -8.85
N ILE D 149 -13.73 -28.36 -7.56
CA ILE D 149 -14.65 -28.99 -6.63
C ILE D 149 -15.93 -28.18 -6.46
N VAL D 150 -15.81 -26.86 -6.35
CA VAL D 150 -17.02 -26.04 -6.22
C VAL D 150 -17.84 -26.10 -7.49
N SER D 151 -17.18 -26.16 -8.65
CA SER D 151 -17.91 -26.24 -9.91
C SER D 151 -18.68 -27.56 -10.02
N THR D 152 -18.04 -28.68 -9.68
CA THR D 152 -18.72 -29.95 -9.77
C THR D 152 -19.76 -30.12 -8.67
N LEU D 153 -19.66 -29.33 -7.60
CA LEU D 153 -20.66 -29.41 -6.54
C LEU D 153 -22.02 -28.90 -7.01
N LEU D 154 -22.06 -27.71 -7.60
CA LEU D 154 -23.33 -27.08 -7.94
C LEU D 154 -23.96 -27.65 -9.21
N ALA D 155 -23.18 -28.31 -10.07
CA ALA D 155 -23.72 -28.86 -11.29
C ALA D 155 -24.36 -30.22 -11.11
N LEU D 156 -24.28 -30.80 -9.91
CA LEU D 156 -24.78 -32.16 -9.69
C LEU D 156 -26.11 -32.21 -8.97
N MET D 157 -26.21 -31.56 -7.81
CA MET D 157 -27.45 -31.66 -7.03
C MET D 157 -28.57 -30.85 -7.65
N ASP D 158 -28.24 -29.97 -8.60
CA ASP D 158 -29.26 -29.20 -9.31
C ASP D 158 -28.79 -29.00 -10.74
N GLY D 159 -29.48 -29.63 -11.69
CA GLY D 159 -29.12 -29.55 -13.09
C GLY D 159 -29.87 -30.57 -13.91
N LEU D 160 -29.31 -30.97 -15.05
CA LEU D 160 -29.88 -32.04 -15.83
C LEU D 160 -29.82 -33.34 -15.02
N ASP D 161 -30.80 -34.22 -15.26
CA ASP D 161 -31.03 -35.39 -14.42
C ASP D 161 -31.30 -34.96 -12.97
N SER D 162 -32.44 -34.29 -12.82
CA SER D 162 -32.86 -33.73 -11.54
C SER D 162 -32.66 -34.72 -10.40
N ARG D 163 -32.28 -34.19 -9.23
CA ARG D 163 -31.87 -35.01 -8.09
C ARG D 163 -32.98 -35.97 -7.64
N GLY D 164 -34.10 -35.43 -7.19
CA GLY D 164 -35.18 -36.29 -6.72
C GLY D 164 -35.65 -35.98 -5.32
N GLU D 165 -35.42 -36.90 -4.39
CA GLU D 165 -35.97 -36.83 -3.04
C GLU D 165 -34.86 -36.74 -1.99
N ILE D 166 -33.87 -35.88 -2.24
CA ILE D 166 -32.77 -35.68 -1.32
C ILE D 166 -32.69 -34.20 -0.97
N VAL D 167 -32.66 -33.89 0.32
CA VAL D 167 -32.58 -32.52 0.82
C VAL D 167 -31.13 -32.23 1.19
N VAL D 168 -30.68 -31.01 0.87
CA VAL D 168 -29.34 -30.55 1.19
C VAL D 168 -29.43 -29.52 2.30
N ILE D 169 -28.79 -29.80 3.43
CA ILE D 169 -28.82 -28.93 4.59
C ILE D 169 -27.40 -28.48 4.88
N GLY D 170 -27.21 -27.16 4.98
CA GLY D 170 -25.89 -26.63 5.25
C GLY D 170 -25.86 -25.70 6.45
N ALA D 171 -24.97 -25.98 7.38
CA ALA D 171 -24.79 -25.14 8.57
C ALA D 171 -23.42 -24.50 8.51
N THR D 172 -23.39 -23.18 8.39
CA THR D 172 -22.15 -22.42 8.35
C THR D 172 -22.14 -21.40 9.49
N ASN D 173 -20.97 -20.87 9.76
CA ASN D 173 -20.78 -19.96 10.89
C ASN D 173 -20.36 -18.57 10.43
N ARG D 174 -19.89 -18.43 9.18
CA ARG D 174 -19.84 -17.17 8.47
C ARG D 174 -20.65 -17.31 7.19
N LEU D 175 -21.21 -16.21 6.71
CA LEU D 175 -22.11 -16.26 5.56
C LEU D 175 -21.55 -15.59 4.32
N ASP D 176 -20.84 -14.47 4.46
CA ASP D 176 -20.50 -13.65 3.31
C ASP D 176 -19.48 -14.34 2.41
N SER D 177 -18.87 -15.43 2.86
CA SER D 177 -17.82 -16.11 2.11
C SER D 177 -18.35 -17.29 1.32
N ILE D 178 -19.57 -17.18 0.78
CA ILE D 178 -20.19 -18.23 -0.01
C ILE D 178 -20.43 -17.71 -1.42
N ASP D 179 -20.06 -18.52 -2.41
CA ASP D 179 -20.22 -18.17 -3.81
C ASP D 179 -21.68 -17.84 -4.11
N PRO D 180 -21.98 -16.69 -4.72
CA PRO D 180 -23.39 -16.34 -4.99
C PRO D 180 -24.13 -17.34 -5.84
N ALA D 181 -23.44 -18.07 -6.72
CA ALA D 181 -24.10 -19.08 -7.53
C ALA D 181 -24.70 -20.20 -6.69
N LEU D 182 -24.18 -20.43 -5.49
CA LEU D 182 -24.75 -21.45 -4.61
C LEU D 182 -26.11 -21.01 -4.08
N ARG D 183 -26.26 -19.74 -3.73
CA ARG D 183 -27.50 -19.21 -3.18
C ARG D 183 -28.45 -18.89 -4.32
N ARG D 184 -29.17 -19.91 -4.77
CA ARG D 184 -30.14 -19.76 -5.84
C ARG D 184 -31.41 -20.51 -5.49
N PRO D 185 -32.56 -20.10 -6.04
CA PRO D 185 -33.80 -20.84 -5.78
C PRO D 185 -33.83 -22.17 -6.49
N GLY D 186 -33.27 -23.19 -5.85
CA GLY D 186 -33.13 -24.50 -6.45
C GLY D 186 -31.87 -25.20 -5.97
N ARG D 187 -30.96 -24.44 -5.36
CA ARG D 187 -29.78 -25.00 -4.72
C ARG D 187 -29.78 -24.68 -3.23
N PHE D 188 -29.87 -23.41 -2.85
CA PHE D 188 -29.98 -23.00 -1.45
C PHE D 188 -30.95 -21.83 -1.43
N ASP D 189 -32.22 -22.12 -1.17
CA ASP D 189 -33.28 -21.13 -1.30
C ASP D 189 -33.95 -20.78 0.02
N ARG D 190 -33.37 -21.16 1.15
CA ARG D 190 -33.90 -20.76 2.45
C ARG D 190 -32.74 -20.59 3.42
N GLU D 191 -32.50 -19.35 3.82
CA GLU D 191 -31.49 -19.02 4.82
C GLU D 191 -32.18 -18.69 6.13
N PHE D 192 -31.86 -19.46 7.18
CA PHE D 192 -32.48 -19.29 8.49
C PHE D 192 -31.52 -18.55 9.40
N LEU D 193 -31.98 -17.45 9.98
CA LEU D 193 -31.17 -16.64 10.87
C LEU D 193 -31.34 -17.12 12.30
N PHE D 194 -30.22 -17.31 12.99
CA PHE D 194 -30.21 -17.72 14.39
C PHE D 194 -29.65 -16.57 15.22
N SER D 195 -30.52 -15.80 15.85
CA SER D 195 -30.15 -14.60 16.57
C SER D 195 -29.86 -14.90 18.02
N LEU D 196 -29.39 -13.87 18.73
CA LEU D 196 -29.18 -13.98 20.16
C LEU D 196 -30.51 -14.17 20.86
N PRO D 197 -30.59 -15.08 21.83
CA PRO D 197 -31.87 -15.32 22.51
C PRO D 197 -32.30 -14.12 23.33
N ASP D 198 -33.62 -13.93 23.40
CA ASP D 198 -34.22 -12.88 24.20
C ASP D 198 -34.64 -13.44 25.56
N LYS D 199 -35.42 -12.66 26.30
CA LYS D 199 -35.75 -13.04 27.68
C LYS D 199 -36.55 -14.33 27.72
N GLU D 200 -37.55 -14.47 26.84
CA GLU D 200 -38.37 -15.67 26.86
C GLU D 200 -37.54 -16.91 26.53
N ALA D 201 -36.68 -16.82 25.52
CA ALA D 201 -35.82 -17.95 25.17
C ALA D 201 -34.86 -18.26 26.31
N ARG D 202 -34.35 -17.24 26.99
CA ARG D 202 -33.48 -17.47 28.13
C ARG D 202 -34.21 -18.23 29.23
N LYS D 203 -35.43 -17.81 29.53
CA LYS D 203 -36.21 -18.46 30.59
C LYS D 203 -36.59 -19.88 30.21
N GLU D 204 -36.66 -20.14 28.91
CA GLU D 204 -36.91 -21.50 28.48
C GLU D 204 -35.67 -22.38 28.59
N ILE D 205 -34.50 -21.86 28.19
CA ILE D 205 -33.28 -22.66 28.25
C ILE D 205 -32.90 -22.93 29.70
N LEU D 206 -33.15 -21.98 30.60
CA LEU D 206 -32.87 -22.24 32.01
C LEU D 206 -33.69 -23.42 32.53
N LYS D 207 -34.97 -23.48 32.17
CA LYS D 207 -35.77 -24.64 32.55
C LYS D 207 -35.25 -25.91 31.88
N ILE D 208 -34.84 -25.82 30.61
CA ILE D 208 -34.42 -27.00 29.88
C ILE D 208 -33.19 -27.63 30.52
N HIS D 209 -32.19 -26.81 30.83
CA HIS D 209 -30.94 -27.36 31.36
C HIS D 209 -31.01 -27.74 32.83
N THR D 210 -31.98 -27.22 33.57
CA THR D 210 -32.19 -27.57 34.97
C THR D 210 -33.45 -28.41 35.13
N ARG D 211 -33.67 -29.33 34.19
CA ARG D 211 -34.92 -30.07 34.12
C ARG D 211 -35.08 -31.02 35.30
N ASP D 212 -34.01 -31.71 35.68
CA ASP D 212 -34.06 -32.75 36.71
C ASP D 212 -33.05 -32.43 37.80
N TRP D 213 -33.50 -31.68 38.79
CA TRP D 213 -32.72 -31.40 39.99
C TRP D 213 -33.57 -31.74 41.21
N ASN D 214 -32.91 -32.27 42.26
CA ASN D 214 -33.66 -32.76 43.40
C ASN D 214 -34.46 -31.65 44.07
N PRO D 215 -33.86 -30.50 44.45
CA PRO D 215 -34.70 -29.33 44.77
C PRO D 215 -35.07 -28.57 43.50
N LYS D 216 -36.32 -28.62 43.09
CA LYS D 216 -36.75 -27.91 41.90
C LYS D 216 -36.71 -26.41 42.17
N PRO D 217 -35.94 -25.63 41.41
CA PRO D 217 -35.86 -24.19 41.68
C PRO D 217 -37.18 -23.49 41.39
N LEU D 218 -37.40 -22.40 42.11
CA LEU D 218 -38.60 -21.60 41.92
C LEU D 218 -38.57 -20.91 40.56
N ASP D 219 -39.75 -20.72 39.98
CA ASP D 219 -39.83 -20.01 38.71
C ASP D 219 -39.42 -18.56 38.86
N THR D 220 -39.76 -17.92 39.98
CA THR D 220 -39.37 -16.54 40.20
C THR D 220 -37.85 -16.41 40.32
N PHE D 221 -37.19 -17.41 40.90
CA PHE D 221 -35.73 -17.41 40.94
C PHE D 221 -35.16 -17.48 39.54
N LEU D 222 -35.76 -18.31 38.68
CA LEU D 222 -35.33 -18.37 37.28
C LEU D 222 -35.51 -17.03 36.58
N GLU D 223 -36.64 -16.37 36.82
CA GLU D 223 -36.87 -15.05 36.21
C GLU D 223 -35.83 -14.04 36.69
N GLU D 224 -35.53 -14.05 37.99
CA GLU D 224 -34.55 -13.13 38.56
C GLU D 224 -33.17 -13.37 37.98
N LEU D 225 -32.80 -14.65 37.82
CA LEU D 225 -31.57 -14.97 37.10
C LEU D 225 -31.64 -14.50 35.66
N ALA D 226 -32.85 -14.50 35.09
CA ALA D 226 -33.02 -14.19 33.68
C ALA D 226 -32.77 -12.74 33.34
N GLU D 227 -33.30 -11.78 34.11
CA GLU D 227 -33.17 -10.40 33.62
C GLU D 227 -31.70 -9.97 33.62
N ASN D 228 -30.90 -10.50 34.53
CA ASN D 228 -29.51 -10.10 34.66
C ASN D 228 -28.62 -10.67 33.57
N CYS D 229 -28.87 -11.92 33.18
CA CYS D 229 -28.04 -12.58 32.18
C CYS D 229 -28.30 -12.00 30.80
N VAL D 230 -27.42 -11.09 30.36
CA VAL D 230 -27.56 -10.41 29.09
C VAL D 230 -26.34 -10.72 28.23
N GLY D 231 -26.57 -10.98 26.95
CA GLY D 231 -25.50 -11.29 26.03
C GLY D 231 -25.07 -12.74 25.99
N TYR D 232 -25.63 -13.59 26.85
CA TYR D 232 -25.29 -15.00 26.84
C TYR D 232 -25.89 -15.69 25.63
N CYS D 233 -25.14 -16.62 25.05
CA CYS D 233 -25.57 -17.33 23.84
C CYS D 233 -25.45 -18.84 24.04
N GLY D 234 -26.47 -19.42 24.69
CA GLY D 234 -26.62 -20.86 24.71
C GLY D 234 -25.60 -21.57 25.57
N ALA D 235 -24.35 -21.59 25.12
CA ALA D 235 -23.28 -22.30 25.81
C ALA D 235 -22.97 -21.71 27.17
N ASP D 236 -23.06 -20.38 27.30
CA ASP D 236 -22.82 -19.76 28.60
C ASP D 236 -23.81 -20.25 29.63
N ILE D 237 -25.07 -20.45 29.22
CA ILE D 237 -26.08 -20.98 30.14
C ILE D 237 -25.70 -22.38 30.60
N LYS D 238 -25.17 -23.20 29.69
CA LYS D 238 -24.73 -24.54 30.07
C LYS D 238 -23.56 -24.48 31.04
N SER D 239 -22.61 -23.57 30.78
CA SER D 239 -21.41 -23.49 31.60
C SER D 239 -21.65 -22.90 32.98
N ILE D 240 -22.60 -21.98 33.11
CA ILE D 240 -22.81 -21.29 34.38
C ILE D 240 -23.27 -22.27 35.46
N CYS D 241 -24.09 -23.26 35.09
CA CYS D 241 -24.55 -24.23 36.06
C CYS D 241 -23.38 -25.04 36.63
N ALA D 242 -22.49 -25.50 35.75
CA ALA D 242 -21.32 -26.23 36.20
C ALA D 242 -20.43 -25.35 37.06
N GLU D 243 -20.26 -24.08 36.66
CA GLU D 243 -19.44 -23.17 37.46
C GLU D 243 -20.01 -22.99 38.85
N ALA D 244 -21.34 -22.81 38.95
CA ALA D 244 -21.97 -22.64 40.25
C ALA D 244 -21.84 -23.90 41.10
N ALA D 245 -22.01 -25.06 40.49
CA ALA D 245 -21.87 -26.31 41.23
C ALA D 245 -20.45 -26.48 41.77
N LEU D 246 -19.45 -26.19 40.93
CA LEU D 246 -18.06 -26.29 41.39
C LEU D 246 -17.78 -25.29 42.51
N CYS D 247 -18.31 -24.08 42.39
CA CYS D 247 -18.12 -23.09 43.44
C CYS D 247 -18.76 -23.53 44.75
N ALA D 248 -19.96 -24.11 44.68
CA ALA D 248 -20.63 -24.59 45.88
C ALA D 248 -19.83 -25.72 46.52
N LEU D 249 -19.33 -26.65 45.70
CA LEU D 249 -18.51 -27.73 46.24
C LEU D 249 -17.24 -27.19 46.89
N ARG D 250 -16.60 -26.21 46.25
CA ARG D 250 -15.40 -25.61 46.82
C ARG D 250 -15.70 -24.95 48.16
N ARG D 251 -16.81 -24.22 48.25
CA ARG D 251 -17.16 -23.55 49.50
C ARG D 251 -17.48 -24.56 50.59
N ARG D 252 -18.16 -25.65 50.23
CA ARG D 252 -18.65 -26.58 51.26
C ARG D 252 -17.52 -27.31 51.96
N TYR D 253 -16.52 -27.77 51.21
CA TYR D 253 -15.41 -28.55 51.76
C TYR D 253 -14.09 -27.98 51.27
N PRO D 254 -13.62 -26.89 51.87
CA PRO D 254 -12.36 -26.27 51.41
C PRO D 254 -11.11 -27.03 51.81
N GLN D 255 -11.22 -28.18 52.46
CA GLN D 255 -10.06 -28.92 52.92
C GLN D 255 -9.69 -30.07 51.99
N ILE D 256 -10.26 -30.11 50.78
CA ILE D 256 -10.01 -31.19 49.85
C ILE D 256 -8.87 -30.88 48.88
N TYR D 257 -8.41 -29.64 48.82
CA TYR D 257 -7.42 -29.22 47.84
C TYR D 257 -5.99 -29.56 48.22
N THR D 258 -5.73 -29.94 49.46
CA THR D 258 -4.37 -30.19 49.94
C THR D 258 -4.22 -31.59 50.54
N THR D 259 -4.85 -32.58 49.94
CA THR D 259 -4.77 -33.95 50.45
C THR D 259 -4.20 -34.95 49.46
N SER D 260 -4.58 -34.86 48.18
CA SER D 260 -4.17 -35.82 47.16
C SER D 260 -4.49 -37.26 47.59
N GLU D 261 -5.60 -37.42 48.31
CA GLU D 261 -5.99 -38.71 48.85
C GLU D 261 -7.51 -38.82 48.80
N LYS D 262 -8.00 -40.05 48.83
CA LYS D 262 -9.43 -40.29 48.85
C LYS D 262 -10.00 -39.97 50.23
N LEU D 263 -11.10 -39.23 50.24
CA LEU D 263 -11.79 -38.88 51.47
C LEU D 263 -13.24 -39.33 51.37
N GLN D 264 -13.99 -39.17 52.45
CA GLN D 264 -15.39 -39.52 52.52
C GLN D 264 -16.23 -38.26 52.42
N LEU D 265 -17.34 -38.33 51.70
CA LEU D 265 -18.20 -37.18 51.46
C LEU D 265 -19.65 -37.56 51.75
N ASP D 266 -20.35 -36.68 52.47
CA ASP D 266 -21.78 -36.85 52.70
C ASP D 266 -22.56 -36.07 51.65
N LEU D 267 -23.26 -36.79 50.78
CA LEU D 267 -23.96 -36.17 49.66
C LEU D 267 -25.32 -35.63 50.06
N SER D 268 -25.33 -34.80 51.10
CA SER D 268 -26.56 -34.18 51.58
C SER D 268 -26.46 -32.69 51.85
N SER D 269 -25.27 -32.14 52.08
CA SER D 269 -25.09 -30.72 52.34
C SER D 269 -24.45 -29.98 51.17
N ILE D 270 -24.60 -30.52 49.96
CA ILE D 270 -24.00 -29.92 48.77
C ILE D 270 -25.09 -29.22 47.98
N ASN D 271 -26.15 -28.82 48.66
CA ASN D 271 -27.26 -28.14 47.99
C ASN D 271 -26.81 -26.79 47.45
N ILE D 272 -27.39 -26.41 46.31
CA ILE D 272 -27.10 -25.13 45.67
C ILE D 272 -28.09 -24.09 46.18
N SER D 273 -27.57 -22.97 46.65
CA SER D 273 -28.38 -21.87 47.16
C SER D 273 -28.02 -20.59 46.42
N ALA D 274 -28.61 -19.48 46.88
CA ALA D 274 -28.27 -18.18 46.34
C ALA D 274 -26.85 -17.81 46.76
N LYS D 275 -26.40 -16.64 46.28
CA LYS D 275 -25.09 -16.08 46.59
C LYS D 275 -23.98 -16.94 45.97
N ASP D 276 -24.36 -18.05 45.34
CA ASP D 276 -23.42 -18.90 44.64
C ASP D 276 -23.43 -18.67 43.13
N PHE D 277 -24.58 -18.32 42.56
CA PHE D 277 -24.61 -17.89 41.18
C PHE D 277 -24.00 -16.52 41.01
N GLU D 278 -24.18 -15.64 42.00
CA GLU D 278 -23.65 -14.28 41.92
C GLU D 278 -22.12 -14.28 41.92
N VAL D 279 -21.50 -15.09 42.78
CA VAL D 279 -20.05 -15.16 42.80
C VAL D 279 -19.52 -15.79 41.52
N ALA D 280 -20.22 -16.79 41.00
CA ALA D 280 -19.78 -17.43 39.76
C ALA D 280 -19.83 -16.45 38.59
N MET D 281 -20.88 -15.63 38.52
CA MET D 281 -21.04 -14.71 37.40
C MET D 281 -19.95 -13.65 37.35
N GLN D 282 -19.27 -13.39 38.46
CA GLN D 282 -18.18 -12.42 38.45
C GLN D 282 -17.05 -12.90 37.56
N LYS D 283 -16.67 -14.17 37.68
CA LYS D 283 -15.58 -14.74 36.87
C LYS D 283 -16.12 -15.46 35.64
N MET D 284 -16.87 -14.74 34.82
CA MET D 284 -17.35 -15.29 33.55
C MET D 284 -17.60 -14.14 32.59
N ILE D 285 -17.26 -14.35 31.32
CA ILE D 285 -17.42 -13.32 30.30
C ILE D 285 -18.29 -13.88 29.18
N PRO D 286 -19.31 -13.17 28.74
CA PRO D 286 -20.15 -13.67 27.64
C PRO D 286 -19.34 -13.82 26.37
N ALA D 287 -19.76 -14.80 25.55
CA ALA D 287 -19.00 -15.13 24.35
C ALA D 287 -19.00 -13.97 23.36
N SER D 288 -20.12 -13.27 23.20
CA SER D 288 -20.19 -12.20 22.21
C SER D 288 -19.24 -11.07 22.53
N GLN D 289 -19.31 -10.54 23.76
CA GLN D 289 -18.51 -9.38 24.14
C GLN D 289 -17.19 -9.77 24.80
N ARG D 290 -16.45 -10.66 24.16
CA ARG D 290 -15.13 -11.05 24.64
C ARG D 290 -14.01 -10.32 23.92
N ALA D 291 -14.28 -9.74 22.75
CA ALA D 291 -13.29 -8.96 22.03
C ALA D 291 -13.64 -7.48 21.93
N VAL D 292 -14.90 -7.11 22.11
CA VAL D 292 -15.34 -5.73 22.07
C VAL D 292 -16.59 -5.59 22.93
N THR D 293 -16.69 -4.49 23.66
CA THR D 293 -17.82 -4.22 24.53
C THR D 293 -18.90 -3.47 23.75
N SER D 294 -20.15 -3.78 24.05
CA SER D 294 -21.28 -3.15 23.39
C SER D 294 -21.69 -1.89 24.15
N PRO D 295 -22.21 -0.88 23.45
CA PRO D 295 -22.63 0.35 24.14
C PRO D 295 -23.95 0.20 24.89
N GLY D 296 -24.07 -0.86 25.68
CA GLY D 296 -25.24 -1.04 26.52
C GLY D 296 -24.90 -1.57 27.89
N GLN D 297 -25.26 -0.84 28.93
CA GLN D 297 -24.99 -1.24 30.30
C GLN D 297 -26.21 -0.94 31.17
N ALA D 298 -26.62 -1.91 31.97
CA ALA D 298 -27.70 -1.69 32.91
C ALA D 298 -27.23 -0.82 34.07
N LEU D 299 -28.19 -0.17 34.72
CA LEU D 299 -27.87 0.63 35.90
C LEU D 299 -27.35 -0.26 37.01
N SER D 300 -26.33 0.21 37.72
CA SER D 300 -25.80 -0.54 38.84
C SER D 300 -26.80 -0.56 39.99
N THR D 301 -26.62 -1.52 40.90
CA THR D 301 -27.54 -1.65 42.03
C THR D 301 -27.53 -0.41 42.91
N VAL D 302 -26.42 0.32 42.92
CA VAL D 302 -26.33 1.52 43.75
C VAL D 302 -27.23 2.63 43.20
N VAL D 303 -27.20 2.83 41.89
CA VAL D 303 -27.89 3.97 41.27
C VAL D 303 -29.31 3.64 40.82
N LYS D 304 -29.66 2.34 40.73
CA LYS D 304 -30.95 1.93 40.20
C LYS D 304 -32.15 2.59 40.90
N PRO D 305 -32.25 2.61 42.23
CA PRO D 305 -33.42 3.25 42.85
C PRO D 305 -33.49 4.75 42.66
N LEU D 306 -32.40 5.38 42.21
CA LEU D 306 -32.38 6.83 42.03
C LEU D 306 -32.82 7.25 40.63
N LEU D 307 -32.69 6.37 39.63
CA LEU D 307 -33.01 6.72 38.24
C LEU D 307 -34.04 5.80 37.60
N GLN D 308 -34.59 4.84 38.34
CA GLN D 308 -35.58 3.93 37.75
C GLN D 308 -36.79 4.68 37.21
N ASN D 309 -37.31 5.64 37.98
CA ASN D 309 -38.49 6.38 37.54
C ASN D 309 -38.20 7.20 36.30
N THR D 310 -37.03 7.82 36.22
CA THR D 310 -36.65 8.57 35.04
C THR D 310 -36.55 7.66 33.82
N VAL D 311 -35.97 6.47 33.99
CA VAL D 311 -35.91 5.52 32.89
C VAL D 311 -37.31 5.14 32.43
N ASP D 312 -38.21 4.89 33.38
CA ASP D 312 -39.57 4.51 33.03
C ASP D 312 -40.28 5.63 32.26
N LYS D 313 -40.08 6.88 32.69
CA LYS D 313 -40.68 8.00 31.97
C LYS D 313 -40.12 8.12 30.56
N ILE D 314 -38.82 7.91 30.39
CA ILE D 314 -38.22 7.96 29.06
C ILE D 314 -38.82 6.88 28.17
N LEU D 315 -38.98 5.66 28.71
CA LEU D 315 -39.60 4.59 27.95
C LEU D 315 -41.04 4.94 27.58
N GLU D 316 -41.79 5.54 28.52
CA GLU D 316 -43.16 5.93 28.19
C GLU D 316 -43.20 6.95 27.06
N ALA D 317 -42.31 7.93 27.11
CA ALA D 317 -42.28 8.95 26.06
C ALA D 317 -41.93 8.34 24.71
N LEU D 318 -40.92 7.47 24.67
CA LEU D 318 -40.53 6.88 23.40
C LEU D 318 -41.61 5.92 22.89
N GLN D 319 -42.32 5.25 23.80
CA GLN D 319 -43.46 4.43 23.40
C GLN D 319 -44.54 5.28 22.77
N ARG D 320 -44.78 6.47 23.33
CA ARG D 320 -45.73 7.39 22.71
C ARG D 320 -45.27 7.80 21.32
N VAL D 321 -43.98 8.06 21.15
CA VAL D 321 -43.47 8.47 19.85
C VAL D 321 -43.18 7.28 18.93
N PHE D 322 -42.60 6.20 19.47
CA PHE D 322 -42.22 5.02 18.70
C PHE D 322 -43.12 3.87 19.14
N PRO D 323 -44.18 3.58 18.38
CA PRO D 323 -45.18 2.60 18.85
C PRO D 323 -44.64 1.20 19.04
N HIS D 324 -43.54 0.82 18.39
CA HIS D 324 -43.03 -0.54 18.48
C HIS D 324 -42.26 -0.74 19.78
N ALA D 325 -42.91 -0.48 20.91
CA ALA D 325 -42.29 -0.64 22.23
C ALA D 325 -43.20 -1.44 23.16
N GLU D 326 -43.90 -2.42 22.63
CA GLU D 326 -44.82 -3.23 23.42
C GLU D 326 -44.07 -4.05 24.48
N TYR D 384 -54.63 -5.10 11.78
CA TYR D 384 -53.51 -4.38 11.19
C TYR D 384 -52.29 -4.38 12.11
N GLN D 385 -51.33 -3.53 11.80
CA GLN D 385 -50.09 -3.39 12.54
C GLN D 385 -49.80 -1.93 12.79
N PRO D 386 -49.08 -1.60 13.87
CA PRO D 386 -48.72 -0.20 14.11
C PRO D 386 -47.83 0.34 13.01
N MET D 387 -47.99 1.62 12.71
CA MET D 387 -47.21 2.28 11.67
C MET D 387 -46.75 3.64 12.15
N SER D 388 -45.46 3.92 11.99
CA SER D 388 -44.85 5.16 12.47
C SER D 388 -44.23 5.91 11.30
N PHE D 389 -43.68 7.09 11.60
CA PHE D 389 -43.11 7.97 10.57
C PHE D 389 -41.83 8.59 11.10
N ARG D 390 -40.68 8.06 10.63
CA ARG D 390 -39.35 8.59 10.90
C ARG D 390 -39.15 8.90 12.38
N PRO D 391 -39.05 7.87 13.23
CA PRO D 391 -38.92 8.13 14.67
C PRO D 391 -37.62 8.83 15.00
N ARG D 392 -37.69 9.76 15.96
CA ARG D 392 -36.51 10.47 16.44
C ARG D 392 -36.73 10.81 17.90
N ILE D 393 -35.62 11.04 18.60
CA ILE D 393 -35.68 11.37 20.02
C ILE D 393 -34.42 12.13 20.38
N LEU D 394 -34.55 13.06 21.32
CA LEU D 394 -33.44 13.87 21.79
C LEU D 394 -33.64 14.17 23.27
N ILE D 395 -32.55 14.11 24.03
CA ILE D 395 -32.58 14.31 25.48
C ILE D 395 -31.66 15.47 25.83
N VAL D 396 -32.16 16.41 26.62
CA VAL D 396 -31.41 17.58 27.04
C VAL D 396 -31.42 17.66 28.56
N GLY D 397 -30.24 17.89 29.14
CA GLY D 397 -30.13 18.08 30.57
C GLY D 397 -28.97 19.00 30.89
N GLU D 398 -29.00 19.58 32.08
CA GLU D 398 -27.92 20.41 32.53
C GLU D 398 -26.66 19.58 32.74
N PRO D 399 -25.48 20.20 32.68
CA PRO D 399 -24.25 19.42 32.86
C PRO D 399 -24.23 18.74 34.21
N GLY D 400 -23.75 17.49 34.22
CA GLY D 400 -23.76 16.68 35.43
C GLY D 400 -25.07 16.00 35.73
N PHE D 401 -26.06 16.10 34.85
CA PHE D 401 -27.36 15.48 35.09
C PHE D 401 -27.42 14.04 34.61
N GLY D 402 -26.32 13.51 34.08
CA GLY D 402 -26.26 12.11 33.67
C GLY D 402 -27.14 11.77 32.49
N GLN D 403 -27.19 12.63 31.48
CA GLN D 403 -27.91 12.34 30.24
C GLN D 403 -27.02 11.75 29.17
N GLY D 404 -25.74 11.51 29.48
CA GLY D 404 -24.83 10.94 28.52
C GLY D 404 -24.05 9.76 29.05
N SER D 405 -24.17 9.50 30.35
CA SER D 405 -23.42 8.43 30.98
C SER D 405 -24.27 7.44 31.77
N HIS D 406 -25.51 7.78 32.07
CA HIS D 406 -26.31 6.89 32.91
C HIS D 406 -27.67 6.57 32.33
N LEU D 407 -28.28 7.48 31.57
CA LEU D 407 -29.64 7.28 31.08
C LEU D 407 -29.68 6.56 29.75
N ALA D 408 -28.97 7.09 28.75
CA ALA D 408 -29.02 6.50 27.41
C ALA D 408 -28.54 5.05 27.36
N PRO D 409 -27.39 4.69 27.96
CA PRO D 409 -27.03 3.26 27.95
C PRO D 409 -28.05 2.36 28.61
N ALA D 410 -28.65 2.80 29.72
CA ALA D 410 -29.68 2.00 30.38
C ALA D 410 -30.89 1.83 29.48
N VAL D 411 -31.31 2.89 28.81
CA VAL D 411 -32.45 2.79 27.90
C VAL D 411 -32.12 1.84 26.75
N ILE D 412 -30.92 1.94 26.19
CA ILE D 412 -30.51 1.05 25.11
C ILE D 412 -30.55 -0.39 25.56
N HIS D 413 -30.01 -0.66 26.75
CA HIS D 413 -30.04 -2.03 27.28
C HIS D 413 -31.47 -2.52 27.48
N ALA D 414 -32.35 -1.65 27.98
CA ALA D 414 -33.74 -2.04 28.17
C ALA D 414 -34.42 -2.38 26.85
N LEU D 415 -34.18 -1.57 25.82
CA LEU D 415 -34.72 -1.82 24.49
C LEU D 415 -33.84 -2.83 23.76
N GLU D 416 -33.96 -4.08 24.21
CA GLU D 416 -33.20 -5.17 23.61
C GLU D 416 -33.86 -5.62 22.32
N LYS D 417 -33.40 -6.77 21.81
CA LYS D 417 -33.89 -7.42 20.59
C LYS D 417 -33.88 -6.48 19.38
N PHE D 418 -33.20 -5.35 19.50
CA PHE D 418 -32.97 -4.44 18.39
C PHE D 418 -31.46 -4.24 18.24
N THR D 419 -30.93 -4.58 17.07
CA THR D 419 -29.51 -4.37 16.83
C THR D 419 -29.17 -2.90 16.99
N VAL D 420 -28.15 -2.61 17.80
CA VAL D 420 -27.74 -1.25 18.10
C VAL D 420 -26.42 -0.98 17.41
N TYR D 421 -26.38 0.07 16.58
CA TYR D 421 -25.17 0.49 15.91
C TYR D 421 -24.80 1.87 16.42
N THR D 422 -23.60 1.99 16.98
CA THR D 422 -23.17 3.27 17.48
C THR D 422 -22.42 4.05 16.41
N LEU D 423 -22.35 5.37 16.60
CA LEU D 423 -21.57 6.27 15.76
C LEU D 423 -21.05 7.35 16.70
N ASP D 424 -19.84 7.16 17.18
CA ASP D 424 -19.27 8.00 18.23
C ASP D 424 -17.84 8.37 17.86
N ILE D 425 -17.35 9.42 18.51
CA ILE D 425 -15.99 9.89 18.24
C ILE D 425 -14.95 8.80 18.42
N PRO D 426 -14.92 8.04 19.52
CA PRO D 426 -13.93 6.95 19.63
C PRO D 426 -14.03 5.90 18.55
N VAL D 427 -15.24 5.59 18.08
CA VAL D 427 -15.38 4.61 17.00
C VAL D 427 -15.08 5.23 15.64
N LEU D 428 -15.53 6.47 15.40
CA LEU D 428 -15.28 7.12 14.13
C LEU D 428 -13.78 7.35 13.93
N PHE D 429 -13.17 8.13 14.81
CA PHE D 429 -11.74 8.43 14.72
C PHE D 429 -10.92 7.46 15.56
N GLY D 430 -11.12 6.15 15.36
CA GLY D 430 -10.41 5.18 16.16
C GLY D 430 -9.87 4.00 15.39
N VAL D 431 -10.17 3.93 14.10
CA VAL D 431 -9.72 2.85 13.23
C VAL D 431 -8.96 3.46 12.06
N SER D 432 -7.76 2.97 11.80
CA SER D 432 -6.98 3.45 10.68
C SER D 432 -7.34 2.68 9.41
N THR D 433 -6.64 3.03 8.33
CA THR D 433 -6.79 2.37 7.02
C THR D 433 -8.21 2.47 6.49
N THR D 434 -8.96 3.47 6.94
CA THR D 434 -10.34 3.66 6.48
C THR D 434 -10.77 5.09 6.82
N SER D 435 -11.19 5.84 5.81
CA SER D 435 -11.69 7.18 6.05
C SER D 435 -13.00 7.12 6.84
N PRO D 436 -13.25 8.11 7.71
CA PRO D 436 -14.47 8.06 8.53
C PRO D 436 -15.76 8.03 7.72
N GLU D 437 -15.78 8.67 6.54
CA GLU D 437 -17.01 8.71 5.75
C GLU D 437 -17.44 7.32 5.30
N GLU D 438 -16.48 6.46 4.95
CA GLU D 438 -16.83 5.09 4.59
C GLU D 438 -17.51 4.37 5.73
N THR D 439 -16.99 4.53 6.95
CA THR D 439 -17.63 3.90 8.11
C THR D 439 -19.01 4.49 8.36
N CYS D 440 -19.15 5.81 8.20
CA CYS D 440 -20.45 6.45 8.45
C CYS D 440 -21.50 5.96 7.46
N ALA D 441 -21.12 5.76 6.20
CA ALA D 441 -22.06 5.22 5.23
C ALA D 441 -22.33 3.74 5.49
N GLN D 442 -21.29 2.99 5.85
CA GLN D 442 -21.43 1.56 6.09
C GLN D 442 -22.39 1.28 7.24
N VAL D 443 -22.28 2.05 8.33
CA VAL D 443 -23.11 1.79 9.50
C VAL D 443 -24.57 2.07 9.19
N ILE D 444 -24.86 3.16 8.48
CA ILE D 444 -26.25 3.47 8.16
C ILE D 444 -26.80 2.46 7.17
N ARG D 445 -25.96 1.98 6.24
CA ARG D 445 -26.45 0.97 5.29
C ARG D 445 -26.79 -0.33 6.01
N GLU D 446 -25.93 -0.79 6.91
CA GLU D 446 -26.25 -2.03 7.62
C GLU D 446 -27.43 -1.84 8.57
N ALA D 447 -27.59 -0.64 9.13
CA ALA D 447 -28.77 -0.38 9.95
C ALA D 447 -30.04 -0.47 9.14
N LYS D 448 -30.03 0.08 7.92
CA LYS D 448 -31.19 -0.04 7.04
C LYS D 448 -31.41 -1.49 6.62
N ARG D 449 -30.33 -2.26 6.50
CA ARG D 449 -30.44 -3.62 5.98
C ARG D 449 -31.21 -4.54 6.92
N THR D 450 -31.08 -4.35 8.22
CA THR D 450 -31.69 -5.24 9.21
C THR D 450 -32.67 -4.47 10.11
N ALA D 451 -33.51 -3.65 9.50
CA ALA D 451 -34.49 -2.89 10.27
C ALA D 451 -35.44 -3.86 10.98
N PRO D 452 -35.97 -3.50 12.16
CA PRO D 452 -35.72 -2.24 12.88
C PRO D 452 -34.35 -2.22 13.58
N SER D 453 -33.82 -1.03 13.82
CA SER D 453 -32.52 -0.88 14.46
C SER D 453 -32.42 0.53 15.02
N ILE D 454 -31.42 0.74 15.86
CA ILE D 454 -31.21 2.02 16.54
C ILE D 454 -29.84 2.57 16.17
N VAL D 455 -29.78 3.88 15.97
CA VAL D 455 -28.54 4.59 15.72
C VAL D 455 -28.29 5.52 16.89
N TYR D 456 -27.15 5.33 17.56
CA TYR D 456 -26.82 6.06 18.78
C TYR D 456 -25.73 7.07 18.46
N VAL D 457 -26.04 8.35 18.63
CA VAL D 457 -25.08 9.44 18.39
C VAL D 457 -25.05 10.33 19.62
N PRO D 458 -24.06 10.17 20.50
CA PRO D 458 -24.04 10.95 21.75
C PRO D 458 -23.25 12.24 21.64
N HIS D 459 -23.63 13.18 22.51
CA HIS D 459 -22.92 14.44 22.72
C HIS D 459 -22.80 15.25 21.43
N ILE D 460 -23.97 15.65 20.91
CA ILE D 460 -24.00 16.43 19.67
C ILE D 460 -23.32 17.78 19.85
N HIS D 461 -23.52 18.43 21.00
CA HIS D 461 -23.02 19.78 21.21
C HIS D 461 -21.51 19.88 21.07
N VAL D 462 -20.79 18.77 21.24
CA VAL D 462 -19.37 18.74 20.92
C VAL D 462 -19.11 17.95 19.64
N TRP D 463 -19.98 17.02 19.26
CA TRP D 463 -19.81 16.24 18.05
C TRP D 463 -19.85 17.10 16.79
N TRP D 464 -20.73 18.08 16.74
CA TRP D 464 -21.01 18.80 15.50
C TRP D 464 -19.85 19.64 14.99
N GLU D 465 -19.09 20.29 15.88
CA GLU D 465 -18.06 21.22 15.47
C GLU D 465 -16.67 20.59 15.40
N ILE D 466 -16.59 19.27 15.48
CA ILE D 466 -15.31 18.58 15.36
C ILE D 466 -15.07 18.05 13.95
N VAL D 467 -16.03 17.32 13.38
CA VAL D 467 -15.82 16.72 12.06
C VAL D 467 -15.93 17.79 10.98
N GLY D 468 -15.40 17.47 9.81
CA GLY D 468 -15.37 18.40 8.70
C GLY D 468 -16.74 18.57 8.07
N PRO D 469 -16.87 19.62 7.25
CA PRO D 469 -18.15 19.87 6.59
C PRO D 469 -18.58 18.74 5.66
N THR D 470 -17.64 18.06 5.02
CA THR D 470 -18.00 16.98 4.10
C THR D 470 -18.74 15.87 4.83
N LEU D 471 -18.25 15.49 6.01
CA LEU D 471 -18.94 14.47 6.79
C LEU D 471 -20.31 14.94 7.26
N LYS D 472 -20.45 16.21 7.63
CA LYS D 472 -21.75 16.73 8.01
C LYS D 472 -22.73 16.63 6.84
N ALA D 473 -22.29 17.03 5.64
CA ALA D 473 -23.16 16.96 4.48
C ALA D 473 -23.54 15.51 4.16
N THR D 474 -22.57 14.60 4.23
CA THR D 474 -22.85 13.19 3.95
C THR D 474 -23.85 12.63 4.94
N PHE D 475 -23.66 12.92 6.23
CA PHE D 475 -24.59 12.42 7.24
C PHE D 475 -25.98 13.01 7.04
N THR D 476 -26.05 14.30 6.70
CA THR D 476 -27.36 14.93 6.49
C THR D 476 -28.08 14.29 5.30
N THR D 477 -27.38 14.07 4.20
CA THR D 477 -28.03 13.50 3.02
C THR D 477 -28.38 12.03 3.19
N LEU D 478 -27.56 11.25 3.90
CA LEU D 478 -27.87 9.84 4.05
C LEU D 478 -29.12 9.62 4.90
N LEU D 479 -29.40 10.52 5.84
CA LEU D 479 -30.57 10.37 6.69
C LEU D 479 -31.88 10.54 5.93
N GLN D 480 -31.88 11.28 4.83
CA GLN D 480 -33.11 11.60 4.11
C GLN D 480 -33.47 10.59 3.04
N ASN D 481 -32.60 9.61 2.77
CA ASN D 481 -32.87 8.60 1.76
C ASN D 481 -33.50 7.34 2.32
N ILE D 482 -33.67 7.26 3.63
CA ILE D 482 -34.30 6.10 4.25
C ILE D 482 -35.78 6.11 3.91
N PRO D 483 -36.45 4.96 3.87
CA PRO D 483 -37.90 4.96 3.65
C PRO D 483 -38.62 5.70 4.75
N SER D 484 -39.71 6.38 4.35
CA SER D 484 -40.43 7.26 5.27
C SER D 484 -41.00 6.48 6.45
N PHE D 485 -41.54 5.28 6.19
CA PHE D 485 -42.17 4.49 7.23
C PHE D 485 -41.25 3.38 7.76
N ALA D 486 -39.99 3.39 7.39
CA ALA D 486 -39.05 2.40 7.90
C ALA D 486 -38.74 2.70 9.37
N PRO D 487 -38.97 1.76 10.28
CA PRO D 487 -38.77 2.02 11.72
C PRO D 487 -37.29 2.04 12.14
N VAL D 488 -36.66 3.19 11.95
CA VAL D 488 -35.29 3.42 12.39
C VAL D 488 -35.29 4.60 13.34
N LEU D 489 -34.73 4.39 14.54
CA LEU D 489 -34.70 5.40 15.58
C LEU D 489 -33.34 6.07 15.61
N LEU D 490 -33.34 7.36 15.97
CA LEU D 490 -32.11 8.14 16.11
C LEU D 490 -32.05 8.67 17.53
N LEU D 491 -31.40 7.92 18.42
CA LEU D 491 -31.25 8.30 19.82
C LEU D 491 -30.00 9.15 19.95
N ALA D 492 -30.13 10.29 20.62
CA ALA D 492 -29.05 11.27 20.69
C ALA D 492 -29.25 12.17 21.89
N THR D 493 -28.14 12.51 22.55
CA THR D 493 -28.18 13.28 23.78
C THR D 493 -27.36 14.56 23.65
N SER D 494 -27.86 15.62 24.29
CA SER D 494 -27.21 16.92 24.26
C SER D 494 -27.25 17.53 25.65
N ASP D 495 -26.32 18.46 25.89
CA ASP D 495 -26.20 19.12 27.19
C ASP D 495 -26.60 20.59 27.17
N LYS D 496 -26.24 21.33 26.13
CA LYS D 496 -26.64 22.72 26.04
C LYS D 496 -28.15 22.81 25.78
N PRO D 497 -28.79 23.92 26.17
CA PRO D 497 -30.20 24.11 25.83
C PRO D 497 -30.40 24.17 24.32
N HIS D 498 -31.57 23.68 23.89
CA HIS D 498 -31.82 23.51 22.47
C HIS D 498 -31.77 24.83 21.71
N SER D 499 -32.06 25.94 22.38
CA SER D 499 -32.05 27.24 21.70
C SER D 499 -30.65 27.60 21.21
N ALA D 500 -29.62 27.22 21.98
CA ALA D 500 -28.25 27.58 21.63
C ALA D 500 -27.64 26.70 20.54
N LEU D 501 -28.32 25.63 20.14
CA LEU D 501 -27.78 24.74 19.14
C LEU D 501 -27.75 25.42 17.77
N PRO D 502 -26.87 24.96 16.88
CA PRO D 502 -26.86 25.50 15.51
C PRO D 502 -28.14 25.16 14.76
N GLU D 503 -28.40 25.93 13.71
CA GLU D 503 -29.66 25.80 12.97
C GLU D 503 -29.79 24.43 12.33
N GLU D 504 -28.70 23.89 11.79
CA GLU D 504 -28.76 22.58 11.14
C GLU D 504 -29.20 21.50 12.12
N VAL D 505 -28.71 21.55 13.36
CA VAL D 505 -29.17 20.61 14.36
C VAL D 505 -30.63 20.88 14.73
N GLN D 506 -31.01 22.15 14.88
CA GLN D 506 -32.35 22.47 15.37
C GLN D 506 -33.43 22.06 14.38
N GLU D 507 -33.16 22.22 13.07
CA GLU D 507 -34.18 21.89 12.08
C GLU D 507 -34.49 20.41 12.06
N LEU D 508 -33.56 19.56 12.49
CA LEU D 508 -33.78 18.12 12.49
C LEU D 508 -34.80 17.68 13.54
N PHE D 509 -35.19 18.57 14.45
CA PHE D 509 -36.10 18.23 15.54
C PHE D 509 -37.23 19.25 15.60
N ILE D 510 -38.44 18.76 15.84
CA ILE D 510 -39.69 19.47 15.58
C ILE D 510 -40.48 19.60 16.88
N ARG D 511 -39.79 19.95 17.98
CA ARG D 511 -40.26 19.78 19.35
C ARG D 511 -41.75 19.95 19.55
N ASP D 512 -42.36 20.89 18.82
CA ASP D 512 -43.82 21.00 18.75
C ASP D 512 -44.47 19.63 18.54
N TYR D 513 -43.81 18.76 17.77
CA TYR D 513 -44.28 17.39 17.61
C TYR D 513 -44.15 16.58 18.90
N GLY D 514 -43.21 16.95 19.77
CA GLY D 514 -42.93 16.16 20.96
C GLY D 514 -41.74 15.24 20.78
N GLU D 515 -40.64 15.78 20.26
CA GLU D 515 -39.44 14.99 20.00
C GLU D 515 -38.28 15.39 20.91
N ILE D 516 -38.55 16.16 21.96
CA ILE D 516 -37.51 16.62 22.87
C ILE D 516 -37.94 16.31 24.30
N PHE D 517 -37.02 15.73 25.07
CA PHE D 517 -37.27 15.36 26.46
C PHE D 517 -36.29 16.11 27.35
N ASN D 518 -36.67 16.30 28.60
CA ASN D 518 -35.85 17.03 29.57
C ASN D 518 -35.69 16.21 30.85
N VAL D 519 -34.56 16.40 31.51
CA VAL D 519 -34.20 15.65 32.71
C VAL D 519 -34.17 16.61 33.89
N GLN D 520 -34.76 16.18 35.00
CA GLN D 520 -34.83 16.98 36.21
C GLN D 520 -34.23 16.20 37.38
N LEU D 521 -33.86 16.95 38.42
CA LEU D 521 -33.18 16.37 39.57
C LEU D 521 -34.10 15.43 40.34
N PRO D 522 -33.54 14.49 41.08
CA PRO D 522 -34.37 13.57 41.87
C PRO D 522 -35.05 14.28 43.03
N ASP D 523 -36.01 13.58 43.64
CA ASP D 523 -36.84 14.14 44.68
C ASP D 523 -36.36 13.66 46.05
N LYS D 524 -37.09 14.01 47.11
CA LYS D 524 -36.64 13.71 48.48
C LYS D 524 -36.71 12.22 48.79
N GLU D 525 -37.83 11.57 48.48
CA GLU D 525 -37.99 10.16 48.83
C GLU D 525 -37.01 9.28 48.06
N GLU D 526 -36.68 9.67 46.82
CA GLU D 526 -35.68 8.93 46.06
C GLU D 526 -34.33 8.97 46.76
N ARG D 527 -33.90 10.15 47.20
CA ARG D 527 -32.63 10.26 47.92
C ARG D 527 -32.69 9.49 49.23
N THR D 528 -33.82 9.55 49.92
CA THR D 528 -33.96 8.83 51.18
C THR D 528 -33.80 7.33 50.97
N LYS D 529 -34.46 6.79 49.94
CA LYS D 529 -34.34 5.37 49.65
C LYS D 529 -32.94 5.01 49.19
N PHE D 530 -32.30 5.94 48.47
CA PHE D 530 -30.93 5.71 48.03
C PHE D 530 -29.98 5.58 49.21
N PHE D 531 -30.14 6.43 50.22
CA PHE D 531 -29.19 6.47 51.33
C PHE D 531 -29.53 5.51 52.46
N GLU D 532 -30.80 5.14 52.63
CA GLU D 532 -31.21 4.43 53.84
C GLU D 532 -30.52 3.07 53.98
N ASP D 533 -30.33 2.35 52.88
CA ASP D 533 -29.76 1.02 52.97
C ASP D 533 -28.36 1.06 53.58
N LEU D 534 -27.55 2.04 53.16
CA LEU D 534 -26.20 2.14 53.68
C LEU D 534 -26.18 2.77 55.06
N ILE D 535 -26.88 3.90 55.24
CA ILE D 535 -26.76 4.64 56.49
C ILE D 535 -27.43 3.93 57.66
N LEU D 536 -28.42 3.07 57.41
CA LEU D 536 -29.21 2.47 58.47
C LEU D 536 -28.96 0.98 58.64
N LYS D 537 -29.15 0.20 57.59
CA LYS D 537 -29.04 -1.25 57.70
C LYS D 537 -27.60 -1.74 57.80
N GLN D 538 -26.63 -0.95 57.33
CA GLN D 538 -25.24 -1.37 57.32
C GLN D 538 -24.38 -0.63 58.33
N ALA D 539 -24.91 0.40 59.00
CA ALA D 539 -24.10 1.16 59.95
C ALA D 539 -23.63 0.30 61.10
N ALA D 540 -24.52 -0.51 61.68
CA ALA D 540 -24.13 -1.36 62.80
C ALA D 540 -23.34 -2.57 62.32
N LYS D 541 -24.01 -3.45 61.55
CA LYS D 541 -23.45 -4.64 60.91
C LYS D 541 -22.43 -5.33 61.80
N PRO D 542 -22.87 -6.00 62.88
CA PRO D 542 -21.93 -6.66 63.78
C PRO D 542 -21.17 -7.75 63.06
N PRO D 543 -19.86 -7.89 63.34
CA PRO D 543 -19.03 -8.93 62.71
C PRO D 543 -19.36 -10.32 63.22
N HIS D 771 -27.99 4.10 68.42
CA HIS D 771 -28.94 3.58 67.45
C HIS D 771 -30.05 4.58 67.19
N GLU D 772 -30.03 5.69 67.94
CA GLU D 772 -31.02 6.73 67.79
C GLU D 772 -30.48 7.96 67.05
N ARG D 773 -29.17 8.17 67.07
CA ARG D 773 -28.58 9.31 66.37
C ARG D 773 -28.41 9.07 64.88
N LEU D 774 -28.51 7.82 64.44
CA LEU D 774 -28.37 7.52 63.02
C LEU D 774 -29.47 8.19 62.20
N LYS D 775 -30.71 8.17 62.69
CA LYS D 775 -31.81 8.80 61.97
C LYS D 775 -31.60 10.31 61.87
N ASN D 776 -31.10 10.92 62.94
CA ASN D 776 -30.79 12.35 62.88
C ASN D 776 -29.75 12.63 61.80
N LEU D 777 -28.72 11.79 61.71
CA LEU D 777 -27.73 11.93 60.64
C LEU D 777 -28.39 11.78 59.29
N LEU D 778 -29.35 10.86 59.16
CA LEU D 778 -30.07 10.68 57.91
C LEU D 778 -30.79 11.95 57.50
N LYS D 779 -31.56 12.54 58.43
CA LYS D 779 -32.25 13.78 58.09
C LYS D 779 -31.27 14.90 57.76
N THR D 780 -30.17 15.00 58.49
CA THR D 780 -29.21 16.06 58.21
C THR D 780 -28.64 15.92 56.80
N VAL D 781 -28.20 14.72 56.43
CA VAL D 781 -27.58 14.53 55.13
C VAL D 781 -28.60 14.70 54.01
N VAL D 782 -29.84 14.26 54.23
CA VAL D 782 -30.86 14.45 53.21
C VAL D 782 -31.17 15.93 53.03
N LYS D 783 -31.32 16.66 54.13
CA LYS D 783 -31.66 18.08 54.06
C LYS D 783 -30.55 18.88 53.40
N LYS D 784 -29.30 18.61 53.77
CA LYS D 784 -28.20 19.41 53.22
C LYS D 784 -28.00 19.16 51.74
N SER D 785 -28.34 17.98 51.24
CA SER D 785 -28.14 17.63 49.83
C SER D 785 -29.46 17.80 49.07
N GLN D 786 -29.79 19.06 48.79
CA GLN D 786 -31.01 19.40 48.08
C GLN D 786 -30.78 19.97 46.69
N ASN D 787 -29.54 20.35 46.35
CA ASN D 787 -29.25 20.96 45.05
C ASN D 787 -28.00 20.37 44.42
N TYR D 788 -27.74 19.07 44.64
CA TYR D 788 -26.55 18.44 44.09
C TYR D 788 -26.90 17.70 42.81
N ASN D 789 -25.86 17.38 42.03
CA ASN D 789 -26.01 16.57 40.83
C ASN D 789 -25.62 15.13 41.16
N ILE D 790 -25.70 14.25 40.15
CA ILE D 790 -25.46 12.84 40.38
C ILE D 790 -24.00 12.59 40.80
N PHE D 791 -23.06 13.33 40.18
CA PHE D 791 -21.65 13.12 40.48
C PHE D 791 -21.34 13.40 41.95
N GLN D 792 -21.84 14.51 42.47
CA GLN D 792 -21.60 14.83 43.87
C GLN D 792 -22.27 13.82 44.79
N LEU D 793 -23.45 13.33 44.41
CA LEU D 793 -24.11 12.30 45.22
C LEU D 793 -23.28 11.03 45.28
N GLU D 794 -22.74 10.60 44.14
CA GLU D 794 -21.89 9.42 44.13
C GLU D 794 -20.64 9.64 44.97
N ASN D 795 -20.04 10.82 44.87
CA ASN D 795 -18.85 11.10 45.67
C ASN D 795 -19.16 11.07 47.16
N LEU D 796 -20.31 11.62 47.55
CA LEU D 796 -20.70 11.60 48.96
C LEU D 796 -20.92 10.18 49.44
N TYR D 797 -21.59 9.36 48.62
CA TYR D 797 -21.80 7.97 48.98
C TYR D 797 -20.46 7.25 49.16
N ALA D 798 -19.52 7.49 48.24
CA ALA D 798 -18.23 6.82 48.32
C ALA D 798 -17.45 7.26 49.56
N VAL D 799 -17.47 8.56 49.86
CA VAL D 799 -16.70 9.04 51.01
C VAL D 799 -17.34 8.54 52.31
N ILE D 800 -18.65 8.35 52.33
CA ILE D 800 -19.30 7.76 53.51
C ILE D 800 -18.91 6.29 53.64
N SER D 801 -18.94 5.55 52.52
CA SER D 801 -18.63 4.13 52.56
C SER D 801 -17.18 3.89 52.95
N GLN D 802 -16.27 4.78 52.54
CA GLN D 802 -14.87 4.62 52.91
C GLN D 802 -14.69 4.66 54.41
N CYS D 803 -15.25 5.67 55.06
CA CYS D 803 -15.13 5.77 56.51
C CYS D 803 -15.97 4.73 57.23
N ILE D 804 -16.99 4.18 56.57
CA ILE D 804 -17.66 3.00 57.10
C ILE D 804 -16.69 1.82 57.14
N TYR D 805 -15.95 1.62 56.05
CA TYR D 805 -15.07 0.46 55.94
C TYR D 805 -13.82 0.60 56.80
N ARG D 806 -13.42 1.83 57.11
CA ARG D 806 -12.19 2.02 57.87
C ARG D 806 -12.27 1.40 59.26
N HIS D 807 -13.45 1.39 59.87
CA HIS D 807 -13.66 0.86 61.22
C HIS D 807 -14.25 -0.54 61.20
N ARG D 808 -13.81 -1.36 60.23
CA ARG D 808 -14.40 -2.69 60.05
C ARG D 808 -14.23 -3.57 61.28
N LYS D 809 -13.02 -3.57 61.86
CA LYS D 809 -12.69 -4.55 62.89
C LYS D 809 -13.22 -4.20 64.28
N ASP D 810 -13.64 -2.95 64.51
CA ASP D 810 -14.02 -2.53 65.85
C ASP D 810 -15.38 -3.12 66.24
N HIS D 811 -15.51 -3.47 67.52
CA HIS D 811 -16.76 -4.01 68.03
C HIS D 811 -17.61 -2.96 68.73
N ASP D 812 -17.00 -1.86 69.17
CA ASP D 812 -17.70 -0.82 69.92
C ASP D 812 -18.11 0.31 68.99
N LYS D 813 -19.37 0.71 69.07
CA LYS D 813 -19.89 1.81 68.30
C LYS D 813 -19.63 3.13 69.06
N THR D 814 -20.24 4.22 68.57
CA THR D 814 -20.13 5.55 69.15
C THR D 814 -18.72 6.11 69.02
N SER D 815 -17.80 5.32 68.48
CA SER D 815 -16.46 5.82 68.16
C SER D 815 -16.33 6.24 66.72
N LEU D 816 -17.13 5.68 65.82
CA LEU D 816 -17.14 6.08 64.43
C LEU D 816 -18.31 6.97 64.07
N ILE D 817 -19.39 6.97 64.85
CA ILE D 817 -20.53 7.83 64.55
C ILE D 817 -20.12 9.29 64.63
N GLN D 818 -19.40 9.66 65.70
CA GLN D 818 -18.88 11.02 65.80
C GLN D 818 -18.07 11.39 64.57
N LYS D 819 -17.15 10.49 64.17
CA LYS D 819 -16.38 10.69 62.94
C LYS D 819 -17.31 10.90 61.75
N MET D 820 -18.46 10.22 61.75
CA MET D 820 -19.41 10.40 60.67
C MET D 820 -19.94 11.82 60.65
N GLU D 821 -20.27 12.38 61.81
CA GLU D 821 -20.69 13.79 61.81
C GLU D 821 -19.57 14.70 61.33
N GLN D 822 -18.32 14.50 61.79
CA GLN D 822 -17.27 15.41 61.31
C GLN D 822 -17.07 15.30 59.80
N GLU D 823 -17.07 14.08 59.25
CA GLU D 823 -16.80 13.96 57.82
C GLU D 823 -17.97 14.49 56.99
N VAL D 824 -19.19 14.32 57.48
CA VAL D 824 -20.34 14.88 56.77
C VAL D 824 -20.29 16.40 56.80
N GLU D 825 -20.02 16.98 57.97
CA GLU D 825 -20.02 18.43 58.09
C GLU D 825 -18.87 19.07 57.32
N ASN D 826 -17.74 18.37 57.25
CA ASN D 826 -16.55 18.92 56.60
C ASN D 826 -16.58 18.77 55.09
N PHE D 827 -17.58 18.09 54.54
CA PHE D 827 -17.66 17.89 53.09
C PHE D 827 -18.21 19.15 52.43
N SER D 828 -17.44 19.72 51.50
CA SER D 828 -17.89 20.84 50.70
C SER D 828 -17.55 20.55 49.25
N CYS D 829 -18.52 20.72 48.35
CA CYS D 829 -18.34 20.45 46.93
C CYS D 829 -18.44 21.72 46.10
N SER D 830 -19.53 22.47 46.21
CA SER D 830 -19.70 23.68 45.42
C SER D 830 -20.57 24.69 46.17
N SER E 20 -40.07 -34.46 -21.94
CA SER E 20 -41.16 -34.05 -21.07
C SER E 20 -41.57 -32.61 -21.36
N VAL E 21 -40.61 -31.79 -21.79
CA VAL E 21 -40.86 -30.41 -22.16
C VAL E 21 -40.36 -30.18 -23.58
N ARG E 22 -41.20 -29.55 -24.41
CA ARG E 22 -40.85 -29.29 -25.82
C ARG E 22 -41.12 -27.81 -26.13
N PHE E 23 -40.17 -26.94 -25.79
CA PHE E 23 -40.18 -25.53 -26.16
C PHE E 23 -41.48 -24.80 -25.83
N ASP E 24 -42.29 -25.36 -24.93
CA ASP E 24 -43.52 -24.68 -24.52
C ASP E 24 -43.31 -23.85 -23.25
N SER E 25 -42.60 -24.40 -22.27
CA SER E 25 -42.36 -23.68 -21.03
C SER E 25 -41.38 -22.54 -21.21
N VAL E 26 -40.60 -22.55 -22.30
CA VAL E 26 -39.69 -21.45 -22.59
C VAL E 26 -40.51 -20.29 -23.15
N GLY E 27 -40.25 -19.09 -22.66
CA GLY E 27 -40.95 -17.91 -23.11
C GLY E 27 -40.18 -16.65 -22.78
N GLY E 28 -40.73 -15.53 -23.25
CA GLY E 28 -40.18 -14.21 -22.99
C GLY E 28 -39.07 -13.80 -23.92
N LEU E 29 -38.22 -14.73 -24.34
CA LEU E 29 -37.09 -14.36 -25.20
C LEU E 29 -37.54 -14.22 -26.65
N SER E 30 -38.00 -15.32 -27.26
CA SER E 30 -38.62 -15.32 -28.57
C SER E 30 -37.70 -14.80 -29.67
N ASN E 31 -36.44 -14.50 -29.34
CA ASN E 31 -35.50 -13.92 -30.27
C ASN E 31 -34.24 -14.74 -30.48
N HIS E 32 -33.65 -15.28 -29.41
CA HIS E 32 -32.53 -16.20 -29.55
C HIS E 32 -32.99 -17.61 -29.94
N ILE E 33 -34.29 -17.86 -29.92
CA ILE E 33 -34.81 -19.20 -30.21
C ILE E 33 -34.86 -19.45 -31.71
N ALA E 34 -35.34 -18.47 -32.48
CA ALA E 34 -35.41 -18.65 -33.93
C ALA E 34 -34.02 -18.70 -34.56
N ALA E 35 -33.12 -17.80 -34.15
CA ALA E 35 -31.76 -17.83 -34.66
C ALA E 35 -31.03 -19.11 -34.29
N LEU E 36 -31.47 -19.81 -33.26
CA LEU E 36 -30.95 -21.12 -32.90
C LEU E 36 -31.35 -22.20 -33.91
N LYS E 37 -32.59 -22.16 -34.40
CA LYS E 37 -32.96 -23.01 -35.52
C LYS E 37 -32.23 -22.60 -36.80
N GLU E 38 -31.96 -21.31 -36.95
CA GLU E 38 -31.12 -20.85 -38.06
C GLU E 38 -29.72 -21.43 -37.97
N MET E 39 -29.31 -21.92 -36.81
CA MET E 39 -27.99 -22.48 -36.64
C MET E 39 -28.00 -24.00 -36.75
N VAL E 40 -28.99 -24.66 -36.16
CA VAL E 40 -28.97 -26.11 -36.02
C VAL E 40 -29.96 -26.79 -36.97
N VAL E 41 -31.20 -26.33 -37.03
CA VAL E 41 -32.28 -27.07 -37.67
C VAL E 41 -32.30 -26.86 -39.19
N PHE E 42 -32.34 -25.61 -39.63
CA PHE E 42 -32.52 -25.31 -41.04
C PHE E 42 -31.45 -25.88 -41.97
N PRO E 43 -30.15 -25.84 -41.64
CA PRO E 43 -29.16 -26.37 -42.60
C PRO E 43 -29.35 -27.84 -42.93
N LEU E 44 -30.00 -28.61 -42.06
CA LEU E 44 -30.28 -30.01 -42.36
C LEU E 44 -31.42 -30.20 -43.35
N LEU E 45 -32.28 -29.19 -43.53
CA LEU E 45 -33.49 -29.35 -44.31
C LEU E 45 -33.43 -28.73 -45.70
N TYR E 46 -32.60 -27.72 -45.91
CA TYR E 46 -32.54 -26.99 -47.18
C TYR E 46 -31.10 -26.88 -47.65
N PRO E 47 -30.50 -27.99 -48.12
CA PRO E 47 -29.10 -27.98 -48.58
C PRO E 47 -28.93 -27.54 -50.03
N GLU E 48 -29.59 -26.45 -50.40
CA GLU E 48 -29.46 -25.88 -51.74
C GLU E 48 -29.14 -24.40 -51.73
N VAL E 49 -29.52 -23.68 -50.67
CA VAL E 49 -29.24 -22.25 -50.60
C VAL E 49 -27.80 -21.99 -50.17
N PHE E 50 -27.15 -22.99 -49.58
CA PHE E 50 -25.78 -22.83 -49.10
C PHE E 50 -24.73 -23.10 -50.18
N GLU E 51 -25.16 -23.45 -51.39
CA GLU E 51 -24.21 -23.83 -52.43
C GLU E 51 -23.74 -22.64 -53.26
N LYS E 52 -24.67 -21.93 -53.89
CA LYS E 52 -24.28 -20.78 -54.71
C LYS E 52 -23.68 -19.67 -53.85
N PHE E 53 -24.27 -19.40 -52.70
CA PHE E 53 -23.85 -18.29 -51.86
C PHE E 53 -22.68 -18.62 -50.94
N LYS E 54 -22.31 -19.90 -50.82
CA LYS E 54 -21.19 -20.33 -49.98
C LYS E 54 -21.37 -19.83 -48.54
N ILE E 55 -22.54 -20.12 -47.98
CA ILE E 55 -22.91 -19.56 -46.69
C ILE E 55 -21.99 -20.06 -45.59
N GLN E 56 -21.71 -21.37 -45.57
CA GLN E 56 -20.87 -22.05 -44.57
C GLN E 56 -21.18 -21.55 -43.16
N PRO E 57 -22.33 -21.92 -42.60
CA PRO E 57 -22.73 -21.38 -41.30
C PRO E 57 -21.73 -21.75 -40.23
N PRO E 58 -21.54 -20.89 -39.24
CA PRO E 58 -20.50 -21.13 -38.23
C PRO E 58 -20.85 -22.30 -37.33
N ARG E 59 -19.83 -22.79 -36.61
CA ARG E 59 -19.97 -23.95 -35.75
C ARG E 59 -19.53 -23.68 -34.31
N GLY E 60 -19.60 -22.43 -33.85
CA GLY E 60 -19.21 -22.12 -32.49
C GLY E 60 -20.08 -21.07 -31.83
N CYS E 61 -20.64 -21.39 -30.67
CA CYS E 61 -21.48 -20.49 -29.90
C CYS E 61 -21.12 -20.57 -28.44
N LEU E 62 -21.41 -19.50 -27.69
CA LEU E 62 -21.06 -19.39 -26.27
C LEU E 62 -22.19 -18.68 -25.54
N PHE E 63 -22.81 -19.39 -24.60
CA PHE E 63 -23.82 -18.79 -23.75
C PHE E 63 -23.19 -18.21 -22.49
N TYR E 64 -23.58 -16.99 -22.12
CA TYR E 64 -23.17 -16.42 -20.85
C TYR E 64 -24.24 -15.44 -20.38
N GLY E 65 -24.25 -15.20 -19.07
CA GLY E 65 -25.20 -14.29 -18.48
C GLY E 65 -25.34 -14.50 -16.98
N PRO E 66 -26.10 -13.63 -16.32
CA PRO E 66 -26.32 -13.79 -14.89
C PRO E 66 -27.03 -15.10 -14.61
N PRO E 67 -26.68 -15.76 -13.50
CA PRO E 67 -27.29 -17.07 -13.21
C PRO E 67 -28.78 -16.95 -12.94
N GLY E 68 -29.49 -18.03 -13.23
CA GLY E 68 -30.91 -18.11 -12.96
C GLY E 68 -31.81 -17.53 -14.03
N THR E 69 -31.28 -17.19 -15.20
CA THR E 69 -32.08 -16.64 -16.29
C THR E 69 -32.31 -17.64 -17.41
N GLY E 70 -31.97 -18.91 -17.21
CA GLY E 70 -32.19 -19.91 -18.22
C GLY E 70 -30.92 -20.56 -18.73
N LYS E 71 -30.74 -20.57 -20.05
CA LYS E 71 -29.55 -21.06 -20.76
C LYS E 71 -29.21 -22.52 -20.44
N THR E 72 -30.10 -23.23 -19.74
CA THR E 72 -29.96 -24.68 -19.57
C THR E 72 -31.27 -25.35 -19.97
N LEU E 73 -32.39 -24.68 -19.66
CA LEU E 73 -33.68 -25.15 -20.13
C LEU E 73 -33.72 -25.20 -21.65
N VAL E 74 -33.03 -24.27 -22.31
CA VAL E 74 -32.95 -24.28 -23.76
C VAL E 74 -32.22 -25.54 -24.24
N ALA E 75 -31.14 -25.92 -23.55
CA ALA E 75 -30.43 -27.13 -23.93
C ALA E 75 -31.29 -28.37 -23.72
N ARG E 76 -32.05 -28.41 -22.62
CA ARG E 76 -32.96 -29.52 -22.40
C ARG E 76 -34.03 -29.58 -23.48
N ALA E 77 -34.55 -28.42 -23.88
CA ALA E 77 -35.55 -28.38 -24.94
C ALA E 77 -34.98 -28.86 -26.27
N LEU E 78 -33.76 -28.44 -26.59
CA LEU E 78 -33.11 -28.93 -27.80
C LEU E 78 -32.92 -30.44 -27.75
N ALA E 79 -32.51 -30.96 -26.60
CA ALA E 79 -32.32 -32.40 -26.46
C ALA E 79 -33.63 -33.14 -26.71
N ASN E 80 -34.70 -32.71 -26.06
CA ASN E 80 -35.99 -33.36 -26.25
C ASN E 80 -36.47 -33.27 -27.70
N GLU E 81 -36.33 -32.09 -28.30
CA GLU E 81 -36.82 -31.90 -29.66
C GLU E 81 -36.06 -32.75 -30.66
N CYS E 82 -34.74 -32.78 -30.56
CA CYS E 82 -33.95 -33.61 -31.47
C CYS E 82 -34.05 -35.08 -31.15
N SER E 83 -34.48 -35.44 -29.94
CA SER E 83 -34.75 -36.84 -29.65
C SER E 83 -36.08 -37.29 -30.25
N GLN E 84 -37.07 -36.39 -30.28
CA GLN E 84 -38.39 -36.73 -30.81
C GLN E 84 -38.81 -35.74 -31.88
N GLY E 85 -37.92 -35.45 -32.82
CA GLY E 85 -38.25 -34.58 -33.93
C GLY E 85 -38.11 -35.26 -35.27
N ASP E 86 -37.19 -34.76 -36.09
CA ASP E 86 -36.88 -35.37 -37.38
C ASP E 86 -35.78 -36.41 -37.18
N LYS E 87 -36.17 -37.68 -37.24
CA LYS E 87 -35.24 -38.77 -36.93
C LYS E 87 -34.07 -38.76 -37.90
N ARG E 88 -32.86 -38.94 -37.37
CA ARG E 88 -32.61 -39.12 -35.94
C ARG E 88 -31.29 -38.46 -35.53
N VAL E 89 -31.32 -37.74 -34.41
CA VAL E 89 -30.14 -37.08 -33.87
C VAL E 89 -30.00 -37.46 -32.41
N ALA E 90 -28.78 -37.81 -32.00
CA ALA E 90 -28.51 -38.25 -30.63
C ALA E 90 -27.95 -37.11 -29.79
N PHE E 91 -28.08 -37.27 -28.48
CA PHE E 91 -27.61 -36.29 -27.50
C PHE E 91 -26.40 -36.82 -26.77
N PHE E 92 -25.28 -36.09 -26.83
CA PHE E 92 -24.08 -36.38 -26.06
C PHE E 92 -23.75 -35.16 -25.21
N MET E 93 -23.53 -35.38 -23.92
CA MET E 93 -23.24 -34.31 -22.99
C MET E 93 -22.28 -34.78 -21.91
N ARG E 94 -21.51 -33.84 -21.37
CA ARG E 94 -20.56 -34.10 -20.31
C ARG E 94 -20.89 -33.22 -19.11
N LYS E 95 -20.23 -33.51 -17.98
CA LYS E 95 -20.53 -32.85 -16.72
C LYS E 95 -19.25 -32.26 -16.13
N GLY E 96 -18.92 -31.05 -16.55
CA GLY E 96 -17.89 -30.26 -15.91
C GLY E 96 -16.49 -30.75 -16.22
N ALA E 97 -16.09 -31.86 -15.58
CA ALA E 97 -14.79 -32.47 -15.82
C ALA E 97 -14.88 -33.92 -15.36
N ASP E 98 -14.91 -34.85 -16.31
CA ASP E 98 -14.97 -36.28 -16.02
C ASP E 98 -13.87 -37.09 -16.67
N CYS E 99 -13.09 -36.49 -17.58
CA CYS E 99 -12.05 -37.24 -18.28
C CYS E 99 -10.85 -37.54 -17.39
N LEU E 100 -10.72 -36.84 -16.26
CA LEU E 100 -9.57 -37.06 -15.38
C LEU E 100 -9.60 -38.47 -14.81
N SER E 101 -8.44 -39.12 -14.82
CA SER E 101 -8.32 -40.50 -14.38
C SER E 101 -7.09 -40.66 -13.49
N LYS E 102 -7.13 -41.71 -12.66
CA LYS E 102 -6.02 -41.96 -11.74
C LYS E 102 -4.73 -42.26 -12.50
N TRP E 103 -4.81 -43.03 -13.57
CA TRP E 103 -3.62 -43.40 -14.32
C TRP E 103 -3.16 -42.25 -15.21
N VAL E 104 -1.90 -42.33 -15.64
CA VAL E 104 -1.30 -41.26 -16.42
C VAL E 104 -1.68 -41.33 -17.90
N GLY E 105 -1.95 -42.51 -18.43
CA GLY E 105 -2.19 -42.65 -19.85
C GLY E 105 -3.63 -42.50 -20.27
N GLU E 106 -4.56 -42.66 -19.32
CA GLU E 106 -5.97 -42.60 -19.65
C GLU E 106 -6.56 -41.20 -19.53
N SER E 107 -5.77 -40.21 -19.08
CA SER E 107 -6.31 -38.87 -18.91
C SER E 107 -6.71 -38.25 -20.25
N GLU E 108 -5.82 -38.30 -21.24
CA GLU E 108 -6.07 -37.68 -22.53
C GLU E 108 -6.62 -38.65 -23.56
N ARG E 109 -6.62 -39.95 -23.28
CA ARG E 109 -7.15 -40.93 -24.21
C ARG E 109 -8.67 -40.98 -24.22
N GLN E 110 -9.30 -40.77 -23.06
CA GLN E 110 -10.76 -40.77 -22.99
C GLN E 110 -11.35 -39.66 -23.83
N LEU E 111 -10.69 -38.50 -23.86
CA LEU E 111 -11.13 -37.41 -24.71
C LEU E 111 -11.23 -37.85 -26.16
N ARG E 112 -10.15 -38.43 -26.68
CA ARG E 112 -10.15 -38.83 -28.09
C ARG E 112 -11.14 -39.96 -28.34
N LEU E 113 -11.27 -40.89 -27.39
CA LEU E 113 -12.22 -41.98 -27.54
C LEU E 113 -13.65 -41.45 -27.66
N LEU E 114 -14.04 -40.55 -26.75
CA LEU E 114 -15.39 -40.00 -26.81
C LEU E 114 -15.59 -39.13 -28.04
N PHE E 115 -14.56 -38.38 -28.46
CA PHE E 115 -14.68 -37.56 -29.64
C PHE E 115 -14.92 -38.43 -30.89
N ASP E 116 -14.14 -39.51 -31.01
CA ASP E 116 -14.33 -40.41 -32.15
C ASP E 116 -15.69 -41.11 -32.08
N GLN E 117 -16.13 -41.48 -30.87
CA GLN E 117 -17.43 -42.12 -30.74
C GLN E 117 -18.55 -41.19 -31.16
N ALA E 118 -18.46 -39.92 -30.78
CA ALA E 118 -19.46 -38.95 -31.22
C ALA E 118 -19.40 -38.73 -32.73
N TYR E 119 -18.20 -38.66 -33.29
CA TYR E 119 -18.07 -38.44 -34.72
C TYR E 119 -18.67 -39.59 -35.53
N GLN E 120 -18.39 -40.83 -35.12
CA GLN E 120 -18.91 -41.98 -35.86
C GLN E 120 -20.42 -42.13 -35.71
N MET E 121 -21.04 -41.38 -34.79
CA MET E 121 -22.48 -41.39 -34.61
C MET E 121 -23.13 -40.14 -35.21
N ARG E 122 -22.62 -39.67 -36.33
CA ARG E 122 -23.21 -38.54 -37.01
C ARG E 122 -24.64 -38.87 -37.42
N PRO E 123 -25.62 -37.97 -37.19
CA PRO E 123 -25.46 -36.67 -36.54
C PRO E 123 -25.46 -36.73 -35.01
N SER E 124 -24.79 -35.77 -34.38
CA SER E 124 -24.71 -35.73 -32.93
C SER E 124 -24.41 -34.29 -32.50
N ILE E 125 -24.74 -33.99 -31.25
CA ILE E 125 -24.51 -32.68 -30.65
C ILE E 125 -23.78 -32.87 -29.33
N ILE E 126 -22.85 -31.97 -29.04
CA ILE E 126 -22.00 -32.05 -27.85
C ILE E 126 -22.30 -30.86 -26.97
N PHE E 127 -22.51 -31.11 -25.68
CA PHE E 127 -22.82 -30.06 -24.70
C PHE E 127 -21.80 -30.12 -23.58
N PHE E 128 -21.18 -28.98 -23.30
CA PHE E 128 -20.26 -28.81 -22.17
C PHE E 128 -20.87 -27.83 -21.19
N ASP E 129 -20.66 -28.08 -19.90
CA ASP E 129 -21.10 -27.19 -18.85
C ASP E 129 -19.93 -26.85 -17.93
N GLN E 130 -19.95 -25.62 -17.41
CA GLN E 130 -18.89 -25.11 -16.53
C GLN E 130 -17.53 -25.22 -17.22
N ILE E 131 -17.39 -24.47 -18.32
CA ILE E 131 -16.13 -24.47 -19.07
C ILE E 131 -15.01 -23.93 -18.20
N ASP E 132 -15.31 -22.97 -17.32
CA ASP E 132 -14.30 -22.43 -16.43
C ASP E 132 -13.69 -23.51 -15.53
N GLY E 133 -14.46 -24.54 -15.20
CA GLY E 133 -13.92 -25.69 -14.50
C GLY E 133 -13.21 -26.69 -15.38
N LEU E 134 -13.20 -26.46 -16.71
CA LEU E 134 -12.53 -27.33 -17.65
C LEU E 134 -11.51 -26.63 -18.53
N ALA E 135 -11.77 -25.39 -18.96
CA ALA E 135 -10.85 -24.61 -19.78
C ALA E 135 -10.64 -23.24 -19.15
N PRO E 136 -9.87 -23.18 -18.07
CA PRO E 136 -9.65 -21.89 -17.38
C PRO E 136 -8.80 -20.95 -18.22
N VAL E 137 -8.52 -19.79 -17.63
CA VAL E 137 -7.58 -18.84 -18.24
C VAL E 137 -6.18 -19.34 -18.01
N ARG E 138 -5.41 -19.49 -19.08
CA ARG E 138 -4.06 -20.01 -18.97
C ARG E 138 -3.14 -18.98 -18.32
N SER E 139 -2.35 -19.45 -17.36
CA SER E 139 -1.40 -18.60 -16.66
C SER E 139 -0.30 -19.48 -16.09
N SER E 140 0.81 -18.85 -15.72
CA SER E 140 1.97 -19.55 -15.20
C SER E 140 1.89 -19.79 -13.70
N ARG E 141 0.83 -19.33 -13.03
CA ARG E 141 0.67 -19.48 -11.59
C ARG E 141 -0.28 -20.63 -11.23
N GLN E 142 -0.27 -21.70 -12.02
CA GLN E 142 -1.13 -22.84 -11.77
C GLN E 142 -0.45 -24.09 -12.33
N ASP E 143 -1.09 -25.24 -12.12
CA ASP E 143 -0.48 -26.52 -12.47
C ASP E 143 -0.41 -26.70 -13.98
N GLN E 144 0.34 -27.72 -14.39
CA GLN E 144 0.57 -27.95 -15.82
C GLN E 144 -0.47 -28.86 -16.45
N ILE E 145 -1.14 -29.70 -15.64
CA ILE E 145 -2.08 -30.67 -16.21
C ILE E 145 -3.28 -29.96 -16.82
N HIS E 146 -3.71 -28.86 -16.19
CA HIS E 146 -4.81 -28.08 -16.75
C HIS E 146 -4.44 -27.46 -18.10
N SER E 147 -3.21 -26.93 -18.20
CA SER E 147 -2.76 -26.41 -19.49
C SER E 147 -2.67 -27.50 -20.54
N SER E 148 -2.17 -28.68 -20.16
CA SER E 148 -2.09 -29.78 -21.10
C SER E 148 -3.48 -30.20 -21.59
N ILE E 149 -4.44 -30.29 -20.67
CA ILE E 149 -5.77 -30.75 -21.06
C ILE E 149 -6.48 -29.69 -21.91
N VAL E 150 -6.31 -28.40 -21.58
CA VAL E 150 -6.96 -27.38 -22.41
C VAL E 150 -6.32 -27.35 -23.79
N SER E 151 -5.01 -27.56 -23.87
CA SER E 151 -4.33 -27.60 -25.17
C SER E 151 -4.81 -28.78 -26.00
N THR E 152 -4.95 -29.96 -25.38
CA THR E 152 -5.40 -31.11 -26.14
C THR E 152 -6.88 -31.00 -26.52
N LEU E 153 -7.70 -30.30 -25.72
CA LEU E 153 -9.06 -29.99 -26.15
C LEU E 153 -9.07 -29.07 -27.36
N LEU E 154 -8.33 -27.95 -27.29
CA LEU E 154 -8.35 -27.01 -28.41
C LEU E 154 -7.68 -27.59 -29.65
N ALA E 155 -6.85 -28.61 -29.51
CA ALA E 155 -6.20 -29.22 -30.66
C ALA E 155 -7.19 -29.85 -31.62
N LEU E 156 -7.91 -30.89 -31.17
CA LEU E 156 -8.75 -31.65 -32.09
C LEU E 156 -10.07 -30.96 -32.41
N MET E 157 -10.50 -30.01 -31.57
CA MET E 157 -11.72 -29.28 -31.87
C MET E 157 -11.50 -28.27 -32.98
N ASP E 158 -10.26 -27.83 -33.17
CA ASP E 158 -9.96 -26.87 -34.23
C ASP E 158 -10.26 -27.43 -35.61
N GLY E 159 -9.92 -28.69 -35.84
CA GLY E 159 -10.18 -29.33 -37.11
C GLY E 159 -11.60 -29.88 -37.20
N LEU E 160 -12.59 -29.00 -37.02
CA LEU E 160 -13.99 -29.40 -37.07
C LEU E 160 -14.58 -29.37 -38.47
N ASP E 161 -13.94 -28.65 -39.41
CA ASP E 161 -14.47 -28.56 -40.76
C ASP E 161 -14.50 -29.93 -41.44
N SER E 162 -13.45 -30.71 -41.27
CA SER E 162 -13.39 -32.03 -41.88
C SER E 162 -14.50 -32.94 -41.35
N ARG E 163 -14.76 -32.87 -40.04
CA ARG E 163 -15.81 -33.67 -39.40
C ARG E 163 -17.11 -32.87 -39.43
N GLY E 164 -17.82 -32.97 -40.55
CA GLY E 164 -19.07 -32.25 -40.71
C GLY E 164 -20.18 -32.81 -39.83
N GLU E 165 -21.21 -31.98 -39.66
CA GLU E 165 -22.37 -32.33 -38.83
C GLU E 165 -21.95 -32.66 -37.40
N ILE E 166 -21.02 -31.87 -36.88
CA ILE E 166 -20.60 -31.96 -35.48
C ILE E 166 -20.51 -30.54 -34.94
N VAL E 167 -21.40 -30.20 -34.01
CA VAL E 167 -21.46 -28.88 -33.40
C VAL E 167 -21.32 -29.04 -31.89
N VAL E 168 -20.59 -28.12 -31.27
CA VAL E 168 -20.35 -28.15 -29.83
C VAL E 168 -20.88 -26.86 -29.23
N ILE E 169 -21.48 -26.96 -28.05
CA ILE E 169 -21.98 -25.81 -27.31
C ILE E 169 -21.47 -25.87 -25.89
N GLY E 170 -21.42 -24.71 -25.24
CA GLY E 170 -20.94 -24.62 -23.88
C GLY E 170 -21.79 -23.69 -23.05
N ALA E 171 -21.95 -24.04 -21.77
CA ALA E 171 -22.69 -23.24 -20.81
C ALA E 171 -21.77 -22.88 -19.66
N THR E 172 -21.68 -21.58 -19.34
CA THR E 172 -20.80 -21.10 -18.29
C THR E 172 -21.53 -20.01 -17.50
N ASN E 173 -20.82 -19.43 -16.54
CA ASN E 173 -21.40 -18.39 -15.70
C ASN E 173 -20.54 -17.14 -15.69
N ARG E 174 -19.22 -17.32 -15.75
CA ARG E 174 -18.27 -16.22 -15.67
C ARG E 174 -17.60 -16.02 -17.01
N LEU E 175 -17.64 -14.80 -17.53
CA LEU E 175 -17.01 -14.50 -18.81
C LEU E 175 -15.49 -14.38 -18.68
N ASP E 176 -15.02 -13.82 -17.57
CA ASP E 176 -13.59 -13.51 -17.45
C ASP E 176 -12.75 -14.78 -17.34
N SER E 177 -13.28 -15.82 -16.68
CA SER E 177 -12.52 -17.03 -16.43
C SER E 177 -12.40 -17.92 -17.66
N ILE E 178 -12.72 -17.41 -18.84
CA ILE E 178 -12.63 -18.16 -20.09
C ILE E 178 -11.35 -17.75 -20.79
N ASP E 179 -10.62 -18.73 -21.30
CA ASP E 179 -9.40 -18.45 -22.05
C ASP E 179 -9.76 -17.70 -23.33
N PRO E 180 -9.21 -16.51 -23.55
CA PRO E 180 -9.55 -15.77 -24.79
C PRO E 180 -9.10 -16.47 -26.06
N ALA E 181 -8.14 -17.40 -25.97
CA ALA E 181 -7.74 -18.14 -27.16
C ALA E 181 -8.88 -18.97 -27.72
N LEU E 182 -9.64 -19.64 -26.86
CA LEU E 182 -10.84 -20.34 -27.31
C LEU E 182 -11.89 -19.38 -27.84
N ARG E 183 -11.87 -18.12 -27.38
CA ARG E 183 -12.75 -17.09 -27.88
C ARG E 183 -12.12 -16.41 -29.10
N ARG E 184 -11.98 -17.20 -30.17
CA ARG E 184 -11.41 -16.74 -31.42
C ARG E 184 -12.26 -17.25 -32.58
N PRO E 185 -12.42 -16.45 -33.64
CA PRO E 185 -13.14 -16.94 -34.83
C PRO E 185 -12.48 -18.19 -35.38
N GLY E 186 -13.25 -19.29 -35.38
CA GLY E 186 -12.73 -20.58 -35.75
C GLY E 186 -12.90 -21.59 -34.63
N ARG E 187 -12.89 -21.11 -33.38
CA ARG E 187 -13.15 -21.93 -32.22
C ARG E 187 -14.49 -21.56 -31.58
N PHE E 188 -14.68 -20.30 -31.20
CA PHE E 188 -15.94 -19.80 -30.68
C PHE E 188 -16.06 -18.34 -31.12
N ASP E 189 -16.83 -18.11 -32.18
CA ASP E 189 -16.96 -16.78 -32.76
C ASP E 189 -18.30 -16.12 -32.46
N ARG E 190 -19.26 -16.86 -31.91
CA ARG E 190 -20.58 -16.32 -31.60
C ARG E 190 -20.84 -16.42 -30.11
N GLU E 191 -21.43 -15.37 -29.55
CA GLU E 191 -21.75 -15.32 -28.13
C GLU E 191 -23.18 -14.81 -27.96
N PHE E 192 -23.87 -15.33 -26.95
CA PHE E 192 -25.23 -14.93 -26.62
C PHE E 192 -25.29 -14.42 -25.21
N LEU E 193 -26.04 -13.34 -24.99
CA LEU E 193 -26.24 -12.77 -23.67
C LEU E 193 -27.69 -12.94 -23.25
N PHE E 194 -27.90 -13.41 -22.02
CA PHE E 194 -29.24 -13.65 -21.49
C PHE E 194 -29.43 -12.76 -20.27
N SER E 195 -30.13 -11.65 -20.45
CA SER E 195 -30.33 -10.68 -19.38
C SER E 195 -31.61 -11.00 -18.61
N LEU E 196 -31.92 -10.14 -17.65
CA LEU E 196 -33.14 -10.28 -16.86
C LEU E 196 -34.36 -9.97 -17.70
N PRO E 197 -35.47 -10.68 -17.46
CA PRO E 197 -36.69 -10.44 -18.23
C PRO E 197 -37.35 -9.11 -17.85
N ASP E 198 -38.19 -8.63 -18.76
CA ASP E 198 -38.94 -7.41 -18.57
C ASP E 198 -40.38 -7.75 -18.16
N LYS E 199 -41.24 -6.72 -18.14
CA LYS E 199 -42.60 -6.90 -17.66
C LYS E 199 -43.37 -7.91 -18.51
N GLU E 200 -43.28 -7.78 -19.84
CA GLU E 200 -44.03 -8.69 -20.71
C GLU E 200 -43.48 -10.11 -20.61
N ALA E 201 -42.16 -10.26 -20.58
CA ALA E 201 -41.57 -11.58 -20.40
C ALA E 201 -41.97 -12.19 -19.07
N ARG E 202 -41.99 -11.37 -18.01
CA ARG E 202 -42.44 -11.85 -16.72
C ARG E 202 -43.90 -12.31 -16.77
N LYS E 203 -44.74 -11.57 -17.50
CA LYS E 203 -46.13 -11.98 -17.67
C LYS E 203 -46.21 -13.34 -18.37
N GLU E 204 -45.40 -13.53 -19.41
CA GLU E 204 -45.38 -14.81 -20.11
C GLU E 204 -44.96 -15.94 -19.18
N ILE E 205 -43.91 -15.72 -18.39
CA ILE E 205 -43.44 -16.76 -17.48
C ILE E 205 -44.50 -17.08 -16.44
N LEU E 206 -45.17 -16.04 -15.92
CA LEU E 206 -46.22 -16.25 -14.94
C LEU E 206 -47.34 -17.08 -15.51
N LYS E 207 -47.75 -16.81 -16.76
CA LYS E 207 -48.74 -17.67 -17.39
C LYS E 207 -48.23 -19.08 -17.56
N ILE E 208 -46.93 -19.23 -17.85
CA ILE E 208 -46.38 -20.55 -18.14
C ILE E 208 -46.40 -21.45 -16.91
N HIS E 209 -45.95 -20.93 -15.76
CA HIS E 209 -45.87 -21.77 -14.58
C HIS E 209 -47.20 -21.92 -13.83
N THR E 210 -48.25 -21.22 -14.23
CA THR E 210 -49.57 -21.43 -13.65
C THR E 210 -50.55 -22.04 -14.64
N ARG E 211 -50.05 -22.63 -15.73
CA ARG E 211 -50.91 -23.10 -16.80
C ARG E 211 -51.87 -24.18 -16.32
N ASP E 212 -51.35 -25.17 -15.59
CA ASP E 212 -52.14 -26.34 -15.22
C ASP E 212 -52.73 -26.15 -13.81
N TRP E 213 -53.58 -25.15 -13.69
CA TRP E 213 -54.32 -24.88 -12.47
C TRP E 213 -55.81 -24.99 -12.76
N ASN E 214 -56.51 -25.84 -12.01
CA ASN E 214 -57.94 -26.02 -12.24
C ASN E 214 -58.73 -24.72 -12.03
N PRO E 215 -58.56 -23.97 -10.93
CA PRO E 215 -59.18 -22.64 -10.87
C PRO E 215 -58.29 -21.60 -11.53
N LYS E 216 -58.34 -21.52 -12.85
CA LYS E 216 -57.44 -20.65 -13.59
C LYS E 216 -57.65 -19.20 -13.18
N PRO E 217 -56.63 -18.51 -12.69
CA PRO E 217 -56.79 -17.11 -12.31
C PRO E 217 -57.05 -16.22 -13.52
N LEU E 218 -57.78 -15.14 -13.27
CA LEU E 218 -58.08 -14.16 -14.31
C LEU E 218 -56.82 -13.38 -14.65
N ASP E 219 -56.63 -13.11 -15.95
CA ASP E 219 -55.38 -12.56 -16.44
C ASP E 219 -55.07 -11.22 -15.78
N THR E 220 -56.08 -10.39 -15.57
CA THR E 220 -55.86 -9.09 -14.94
C THR E 220 -55.16 -9.26 -13.60
N PHE E 221 -55.50 -10.30 -12.85
CA PHE E 221 -54.77 -10.59 -11.62
C PHE E 221 -53.32 -10.95 -11.91
N LEU E 222 -53.07 -11.62 -13.04
CA LEU E 222 -51.71 -11.98 -13.39
C LEU E 222 -50.85 -10.75 -13.63
N GLU E 223 -51.31 -9.81 -14.47
CA GLU E 223 -50.47 -8.62 -14.63
C GLU E 223 -50.47 -7.73 -13.40
N GLU E 224 -51.54 -7.77 -12.58
CA GLU E 224 -51.55 -7.03 -11.33
C GLU E 224 -50.46 -7.54 -10.38
N LEU E 225 -50.26 -8.85 -10.35
CA LEU E 225 -49.12 -9.40 -9.61
C LEU E 225 -47.82 -9.10 -10.34
N ALA E 226 -47.88 -8.96 -11.66
CA ALA E 226 -46.67 -8.79 -12.46
C ALA E 226 -46.00 -7.44 -12.26
N GLU E 227 -46.75 -6.35 -12.12
CA GLU E 227 -46.05 -5.07 -12.00
C GLU E 227 -45.24 -5.03 -10.71
N ASN E 228 -45.68 -5.75 -9.68
CA ASN E 228 -44.95 -5.77 -8.41
C ASN E 228 -43.59 -6.44 -8.56
N CYS E 229 -43.52 -7.54 -9.30
CA CYS E 229 -42.27 -8.27 -9.46
C CYS E 229 -41.39 -7.53 -10.47
N VAL E 230 -40.22 -7.08 -10.01
CA VAL E 230 -39.31 -6.29 -10.83
C VAL E 230 -37.93 -6.93 -10.93
N GLY E 231 -37.38 -7.38 -9.79
CA GLY E 231 -36.05 -7.96 -9.77
C GLY E 231 -35.97 -9.46 -9.74
N TYR E 232 -37.05 -10.17 -10.05
CA TYR E 232 -37.06 -11.62 -9.94
C TYR E 232 -36.43 -12.27 -11.18
N CYS E 233 -36.27 -13.58 -11.11
CA CYS E 233 -35.83 -14.39 -12.23
C CYS E 233 -36.80 -15.55 -12.44
N GLY E 234 -36.45 -16.48 -13.33
CA GLY E 234 -37.30 -17.65 -13.52
C GLY E 234 -37.40 -18.50 -12.27
N ALA E 235 -36.27 -18.68 -11.58
CA ALA E 235 -36.27 -19.47 -10.36
C ALA E 235 -37.13 -18.82 -9.28
N ASP E 236 -37.05 -17.49 -9.16
CA ASP E 236 -37.88 -16.80 -8.17
C ASP E 236 -39.36 -16.99 -8.48
N ILE E 237 -39.74 -16.89 -9.75
CA ILE E 237 -41.13 -17.08 -10.14
C ILE E 237 -41.58 -18.50 -9.82
N LYS E 238 -40.73 -19.48 -10.11
CA LYS E 238 -41.08 -20.87 -9.80
C LYS E 238 -41.24 -21.07 -8.30
N SER E 239 -40.37 -20.47 -7.50
CA SER E 239 -40.40 -20.68 -6.06
C SER E 239 -41.61 -20.01 -5.41
N ILE E 240 -41.96 -18.80 -5.87
CA ILE E 240 -43.06 -18.09 -5.24
C ILE E 240 -44.38 -18.82 -5.45
N CYS E 241 -44.53 -19.53 -6.56
CA CYS E 241 -45.74 -20.29 -6.80
C CYS E 241 -45.95 -21.38 -5.76
N ALA E 242 -44.90 -22.11 -5.40
CA ALA E 242 -44.99 -23.09 -4.32
C ALA E 242 -45.13 -22.44 -2.96
N GLU E 243 -44.47 -21.31 -2.74
CA GLU E 243 -44.58 -20.63 -1.45
C GLU E 243 -46.01 -20.19 -1.19
N ALA E 244 -46.69 -19.69 -2.21
CA ALA E 244 -48.09 -19.28 -2.04
C ALA E 244 -48.96 -20.48 -1.68
N ALA E 245 -48.75 -21.62 -2.34
CA ALA E 245 -49.55 -22.80 -2.04
C ALA E 245 -49.31 -23.29 -0.62
N LEU E 246 -48.05 -23.32 -0.18
CA LEU E 246 -47.77 -23.73 1.20
C LEU E 246 -48.38 -22.75 2.20
N CYS E 247 -48.33 -21.45 1.90
CA CYS E 247 -48.94 -20.48 2.80
C CYS E 247 -50.45 -20.67 2.88
N ALA E 248 -51.09 -20.97 1.74
CA ALA E 248 -52.52 -21.25 1.76
C ALA E 248 -52.82 -22.50 2.58
N LEU E 249 -51.98 -23.52 2.46
CA LEU E 249 -52.16 -24.72 3.26
C LEU E 249 -52.06 -24.41 4.75
N ARG E 250 -51.08 -23.57 5.13
CA ARG E 250 -50.97 -23.15 6.52
C ARG E 250 -52.21 -22.40 6.97
N ARG E 251 -52.72 -21.52 6.11
CA ARG E 251 -53.90 -20.73 6.48
C ARG E 251 -55.12 -21.61 6.70
N ARG E 252 -55.32 -22.59 5.83
CA ARG E 252 -56.59 -23.33 5.83
C ARG E 252 -56.68 -24.26 7.04
N TYR E 253 -55.61 -24.99 7.35
CA TYR E 253 -55.61 -25.99 8.41
C TYR E 253 -54.44 -25.73 9.36
N PRO E 254 -54.62 -24.83 10.32
CA PRO E 254 -53.52 -24.48 11.22
C PRO E 254 -53.36 -25.45 12.39
N GLN E 255 -54.03 -26.60 12.32
CA GLN E 255 -53.97 -27.59 13.39
C GLN E 255 -53.09 -28.79 13.03
N ILE E 256 -52.35 -28.72 11.93
CA ILE E 256 -51.56 -29.85 11.48
C ILE E 256 -50.16 -29.85 12.11
N TYR E 257 -49.64 -28.68 12.49
CA TYR E 257 -48.28 -28.60 12.99
C TYR E 257 -48.16 -29.21 14.38
N THR E 258 -49.09 -28.87 15.28
CA THR E 258 -49.09 -29.42 16.64
C THR E 258 -49.77 -30.78 16.64
N THR E 259 -49.34 -31.64 15.72
CA THR E 259 -49.90 -32.97 15.57
C THR E 259 -48.84 -33.88 14.97
N SER E 260 -48.70 -35.07 15.54
CA SER E 260 -47.73 -36.04 15.05
C SER E 260 -48.35 -37.09 14.13
N GLU E 261 -49.60 -37.45 14.35
CA GLU E 261 -50.27 -38.47 13.57
C GLU E 261 -51.00 -37.87 12.38
N LYS E 262 -51.35 -38.73 11.43
CA LYS E 262 -52.04 -38.31 10.22
C LYS E 262 -53.47 -37.86 10.54
N LEU E 263 -53.92 -36.86 9.81
CA LEU E 263 -55.30 -36.37 9.93
C LEU E 263 -56.05 -36.60 8.62
N GLN E 264 -57.28 -36.09 8.54
CA GLN E 264 -58.12 -36.28 7.37
C GLN E 264 -58.44 -34.93 6.76
N LEU E 265 -58.25 -34.81 5.45
CA LEU E 265 -58.47 -33.57 4.72
C LEU E 265 -59.42 -33.79 3.56
N ASP E 266 -60.26 -32.78 3.31
CA ASP E 266 -61.27 -32.85 2.26
C ASP E 266 -60.71 -32.53 0.88
N LEU E 267 -59.55 -31.88 0.81
CA LEU E 267 -58.85 -31.58 -0.45
C LEU E 267 -59.61 -30.56 -1.28
N SER E 268 -60.81 -30.16 -0.83
CA SER E 268 -61.62 -29.21 -1.56
C SER E 268 -61.69 -27.84 -0.91
N SER E 269 -61.48 -27.75 0.40
CA SER E 269 -61.47 -26.47 1.09
C SER E 269 -60.23 -25.64 0.78
N ILE E 270 -59.23 -26.21 0.11
CA ILE E 270 -58.02 -25.50 -0.23
C ILE E 270 -58.29 -24.58 -1.41
N ASN E 271 -57.97 -23.30 -1.26
CA ASN E 271 -58.14 -22.33 -2.33
C ASN E 271 -57.11 -21.22 -2.17
N ILE E 272 -56.65 -20.68 -3.30
CA ILE E 272 -55.59 -19.69 -3.33
C ILE E 272 -56.23 -18.30 -3.34
N SER E 273 -55.74 -17.42 -2.47
CA SER E 273 -56.24 -16.06 -2.35
C SER E 273 -55.11 -15.08 -2.63
N ALA E 274 -55.50 -13.85 -3.01
CA ALA E 274 -54.52 -12.81 -3.28
C ALA E 274 -53.75 -12.42 -2.03
N LYS E 275 -54.41 -12.47 -0.87
CA LYS E 275 -53.71 -12.20 0.39
C LYS E 275 -52.60 -13.23 0.61
N ASP E 276 -52.84 -14.48 0.23
CA ASP E 276 -51.81 -15.51 0.34
C ASP E 276 -50.60 -15.15 -0.51
N PHE E 277 -50.83 -14.72 -1.75
CA PHE E 277 -49.73 -14.32 -2.61
C PHE E 277 -48.97 -13.14 -2.04
N GLU E 278 -49.69 -12.13 -1.53
CA GLU E 278 -49.01 -10.95 -1.02
C GLU E 278 -48.16 -11.28 0.21
N VAL E 279 -48.71 -12.09 1.12
CA VAL E 279 -47.95 -12.43 2.33
C VAL E 279 -46.78 -13.34 1.99
N ALA E 280 -46.93 -14.20 0.97
CA ALA E 280 -45.80 -15.00 0.53
C ALA E 280 -44.70 -14.13 -0.07
N MET E 281 -45.09 -13.12 -0.86
CA MET E 281 -44.12 -12.22 -1.45
C MET E 281 -43.42 -11.37 -0.39
N GLN E 282 -44.12 -11.06 0.71
CA GLN E 282 -43.51 -10.24 1.76
C GLN E 282 -42.25 -10.88 2.32
N LYS E 283 -42.29 -12.18 2.63
CA LYS E 283 -41.17 -12.80 3.32
C LYS E 283 -39.98 -13.04 2.41
N MET E 284 -40.20 -13.49 1.17
CA MET E 284 -39.09 -13.87 0.31
C MET E 284 -38.37 -12.62 -0.21
N ILE E 285 -37.15 -12.83 -0.70
CA ILE E 285 -36.27 -11.74 -1.10
C ILE E 285 -35.73 -12.01 -2.49
N PRO E 286 -35.66 -11.01 -3.37
CA PRO E 286 -35.15 -11.26 -4.73
C PRO E 286 -33.69 -11.69 -4.70
N ALA E 287 -33.32 -12.52 -5.69
CA ALA E 287 -31.95 -13.00 -5.78
C ALA E 287 -31.01 -11.92 -6.32
N SER E 288 -31.53 -11.01 -7.15
CA SER E 288 -30.68 -10.00 -7.77
C SER E 288 -30.21 -8.93 -6.80
N GLN E 289 -30.88 -8.77 -5.67
CA GLN E 289 -30.54 -7.75 -4.68
C GLN E 289 -30.06 -8.33 -3.36
N ARG E 290 -29.40 -9.49 -3.38
CA ARG E 290 -28.91 -10.11 -2.17
C ARG E 290 -27.71 -9.37 -1.56
N ALA E 291 -27.05 -8.50 -2.32
CA ALA E 291 -25.89 -7.80 -1.81
C ALA E 291 -25.82 -6.34 -2.24
N VAL E 292 -26.84 -5.83 -2.95
CA VAL E 292 -26.82 -4.45 -3.44
C VAL E 292 -28.25 -4.03 -3.72
N THR E 293 -28.53 -2.74 -3.53
CA THR E 293 -29.82 -2.17 -3.83
C THR E 293 -29.67 -1.19 -4.99
N SER E 294 -30.60 -1.25 -5.94
CA SER E 294 -30.56 -0.36 -7.08
C SER E 294 -31.03 1.04 -6.68
N PRO E 295 -30.53 2.07 -7.35
CA PRO E 295 -30.99 3.43 -7.04
C PRO E 295 -32.37 3.72 -7.63
N GLY E 296 -33.33 2.83 -7.39
CA GLY E 296 -34.67 3.02 -7.92
C GLY E 296 -35.74 2.27 -7.16
N GLN E 297 -36.80 2.98 -6.77
CA GLN E 297 -37.90 2.41 -6.03
C GLN E 297 -39.22 2.88 -6.64
N ALA E 298 -40.27 2.09 -6.44
CA ALA E 298 -41.61 2.46 -6.85
C ALA E 298 -42.35 3.10 -5.67
N LEU E 299 -43.41 3.83 -5.99
CA LEU E 299 -44.17 4.52 -4.97
C LEU E 299 -44.86 3.52 -4.04
N SER E 300 -44.99 3.90 -2.78
CA SER E 300 -45.72 3.07 -1.84
C SER E 300 -47.22 3.13 -2.13
N THR E 301 -47.95 2.17 -1.56
CA THR E 301 -49.40 2.12 -1.79
C THR E 301 -50.10 3.36 -1.27
N VAL E 302 -49.71 3.83 -0.08
CA VAL E 302 -50.37 5.01 0.50
C VAL E 302 -50.01 6.29 -0.23
N VAL E 303 -48.95 6.30 -1.04
CA VAL E 303 -48.51 7.52 -1.71
C VAL E 303 -48.95 7.57 -3.17
N LYS E 304 -49.32 6.43 -3.76
CA LYS E 304 -49.71 6.39 -5.16
C LYS E 304 -50.80 7.38 -5.54
N PRO E 305 -51.92 7.50 -4.80
CA PRO E 305 -52.99 8.41 -5.23
C PRO E 305 -52.72 9.88 -4.92
N LEU E 306 -51.48 10.21 -4.59
CA LEU E 306 -51.05 11.58 -4.45
C LEU E 306 -50.07 12.02 -5.53
N LEU E 307 -49.39 11.09 -6.18
CA LEU E 307 -48.36 11.46 -7.14
C LEU E 307 -48.37 10.64 -8.42
N GLN E 308 -49.35 9.75 -8.64
CA GLN E 308 -49.41 9.08 -9.93
C GLN E 308 -49.60 10.07 -11.06
N ASN E 309 -50.48 11.06 -10.87
CA ASN E 309 -50.72 12.07 -11.89
C ASN E 309 -49.45 12.90 -12.16
N THR E 310 -48.75 13.29 -11.10
CA THR E 310 -47.53 14.06 -11.28
C THR E 310 -46.45 13.26 -11.97
N VAL E 311 -46.31 11.97 -11.63
CA VAL E 311 -45.35 11.11 -12.31
C VAL E 311 -45.70 10.99 -13.78
N ASP E 312 -46.99 10.85 -14.10
CA ASP E 312 -47.41 10.78 -15.50
C ASP E 312 -47.08 12.08 -16.23
N LYS E 313 -47.31 13.21 -15.58
CA LYS E 313 -46.98 14.50 -16.21
C LYS E 313 -45.49 14.63 -16.46
N ILE E 314 -44.66 14.19 -15.50
CA ILE E 314 -43.21 14.20 -15.69
C ILE E 314 -42.84 13.29 -16.84
N LEU E 315 -43.45 12.11 -16.92
CA LEU E 315 -43.15 11.17 -17.99
C LEU E 315 -43.48 11.76 -19.35
N GLU E 316 -44.66 12.37 -19.48
CA GLU E 316 -45.02 12.96 -20.77
C GLU E 316 -44.14 14.16 -21.10
N ALA E 317 -43.72 14.92 -20.08
CA ALA E 317 -42.80 16.03 -20.33
C ALA E 317 -41.47 15.53 -20.87
N LEU E 318 -40.94 14.45 -20.29
CA LEU E 318 -39.68 13.91 -20.78
C LEU E 318 -39.85 13.22 -22.12
N GLN E 319 -41.05 12.71 -22.41
CA GLN E 319 -41.36 12.25 -23.76
C GLN E 319 -41.27 13.41 -24.75
N ARG E 320 -41.85 14.55 -24.40
CA ARG E 320 -41.83 15.71 -25.29
C ARG E 320 -40.41 16.22 -25.48
N VAL E 321 -39.63 16.30 -24.41
CA VAL E 321 -38.30 16.88 -24.48
C VAL E 321 -37.28 15.87 -25.01
N PHE E 322 -37.32 14.63 -24.52
CA PHE E 322 -36.39 13.58 -24.94
C PHE E 322 -37.19 12.58 -25.77
N PRO E 323 -37.03 12.61 -27.09
CA PRO E 323 -37.92 11.85 -27.97
C PRO E 323 -37.55 10.39 -28.17
N HIS E 324 -36.34 9.97 -27.81
CA HIS E 324 -35.96 8.57 -27.99
C HIS E 324 -36.56 7.65 -26.93
N ALA E 325 -37.45 8.17 -26.09
CA ALA E 325 -38.17 7.36 -25.12
C ALA E 325 -39.64 7.20 -25.48
N GLU E 326 -40.04 7.62 -26.68
CA GLU E 326 -41.43 7.50 -27.12
C GLU E 326 -41.80 6.05 -27.37
N TYR E 384 -38.66 6.26 -39.30
CA TYR E 384 -37.72 5.14 -39.32
C TYR E 384 -36.82 5.18 -38.09
N GLN E 385 -36.41 6.38 -37.71
CA GLN E 385 -35.50 6.56 -36.59
C GLN E 385 -35.68 7.94 -35.97
N PRO E 386 -36.07 8.01 -34.69
CA PRO E 386 -36.24 9.33 -34.05
C PRO E 386 -34.91 10.06 -33.92
N MET E 387 -34.98 11.38 -33.85
CA MET E 387 -33.81 12.25 -33.77
C MET E 387 -33.88 13.07 -32.49
N SER E 388 -32.73 13.26 -31.85
CA SER E 388 -32.64 13.99 -30.59
C SER E 388 -31.35 14.80 -30.56
N PHE E 389 -31.30 15.76 -29.63
CA PHE E 389 -30.17 16.69 -29.52
C PHE E 389 -29.90 16.96 -28.04
N ARG E 390 -28.91 16.24 -27.48
CA ARG E 390 -28.40 16.36 -26.11
C ARG E 390 -29.50 16.67 -25.11
N PRO E 391 -30.38 15.72 -24.81
CA PRO E 391 -31.50 16.00 -23.92
C PRO E 391 -31.03 16.31 -22.50
N ARG E 392 -31.71 17.24 -21.85
CA ARG E 392 -31.49 17.56 -20.45
C ARG E 392 -32.83 17.85 -19.80
N ILE E 393 -32.86 17.78 -18.47
CA ILE E 393 -34.07 18.05 -17.72
C ILE E 393 -33.71 18.32 -16.26
N LEU E 394 -34.43 19.23 -15.63
CA LEU E 394 -34.16 19.60 -14.23
C LEU E 394 -35.50 19.80 -13.52
N ILE E 395 -35.69 19.10 -12.41
CA ILE E 395 -36.89 19.28 -11.60
C ILE E 395 -36.61 20.33 -10.54
N VAL E 396 -37.46 21.36 -10.48
CA VAL E 396 -37.31 22.46 -9.54
C VAL E 396 -38.56 22.50 -8.67
N GLY E 397 -38.37 22.52 -7.36
CA GLY E 397 -39.50 22.56 -6.45
C GLY E 397 -39.10 23.01 -5.07
N GLU E 398 -40.11 23.23 -4.23
CA GLU E 398 -39.89 23.67 -2.87
C GLU E 398 -39.25 22.56 -2.04
N PRO E 399 -38.54 22.91 -0.97
CA PRO E 399 -37.87 21.86 -0.17
C PRO E 399 -38.83 20.82 0.39
N GLY E 400 -40.04 21.22 0.77
CA GLY E 400 -41.00 20.28 1.33
C GLY E 400 -41.85 19.56 0.32
N PHE E 401 -41.62 19.76 -0.97
CA PHE E 401 -42.41 19.14 -2.01
C PHE E 401 -41.97 17.72 -2.33
N GLY E 402 -40.86 17.27 -1.76
CA GLY E 402 -40.41 15.89 -1.97
C GLY E 402 -40.08 15.56 -3.41
N GLN E 403 -39.44 16.49 -4.11
CA GLN E 403 -39.06 16.25 -5.50
C GLN E 403 -37.82 15.38 -5.62
N GLY E 404 -36.94 15.41 -4.64
CA GLY E 404 -35.70 14.65 -4.71
C GLY E 404 -35.76 13.36 -3.92
N SER E 405 -36.88 13.12 -3.25
CA SER E 405 -37.05 11.92 -2.44
C SER E 405 -38.01 10.91 -3.04
N HIS E 406 -39.05 11.33 -3.76
CA HIS E 406 -40.05 10.40 -4.28
C HIS E 406 -40.17 10.46 -5.80
N LEU E 407 -40.22 11.65 -6.39
CA LEU E 407 -40.44 11.75 -7.83
C LEU E 407 -39.27 11.17 -8.62
N ALA E 408 -38.04 11.48 -8.22
CA ALA E 408 -36.89 10.95 -8.94
C ALA E 408 -36.79 9.43 -8.88
N PRO E 409 -36.90 8.76 -7.72
CA PRO E 409 -36.92 7.30 -7.75
C PRO E 409 -38.09 6.72 -8.53
N ALA E 410 -39.24 7.39 -8.50
CA ALA E 410 -40.38 6.94 -9.29
C ALA E 410 -40.06 6.99 -10.78
N VAL E 411 -39.43 8.07 -11.23
CA VAL E 411 -39.10 8.19 -12.65
C VAL E 411 -38.04 7.17 -13.04
N ILE E 412 -37.02 6.99 -12.21
CA ILE E 412 -35.97 6.04 -12.56
C ILE E 412 -36.50 4.61 -12.54
N HIS E 413 -37.48 4.31 -11.69
CA HIS E 413 -38.06 2.98 -11.64
C HIS E 413 -39.03 2.74 -12.79
N ALA E 414 -39.78 3.77 -13.21
CA ALA E 414 -40.76 3.61 -14.27
C ALA E 414 -40.10 3.43 -15.63
N LEU E 415 -38.91 3.98 -15.84
CA LEU E 415 -38.19 3.85 -17.10
C LEU E 415 -37.21 2.70 -16.96
N GLU E 416 -37.69 1.49 -17.25
CA GLU E 416 -36.86 0.30 -17.23
C GLU E 416 -36.06 0.21 -18.54
N LYS E 417 -35.46 -0.96 -18.76
CA LYS E 417 -34.67 -1.28 -19.96
C LYS E 417 -33.62 -0.21 -20.26
N PHE E 418 -33.16 0.49 -19.24
CA PHE E 418 -32.14 1.53 -19.39
C PHE E 418 -31.09 1.34 -18.30
N THR E 419 -29.82 1.46 -18.68
CA THR E 419 -28.73 1.41 -17.72
C THR E 419 -28.49 2.80 -17.15
N VAL E 420 -28.54 2.92 -15.83
CA VAL E 420 -28.44 4.20 -15.14
C VAL E 420 -27.27 4.15 -14.17
N TYR E 421 -26.55 5.26 -14.04
CA TYR E 421 -25.41 5.36 -13.15
C TYR E 421 -25.61 6.55 -12.22
N THR E 422 -25.67 6.29 -10.92
CA THR E 422 -25.85 7.33 -9.93
C THR E 422 -24.54 8.08 -9.70
N LEU E 423 -24.66 9.31 -9.20
CA LEU E 423 -23.50 10.15 -8.99
C LEU E 423 -23.84 11.18 -7.92
N ASP E 424 -23.35 10.96 -6.70
CA ASP E 424 -23.60 11.86 -5.59
C ASP E 424 -22.56 11.62 -4.50
N ILE E 425 -22.71 12.34 -3.39
CA ILE E 425 -21.72 12.30 -2.32
C ILE E 425 -21.45 10.88 -1.82
N PRO E 426 -22.46 10.02 -1.61
CA PRO E 426 -22.16 8.64 -1.18
C PRO E 426 -21.35 7.84 -2.19
N VAL E 427 -21.24 8.29 -3.43
CA VAL E 427 -20.47 7.61 -4.45
C VAL E 427 -19.10 8.25 -4.65
N LEU E 428 -19.06 9.58 -4.76
CA LEU E 428 -17.78 10.25 -4.95
C LEU E 428 -16.85 10.07 -3.76
N PHE E 429 -17.35 10.36 -2.55
CA PHE E 429 -16.53 10.26 -1.35
C PHE E 429 -16.71 8.94 -0.62
N GLY E 430 -17.71 8.15 -0.96
CA GLY E 430 -17.93 6.88 -0.31
C GLY E 430 -16.97 5.78 -0.68
N VAL E 431 -16.14 6.00 -1.71
CA VAL E 431 -15.14 5.03 -2.13
C VAL E 431 -13.76 5.62 -1.83
N SER E 432 -12.95 4.88 -1.08
CA SER E 432 -11.63 5.35 -0.70
C SER E 432 -10.58 4.90 -1.70
N THR E 433 -9.37 5.44 -1.55
CA THR E 433 -8.20 5.12 -2.37
C THR E 433 -8.40 5.48 -3.84
N THR E 434 -9.53 6.11 -4.17
CA THR E 434 -9.84 6.52 -5.54
C THR E 434 -10.20 7.98 -5.54
N SER E 435 -9.47 8.79 -6.31
CA SER E 435 -9.80 10.19 -6.42
C SER E 435 -11.14 10.36 -7.14
N PRO E 436 -11.92 11.37 -6.78
CA PRO E 436 -13.24 11.55 -7.42
C PRO E 436 -13.15 11.74 -8.92
N GLU E 437 -12.09 12.38 -9.42
CA GLU E 437 -11.93 12.53 -10.86
C GLU E 437 -11.77 11.18 -11.54
N GLU E 438 -11.03 10.26 -10.92
CA GLU E 438 -10.89 8.92 -11.47
C GLU E 438 -12.26 8.24 -11.58
N THR E 439 -13.04 8.29 -10.50
CA THR E 439 -14.36 7.65 -10.50
C THR E 439 -15.28 8.27 -11.55
N CYS E 440 -15.23 9.59 -11.68
CA CYS E 440 -16.00 10.25 -12.73
C CYS E 440 -15.58 9.73 -14.11
N ALA E 441 -14.27 9.58 -14.31
CA ALA E 441 -13.79 9.05 -15.58
C ALA E 441 -14.37 7.66 -15.86
N GLN E 442 -14.27 6.76 -14.87
CA GLN E 442 -14.77 5.40 -15.10
C GLN E 442 -16.27 5.41 -15.37
N VAL E 443 -17.04 6.16 -14.58
CA VAL E 443 -18.49 6.10 -14.72
C VAL E 443 -18.92 6.69 -16.07
N ILE E 444 -18.29 7.79 -16.48
CA ILE E 444 -18.67 8.40 -17.76
C ILE E 444 -18.28 7.49 -18.92
N ARG E 445 -17.06 6.95 -18.90
CA ARG E 445 -16.66 6.07 -20.01
C ARG E 445 -17.52 4.81 -20.06
N GLU E 446 -17.86 4.25 -18.90
CA GLU E 446 -18.72 3.09 -18.85
C GLU E 446 -20.13 3.37 -19.34
N ALA E 447 -20.71 4.52 -18.98
CA ALA E 447 -22.02 4.88 -19.50
C ALA E 447 -21.98 5.16 -20.99
N LYS E 448 -20.86 5.70 -21.49
CA LYS E 448 -20.70 5.89 -22.93
C LYS E 448 -20.58 4.56 -23.66
N ARG E 449 -19.97 3.56 -23.03
CA ARG E 449 -19.76 2.28 -23.72
C ARG E 449 -21.08 1.61 -24.07
N THR E 450 -22.09 1.72 -23.20
CA THR E 450 -23.40 1.14 -23.43
C THR E 450 -24.42 2.27 -23.52
N ALA E 451 -24.59 2.82 -24.71
CA ALA E 451 -25.66 3.78 -24.91
C ALA E 451 -26.95 3.06 -25.30
N PRO E 452 -28.12 3.59 -24.93
CA PRO E 452 -28.36 4.81 -24.15
C PRO E 452 -28.09 4.64 -22.65
N SER E 453 -27.84 5.75 -21.96
CA SER E 453 -27.55 5.73 -20.53
C SER E 453 -28.17 6.96 -19.87
N ILE E 454 -28.42 6.83 -18.57
CA ILE E 454 -28.99 7.90 -17.76
C ILE E 454 -28.04 8.20 -16.61
N VAL E 455 -27.75 9.47 -16.39
CA VAL E 455 -26.89 9.92 -15.29
C VAL E 455 -27.78 10.61 -14.25
N TYR E 456 -27.63 10.19 -13.00
CA TYR E 456 -28.44 10.68 -11.89
C TYR E 456 -27.56 11.52 -10.98
N VAL E 457 -27.95 12.79 -10.80
CA VAL E 457 -27.24 13.69 -9.89
C VAL E 457 -28.26 14.32 -8.95
N PRO E 458 -28.46 13.78 -7.76
CA PRO E 458 -29.46 14.34 -6.84
C PRO E 458 -28.91 15.45 -5.97
N HIS E 459 -29.78 16.40 -5.67
CA HIS E 459 -29.47 17.53 -4.78
C HIS E 459 -28.27 18.33 -5.32
N ILE E 460 -28.44 18.91 -6.50
CA ILE E 460 -27.38 19.68 -7.12
C ILE E 460 -27.06 20.93 -6.33
N HIS E 461 -28.03 21.48 -5.60
CA HIS E 461 -27.81 22.72 -4.85
C HIS E 461 -26.82 22.55 -3.71
N VAL E 462 -26.68 21.33 -3.19
CA VAL E 462 -25.71 21.04 -2.15
C VAL E 462 -24.47 20.37 -2.70
N TRP E 463 -24.63 19.48 -3.68
CA TRP E 463 -23.50 18.76 -4.27
C TRP E 463 -22.51 19.70 -4.94
N TRP E 464 -22.96 20.85 -5.43
CA TRP E 464 -22.09 21.75 -6.17
C TRP E 464 -21.23 22.63 -5.28
N GLU E 465 -21.59 22.79 -4.00
CA GLU E 465 -20.89 23.67 -3.09
C GLU E 465 -19.96 22.94 -2.13
N ILE E 466 -19.66 21.67 -2.40
CA ILE E 466 -18.85 20.87 -1.47
C ILE E 466 -17.57 20.34 -2.08
N VAL E 467 -17.48 20.19 -3.40
CA VAL E 467 -16.31 19.59 -4.02
C VAL E 467 -15.33 20.69 -4.41
N GLY E 468 -14.07 20.29 -4.61
CA GLY E 468 -13.02 21.21 -4.99
C GLY E 468 -13.15 21.67 -6.43
N PRO E 469 -12.57 22.84 -6.74
CA PRO E 469 -12.72 23.40 -8.09
C PRO E 469 -12.17 22.52 -9.20
N THR E 470 -11.13 21.72 -8.93
CA THR E 470 -10.56 20.89 -9.97
C THR E 470 -11.57 19.85 -10.48
N LEU E 471 -12.24 19.17 -9.54
CA LEU E 471 -13.28 18.22 -9.94
C LEU E 471 -14.45 18.95 -10.61
N LYS E 472 -14.74 20.17 -10.17
CA LYS E 472 -15.79 20.96 -10.79
C LYS E 472 -15.49 21.18 -12.27
N ALA E 473 -14.27 21.62 -12.57
CA ALA E 473 -13.86 21.85 -13.95
C ALA E 473 -13.83 20.55 -14.74
N THR E 474 -13.35 19.47 -14.12
CA THR E 474 -13.32 18.19 -14.80
C THR E 474 -14.71 17.73 -15.18
N PHE E 475 -15.66 17.86 -14.26
CA PHE E 475 -17.04 17.47 -14.55
C PHE E 475 -17.64 18.34 -15.64
N THR E 476 -17.41 19.66 -15.59
CA THR E 476 -18.04 20.54 -16.56
C THR E 476 -17.36 20.45 -17.92
N THR E 477 -16.16 19.86 -17.98
CA THR E 477 -15.49 19.74 -19.27
C THR E 477 -15.57 18.33 -19.85
N LEU E 478 -15.91 17.33 -19.06
CA LEU E 478 -15.95 15.96 -19.56
C LEU E 478 -17.20 15.67 -20.39
N LEU E 479 -18.34 16.26 -20.05
CA LEU E 479 -19.57 15.98 -20.79
C LEU E 479 -19.62 16.70 -22.13
N GLN E 480 -18.80 17.72 -22.32
CA GLN E 480 -18.79 18.44 -23.59
C GLN E 480 -18.19 17.64 -24.73
N ASN E 481 -17.48 16.56 -24.43
CA ASN E 481 -16.84 15.75 -25.45
C ASN E 481 -17.72 14.62 -25.96
N ILE E 482 -18.91 14.42 -25.38
CA ILE E 482 -19.81 13.35 -25.79
C ILE E 482 -20.37 13.70 -27.16
N PRO E 483 -20.80 12.71 -27.96
CA PRO E 483 -21.51 13.03 -29.19
C PRO E 483 -22.80 13.78 -28.90
N SER E 484 -23.12 14.75 -29.76
CA SER E 484 -24.27 15.62 -29.52
C SER E 484 -25.58 14.85 -29.61
N PHE E 485 -25.67 13.89 -30.52
CA PHE E 485 -26.92 13.18 -30.78
C PHE E 485 -27.03 11.87 -30.01
N ALA E 486 -26.10 11.60 -29.10
CA ALA E 486 -26.19 10.40 -28.30
C ALA E 486 -27.40 10.46 -27.37
N PRO E 487 -28.11 9.35 -27.17
CA PRO E 487 -29.31 9.35 -26.32
C PRO E 487 -28.98 9.22 -24.83
N VAL E 488 -28.31 10.22 -24.30
CA VAL E 488 -27.94 10.27 -22.88
C VAL E 488 -28.63 11.47 -22.26
N LEU E 489 -29.36 11.23 -21.17
CA LEU E 489 -30.14 12.27 -20.50
C LEU E 489 -29.49 12.66 -19.18
N LEU E 490 -29.42 13.96 -18.92
CA LEU E 490 -28.92 14.49 -17.67
C LEU E 490 -30.10 14.79 -16.76
N LEU E 491 -30.13 14.16 -15.58
CA LEU E 491 -31.23 14.27 -14.64
C LEU E 491 -30.70 14.82 -13.32
N ALA E 492 -31.41 15.80 -12.75
CA ALA E 492 -31.00 16.41 -11.51
C ALA E 492 -32.21 17.00 -10.81
N THR E 493 -32.05 17.27 -9.50
CA THR E 493 -33.09 17.89 -8.70
C THR E 493 -32.45 18.92 -7.79
N SER E 494 -33.26 19.90 -7.37
CA SER E 494 -32.78 20.98 -6.52
C SER E 494 -33.92 21.51 -5.67
N ASP E 495 -33.57 22.30 -4.67
CA ASP E 495 -34.52 22.92 -3.76
C ASP E 495 -34.68 24.41 -3.99
N LYS E 496 -33.60 25.14 -4.21
CA LYS E 496 -33.73 26.55 -4.53
C LYS E 496 -34.30 26.73 -5.94
N PRO E 497 -34.98 27.85 -6.19
CA PRO E 497 -35.48 28.11 -7.54
C PRO E 497 -34.33 28.26 -8.54
N HIS E 498 -34.70 28.29 -9.82
CA HIS E 498 -33.70 28.35 -10.87
C HIS E 498 -32.86 29.62 -10.78
N SER E 499 -33.49 30.75 -10.48
CA SER E 499 -32.75 32.01 -10.37
C SER E 499 -31.74 31.96 -9.23
N ALA E 500 -32.12 31.38 -8.09
CA ALA E 500 -31.24 31.34 -6.93
C ALA E 500 -30.04 30.42 -7.14
N LEU E 501 -30.04 29.60 -8.18
CA LEU E 501 -28.91 28.72 -8.43
C LEU E 501 -27.68 29.54 -8.81
N PRO E 502 -26.48 29.04 -8.54
CA PRO E 502 -25.27 29.76 -8.96
C PRO E 502 -25.23 29.95 -10.47
N GLU E 503 -24.70 31.10 -10.89
CA GLU E 503 -24.82 31.51 -12.28
C GLU E 503 -24.11 30.54 -13.22
N GLU E 504 -22.90 30.10 -12.87
CA GLU E 504 -22.13 29.27 -13.77
C GLU E 504 -22.70 27.87 -13.91
N VAL E 505 -23.69 27.50 -13.09
CA VAL E 505 -24.40 26.25 -13.31
C VAL E 505 -25.61 26.45 -14.22
N GLN E 506 -26.17 27.66 -14.24
CA GLN E 506 -27.36 27.94 -15.02
C GLN E 506 -27.12 27.81 -16.52
N GLU E 507 -25.86 27.82 -16.96
CA GLU E 507 -25.58 27.63 -18.38
C GLU E 507 -25.91 26.22 -18.85
N LEU E 508 -26.01 25.26 -17.93
CA LEU E 508 -26.31 23.88 -18.31
C LEU E 508 -27.78 23.69 -18.68
N PHE E 509 -28.68 24.43 -18.04
CA PHE E 509 -30.12 24.29 -18.26
C PHE E 509 -30.69 25.60 -18.75
N ILE E 510 -31.41 25.56 -19.86
CA ILE E 510 -32.00 26.74 -20.48
C ILE E 510 -33.49 26.52 -20.62
N ARG E 511 -34.27 27.56 -20.30
CA ARG E 511 -35.72 27.41 -20.20
C ARG E 511 -36.35 27.09 -21.56
N ASP E 512 -35.84 27.70 -22.64
CA ASP E 512 -36.45 27.51 -23.94
C ASP E 512 -36.41 26.06 -24.40
N TYR E 513 -35.44 25.27 -23.92
CA TYR E 513 -35.41 23.84 -24.20
C TYR E 513 -36.50 23.08 -23.48
N GLY E 514 -37.22 23.71 -22.55
CA GLY E 514 -38.18 23.01 -21.73
C GLY E 514 -37.54 22.03 -20.76
N GLU E 515 -36.41 22.41 -20.17
CA GLU E 515 -35.68 21.55 -19.26
C GLU E 515 -36.01 21.81 -17.80
N ILE E 516 -36.99 22.66 -17.51
CA ILE E 516 -37.34 23.06 -16.15
C ILE E 516 -38.78 22.65 -15.89
N PHE E 517 -39.00 21.98 -14.76
CA PHE E 517 -40.33 21.59 -14.33
C PHE E 517 -40.59 22.12 -12.92
N ASN E 518 -41.84 22.51 -12.67
CA ASN E 518 -42.24 23.07 -11.39
C ASN E 518 -43.25 22.14 -10.74
N VAL E 519 -43.01 21.79 -9.48
CA VAL E 519 -43.90 20.90 -8.74
C VAL E 519 -44.94 21.74 -8.00
N GLN E 520 -46.19 21.29 -8.04
CA GLN E 520 -47.29 21.99 -7.40
C GLN E 520 -47.99 21.10 -6.38
N LEU E 521 -48.65 21.75 -5.43
CA LEU E 521 -49.36 21.01 -4.39
C LEU E 521 -50.56 20.28 -4.99
N PRO E 522 -50.99 19.18 -4.37
CA PRO E 522 -52.14 18.44 -4.91
C PRO E 522 -53.42 19.25 -4.79
N ASP E 523 -54.37 18.93 -5.67
CA ASP E 523 -55.66 19.61 -5.68
C ASP E 523 -56.58 19.00 -4.63
N LYS E 524 -57.83 19.45 -4.59
CA LYS E 524 -58.78 18.98 -3.59
C LYS E 524 -59.14 17.51 -3.80
N GLU E 525 -59.33 17.12 -5.05
CA GLU E 525 -59.74 15.74 -5.34
C GLU E 525 -58.64 14.75 -4.94
N GLU E 526 -57.38 15.13 -5.14
CA GLU E 526 -56.28 14.25 -4.77
C GLU E 526 -56.28 13.98 -3.27
N ARG E 527 -56.44 15.04 -2.47
CA ARG E 527 -56.49 14.87 -1.02
C ARG E 527 -57.72 14.06 -0.60
N THR E 528 -58.85 14.32 -1.25
CA THR E 528 -60.07 13.58 -0.93
C THR E 528 -59.87 12.09 -1.17
N LYS E 529 -59.25 11.74 -2.30
CA LYS E 529 -58.94 10.34 -2.57
C LYS E 529 -57.91 9.80 -1.58
N PHE E 530 -56.96 10.63 -1.15
CA PHE E 530 -55.93 10.17 -0.23
C PHE E 530 -56.52 9.79 1.11
N PHE E 531 -57.40 10.61 1.67
CA PHE E 531 -57.99 10.34 2.97
C PHE E 531 -59.23 9.45 2.89
N GLU E 532 -59.64 9.10 1.67
CA GLU E 532 -60.82 8.25 1.49
C GLU E 532 -60.56 6.83 1.97
N ASP E 533 -59.35 6.33 1.74
CA ASP E 533 -58.99 4.98 2.16
C ASP E 533 -59.16 4.79 3.67
N LEU E 534 -58.66 5.74 4.44
CA LEU E 534 -58.75 5.68 5.90
C LEU E 534 -60.19 5.83 6.38
N ILE E 535 -60.82 6.95 6.02
CA ILE E 535 -62.20 7.20 6.42
C ILE E 535 -63.08 7.50 5.22
N LEU E 536 -64.24 6.85 5.16
CA LEU E 536 -64.64 5.90 6.19
C LEU E 536 -64.66 4.48 5.65
N LYS E 537 -63.55 3.77 5.83
CA LYS E 537 -63.43 2.39 5.35
C LYS E 537 -62.64 1.53 6.33
N GLN E 538 -61.74 2.17 7.08
CA GLN E 538 -60.90 1.46 8.04
C GLN E 538 -61.51 1.50 9.44
N ALA E 539 -62.14 2.63 9.78
CA ALA E 539 -62.76 2.81 11.09
C ALA E 539 -64.23 2.43 11.05
N ALA E 540 -64.52 1.21 10.63
CA ALA E 540 -65.89 0.73 10.55
C ALA E 540 -65.95 -0.80 10.55
N LYS E 541 -64.81 -1.43 10.83
CA LYS E 541 -64.74 -2.88 10.85
C LYS E 541 -64.73 -3.38 12.29
N PRO E 542 -65.65 -4.25 12.68
CA PRO E 542 -65.61 -4.78 14.04
C PRO E 542 -64.39 -5.63 14.26
N PRO E 543 -63.87 -5.69 15.50
CA PRO E 543 -62.68 -6.47 15.81
C PRO E 543 -62.91 -7.97 15.71
N HIS E 771 -71.67 7.78 11.27
CA HIS E 771 -71.58 7.61 9.82
C HIS E 771 -71.43 8.97 9.14
N GLU E 772 -72.43 9.82 9.30
CA GLU E 772 -72.34 11.17 8.76
C GLU E 772 -71.29 11.99 9.49
N ARG E 773 -71.05 11.69 10.77
CA ARG E 773 -70.01 12.36 11.51
C ARG E 773 -68.64 12.10 10.88
N LEU E 774 -68.44 10.89 10.35
CA LEU E 774 -67.20 10.60 9.63
C LEU E 774 -67.07 11.46 8.39
N LYS E 775 -68.18 11.67 7.68
CA LYS E 775 -68.14 12.54 6.50
C LYS E 775 -67.81 13.97 6.90
N ASN E 776 -68.37 14.45 8.00
CA ASN E 776 -68.05 15.80 8.46
C ASN E 776 -66.57 15.91 8.85
N LEU E 777 -66.05 14.88 9.51
CA LEU E 777 -64.63 14.88 9.87
C LEU E 777 -63.75 14.91 8.63
N LEU E 778 -64.11 14.11 7.61
CA LEU E 778 -63.36 14.13 6.36
C LEU E 778 -63.40 15.51 5.73
N LYS E 779 -64.58 16.13 5.71
CA LYS E 779 -64.72 17.45 5.10
C LYS E 779 -63.85 18.47 5.82
N THR E 780 -63.89 18.47 7.15
CA THR E 780 -63.14 19.49 7.88
C THR E 780 -61.63 19.24 7.80
N VAL E 781 -61.21 17.98 7.79
CA VAL E 781 -59.77 17.70 7.72
C VAL E 781 -59.24 18.04 6.33
N VAL E 782 -60.07 17.84 5.29
CA VAL E 782 -59.67 18.26 3.96
C VAL E 782 -59.61 19.79 3.90
N LYS E 783 -60.56 20.47 4.53
CA LYS E 783 -60.61 21.92 4.49
C LYS E 783 -59.40 22.54 5.19
N LYS E 784 -59.02 22.03 6.36
CA LYS E 784 -57.96 22.64 7.14
C LYS E 784 -56.56 22.26 6.65
N SER E 785 -56.44 21.33 5.71
CA SER E 785 -55.15 20.84 5.23
C SER E 785 -54.91 21.21 3.77
N GLN E 786 -55.28 22.44 3.40
CA GLN E 786 -55.11 22.89 2.02
C GLN E 786 -53.81 23.64 1.79
N ASN E 787 -52.95 23.75 2.79
CA ASN E 787 -51.65 24.42 2.67
C ASN E 787 -50.56 23.62 3.37
N TYR E 788 -50.56 22.30 3.17
CA TYR E 788 -49.57 21.42 3.76
C TYR E 788 -48.74 20.77 2.66
N ASN E 789 -47.48 20.48 2.98
CA ASN E 789 -46.61 19.79 2.05
C ASN E 789 -46.66 18.29 2.30
N ILE E 790 -45.87 17.54 1.54
CA ILE E 790 -45.94 16.07 1.58
C ILE E 790 -45.60 15.55 2.96
N PHE E 791 -44.56 16.09 3.57
CA PHE E 791 -44.12 15.59 4.87
C PHE E 791 -45.21 15.73 5.93
N GLN E 792 -45.83 16.91 6.00
CA GLN E 792 -46.88 17.12 6.99
C GLN E 792 -48.11 16.26 6.69
N LEU E 793 -48.44 16.09 5.41
CA LEU E 793 -49.57 15.24 5.05
C LEU E 793 -49.35 13.81 5.52
N GLU E 794 -48.17 13.25 5.22
CA GLU E 794 -47.92 11.87 5.63
C GLU E 794 -47.79 11.75 7.14
N ASN E 795 -47.28 12.80 7.82
CA ASN E 795 -47.25 12.76 9.28
C ASN E 795 -48.65 12.76 9.87
N LEU E 796 -49.55 13.56 9.30
CA LEU E 796 -50.93 13.58 9.76
C LEU E 796 -51.60 12.23 9.52
N TYR E 797 -51.35 11.63 8.36
CA TYR E 797 -51.85 10.29 8.09
C TYR E 797 -51.32 9.31 9.13
N ALA E 798 -50.03 9.43 9.47
CA ALA E 798 -49.42 8.55 10.44
C ALA E 798 -50.08 8.68 11.81
N VAL E 799 -50.32 9.92 12.25
CA VAL E 799 -50.89 10.11 13.58
C VAL E 799 -52.34 9.64 13.61
N ILE E 800 -53.09 9.86 12.52
CA ILE E 800 -54.45 9.36 12.46
C ILE E 800 -54.47 7.83 12.51
N SER E 801 -53.59 7.19 11.76
CA SER E 801 -53.52 5.73 11.77
C SER E 801 -53.13 5.20 13.15
N GLN E 802 -52.17 5.86 13.79
CA GLN E 802 -51.75 5.43 15.12
C GLN E 802 -52.89 5.57 16.13
N CYS E 803 -53.62 6.68 16.08
CA CYS E 803 -54.75 6.85 16.97
C CYS E 803 -55.85 5.82 16.70
N ILE E 804 -56.06 5.48 15.43
CA ILE E 804 -57.02 4.43 15.09
C ILE E 804 -56.58 3.10 15.70
N TYR E 805 -55.30 2.78 15.57
CA TYR E 805 -54.80 1.51 16.11
C TYR E 805 -54.85 1.50 17.63
N ARG E 806 -54.76 2.68 18.26
CA ARG E 806 -54.74 2.75 19.71
C ARG E 806 -56.03 2.24 20.36
N HIS E 807 -57.12 2.13 19.60
CA HIS E 807 -58.38 1.61 20.11
C HIS E 807 -58.73 0.29 19.45
N ARG E 808 -57.73 -0.58 19.29
CA ARG E 808 -57.96 -1.89 18.67
C ARG E 808 -58.95 -2.72 19.49
N LYS E 809 -58.82 -2.70 20.81
CA LYS E 809 -59.71 -3.45 21.68
C LYS E 809 -60.99 -2.72 22.04
N ASP E 810 -61.15 -1.48 21.57
CA ASP E 810 -62.39 -0.76 21.79
C ASP E 810 -63.48 -1.39 20.93
N HIS E 811 -64.52 -1.92 21.58
CA HIS E 811 -65.53 -2.70 20.89
C HIS E 811 -66.73 -1.88 20.44
N ASP E 812 -66.76 -0.59 20.74
CA ASP E 812 -67.85 0.27 20.30
C ASP E 812 -67.31 1.66 19.98
N LYS E 813 -67.92 2.31 19.00
CA LYS E 813 -67.55 3.68 18.65
C LYS E 813 -68.21 4.66 19.59
N THR E 814 -68.17 5.96 19.25
CA THR E 814 -68.72 7.04 20.05
C THR E 814 -67.91 7.20 21.34
N SER E 815 -66.88 6.34 21.50
CA SER E 815 -65.90 6.51 22.55
C SER E 815 -64.55 7.00 22.01
N LEU E 816 -64.24 6.69 20.76
CA LEU E 816 -63.02 7.17 20.13
C LEU E 816 -63.27 8.21 19.04
N ILE E 817 -64.52 8.36 18.57
CA ILE E 817 -64.80 9.39 17.57
C ILE E 817 -64.51 10.77 18.14
N GLN E 818 -64.91 11.00 19.40
CA GLN E 818 -64.55 12.25 20.07
C GLN E 818 -63.04 12.37 20.19
N LYS E 819 -62.37 11.27 20.51
CA LYS E 819 -60.91 11.26 20.46
C LYS E 819 -60.45 11.69 19.07
N MET E 820 -60.76 10.87 18.07
CA MET E 820 -60.34 11.15 16.70
C MET E 820 -60.42 12.63 16.39
N GLU E 821 -61.60 13.23 16.61
CA GLU E 821 -61.76 14.65 16.30
C GLU E 821 -60.88 15.52 17.17
N GLN E 822 -60.77 15.21 18.48
CA GLN E 822 -60.08 16.15 19.36
C GLN E 822 -58.58 16.21 19.06
N GLU E 823 -57.93 15.06 18.82
CA GLU E 823 -56.55 15.19 18.33
C GLU E 823 -56.46 15.53 16.85
N VAL E 824 -57.58 15.59 16.11
CA VAL E 824 -57.54 16.34 14.86
C VAL E 824 -57.32 17.83 15.14
N GLU E 825 -58.06 18.39 16.10
CA GLU E 825 -57.81 19.81 16.41
C GLU E 825 -56.45 20.01 17.07
N ASN E 826 -56.05 19.12 17.97
CA ASN E 826 -54.77 19.29 18.66
C ASN E 826 -53.59 19.17 17.72
N PHE E 827 -53.75 18.51 16.57
CA PHE E 827 -52.68 18.47 15.59
C PHE E 827 -52.36 19.89 15.12
N SER E 828 -51.16 20.34 15.44
CA SER E 828 -50.77 21.71 15.12
C SER E 828 -49.33 21.70 14.64
N CYS E 829 -49.14 21.60 13.33
CA CYS E 829 -47.82 21.67 12.73
C CYS E 829 -47.48 23.08 12.26
N SER E 830 -48.41 23.74 11.57
CA SER E 830 -48.23 25.11 11.08
C SER E 830 -46.93 25.27 10.32
N ARG E 831 -46.61 24.27 9.49
CA ARG E 831 -45.38 24.26 8.69
C ARG E 831 -44.14 24.47 9.56
N SER F 20 -1.39 -21.16 -53.03
CA SER F 20 -2.49 -20.70 -53.85
C SER F 20 -2.55 -19.17 -53.90
N VAL F 21 -1.81 -18.54 -53.00
CA VAL F 21 -1.75 -17.07 -52.91
C VAL F 21 -0.30 -16.66 -53.09
N ARG F 22 -0.05 -15.72 -54.01
CA ARG F 22 1.29 -15.21 -54.29
C ARG F 22 1.26 -13.70 -54.12
N PHE F 23 1.42 -13.26 -52.86
CA PHE F 23 1.39 -11.83 -52.49
C PHE F 23 0.20 -11.10 -53.10
N ASP F 24 -0.91 -11.81 -53.33
CA ASP F 24 -2.07 -11.25 -54.00
C ASP F 24 -3.22 -10.96 -53.05
N SER F 25 -3.18 -11.46 -51.82
CA SER F 25 -4.24 -11.26 -50.84
C SER F 25 -3.79 -10.40 -49.66
N VAL F 26 -2.64 -9.73 -49.79
CA VAL F 26 -2.10 -8.87 -48.75
C VAL F 26 -2.20 -7.43 -49.23
N GLY F 27 -2.85 -6.58 -48.43
CA GLY F 27 -3.08 -5.21 -48.85
C GLY F 27 -2.81 -4.15 -47.80
N GLY F 28 -2.40 -2.96 -48.26
CA GLY F 28 -2.26 -1.80 -47.42
C GLY F 28 -0.88 -1.60 -46.83
N LEU F 29 -0.05 -2.64 -46.82
CA LEU F 29 1.30 -2.55 -46.27
C LEU F 29 2.29 -2.09 -47.33
N SER F 30 2.02 -0.90 -47.87
CA SER F 30 2.85 -0.36 -48.94
C SER F 30 4.26 -0.04 -48.44
N ASN F 31 4.36 0.69 -47.33
CA ASN F 31 5.66 1.01 -46.76
C ASN F 31 6.23 -0.11 -45.90
N HIS F 32 5.36 -0.98 -45.35
CA HIS F 32 5.84 -2.10 -44.56
C HIS F 32 6.54 -3.12 -45.44
N ILE F 33 6.04 -3.34 -46.65
CA ILE F 33 6.71 -4.23 -47.59
C ILE F 33 8.10 -3.68 -47.91
N ALA F 34 8.21 -2.38 -48.14
CA ALA F 34 9.50 -1.77 -48.41
C ALA F 34 10.45 -1.93 -47.22
N ALA F 35 9.93 -1.80 -46.01
CA ALA F 35 10.77 -1.96 -44.82
C ALA F 35 11.26 -3.40 -44.68
N LEU F 36 10.38 -4.37 -44.90
CA LEU F 36 10.77 -5.76 -44.66
C LEU F 36 11.64 -6.31 -45.77
N LYS F 37 11.38 -5.93 -47.02
CA LYS F 37 12.10 -6.52 -48.14
C LYS F 37 13.55 -6.06 -48.20
N GLU F 38 13.82 -4.80 -47.84
CA GLU F 38 15.13 -4.23 -48.07
C GLU F 38 16.19 -4.80 -47.14
N MET F 39 15.86 -4.92 -45.85
CA MET F 39 16.87 -5.27 -44.85
C MET F 39 16.96 -6.76 -44.55
N VAL F 40 16.07 -7.59 -45.10
CA VAL F 40 16.06 -9.01 -44.74
C VAL F 40 16.19 -9.89 -45.99
N VAL F 41 15.38 -9.61 -47.01
CA VAL F 41 15.32 -10.49 -48.17
C VAL F 41 16.60 -10.40 -48.99
N PHE F 42 17.12 -9.19 -49.19
CA PHE F 42 18.27 -9.01 -50.07
C PHE F 42 19.52 -9.76 -49.60
N PRO F 43 19.92 -9.71 -48.32
CA PRO F 43 21.13 -10.45 -47.91
C PRO F 43 21.06 -11.94 -48.18
N LEU F 44 19.90 -12.55 -47.99
CA LEU F 44 19.79 -14.00 -48.19
C LEU F 44 19.77 -14.38 -49.65
N LEU F 45 19.20 -13.53 -50.52
CA LEU F 45 19.18 -13.83 -51.95
C LEU F 45 20.59 -13.90 -52.51
N TYR F 46 21.47 -12.99 -52.09
CA TYR F 46 22.86 -12.95 -52.53
C TYR F 46 23.74 -12.90 -51.29
N PRO F 47 24.03 -14.05 -50.68
CA PRO F 47 24.85 -14.06 -49.45
C PRO F 47 26.27 -13.61 -49.68
N GLU F 48 26.71 -13.60 -50.94
CA GLU F 48 28.09 -13.26 -51.27
C GLU F 48 28.41 -11.79 -50.99
N VAL F 49 27.40 -10.95 -50.77
CA VAL F 49 27.64 -9.52 -50.66
C VAL F 49 28.37 -9.17 -49.37
N PHE F 50 27.94 -9.75 -48.24
CA PHE F 50 28.38 -9.27 -46.93
C PHE F 50 29.80 -9.67 -46.57
N GLU F 51 30.42 -10.61 -47.29
CA GLU F 51 31.77 -11.02 -46.93
C GLU F 51 32.82 -9.97 -47.26
N LYS F 52 32.49 -9.00 -48.11
CA LYS F 52 33.47 -7.97 -48.47
C LYS F 52 33.66 -6.96 -47.35
N PHE F 53 32.57 -6.60 -46.65
CA PHE F 53 32.62 -5.58 -45.62
C PHE F 53 32.39 -6.11 -44.22
N LYS F 54 32.01 -7.38 -44.06
CA LYS F 54 31.82 -8.01 -42.75
C LYS F 54 30.76 -7.26 -41.93
N ILE F 55 29.55 -7.19 -42.50
CA ILE F 55 28.45 -6.50 -41.84
C ILE F 55 27.96 -7.30 -40.62
N GLN F 56 27.92 -8.64 -40.75
CA GLN F 56 27.51 -9.54 -39.68
C GLN F 56 26.07 -9.25 -39.26
N PRO F 57 25.08 -9.61 -40.07
CA PRO F 57 23.70 -9.31 -39.72
C PRO F 57 23.21 -10.20 -38.59
N PRO F 58 22.13 -9.82 -37.91
CA PRO F 58 21.57 -10.68 -36.86
C PRO F 58 20.92 -11.92 -37.46
N ARG F 59 20.71 -12.92 -36.59
CA ARG F 59 20.25 -14.24 -37.02
C ARG F 59 18.89 -14.62 -36.44
N GLY F 60 18.11 -13.66 -35.95
CA GLY F 60 16.81 -13.97 -35.38
C GLY F 60 15.75 -12.94 -35.63
N CYS F 61 14.58 -13.37 -36.10
CA CYS F 61 13.48 -12.47 -36.46
C CYS F 61 12.17 -13.03 -35.95
N LEU F 62 11.16 -12.15 -35.88
CA LEU F 62 9.86 -12.50 -35.33
C LEU F 62 8.79 -11.61 -35.95
N PHE F 63 7.54 -12.08 -35.89
CA PHE F 63 6.35 -11.28 -36.17
C PHE F 63 5.56 -11.17 -34.88
N TYR F 64 5.32 -9.94 -34.41
CA TYR F 64 4.55 -9.72 -33.21
C TYR F 64 3.40 -8.76 -33.53
N GLY F 65 2.66 -8.40 -32.48
CA GLY F 65 1.65 -7.38 -32.59
C GLY F 65 0.37 -7.76 -31.89
N PRO F 66 -0.66 -6.91 -32.01
CA PRO F 66 -1.98 -7.29 -31.52
C PRO F 66 -2.52 -8.44 -32.34
N PRO F 67 -3.37 -9.27 -31.75
CA PRO F 67 -3.98 -10.36 -32.52
C PRO F 67 -4.84 -9.82 -33.65
N GLY F 68 -4.93 -10.59 -34.73
CA GLY F 68 -5.65 -10.16 -35.91
C GLY F 68 -4.81 -9.48 -36.96
N THR F 69 -3.49 -9.64 -36.93
CA THR F 69 -2.61 -9.10 -37.97
C THR F 69 -2.21 -10.12 -39.01
N GLY F 70 -2.70 -11.36 -38.92
CA GLY F 70 -2.38 -12.39 -39.88
C GLY F 70 -0.91 -12.73 -39.94
N LYS F 71 -0.28 -12.88 -38.76
CA LYS F 71 1.15 -13.17 -38.71
C LYS F 71 1.47 -14.55 -39.29
N THR F 72 0.63 -15.55 -39.00
CA THR F 72 0.84 -16.87 -39.58
C THR F 72 0.53 -16.89 -41.07
N LEU F 73 -0.42 -16.07 -41.51
CA LEU F 73 -0.71 -15.99 -42.94
C LEU F 73 0.46 -15.39 -43.71
N VAL F 74 1.23 -14.51 -43.08
CA VAL F 74 2.44 -13.99 -43.72
C VAL F 74 3.44 -15.13 -43.94
N ALA F 75 3.62 -16.00 -42.95
CA ALA F 75 4.52 -17.14 -43.12
C ALA F 75 3.99 -18.11 -44.18
N ARG F 76 2.68 -18.30 -44.23
CA ARG F 76 2.09 -19.15 -45.27
C ARG F 76 2.33 -18.56 -46.65
N ALA F 77 2.19 -17.24 -46.79
CA ALA F 77 2.48 -16.58 -48.05
C ALA F 77 3.94 -16.72 -48.43
N LEU F 78 4.84 -16.62 -47.44
CA LEU F 78 6.26 -16.82 -47.71
C LEU F 78 6.53 -18.25 -48.16
N ALA F 79 5.83 -19.23 -47.57
CA ALA F 79 5.96 -20.61 -48.00
C ALA F 79 5.50 -20.79 -49.44
N ASN F 80 4.38 -20.16 -49.79
CA ASN F 80 3.89 -20.22 -51.16
C ASN F 80 4.87 -19.57 -52.13
N GLU F 81 5.47 -18.44 -51.71
CA GLU F 81 6.48 -17.77 -52.54
C GLU F 81 7.68 -18.68 -52.77
N CYS F 82 8.15 -19.34 -51.71
CA CYS F 82 9.30 -20.23 -51.82
C CYS F 82 8.99 -21.46 -52.65
N SER F 83 7.73 -21.92 -52.61
CA SER F 83 7.36 -23.12 -53.35
C SER F 83 7.36 -22.85 -54.87
N GLN F 84 6.85 -21.70 -55.28
CA GLN F 84 6.77 -21.39 -56.71
C GLN F 84 8.09 -20.82 -57.19
N GLY F 85 8.66 -21.43 -58.22
CA GLY F 85 9.91 -20.96 -58.78
C GLY F 85 10.87 -22.08 -59.14
N ASP F 86 12.18 -21.82 -59.02
CA ASP F 86 13.21 -22.80 -59.31
C ASP F 86 13.65 -23.58 -58.08
N LYS F 87 13.00 -23.36 -56.93
CA LYS F 87 13.34 -24.03 -55.68
C LYS F 87 14.79 -23.75 -55.29
N ARG F 88 15.14 -22.47 -55.25
CA ARG F 88 16.42 -22.04 -54.72
C ARG F 88 16.36 -21.77 -53.22
N VAL F 89 15.19 -21.44 -52.69
CA VAL F 89 14.99 -21.24 -51.27
C VAL F 89 13.86 -22.16 -50.81
N ALA F 90 14.06 -22.83 -49.69
CA ALA F 90 13.12 -23.81 -49.18
C ALA F 90 12.33 -23.23 -48.01
N PHE F 91 11.30 -23.97 -47.59
CA PHE F 91 10.48 -23.56 -46.46
C PHE F 91 9.82 -24.81 -45.90
N PHE F 92 9.89 -24.98 -44.58
CA PHE F 92 9.25 -26.09 -43.90
C PHE F 92 8.20 -25.52 -42.94
N MET F 93 6.95 -25.93 -43.13
CA MET F 93 5.84 -25.43 -42.35
C MET F 93 5.74 -26.21 -41.04
N ARG F 94 6.01 -25.54 -39.92
CA ARG F 94 5.97 -26.15 -38.61
C ARG F 94 5.22 -25.25 -37.65
N LYS F 95 4.52 -25.87 -36.71
CA LYS F 95 3.76 -25.16 -35.68
C LYS F 95 4.23 -25.59 -34.31
N GLY F 96 4.45 -24.63 -33.43
CA GLY F 96 4.84 -24.92 -32.06
C GLY F 96 3.70 -25.28 -31.14
N ALA F 97 2.45 -25.18 -31.62
CA ALA F 97 1.29 -25.56 -30.83
C ALA F 97 0.72 -26.92 -31.20
N ASP F 98 0.81 -27.31 -32.47
CA ASP F 98 0.32 -28.61 -32.92
C ASP F 98 1.38 -29.69 -32.83
N CYS F 99 2.61 -29.35 -32.45
CA CYS F 99 3.71 -30.31 -32.38
C CYS F 99 3.96 -30.81 -30.96
N LEU F 100 3.02 -30.60 -30.05
CA LEU F 100 3.16 -31.08 -28.67
C LEU F 100 3.00 -32.60 -28.65
N SER F 101 4.01 -33.29 -28.15
CA SER F 101 3.99 -34.74 -28.00
C SER F 101 4.25 -35.10 -26.55
N LYS F 102 3.50 -36.08 -26.04
CA LYS F 102 3.63 -36.54 -24.67
C LYS F 102 4.67 -37.66 -24.55
N TRP F 103 5.87 -37.39 -25.07
CA TRP F 103 6.92 -38.39 -25.15
C TRP F 103 8.24 -37.77 -24.74
N VAL F 104 9.20 -38.64 -24.40
CA VAL F 104 10.43 -38.17 -23.76
C VAL F 104 11.43 -37.65 -24.79
N GLY F 105 11.81 -38.47 -25.77
CA GLY F 105 12.90 -38.10 -26.64
C GLY F 105 12.77 -38.47 -28.10
N GLU F 106 11.57 -38.88 -28.53
CA GLU F 106 11.36 -39.18 -29.93
C GLU F 106 11.32 -37.90 -30.77
N SER F 107 11.00 -36.77 -30.14
CA SER F 107 11.00 -35.49 -30.84
C SER F 107 12.36 -34.79 -30.82
N GLU F 108 13.31 -35.30 -30.04
CA GLU F 108 14.62 -34.65 -29.96
C GLU F 108 15.36 -34.71 -31.30
N ARG F 109 15.28 -35.85 -31.99
CA ARG F 109 16.01 -36.03 -33.23
C ARG F 109 15.47 -35.17 -34.36
N GLN F 110 14.24 -34.67 -34.23
CA GLN F 110 13.61 -33.94 -35.33
C GLN F 110 14.38 -32.66 -35.67
N LEU F 111 14.73 -31.87 -34.66
CA LEU F 111 15.46 -30.63 -34.91
C LEU F 111 16.89 -30.91 -35.37
N ARG F 112 17.52 -31.96 -34.82
CA ARG F 112 18.88 -32.30 -35.24
C ARG F 112 18.93 -32.69 -36.71
N LEU F 113 17.94 -33.46 -37.16
CA LEU F 113 17.88 -33.83 -38.58
C LEU F 113 17.39 -32.66 -39.43
N LEU F 114 16.65 -31.73 -38.82
CA LEU F 114 15.99 -30.68 -39.59
C LEU F 114 16.98 -29.63 -40.09
N PHE F 115 17.92 -29.21 -39.24
CA PHE F 115 18.77 -28.08 -39.56
C PHE F 115 19.84 -28.38 -40.59
N ASP F 116 20.33 -29.62 -40.67
CA ASP F 116 21.38 -29.97 -41.62
C ASP F 116 20.83 -30.44 -42.96
N GLN F 117 19.55 -30.80 -43.03
CA GLN F 117 18.96 -31.18 -44.31
C GLN F 117 18.94 -30.01 -45.28
N ALA F 118 18.63 -28.81 -44.77
CA ALA F 118 18.55 -27.64 -45.63
C ALA F 118 19.91 -26.99 -45.88
N TYR F 119 20.96 -27.42 -45.18
CA TYR F 119 22.29 -26.91 -45.41
C TYR F 119 22.90 -27.40 -46.71
N GLN F 120 22.45 -28.55 -47.22
CA GLN F 120 22.94 -29.05 -48.49
C GLN F 120 22.24 -28.37 -49.67
N MET F 121 21.04 -27.86 -49.46
CA MET F 121 20.26 -27.17 -50.49
C MET F 121 19.87 -25.79 -49.98
N ARG F 122 20.87 -25.06 -49.49
CA ARG F 122 20.68 -23.73 -48.92
C ARG F 122 20.33 -22.73 -50.02
N PRO F 123 19.71 -21.58 -49.65
CA PRO F 123 19.21 -21.18 -48.33
C PRO F 123 17.82 -21.74 -48.01
N SER F 124 17.39 -21.61 -46.76
CA SER F 124 16.07 -22.06 -46.35
C SER F 124 15.60 -21.26 -45.15
N ILE F 125 14.28 -21.29 -44.92
CA ILE F 125 13.64 -20.58 -43.83
C ILE F 125 12.68 -21.53 -43.13
N ILE F 126 12.72 -21.55 -41.80
CA ILE F 126 11.90 -22.44 -40.98
C ILE F 126 10.98 -21.59 -40.13
N PHE F 127 9.72 -22.00 -40.03
CA PHE F 127 8.71 -21.27 -39.28
C PHE F 127 8.24 -22.06 -38.07
N PHE F 128 7.96 -21.34 -36.98
CA PHE F 128 7.45 -21.92 -35.73
C PHE F 128 6.32 -21.03 -35.23
N ASP F 129 5.08 -21.50 -35.36
CA ASP F 129 3.92 -20.74 -34.93
C ASP F 129 3.50 -21.18 -33.53
N GLN F 130 3.22 -20.20 -32.67
CA GLN F 130 2.73 -20.45 -31.30
C GLN F 130 3.71 -21.32 -30.53
N ILE F 131 4.90 -20.78 -30.30
CA ILE F 131 5.98 -21.48 -29.63
C ILE F 131 5.68 -21.54 -28.14
N ASP F 132 4.55 -20.97 -27.73
CA ASP F 132 4.18 -20.96 -26.32
C ASP F 132 4.02 -22.37 -25.77
N GLY F 133 3.30 -23.24 -26.47
CA GLY F 133 3.11 -24.60 -26.04
C GLY F 133 4.38 -25.42 -26.04
N LEU F 134 5.17 -25.28 -27.12
CA LEU F 134 6.38 -26.08 -27.25
C LEU F 134 7.50 -25.56 -26.35
N ALA F 135 7.56 -24.25 -26.14
CA ALA F 135 8.61 -23.63 -25.31
C ALA F 135 7.96 -22.70 -24.31
N PRO F 136 7.31 -23.24 -23.27
CA PRO F 136 6.78 -22.37 -22.21
C PRO F 136 7.87 -21.91 -21.26
N VAL F 137 7.49 -21.13 -20.24
CA VAL F 137 8.45 -20.62 -19.26
C VAL F 137 8.87 -21.79 -18.37
N ARG F 138 10.17 -21.95 -18.16
CA ARG F 138 10.67 -23.01 -17.30
C ARG F 138 10.71 -22.53 -15.85
N SER F 139 10.16 -23.33 -14.95
CA SER F 139 10.14 -23.02 -13.52
C SER F 139 10.06 -24.32 -12.75
N SER F 140 9.82 -24.22 -11.45
CA SER F 140 9.71 -25.41 -10.60
C SER F 140 8.37 -26.13 -10.74
N ARG F 141 7.34 -25.45 -11.25
CA ARG F 141 6.03 -26.05 -11.39
C ARG F 141 5.85 -26.81 -12.70
N GLN F 142 6.73 -26.60 -13.67
CA GLN F 142 6.63 -27.26 -14.96
C GLN F 142 7.09 -28.71 -14.86
N ASP F 143 6.54 -29.55 -15.73
CA ASP F 143 6.89 -30.96 -15.76
C ASP F 143 8.36 -31.14 -16.14
N GLN F 144 8.97 -32.21 -15.62
CA GLN F 144 10.33 -32.56 -16.04
C GLN F 144 10.38 -32.90 -17.51
N ILE F 145 9.31 -33.49 -18.06
CA ILE F 145 9.26 -33.78 -19.49
C ILE F 145 9.35 -32.48 -20.28
N HIS F 146 8.52 -31.50 -19.92
CA HIS F 146 8.56 -30.21 -20.58
C HIS F 146 9.87 -29.48 -20.30
N SER F 147 10.42 -29.63 -19.09
CA SER F 147 11.71 -29.02 -18.79
C SER F 147 12.79 -29.52 -19.74
N SER F 148 12.88 -30.84 -19.90
CA SER F 148 13.86 -31.42 -20.81
C SER F 148 13.58 -31.02 -22.26
N ILE F 149 12.30 -30.98 -22.64
CA ILE F 149 11.94 -30.61 -24.01
C ILE F 149 12.40 -29.19 -24.32
N VAL F 150 12.13 -28.26 -23.40
CA VAL F 150 12.53 -26.86 -23.62
C VAL F 150 14.04 -26.73 -23.57
N SER F 151 14.71 -27.46 -22.68
CA SER F 151 16.17 -27.40 -22.62
C SER F 151 16.78 -27.85 -23.94
N THR F 152 16.33 -28.99 -24.46
CA THR F 152 16.81 -29.45 -25.76
C THR F 152 16.46 -28.48 -26.88
N LEU F 153 15.26 -27.91 -26.85
CA LEU F 153 14.84 -26.97 -27.89
C LEU F 153 15.72 -25.73 -27.92
N LEU F 154 16.03 -25.19 -26.73
CA LEU F 154 16.90 -24.01 -26.67
C LEU F 154 18.33 -24.36 -27.02
N ALA F 155 18.76 -25.59 -26.71
CA ALA F 155 20.13 -25.99 -27.05
C ALA F 155 20.29 -26.22 -28.55
N LEU F 156 19.23 -26.65 -29.24
CA LEU F 156 19.36 -27.06 -30.63
C LEU F 156 19.41 -25.87 -31.59
N MET F 157 18.51 -24.90 -31.43
CA MET F 157 18.37 -23.86 -32.45
C MET F 157 19.50 -22.83 -32.42
N ASP F 158 20.04 -22.54 -31.24
CA ASP F 158 21.10 -21.54 -31.14
C ASP F 158 22.46 -22.10 -31.49
N GLY F 159 22.62 -23.42 -31.51
CA GLY F 159 23.92 -24.03 -31.73
C GLY F 159 24.24 -24.32 -33.18
N LEU F 160 23.33 -24.99 -33.87
CA LEU F 160 23.55 -25.38 -35.27
C LEU F 160 23.25 -24.24 -36.22
N ASP F 161 23.97 -23.13 -36.03
CA ASP F 161 23.78 -21.92 -36.83
C ASP F 161 25.13 -21.21 -36.91
N SER F 162 25.09 -19.92 -37.26
CA SER F 162 26.22 -18.98 -37.36
C SER F 162 27.05 -19.20 -38.62
N ARG F 163 26.74 -20.19 -39.45
CA ARG F 163 27.34 -20.31 -40.77
C ARG F 163 26.29 -20.43 -41.87
N GLY F 164 25.01 -20.35 -41.54
CA GLY F 164 23.95 -20.50 -42.51
C GLY F 164 23.55 -21.95 -42.72
N GLU F 165 22.43 -22.13 -43.41
CA GLU F 165 21.64 -21.02 -43.92
C GLU F 165 20.19 -21.13 -43.46
N ILE F 166 20.01 -21.40 -42.16
CA ILE F 166 18.68 -21.59 -41.59
C ILE F 166 18.33 -20.36 -40.77
N VAL F 167 17.18 -19.76 -41.07
CA VAL F 167 16.67 -18.61 -40.34
C VAL F 167 15.37 -19.03 -39.68
N VAL F 168 15.35 -19.03 -38.34
CA VAL F 168 14.17 -19.43 -37.59
C VAL F 168 13.26 -18.21 -37.44
N ILE F 169 12.02 -18.33 -37.92
CA ILE F 169 11.03 -17.26 -37.86
C ILE F 169 9.87 -17.75 -37.00
N GLY F 170 9.46 -16.93 -36.04
CA GLY F 170 8.39 -17.29 -35.13
C GLY F 170 7.29 -16.26 -35.11
N ALA F 171 6.12 -16.69 -34.65
CA ALA F 171 4.96 -15.83 -34.46
C ALA F 171 4.13 -16.35 -33.30
N THR F 172 3.75 -15.44 -32.40
CA THR F 172 3.00 -15.80 -31.22
C THR F 172 1.94 -14.73 -30.97
N ASN F 173 1.04 -15.04 -30.03
CA ASN F 173 -0.02 -14.10 -29.67
C ASN F 173 0.36 -13.20 -28.51
N ARG F 174 1.01 -13.74 -27.48
CA ARG F 174 1.43 -12.95 -26.33
C ARG F 174 2.94 -13.12 -26.16
N LEU F 175 3.64 -11.99 -26.06
CA LEU F 175 5.09 -11.99 -26.19
C LEU F 175 5.79 -12.78 -25.09
N ASP F 176 5.36 -12.63 -23.84
CA ASP F 176 6.07 -13.22 -22.71
C ASP F 176 5.61 -14.66 -22.47
N SER F 177 4.80 -15.22 -23.37
CA SER F 177 4.43 -16.62 -23.31
C SER F 177 5.49 -17.54 -23.91
N ILE F 178 6.70 -17.02 -24.10
CA ILE F 178 7.82 -17.76 -24.66
C ILE F 178 8.85 -18.00 -23.57
N ASP F 179 9.60 -19.08 -23.71
CA ASP F 179 10.61 -19.42 -22.71
C ASP F 179 11.62 -18.27 -22.57
N PRO F 180 11.86 -17.76 -21.36
CA PRO F 180 12.78 -16.63 -21.21
C PRO F 180 14.19 -16.91 -21.66
N ALA F 181 14.66 -18.16 -21.54
CA ALA F 181 16.02 -18.48 -21.97
C ALA F 181 16.20 -18.36 -23.48
N LEU F 182 15.10 -18.38 -24.24
CA LEU F 182 15.23 -18.21 -25.69
C LEU F 182 15.68 -16.81 -26.04
N ARG F 183 15.34 -15.82 -25.22
CA ARG F 183 15.64 -14.42 -25.48
C ARG F 183 16.88 -14.02 -24.67
N ARG F 184 18.04 -14.37 -25.21
CA ARG F 184 19.34 -14.04 -24.63
C ARG F 184 20.24 -13.58 -25.75
N PRO F 185 21.23 -12.73 -25.47
CA PRO F 185 22.11 -12.24 -26.54
C PRO F 185 22.79 -13.38 -27.29
N GLY F 186 22.96 -13.18 -28.60
CA GLY F 186 23.41 -14.24 -29.46
C GLY F 186 22.31 -15.13 -29.97
N ARG F 187 21.06 -14.65 -29.97
CA ARG F 187 19.90 -15.44 -30.32
C ARG F 187 18.87 -14.51 -30.96
N PHE F 188 17.61 -14.96 -30.97
CA PHE F 188 16.49 -14.18 -31.48
C PHE F 188 16.54 -12.72 -31.03
N ASP F 189 16.69 -11.82 -32.00
CA ASP F 189 16.78 -10.39 -31.73
C ASP F 189 15.71 -9.58 -32.43
N ARG F 190 15.55 -9.73 -33.75
CA ARG F 190 14.72 -8.80 -34.51
C ARG F 190 13.23 -9.11 -34.33
N GLU F 191 12.41 -8.07 -34.52
CA GLU F 191 10.98 -8.14 -34.29
C GLU F 191 10.27 -7.25 -35.30
N PHE F 192 9.10 -7.69 -35.78
CA PHE F 192 8.36 -7.00 -36.83
C PHE F 192 6.95 -6.66 -36.35
N LEU F 193 6.51 -5.44 -36.63
CA LEU F 193 5.22 -4.95 -36.14
C LEU F 193 4.25 -4.73 -37.31
N PHE F 194 3.02 -5.19 -37.14
CA PHE F 194 1.95 -4.97 -38.11
C PHE F 194 0.81 -4.22 -37.41
N SER F 195 0.02 -3.50 -38.18
CA SER F 195 -1.11 -2.74 -37.67
C SER F 195 -2.41 -3.24 -38.30
N LEU F 196 -3.50 -2.55 -38.01
CA LEU F 196 -4.80 -2.89 -38.55
C LEU F 196 -5.03 -2.22 -39.91
N LYS F 199 -5.18 2.14 -42.74
CA LYS F 199 -6.49 2.27 -43.35
C LYS F 199 -6.41 1.86 -44.82
N GLU F 200 -5.22 1.99 -45.40
CA GLU F 200 -5.02 1.65 -46.81
C GLU F 200 -5.27 0.18 -47.11
N ALA F 201 -5.29 -0.67 -46.08
CA ALA F 201 -5.56 -2.09 -46.30
C ALA F 201 -6.96 -2.34 -46.84
N ARG F 202 -7.93 -1.46 -46.52
CA ARG F 202 -9.31 -1.73 -46.87
C ARG F 202 -9.54 -1.79 -48.38
N LYS F 203 -8.90 -0.91 -49.15
CA LYS F 203 -9.21 -0.84 -50.57
C LYS F 203 -8.66 -2.07 -51.31
N GLU F 204 -7.43 -2.48 -51.01
CA GLU F 204 -6.91 -3.70 -51.61
C GLU F 204 -7.69 -4.92 -51.11
N ILE F 205 -8.05 -4.93 -49.82
CA ILE F 205 -8.80 -6.06 -49.26
C ILE F 205 -10.12 -6.23 -50.00
N LEU F 206 -10.83 -5.12 -50.24
CA LEU F 206 -12.10 -5.22 -50.94
C LEU F 206 -11.91 -5.56 -52.42
N LYS F 207 -10.91 -4.98 -53.08
CA LYS F 207 -10.69 -5.28 -54.49
C LYS F 207 -10.26 -6.74 -54.68
N ILE F 208 -9.72 -7.37 -53.63
CA ILE F 208 -9.38 -8.77 -53.71
C ILE F 208 -10.59 -9.65 -53.39
N HIS F 209 -11.28 -9.33 -52.30
CA HIS F 209 -12.41 -10.14 -51.85
C HIS F 209 -13.67 -9.93 -52.69
N THR F 210 -13.79 -8.79 -53.36
CA THR F 210 -14.93 -8.51 -54.24
C THR F 210 -14.50 -8.50 -55.70
N ARG F 211 -13.49 -9.31 -56.03
CA ARG F 211 -12.98 -9.35 -57.39
C ARG F 211 -13.96 -10.00 -58.36
N ASP F 212 -14.77 -10.95 -57.87
CA ASP F 212 -15.73 -11.67 -58.73
C ASP F 212 -17.09 -11.66 -58.04
N TRP F 213 -17.88 -10.62 -58.31
CA TRP F 213 -19.23 -10.48 -57.78
C TRP F 213 -20.06 -9.70 -58.79
N ASN F 214 -21.19 -10.30 -59.21
CA ASN F 214 -22.02 -9.68 -60.24
C ASN F 214 -22.56 -8.31 -59.82
N PRO F 215 -23.19 -8.13 -58.65
CA PRO F 215 -23.65 -6.77 -58.29
C PRO F 215 -22.54 -5.96 -57.62
N LYS F 216 -21.64 -5.44 -58.44
CA LYS F 216 -20.48 -4.73 -57.93
C LYS F 216 -20.90 -3.44 -57.24
N PRO F 217 -20.55 -3.25 -55.96
CA PRO F 217 -20.93 -2.02 -55.27
C PRO F 217 -20.01 -0.86 -55.64
N LEU F 218 -20.49 0.34 -55.36
CA LEU F 218 -19.72 1.54 -55.61
C LEU F 218 -18.56 1.66 -54.63
N ASP F 219 -17.49 2.33 -55.07
CA ASP F 219 -16.32 2.49 -54.21
C ASP F 219 -16.64 3.32 -52.98
N THR F 220 -17.46 4.36 -53.13
CA THR F 220 -17.85 5.17 -51.97
C THR F 220 -18.51 4.31 -50.90
N PHE F 221 -19.53 3.53 -51.27
CA PHE F 221 -20.21 2.65 -50.31
C PHE F 221 -19.21 2.01 -49.36
N LEU F 222 -18.19 1.35 -49.91
CA LEU F 222 -17.21 0.66 -49.08
C LEU F 222 -16.26 1.63 -48.40
N GLU F 223 -16.07 2.83 -48.97
CA GLU F 223 -15.23 3.82 -48.29
C GLU F 223 -15.86 4.30 -46.99
N GLU F 224 -17.12 4.71 -47.04
CA GLU F 224 -17.82 5.06 -45.79
C GLU F 224 -18.07 3.83 -44.92
N LEU F 225 -18.09 2.63 -45.50
CA LEU F 225 -18.04 1.43 -44.65
C LEU F 225 -16.76 1.40 -43.82
N ALA F 226 -15.61 1.40 -44.49
CA ALA F 226 -14.33 1.34 -43.78
C ALA F 226 -14.17 2.50 -42.80
N GLU F 227 -14.72 3.67 -43.12
CA GLU F 227 -14.72 4.76 -42.17
C GLU F 227 -15.61 4.46 -40.97
N ASN F 228 -16.75 3.80 -41.21
CA ASN F 228 -17.62 3.35 -40.13
C ASN F 228 -17.26 1.95 -39.63
N CYS F 229 -16.32 1.27 -40.27
CA CYS F 229 -15.85 -0.03 -39.81
C CYS F 229 -14.76 0.14 -38.76
N VAL F 230 -15.11 0.90 -37.72
CA VAL F 230 -14.16 1.19 -36.65
C VAL F 230 -13.87 -0.09 -35.88
N GLY F 231 -12.61 -0.50 -35.87
CA GLY F 231 -12.21 -1.73 -35.22
C GLY F 231 -12.30 -2.98 -36.09
N TYR F 232 -12.80 -2.85 -37.32
CA TYR F 232 -12.93 -4.01 -38.20
C TYR F 232 -11.64 -4.24 -38.97
N CYS F 233 -11.15 -5.49 -38.93
CA CYS F 233 -9.85 -5.84 -39.51
C CYS F 233 -9.96 -7.14 -40.31
N GLY F 234 -10.28 -7.01 -41.59
CA GLY F 234 -10.13 -8.09 -42.55
C GLY F 234 -11.17 -9.19 -42.52
N ALA F 235 -11.12 -10.06 -41.52
CA ALA F 235 -12.03 -11.20 -41.47
C ALA F 235 -13.47 -10.75 -41.30
N ASP F 236 -13.70 -9.78 -40.41
CA ASP F 236 -15.06 -9.31 -40.22
C ASP F 236 -15.54 -8.47 -41.39
N ILE F 237 -14.64 -7.97 -42.24
CA ILE F 237 -15.06 -7.36 -43.50
C ILE F 237 -15.79 -8.38 -44.36
N LYS F 238 -15.33 -9.63 -44.33
CA LYS F 238 -16.04 -10.70 -45.02
C LYS F 238 -17.27 -11.17 -44.25
N SER F 239 -17.18 -11.19 -42.92
CA SER F 239 -18.33 -11.68 -42.14
C SER F 239 -19.52 -10.73 -42.26
N ILE F 240 -19.27 -9.42 -42.36
CA ILE F 240 -20.38 -8.49 -42.52
C ILE F 240 -21.05 -8.68 -43.88
N CYS F 241 -20.27 -9.00 -44.92
CA CYS F 241 -20.87 -9.32 -46.21
C CYS F 241 -21.71 -10.59 -46.13
N ALA F 242 -21.20 -11.61 -45.43
CA ALA F 242 -21.95 -12.85 -45.27
C ALA F 242 -23.25 -12.62 -44.52
N GLU F 243 -23.19 -11.85 -43.44
CA GLU F 243 -24.40 -11.59 -42.66
C GLU F 243 -25.35 -10.66 -43.41
N ALA F 244 -24.81 -9.80 -44.26
CA ALA F 244 -25.67 -8.99 -45.14
C ALA F 244 -26.42 -9.88 -46.12
N ALA F 245 -25.75 -10.87 -46.69
CA ALA F 245 -26.42 -11.82 -47.57
C ALA F 245 -27.49 -12.60 -46.81
N LEU F 246 -27.18 -13.02 -45.59
CA LEU F 246 -28.14 -13.79 -44.79
C LEU F 246 -29.37 -12.96 -44.46
N CYS F 247 -29.17 -11.73 -43.96
CA CYS F 247 -30.32 -10.88 -43.67
C CYS F 247 -31.05 -10.46 -44.93
N ALA F 248 -30.37 -10.40 -46.08
CA ALA F 248 -31.05 -10.13 -47.34
C ALA F 248 -31.98 -11.28 -47.70
N LEU F 249 -31.49 -12.51 -47.63
CA LEU F 249 -32.36 -13.65 -47.92
C LEU F 249 -33.47 -13.80 -46.89
N ARG F 250 -33.27 -13.28 -45.67
CA ARG F 250 -34.35 -13.28 -44.69
C ARG F 250 -35.39 -12.20 -45.01
N ARG F 251 -34.95 -11.02 -45.43
CA ARG F 251 -35.85 -9.88 -45.57
C ARG F 251 -36.58 -9.89 -46.91
N ARG F 252 -35.86 -10.12 -48.01
CA ARG F 252 -36.52 -10.20 -49.31
C ARG F 252 -37.44 -11.41 -49.40
N TYR F 253 -37.22 -12.40 -48.54
CA TYR F 253 -38.08 -13.59 -48.44
C TYR F 253 -38.55 -13.72 -47.00
N PRO F 254 -39.48 -12.87 -46.56
CA PRO F 254 -39.96 -12.96 -45.17
C PRO F 254 -40.71 -14.25 -44.88
N GLN F 255 -41.17 -14.95 -45.90
CA GLN F 255 -41.98 -16.16 -45.72
C GLN F 255 -41.15 -17.39 -45.41
N ILE F 256 -39.81 -17.28 -45.36
CA ILE F 256 -38.97 -18.44 -45.10
C ILE F 256 -39.33 -19.08 -43.75
N TYR F 257 -39.86 -18.28 -42.83
CA TYR F 257 -40.42 -18.83 -41.61
C TYR F 257 -41.86 -19.28 -41.85
N THR F 258 -42.18 -20.49 -41.38
CA THR F 258 -43.50 -21.10 -41.53
C THR F 258 -43.88 -21.25 -43.00
N THR F 259 -43.03 -21.97 -43.73
CA THR F 259 -43.29 -22.31 -45.13
C THR F 259 -42.51 -23.58 -45.46
N SER F 260 -42.88 -24.20 -46.57
CA SER F 260 -42.27 -25.46 -47.00
C SER F 260 -40.90 -25.18 -47.64
N GLU F 261 -40.33 -26.19 -48.29
CA GLU F 261 -39.00 -26.07 -48.87
C GLU F 261 -39.00 -25.10 -50.05
N LYS F 262 -37.83 -24.95 -50.66
CA LYS F 262 -37.70 -24.06 -51.81
C LYS F 262 -38.45 -24.65 -52.99
N LEU F 263 -39.64 -24.11 -53.25
CA LEU F 263 -40.50 -24.56 -54.35
C LEU F 263 -40.55 -23.59 -55.50
N GLN F 264 -40.78 -22.31 -55.22
CA GLN F 264 -40.66 -21.27 -56.24
C GLN F 264 -39.94 -20.09 -55.59
N LEU F 265 -38.62 -20.11 -55.64
CA LEU F 265 -37.79 -19.08 -55.03
C LEU F 265 -36.55 -18.88 -55.89
N ASP F 266 -36.51 -17.76 -56.61
CA ASP F 266 -35.40 -17.45 -57.50
C ASP F 266 -34.24 -16.92 -56.65
N LEU F 267 -33.11 -17.61 -56.70
CA LEU F 267 -31.93 -17.22 -55.93
C LEU F 267 -31.13 -16.14 -56.67
N SER F 268 -31.82 -15.08 -57.08
CA SER F 268 -31.19 -13.93 -57.71
C SER F 268 -31.72 -12.60 -57.21
N SER F 269 -32.86 -12.57 -56.52
CA SER F 269 -33.41 -11.36 -55.91
C SER F 269 -32.79 -11.08 -54.54
N ILE F 270 -31.68 -11.74 -54.22
CA ILE F 270 -31.03 -11.61 -52.92
C ILE F 270 -29.87 -10.61 -53.00
N ASN F 271 -29.79 -9.84 -54.09
CA ASN F 271 -28.71 -8.88 -54.25
C ASN F 271 -28.72 -7.85 -53.13
N ILE F 272 -27.54 -7.51 -52.64
CA ILE F 272 -27.38 -6.56 -51.54
C ILE F 272 -27.85 -5.19 -52.02
N SER F 273 -28.58 -4.49 -51.16
CA SER F 273 -29.14 -3.18 -51.46
C SER F 273 -28.42 -2.10 -50.67
N ALA F 274 -28.75 -0.84 -50.97
CA ALA F 274 -28.14 0.28 -50.27
C ALA F 274 -28.50 0.27 -48.78
N LYS F 275 -29.74 -0.06 -48.47
CA LYS F 275 -30.15 -0.18 -47.06
C LYS F 275 -29.72 -1.50 -46.44
N ASP F 276 -29.36 -2.49 -47.25
CA ASP F 276 -29.09 -3.83 -46.73
C ASP F 276 -27.91 -3.83 -45.76
N PHE F 277 -26.77 -3.29 -46.21
CA PHE F 277 -25.59 -3.30 -45.34
C PHE F 277 -25.73 -2.30 -44.20
N GLU F 278 -26.45 -1.19 -44.43
CA GLU F 278 -26.62 -0.20 -43.39
C GLU F 278 -27.46 -0.75 -42.24
N VAL F 279 -28.56 -1.45 -42.56
CA VAL F 279 -29.35 -2.08 -41.51
C VAL F 279 -28.64 -3.30 -40.94
N ALA F 280 -27.83 -3.99 -41.75
CA ALA F 280 -26.95 -5.03 -41.22
C ALA F 280 -25.93 -4.43 -40.28
N MET F 281 -25.43 -3.23 -40.61
CA MET F 281 -24.55 -2.52 -39.69
C MET F 281 -25.27 -2.12 -38.41
N GLN F 282 -26.61 -2.12 -38.44
CA GLN F 282 -27.42 -1.89 -37.25
C GLN F 282 -27.76 -3.16 -36.49
N LYS F 283 -27.65 -4.32 -37.12
CA LYS F 283 -27.88 -5.59 -36.45
C LYS F 283 -26.66 -6.10 -35.71
N MET F 284 -25.53 -5.37 -35.77
CA MET F 284 -24.35 -5.73 -35.01
C MET F 284 -23.62 -4.46 -34.62
N ILE F 285 -22.87 -4.55 -33.52
CA ILE F 285 -22.24 -3.37 -32.92
C ILE F 285 -21.13 -2.86 -33.85
N PRO F 286 -21.09 -1.55 -34.15
CA PRO F 286 -19.98 -0.99 -34.93
C PRO F 286 -18.70 -0.86 -34.11
N SER F 294 -9.11 8.54 -31.34
CA SER F 294 -8.33 9.60 -31.98
C SER F 294 -9.03 10.94 -31.87
N PRO F 295 -8.31 11.97 -31.45
CA PRO F 295 -8.91 13.30 -31.33
C PRO F 295 -9.02 14.02 -32.67
N GLY F 296 -9.49 13.30 -33.70
CA GLY F 296 -9.77 13.91 -34.98
C GLY F 296 -10.92 13.22 -35.67
N GLN F 297 -11.97 13.97 -35.98
CA GLN F 297 -13.16 13.39 -36.58
C GLN F 297 -13.62 14.30 -37.71
N ALA F 298 -13.99 13.70 -38.84
CA ALA F 298 -14.62 14.46 -39.90
C ALA F 298 -15.99 14.96 -39.46
N LEU F 299 -16.41 16.07 -40.04
CA LEU F 299 -17.71 16.64 -39.71
C LEU F 299 -18.81 15.65 -40.08
N SER F 300 -19.87 15.64 -39.27
CA SER F 300 -20.96 14.71 -39.47
C SER F 300 -21.61 14.92 -40.84
N THR F 301 -22.42 13.94 -41.24
CA THR F 301 -23.04 13.97 -42.57
C THR F 301 -23.89 15.21 -42.76
N VAL F 302 -24.40 15.78 -41.67
CA VAL F 302 -25.19 17.00 -41.77
C VAL F 302 -24.38 18.24 -41.40
N VAL F 303 -23.11 18.06 -41.03
CA VAL F 303 -22.33 19.19 -40.52
C VAL F 303 -21.26 19.66 -41.52
N LYS F 304 -20.80 18.77 -42.40
CA LYS F 304 -19.79 19.13 -43.40
C LYS F 304 -20.14 20.37 -44.21
N PRO F 305 -21.35 20.52 -44.77
CA PRO F 305 -21.66 21.70 -45.57
C PRO F 305 -21.87 22.98 -44.76
N LEU F 306 -21.47 23.00 -43.49
CA LEU F 306 -21.49 24.20 -42.67
C LEU F 306 -20.10 24.76 -42.43
N LEU F 307 -19.15 23.91 -42.03
CA LEU F 307 -17.80 24.35 -41.69
C LEU F 307 -16.74 23.79 -42.63
N GLN F 308 -17.12 23.19 -43.76
CA GLN F 308 -16.12 22.74 -44.71
C GLN F 308 -15.28 23.90 -45.24
N ASN F 309 -15.93 25.03 -45.56
CA ASN F 309 -15.20 26.20 -46.02
C ASN F 309 -14.26 26.73 -44.96
N THR F 310 -14.70 26.75 -43.71
CA THR F 310 -13.84 27.23 -42.62
C THR F 310 -12.66 26.27 -42.40
N VAL F 311 -12.90 24.97 -42.54
CA VAL F 311 -11.81 24.00 -42.45
C VAL F 311 -10.79 24.24 -43.56
N ASP F 312 -11.27 24.50 -44.77
CA ASP F 312 -10.36 24.81 -45.87
C ASP F 312 -9.57 26.09 -45.59
N LYS F 313 -10.24 27.11 -45.06
CA LYS F 313 -9.57 28.38 -44.76
C LYS F 313 -8.50 28.20 -43.70
N ILE F 314 -8.81 27.47 -42.63
CA ILE F 314 -7.83 27.25 -41.57
C ILE F 314 -6.71 26.35 -42.06
N LEU F 315 -7.02 25.44 -42.98
CA LEU F 315 -5.97 24.63 -43.60
C LEU F 315 -4.99 25.49 -44.38
N GLU F 316 -5.51 26.43 -45.17
CA GLU F 316 -4.64 27.34 -45.90
C GLU F 316 -3.83 28.21 -44.94
N ALA F 317 -4.46 28.66 -43.85
CA ALA F 317 -3.76 29.48 -42.88
C ALA F 317 -2.62 28.71 -42.23
N LEU F 318 -2.85 27.44 -41.86
CA LEU F 318 -1.80 26.66 -41.23
C LEU F 318 -0.71 26.29 -42.24
N GLN F 319 -1.09 26.08 -43.50
CA GLN F 319 -0.07 25.86 -44.53
C GLN F 319 0.83 27.08 -44.67
N ARG F 320 0.25 28.27 -44.64
CA ARG F 320 1.04 29.49 -44.72
C ARG F 320 1.93 29.64 -43.49
N VAL F 321 1.35 29.53 -42.29
CA VAL F 321 2.11 29.73 -41.07
C VAL F 321 3.09 28.57 -40.84
N PHE F 322 2.60 27.34 -40.97
CA PHE F 322 3.43 26.15 -40.78
C PHE F 322 3.73 25.55 -42.15
N PRO F 323 4.87 25.89 -42.76
CA PRO F 323 5.11 25.49 -44.15
C PRO F 323 5.40 24.01 -44.35
N HIS F 324 5.83 23.30 -43.31
CA HIS F 324 6.20 21.89 -43.44
C HIS F 324 5.01 21.01 -43.83
N ALA F 325 3.81 21.33 -43.35
CA ALA F 325 2.63 20.54 -43.66
C ALA F 325 2.20 20.78 -45.12
N ASN F 381 22.45 23.59 -45.79
CA ASN F 381 22.80 22.30 -46.35
C ASN F 381 22.37 22.20 -47.82
N ALA F 382 21.23 21.55 -48.05
CA ALA F 382 20.69 21.38 -49.39
C ALA F 382 19.30 22.00 -49.45
N CYS F 383 19.00 22.65 -50.57
CA CYS F 383 17.73 23.33 -50.75
C CYS F 383 16.65 22.30 -51.10
N TYR F 384 15.47 22.79 -51.50
CA TYR F 384 14.31 21.96 -51.84
C TYR F 384 13.86 21.09 -50.67
N GLN F 385 14.10 21.53 -49.44
CA GLN F 385 13.70 20.81 -48.25
C GLN F 385 12.91 21.75 -47.35
N PRO F 386 11.78 21.30 -46.78
CA PRO F 386 11.00 22.18 -45.91
C PRO F 386 11.78 22.58 -44.67
N MET F 387 11.51 23.80 -44.19
CA MET F 387 12.14 24.32 -42.99
C MET F 387 11.12 25.16 -42.23
N SER F 388 11.30 25.23 -40.91
CA SER F 388 10.34 25.92 -40.06
C SER F 388 11.05 26.43 -38.81
N PHE F 389 10.40 27.36 -38.11
CA PHE F 389 10.90 27.95 -36.88
C PHE F 389 9.77 28.06 -35.87
N ARG F 390 9.76 27.15 -34.89
CA ARG F 390 8.86 27.17 -33.74
C ARG F 390 7.42 27.39 -34.17
N PRO F 391 6.78 26.39 -34.78
CA PRO F 391 5.39 26.57 -35.24
C PRO F 391 4.45 26.75 -34.07
N ARG F 392 3.75 27.89 -34.05
CA ARG F 392 2.77 28.19 -33.02
C ARG F 392 1.56 28.86 -33.65
N ILE F 393 0.38 28.40 -33.26
CA ILE F 393 -0.87 28.95 -33.80
C ILE F 393 -1.92 28.86 -32.70
N LEU F 394 -2.75 29.90 -32.62
CA LEU F 394 -3.81 29.99 -31.62
C LEU F 394 -5.11 30.37 -32.32
N ILE F 395 -6.18 29.65 -32.00
CA ILE F 395 -7.50 29.93 -32.55
C ILE F 395 -8.36 30.53 -31.44
N VAL F 396 -8.90 31.72 -31.69
CA VAL F 396 -9.70 32.46 -30.73
C VAL F 396 -11.05 32.76 -31.35
N GLY F 397 -12.11 32.52 -30.59
CA GLY F 397 -13.45 32.80 -31.07
C GLY F 397 -14.41 32.95 -29.90
N GLU F 398 -15.52 33.62 -30.17
CA GLU F 398 -16.53 33.83 -29.15
C GLU F 398 -17.12 32.49 -28.73
N PRO F 399 -17.41 32.29 -27.44
CA PRO F 399 -18.00 31.02 -27.01
C PRO F 399 -19.32 30.75 -27.71
N GLY F 400 -19.58 29.46 -27.96
CA GLY F 400 -20.72 29.06 -28.74
C GLY F 400 -20.49 29.03 -30.23
N PHE F 401 -19.27 29.32 -30.69
CA PHE F 401 -18.93 29.25 -32.11
C PHE F 401 -18.39 27.88 -32.52
N GLY F 402 -18.23 26.97 -31.56
CA GLY F 402 -17.70 25.66 -31.86
C GLY F 402 -16.27 25.66 -32.37
N GLN F 403 -15.44 26.59 -31.89
CA GLN F 403 -14.05 26.64 -32.31
C GLN F 403 -13.22 25.49 -31.75
N GLY F 404 -13.70 24.84 -30.69
CA GLY F 404 -13.01 23.68 -30.15
C GLY F 404 -13.90 22.46 -30.14
N SER F 405 -15.21 22.68 -30.13
CA SER F 405 -16.16 21.58 -30.14
C SER F 405 -16.11 20.80 -31.46
N HIS F 406 -16.01 21.51 -32.58
CA HIS F 406 -16.08 20.86 -33.88
C HIS F 406 -14.89 21.24 -34.76
N LEU F 407 -14.35 22.44 -34.58
CA LEU F 407 -13.32 22.93 -35.47
C LEU F 407 -11.99 22.22 -35.22
N ALA F 408 -11.52 22.24 -33.98
CA ALA F 408 -10.22 21.64 -33.67
C ALA F 408 -10.14 20.15 -34.00
N PRO F 409 -11.13 19.30 -33.68
CA PRO F 409 -11.04 17.90 -34.13
C PRO F 409 -10.92 17.76 -35.63
N ALA F 410 -11.65 18.58 -36.39
CA ALA F 410 -11.54 18.52 -37.85
C ALA F 410 -10.15 18.95 -38.31
N VAL F 411 -9.57 19.97 -37.68
CA VAL F 411 -8.23 20.40 -38.03
C VAL F 411 -7.22 19.29 -37.75
N ILE F 412 -7.37 18.63 -36.61
CA ILE F 412 -6.48 17.51 -36.28
C ILE F 412 -6.64 16.37 -37.29
N HIS F 413 -7.89 16.06 -37.64
CA HIS F 413 -8.13 14.96 -38.58
C HIS F 413 -7.55 15.27 -39.95
N ALA F 414 -7.65 16.52 -40.40
CA ALA F 414 -7.10 16.89 -41.70
C ALA F 414 -5.60 16.71 -41.74
N LEU F 415 -4.91 17.08 -40.67
CA LEU F 415 -3.45 16.95 -40.60
C LEU F 415 -3.09 15.55 -40.11
N GLU F 416 -3.41 14.56 -40.95
CA GLU F 416 -3.13 13.18 -40.63
C GLU F 416 -1.65 12.85 -40.89
N LYS F 417 -1.27 11.59 -40.69
CA LYS F 417 0.10 11.12 -40.89
C LYS F 417 1.10 11.83 -39.98
N PHE F 418 0.62 12.32 -38.83
CA PHE F 418 1.48 12.97 -37.85
C PHE F 418 1.12 12.47 -36.45
N THR F 419 2.10 12.50 -35.56
CA THR F 419 1.85 12.12 -34.17
C THR F 419 1.19 13.26 -33.42
N VAL F 420 0.04 12.99 -32.82
CA VAL F 420 -0.73 13.98 -32.07
C VAL F 420 -0.83 13.51 -30.63
N TYR F 421 -0.44 14.38 -29.70
CA TYR F 421 -0.44 14.06 -28.27
C TYR F 421 -1.24 15.13 -27.54
N THR F 422 -2.41 14.77 -27.05
CA THR F 422 -3.25 15.70 -26.32
C THR F 422 -2.69 15.96 -24.93
N LEU F 423 -3.02 17.15 -24.40
CA LEU F 423 -2.59 17.53 -23.06
C LEU F 423 -3.73 18.34 -22.43
N ASP F 424 -4.59 17.66 -21.69
CA ASP F 424 -5.77 18.27 -21.10
C ASP F 424 -5.98 17.71 -19.69
N ILE F 425 -6.98 18.26 -19.00
CA ILE F 425 -7.26 17.84 -17.63
C ILE F 425 -7.59 16.35 -17.51
N PRO F 426 -8.52 15.80 -18.31
CA PRO F 426 -8.87 14.38 -18.11
C PRO F 426 -7.71 13.42 -18.33
N VAL F 427 -6.71 13.79 -19.13
CA VAL F 427 -5.55 12.93 -19.29
C VAL F 427 -4.45 13.25 -18.29
N LEU F 428 -4.41 14.48 -17.77
CA LEU F 428 -3.41 14.87 -16.79
C LEU F 428 -3.79 14.49 -15.37
N PHE F 429 -4.99 14.82 -14.92
CA PHE F 429 -5.47 14.46 -13.60
C PHE F 429 -6.21 13.13 -13.58
N GLY F 430 -6.45 12.53 -14.74
CA GLY F 430 -7.18 11.28 -14.81
C GLY F 430 -6.37 10.04 -14.53
N VAL F 431 -5.07 10.19 -14.25
CA VAL F 431 -4.19 9.07 -13.94
C VAL F 431 -3.61 9.27 -12.55
N SER F 432 -3.67 8.23 -11.73
CA SER F 432 -3.13 8.27 -10.39
C SER F 432 -1.78 7.55 -10.36
N THR F 433 -1.20 7.37 -9.17
CA THR F 433 0.10 6.71 -8.98
C THR F 433 1.21 7.39 -9.78
N THR F 434 1.02 8.67 -10.09
CA THR F 434 2.02 9.44 -10.81
C THR F 434 1.70 10.92 -10.64
N SER F 435 2.74 11.72 -10.38
CA SER F 435 2.56 13.15 -10.25
C SER F 435 2.18 13.76 -11.60
N PRO F 436 1.44 14.87 -11.60
CA PRO F 436 1.21 15.57 -12.87
C PRO F 436 2.50 16.00 -13.53
N GLU F 437 3.53 16.29 -12.73
CA GLU F 437 4.85 16.56 -13.29
C GLU F 437 5.44 15.34 -13.99
N GLU F 438 5.26 14.16 -13.40
CA GLU F 438 5.87 12.95 -13.96
C GLU F 438 5.34 12.64 -15.36
N THR F 439 4.10 13.05 -15.65
CA THR F 439 3.54 12.85 -16.98
C THR F 439 3.86 14.00 -17.94
N CYS F 440 3.92 15.23 -17.44
CA CYS F 440 4.18 16.38 -18.31
C CYS F 440 5.55 16.30 -18.98
N ALA F 441 6.58 15.91 -18.25
CA ALA F 441 7.89 15.76 -18.86
C ALA F 441 7.94 14.56 -19.81
N GLN F 442 7.29 13.45 -19.44
CA GLN F 442 7.32 12.27 -20.29
C GLN F 442 6.64 12.53 -21.62
N VAL F 443 5.53 13.26 -21.61
CA VAL F 443 4.84 13.57 -22.86
C VAL F 443 5.75 14.36 -23.79
N ILE F 444 6.43 15.37 -23.26
CA ILE F 444 7.32 16.20 -24.09
C ILE F 444 8.50 15.37 -24.58
N ARG F 445 9.04 14.50 -23.73
CA ARG F 445 10.18 13.68 -24.14
C ARG F 445 9.78 12.74 -25.28
N GLU F 446 8.63 12.07 -25.15
CA GLU F 446 8.19 11.15 -26.20
C GLU F 446 7.77 11.88 -27.45
N ALA F 447 7.29 13.13 -27.32
CA ALA F 447 7.03 13.93 -28.52
C ALA F 447 8.32 14.32 -29.22
N LYS F 448 9.36 14.65 -28.46
CA LYS F 448 10.65 14.97 -29.06
C LYS F 448 11.25 13.74 -29.73
N ARG F 449 11.01 12.55 -29.18
CA ARG F 449 11.56 11.33 -29.76
C ARG F 449 10.99 11.09 -31.16
N THR F 450 9.70 11.36 -31.36
CA THR F 450 9.01 11.07 -32.61
C THR F 450 8.67 12.34 -33.38
N ALA F 451 9.59 13.29 -33.39
CA ALA F 451 9.38 14.52 -34.13
C ALA F 451 9.24 14.23 -35.62
N PRO F 452 8.35 14.93 -36.33
CA PRO F 452 7.48 16.00 -35.84
C PRO F 452 6.32 15.50 -34.98
N SER F 453 5.87 16.33 -34.04
CA SER F 453 4.83 15.95 -33.11
C SER F 453 3.83 17.08 -32.96
N ILE F 454 2.61 16.72 -32.58
CA ILE F 454 1.51 17.68 -32.42
C ILE F 454 1.04 17.61 -30.97
N VAL F 455 0.94 18.76 -30.33
CA VAL F 455 0.46 18.87 -28.95
C VAL F 455 -0.82 19.68 -28.94
N TYR F 456 -1.85 19.13 -28.32
CA TYR F 456 -3.19 19.71 -28.33
C TYR F 456 -3.62 20.06 -26.91
N VAL F 457 -3.95 21.33 -26.69
CA VAL F 457 -4.37 21.83 -25.38
C VAL F 457 -5.66 22.62 -25.54
N PRO F 458 -6.82 21.97 -25.53
CA PRO F 458 -8.07 22.71 -25.69
C PRO F 458 -8.40 23.55 -24.46
N HIS F 459 -9.10 24.65 -24.70
CA HIS F 459 -9.55 25.56 -23.66
C HIS F 459 -8.40 26.03 -22.78
N ILE F 460 -7.45 26.73 -23.42
CA ILE F 460 -6.31 27.27 -22.68
C ILE F 460 -6.76 28.39 -21.75
N HIS F 461 -7.94 28.98 -22.01
CA HIS F 461 -8.41 30.06 -21.17
C HIS F 461 -8.73 29.60 -19.76
N VAL F 462 -9.23 28.38 -19.60
CA VAL F 462 -9.54 27.85 -18.28
C VAL F 462 -8.48 26.88 -17.78
N TRP F 463 -7.74 26.21 -18.67
CA TRP F 463 -6.71 25.26 -18.26
C TRP F 463 -5.60 25.93 -17.44
N TRP F 464 -5.40 27.24 -17.59
CA TRP F 464 -4.32 27.90 -16.90
C TRP F 464 -4.58 28.07 -15.41
N GLU F 465 -5.85 28.18 -15.02
CA GLU F 465 -6.20 28.48 -13.64
C GLU F 465 -6.47 27.24 -12.80
N ILE F 466 -6.27 26.05 -13.35
CA ILE F 466 -6.48 24.82 -12.62
C ILE F 466 -5.18 24.26 -12.03
N VAL F 467 -4.09 24.29 -12.79
CA VAL F 467 -2.84 23.72 -12.31
C VAL F 467 -2.20 24.63 -11.26
N GLY F 468 -1.35 24.05 -10.43
CA GLY F 468 -0.68 24.78 -9.39
C GLY F 468 0.46 25.63 -9.92
N PRO F 469 1.07 26.39 -9.02
CA PRO F 469 2.17 27.27 -9.45
C PRO F 469 3.35 26.53 -10.04
N THR F 470 3.64 25.32 -9.55
CA THR F 470 4.77 24.55 -10.07
C THR F 470 4.54 24.10 -11.50
N LEU F 471 3.32 23.68 -11.83
CA LEU F 471 3.04 23.14 -13.16
C LEU F 471 3.28 24.18 -14.25
N LYS F 472 2.88 25.42 -14.00
CA LYS F 472 3.08 26.46 -15.01
C LYS F 472 4.56 26.67 -15.30
N ALA F 473 5.37 26.76 -14.23
CA ALA F 473 6.80 26.97 -14.42
C ALA F 473 7.43 25.80 -15.16
N THR F 474 7.06 24.57 -14.80
CA THR F 474 7.62 23.41 -15.48
C THR F 474 7.22 23.37 -16.94
N PHE F 475 5.95 23.68 -17.25
CA PHE F 475 5.51 23.68 -18.63
C PHE F 475 6.26 24.74 -19.44
N THR F 476 6.42 25.93 -18.86
CA THR F 476 7.11 27.01 -19.57
C THR F 476 8.57 26.66 -19.83
N THR F 477 9.25 26.11 -18.82
CA THR F 477 10.66 25.79 -19.02
C THR F 477 10.83 24.61 -19.98
N LEU F 478 9.92 23.63 -19.94
CA LEU F 478 9.99 22.52 -20.87
C LEU F 478 9.79 23.00 -22.30
N LEU F 479 8.84 23.91 -22.51
CA LEU F 479 8.65 24.48 -23.84
C LEU F 479 9.84 25.32 -24.27
N GLN F 480 10.45 26.04 -23.33
CA GLN F 480 11.61 26.87 -23.67
C GLN F 480 12.82 26.04 -24.02
N ASN F 481 12.95 24.85 -23.43
CA ASN F 481 14.10 23.99 -23.70
C ASN F 481 14.07 23.38 -25.10
N ILE F 482 12.97 23.55 -25.84
CA ILE F 482 12.81 22.95 -27.16
C ILE F 482 13.81 23.59 -28.13
N PRO F 483 14.32 22.85 -29.12
CA PRO F 483 15.12 23.50 -30.17
C PRO F 483 14.29 24.50 -30.96
N SER F 484 14.96 25.52 -31.47
CA SER F 484 14.27 26.59 -32.20
C SER F 484 13.64 26.08 -33.48
N PHE F 485 14.33 25.19 -34.20
CA PHE F 485 13.88 24.72 -35.49
C PHE F 485 13.12 23.40 -35.42
N ALA F 486 12.75 22.95 -34.23
CA ALA F 486 12.00 21.71 -34.10
C ALA F 486 10.63 21.87 -34.72
N PRO F 487 10.21 20.97 -35.61
CA PRO F 487 8.90 21.11 -36.28
C PRO F 487 7.76 20.54 -35.43
N VAL F 488 7.52 21.14 -34.28
CA VAL F 488 6.44 20.76 -33.38
C VAL F 488 5.44 21.91 -33.31
N LEU F 489 4.17 21.60 -33.53
CA LEU F 489 3.11 22.60 -33.57
C LEU F 489 2.33 22.58 -32.27
N LEU F 490 2.11 23.77 -31.70
CA LEU F 490 1.29 23.93 -30.51
C LEU F 490 -0.12 24.34 -30.95
N LEU F 491 -1.10 23.52 -30.63
CA LEU F 491 -2.49 23.78 -31.00
C LEU F 491 -3.31 23.98 -29.72
N ALA F 492 -4.02 25.09 -29.66
CA ALA F 492 -4.82 25.42 -28.49
C ALA F 492 -6.02 26.26 -28.93
N THR F 493 -7.05 26.26 -28.09
CA THR F 493 -8.27 27.00 -28.36
C THR F 493 -8.61 27.89 -27.18
N SER F 494 -9.28 28.99 -27.47
CA SER F 494 -9.70 29.92 -26.43
C SER F 494 -11.12 30.39 -26.70
N ASP F 495 -11.81 30.77 -25.64
CA ASP F 495 -13.15 31.31 -25.72
C ASP F 495 -13.18 32.81 -25.51
N LYS F 496 -12.40 33.32 -24.56
CA LYS F 496 -12.26 34.75 -24.38
C LYS F 496 -11.36 35.33 -25.47
N PRO F 497 -11.54 36.61 -25.81
CA PRO F 497 -10.64 37.24 -26.77
C PRO F 497 -9.23 37.35 -26.21
N HIS F 498 -8.27 37.54 -27.13
CA HIS F 498 -6.86 37.56 -26.73
C HIS F 498 -6.56 38.65 -25.73
N SER F 499 -7.32 39.75 -25.76
CA SER F 499 -7.07 40.88 -24.87
C SER F 499 -7.29 40.55 -23.40
N ALA F 500 -8.05 39.50 -23.09
CA ALA F 500 -8.37 39.17 -21.71
C ALA F 500 -7.63 37.94 -21.20
N LEU F 501 -6.77 37.33 -22.01
CA LEU F 501 -6.05 36.14 -21.58
C LEU F 501 -4.99 36.51 -20.54
N PRO F 502 -4.55 35.54 -19.74
CA PRO F 502 -3.52 35.83 -18.74
C PRO F 502 -2.23 36.31 -19.37
N GLU F 503 -1.51 37.15 -18.61
CA GLU F 503 -0.34 37.84 -19.15
C GLU F 503 0.75 36.87 -19.56
N GLU F 504 0.98 35.82 -18.77
CA GLU F 504 2.00 34.84 -19.14
C GLU F 504 1.66 34.17 -20.47
N VAL F 505 0.39 33.82 -20.67
CA VAL F 505 -0.03 33.27 -21.95
C VAL F 505 0.13 34.31 -23.05
N GLN F 506 -0.13 35.58 -22.74
CA GLN F 506 0.00 36.64 -23.73
C GLN F 506 1.43 36.76 -24.22
N GLU F 507 2.40 36.69 -23.31
CA GLU F 507 3.79 36.61 -23.74
C GLU F 507 4.19 35.18 -24.02
N LEU F 508 3.35 34.47 -24.77
CA LEU F 508 3.70 33.18 -25.37
C LEU F 508 3.27 33.08 -26.82
N PHE F 509 2.43 33.97 -27.31
CA PHE F 509 2.04 34.03 -28.72
C PHE F 509 2.31 35.43 -29.25
N ILE F 510 2.47 35.52 -30.57
CA ILE F 510 3.13 36.64 -31.22
C ILE F 510 2.15 37.37 -32.13
N ARG F 511 0.94 37.63 -31.62
CA ARG F 511 -0.18 38.19 -32.38
C ARG F 511 0.24 39.29 -33.35
N ASP F 512 1.33 40.00 -33.06
CA ASP F 512 1.94 40.87 -34.07
C ASP F 512 2.24 40.11 -35.36
N TYR F 513 2.52 38.81 -35.28
CA TYR F 513 2.65 37.97 -36.46
C TYR F 513 1.29 37.35 -36.78
N GLY F 514 1.25 36.36 -37.66
CA GLY F 514 0.00 35.68 -37.97
C GLY F 514 -0.23 34.44 -37.14
N GLU F 515 -0.10 34.54 -35.82
CA GLU F 515 -0.23 33.38 -34.93
C GLU F 515 -1.63 33.22 -34.35
N ILE F 516 -2.57 34.11 -34.66
CA ILE F 516 -3.91 34.05 -34.12
C ILE F 516 -4.92 34.11 -35.25
N PHE F 517 -5.86 33.17 -35.25
CA PHE F 517 -6.92 33.08 -36.24
C PHE F 517 -8.26 33.43 -35.60
N ASN F 518 -9.16 33.98 -36.40
CA ASN F 518 -10.48 34.38 -35.92
C ASN F 518 -11.56 33.67 -36.74
N VAL F 519 -12.58 33.18 -36.04
CA VAL F 519 -13.65 32.37 -36.64
C VAL F 519 -14.82 33.27 -36.98
N GLN F 520 -15.47 33.00 -38.10
CA GLN F 520 -16.62 33.76 -38.56
C GLN F 520 -17.80 32.82 -38.78
N LEU F 521 -18.99 33.39 -38.74
CA LEU F 521 -20.20 32.60 -38.95
C LEU F 521 -20.26 32.09 -40.38
N PRO F 522 -20.89 30.94 -40.60
CA PRO F 522 -21.06 30.45 -41.97
C PRO F 522 -21.90 31.40 -42.81
N ASP F 523 -21.60 31.44 -44.10
CA ASP F 523 -22.23 32.39 -45.00
C ASP F 523 -23.65 31.92 -45.34
N LYS F 524 -24.30 32.63 -46.26
CA LYS F 524 -25.68 32.30 -46.62
C LYS F 524 -25.76 31.03 -47.44
N GLU F 525 -24.73 30.76 -48.26
CA GLU F 525 -24.78 29.58 -49.14
C GLU F 525 -24.74 28.30 -48.33
N GLU F 526 -23.82 28.20 -47.37
CA GLU F 526 -23.73 26.99 -46.55
C GLU F 526 -24.99 26.76 -45.73
N ARG F 527 -25.54 27.84 -45.15
CA ARG F 527 -26.79 27.71 -44.41
C ARG F 527 -27.93 27.28 -45.30
N THR F 528 -28.01 27.82 -46.53
CA THR F 528 -29.04 27.40 -47.46
C THR F 528 -28.90 25.94 -47.82
N LYS F 529 -27.67 25.48 -48.07
CA LYS F 529 -27.43 24.09 -48.38
C LYS F 529 -27.55 23.17 -47.17
N PHE F 530 -27.68 23.73 -45.97
CA PHE F 530 -27.91 22.92 -44.79
C PHE F 530 -29.32 22.35 -44.74
N PHE F 531 -30.32 23.07 -45.22
CA PHE F 531 -31.72 22.65 -45.13
C PHE F 531 -32.24 22.07 -46.44
N GLU F 532 -31.37 21.83 -47.42
CA GLU F 532 -31.83 21.26 -48.68
C GLU F 532 -32.29 19.82 -48.51
N ASP F 533 -31.65 19.07 -47.60
CA ASP F 533 -32.04 17.69 -47.36
C ASP F 533 -33.45 17.62 -46.77
N LEU F 534 -33.80 18.58 -45.93
CA LEU F 534 -35.12 18.58 -45.33
C LEU F 534 -36.14 19.36 -46.15
N ILE F 535 -35.77 20.49 -46.72
CA ILE F 535 -36.71 21.37 -47.43
C ILE F 535 -36.12 21.66 -48.81
N LEU F 536 -36.44 20.82 -49.79
CA LEU F 536 -37.08 19.53 -49.55
C LEU F 536 -36.28 18.43 -50.24
N LYS F 537 -35.97 17.36 -49.51
CA LYS F 537 -35.52 16.12 -50.12
C LYS F 537 -36.14 14.91 -49.46
N GLN F 538 -36.83 15.08 -48.33
CA GLN F 538 -37.50 13.99 -47.64
C GLN F 538 -38.92 14.31 -47.18
N ALA F 539 -39.29 15.59 -47.08
CA ALA F 539 -40.63 15.94 -46.62
C ALA F 539 -41.70 15.42 -47.58
N ALA F 540 -41.48 15.58 -48.88
CA ALA F 540 -42.39 15.02 -49.87
C ALA F 540 -42.06 13.58 -50.24
N LYS F 541 -40.91 13.06 -49.78
CA LYS F 541 -40.52 11.70 -50.10
C LYS F 541 -41.37 10.72 -49.29
N PRO F 542 -42.08 9.79 -49.95
CA PRO F 542 -42.90 8.79 -49.25
C PRO F 542 -42.12 7.51 -48.95
N GLU F 772 -43.73 25.03 -54.03
CA GLU F 772 -44.73 25.02 -52.97
C GLU F 772 -44.46 26.15 -51.98
N ARG F 773 -45.42 26.40 -51.08
CA ARG F 773 -45.25 27.40 -50.03
C ARG F 773 -44.20 27.00 -49.00
N LEU F 774 -43.80 25.73 -48.99
CA LEU F 774 -42.68 25.34 -48.14
C LEU F 774 -41.40 26.04 -48.56
N LYS F 775 -41.30 26.45 -49.83
CA LYS F 775 -40.19 27.31 -50.25
C LYS F 775 -40.26 28.64 -49.51
N ASN F 776 -41.47 29.19 -49.36
CA ASN F 776 -41.65 30.41 -48.58
C ASN F 776 -41.26 30.18 -47.12
N LEU F 777 -41.63 29.00 -46.58
CA LEU F 777 -41.24 28.67 -45.21
C LEU F 777 -39.72 28.63 -45.07
N LEU F 778 -39.05 28.00 -46.03
CA LEU F 778 -37.59 27.91 -46.00
C LEU F 778 -36.94 29.29 -46.08
N LYS F 779 -37.46 30.15 -46.97
CA LYS F 779 -36.86 31.48 -47.10
C LYS F 779 -37.13 32.32 -45.87
N THR F 780 -38.28 32.13 -45.21
CA THR F 780 -38.51 32.81 -43.94
C THR F 780 -37.54 32.31 -42.86
N VAL F 781 -37.26 31.00 -42.85
CA VAL F 781 -36.29 30.48 -41.90
C VAL F 781 -34.92 31.09 -42.15
N VAL F 782 -34.51 31.21 -43.41
CA VAL F 782 -33.23 31.84 -43.71
C VAL F 782 -33.24 33.30 -43.29
N LYS F 783 -34.33 34.02 -43.56
CA LYS F 783 -34.43 35.42 -43.16
C LYS F 783 -34.48 35.59 -41.64
N LYS F 784 -34.80 34.53 -40.90
CA LYS F 784 -34.77 34.58 -39.45
C LYS F 784 -33.45 34.09 -38.85
N SER F 785 -32.65 33.35 -39.63
CA SER F 785 -31.44 32.71 -39.11
C SER F 785 -30.16 33.43 -39.50
N GLN F 786 -30.15 34.77 -39.49
CA GLN F 786 -28.90 35.48 -39.76
C GLN F 786 -27.91 35.36 -38.62
N ASN F 787 -28.38 35.47 -37.38
CA ASN F 787 -27.51 35.68 -36.22
C ASN F 787 -27.75 34.61 -35.17
N TYR F 788 -27.76 33.35 -35.59
CA TYR F 788 -27.84 32.22 -34.69
C TYR F 788 -26.54 31.44 -34.72
N ASN F 789 -26.01 31.11 -33.54
CA ASN F 789 -24.76 30.36 -33.47
C ASN F 789 -24.99 28.91 -33.86
N ILE F 790 -23.91 28.12 -33.85
CA ILE F 790 -23.99 26.74 -34.33
C ILE F 790 -24.93 25.92 -33.45
N PHE F 791 -24.86 26.12 -32.13
CA PHE F 791 -25.70 25.33 -31.22
C PHE F 791 -27.18 25.58 -31.48
N GLN F 792 -27.59 26.84 -31.58
CA GLN F 792 -28.99 27.15 -31.80
C GLN F 792 -29.45 26.65 -33.17
N LEU F 793 -28.60 26.80 -34.19
CA LEU F 793 -28.96 26.33 -35.53
C LEU F 793 -29.17 24.82 -35.56
N GLU F 794 -28.25 24.08 -34.93
CA GLU F 794 -28.39 22.62 -34.93
C GLU F 794 -29.57 22.18 -34.07
N ASN F 795 -29.86 22.91 -32.99
CA ASN F 795 -31.05 22.61 -32.21
C ASN F 795 -32.32 22.82 -33.03
N LEU F 796 -32.39 23.93 -33.78
CA LEU F 796 -33.54 24.19 -34.62
C LEU F 796 -33.67 23.12 -35.70
N TYR F 797 -32.55 22.70 -36.28
CA TYR F 797 -32.58 21.65 -37.29
C TYR F 797 -33.11 20.35 -36.69
N ALA F 798 -32.65 20.00 -35.49
CA ALA F 798 -33.09 18.77 -34.85
C ALA F 798 -34.58 18.82 -34.53
N VAL F 799 -35.06 19.96 -34.01
CA VAL F 799 -36.47 20.05 -33.64
C VAL F 799 -37.34 20.06 -34.89
N ILE F 800 -36.83 20.59 -36.00
CA ILE F 800 -37.58 20.54 -37.26
C ILE F 800 -37.62 19.11 -37.79
N SER F 801 -36.48 18.41 -37.73
CA SER F 801 -36.44 17.01 -38.15
C SER F 801 -37.36 16.13 -37.31
N GLN F 802 -37.53 16.45 -36.03
CA GLN F 802 -38.45 15.69 -35.21
C GLN F 802 -39.89 15.90 -35.67
N CYS F 803 -40.21 17.10 -36.15
CA CYS F 803 -41.56 17.39 -36.61
C CYS F 803 -41.99 16.46 -37.73
N ILE F 804 -41.06 16.09 -38.62
CA ILE F 804 -41.39 15.15 -39.69
C ILE F 804 -41.76 13.79 -39.11
N TYR F 805 -41.00 13.34 -38.11
CA TYR F 805 -41.29 12.05 -37.48
C TYR F 805 -42.63 12.07 -36.75
N ARG F 806 -42.99 13.20 -36.15
CA ARG F 806 -44.25 13.28 -35.41
C ARG F 806 -45.45 13.00 -36.29
N HIS F 807 -45.35 13.31 -37.59
CA HIS F 807 -46.45 13.05 -38.51
C HIS F 807 -46.02 12.16 -39.67
N ARG F 808 -45.28 11.09 -39.35
CA ARG F 808 -44.90 10.14 -40.39
C ARG F 808 -46.12 9.47 -41.00
N LYS F 809 -47.06 9.06 -40.16
CA LYS F 809 -48.30 8.44 -40.61
C LYS F 809 -49.42 9.46 -40.76
N ASP F 810 -49.15 10.54 -41.52
CA ASP F 810 -50.12 11.60 -41.76
C ASP F 810 -50.00 12.03 -43.22
N HIS F 811 -50.80 11.41 -44.08
CA HIS F 811 -50.75 11.75 -45.50
C HIS F 811 -51.44 13.07 -45.79
N ASP F 812 -52.42 13.43 -44.97
CA ASP F 812 -53.14 14.70 -45.15
C ASP F 812 -52.18 15.86 -44.93
N LYS F 813 -51.93 16.63 -45.98
CA LYS F 813 -51.03 17.77 -45.91
C LYS F 813 -51.78 18.97 -45.31
N THR F 814 -51.12 20.13 -45.30
CA THR F 814 -51.68 21.40 -44.84
C THR F 814 -51.91 21.36 -43.33
N SER F 815 -51.64 20.21 -42.71
CA SER F 815 -51.76 20.07 -41.27
C SER F 815 -50.41 19.95 -40.57
N LEU F 816 -49.58 18.98 -40.99
CA LEU F 816 -48.22 18.91 -40.47
C LEU F 816 -47.40 20.10 -40.93
N ILE F 817 -47.63 20.57 -42.16
CA ILE F 817 -46.95 21.77 -42.64
C ILE F 817 -47.38 22.98 -41.83
N GLN F 818 -48.67 23.06 -41.49
CA GLN F 818 -49.15 24.15 -40.64
C GLN F 818 -48.51 24.09 -39.26
N LYS F 819 -48.36 22.89 -38.71
CA LYS F 819 -47.73 22.77 -37.41
C LYS F 819 -46.25 23.16 -37.47
N MET F 820 -45.58 22.81 -38.57
CA MET F 820 -44.20 23.24 -38.75
C MET F 820 -44.10 24.77 -38.83
N GLU F 821 -45.00 25.38 -39.60
CA GLU F 821 -44.92 26.83 -39.79
C GLU F 821 -45.30 27.58 -38.52
N GLN F 822 -46.14 27.00 -37.67
CA GLN F 822 -46.43 27.62 -36.38
C GLN F 822 -45.36 27.32 -35.34
N GLU F 823 -44.62 26.21 -35.49
CA GLU F 823 -43.53 25.91 -34.58
C GLU F 823 -42.32 26.80 -34.85
N VAL F 824 -41.98 27.01 -36.12
CA VAL F 824 -40.80 27.80 -36.45
C VAL F 824 -40.95 29.24 -35.98
N GLU F 825 -42.17 29.79 -36.07
CA GLU F 825 -42.39 31.14 -35.56
C GLU F 825 -42.44 31.15 -34.04
N ASN F 826 -42.87 30.05 -33.42
CA ASN F 826 -42.89 29.94 -31.96
C ASN F 826 -41.52 29.64 -31.38
N PHE F 827 -40.55 29.26 -32.21
CA PHE F 827 -39.19 28.96 -31.76
C PHE F 827 -38.51 30.26 -31.36
N SER F 828 -38.29 30.44 -30.06
CA SER F 828 -37.62 31.62 -29.53
C SER F 828 -36.30 31.18 -28.92
N CYS F 829 -35.20 31.81 -29.36
CA CYS F 829 -33.87 31.50 -28.85
C CYS F 829 -33.10 32.79 -28.62
N SER F 830 -33.76 33.79 -28.04
CA SER F 830 -33.13 35.07 -27.78
C SER F 830 -32.15 34.98 -26.61
PB ADP G . 24.68 -1.39 -21.86
O1B ADP G . 24.61 -0.21 -20.92
O2B ADP G . 25.22 -2.65 -21.24
O3B ADP G . 23.44 -1.59 -22.69
PA ADP G . 26.72 -2.09 -23.64
O1A ADP G . 27.75 -2.56 -22.64
O2A ADP G . 25.81 -3.10 -24.30
O3A ADP G . 25.80 -0.97 -22.94
O5' ADP G . 27.47 -1.26 -24.80
C5' ADP G . 26.73 -0.71 -25.89
C4' ADP G . 27.37 -1.14 -27.19
O4' ADP G . 28.38 -0.20 -27.57
C3' ADP G . 28.03 -2.51 -27.07
O3' ADP G . 27.42 -3.43 -27.97
C2' ADP G . 29.51 -2.29 -27.36
O2' ADP G . 30.00 -3.13 -28.43
C1' ADP G . 29.66 -0.83 -27.76
N9 ADP G . 30.67 -0.17 -26.89
C8 ADP G . 30.42 0.47 -25.72
N7 ADP G . 31.57 0.95 -25.18
C5 ADP G . 32.58 0.63 -26.01
C6 ADP G . 34.04 0.83 -26.03
N6 ADP G . 34.67 1.50 -25.03
N1 ADP G . 34.73 0.33 -27.08
C2 ADP G . 34.12 -0.35 -28.07
N3 ADP G . 32.79 -0.57 -28.12
C4 ADP G . 31.98 -0.12 -27.13
PG ATP H . 29.16 -9.54 8.19
O1G ATP H . 28.19 -10.65 8.54
O2G ATP H . 28.54 -8.16 8.16
O3G ATP H . 30.06 -9.85 7.01
PB ATP H . 31.64 -8.86 9.30
O1B ATP H . 31.95 -8.10 10.57
O2B ATP H . 31.73 -8.18 7.96
O3B ATP H . 30.16 -9.49 9.45
PA ATP H . 34.06 -10.10 8.67
O1A ATP H . 34.48 -8.66 8.64
O2A ATP H . 34.12 -10.93 7.42
O3A ATP H . 32.56 -10.18 9.26
O5' ATP H . 34.92 -10.86 9.81
C5' ATP H . 36.16 -11.48 9.48
C4' ATP H . 36.93 -10.62 8.49
O4' ATP H . 37.13 -9.32 9.06
C3' ATP H . 38.30 -11.22 8.19
O3' ATP H . 38.39 -11.53 6.79
C2' ATP H . 39.32 -10.18 8.63
O2' ATP H . 40.17 -9.74 7.57
C1' ATP H . 38.52 -8.99 9.17
N9 ATP H . 38.86 -8.75 10.59
C8 ATP H . 38.08 -8.13 11.49
N7 ATP H . 38.69 -8.07 12.71
C5 ATP H . 39.89 -8.67 12.59
C6 ATP H . 41.04 -8.95 13.48
N6 ATP H . 41.02 -8.57 14.78
N1 ATP H . 42.10 -9.60 12.96
C2 ATP H . 42.14 -9.97 11.67
N3 ATP H . 41.13 -9.75 10.80
C4 ATP H . 40.00 -9.12 11.19
PG ATP I . 8.62 -18.55 26.22
O1G ATP I . 7.87 -17.29 26.54
O2G ATP I . 10.05 -18.32 25.77
O3G ATP I . 7.86 -19.54 25.39
PB ATP I . 7.56 -19.28 28.70
O1B ATP I . 7.18 -17.85 28.99
O2B ATP I . 6.52 -20.26 28.21
O3B ATP I . 8.78 -19.28 27.65
PA ATP I . 8.84 -21.39 30.02
O1A ATP I . 7.99 -22.24 30.92
O2A ATP I . 9.06 -21.81 28.58
O3A ATP I . 8.25 -19.90 30.02
O5' ATP I . 10.28 -21.20 30.71
C5' ATP I . 10.49 -20.18 31.68
C4' ATP I . 11.65 -20.59 32.59
O4' ATP I . 11.74 -19.68 33.69
C3' ATP I . 11.45 -21.98 33.16
O3' ATP I . 12.42 -22.88 32.60
C2' ATP I . 11.56 -21.85 34.67
O2' ATP I . 12.66 -22.60 35.21
C1' ATP I . 11.75 -20.37 34.94
N9 ATP I . 10.64 -19.87 35.80
C8 ATP I . 9.83 -18.84 35.51
N7 ATP I . 8.92 -18.64 36.50
C5 ATP I . 9.16 -19.56 37.45
C6 ATP I . 8.56 -19.92 38.76
N6 ATP I . 7.51 -19.22 39.26
N1 ATP I . 9.10 -20.95 39.45
C2 ATP I . 10.15 -21.65 38.95
N3 ATP I . 10.73 -21.38 37.77
C4 ATP I . 10.29 -20.37 36.99
PG ATP J . -20.67 -23.08 15.75
O1G ATP J . -20.23 -22.99 14.31
O2G ATP J . -20.43 -21.82 16.56
O3G ATP J . -20.26 -24.35 16.46
PB ATP J . -23.13 -23.64 16.96
O1B ATP J . -24.59 -23.39 16.67
O2B ATP J . -22.49 -23.04 18.19
O3B ATP J . -22.28 -23.18 15.67
PA ATP J . -23.80 -26.18 17.91
O1A ATP J . -25.24 -25.97 17.53
O2A ATP J . -23.21 -27.57 17.87
O3A ATP J . -22.88 -25.23 16.99
O5' ATP J . -23.57 -25.58 19.39
C5' ATP J . -24.68 -25.32 20.24
C4' ATP J . -24.32 -25.68 21.68
O4' ATP J . -24.84 -24.70 22.57
C3' ATP J . -24.90 -27.04 22.07
O3' ATP J . -23.86 -27.93 22.47
C2' ATP J . -25.90 -26.75 23.18
O2' ATP J . -25.57 -27.41 24.42
C1' ATP J . -25.87 -25.24 23.41
N9 ATP J . -27.18 -24.66 23.01
C8 ATP J . -27.37 -23.74 22.06
N7 ATP J . -28.69 -23.41 21.95
C5 ATP J . -29.35 -24.13 22.86
C6 ATP J . -30.77 -24.27 23.28
N6 ATP J . -31.75 -23.55 22.69
N1 ATP J . -31.05 -25.14 24.28
C2 ATP J . -30.09 -25.86 24.88
N3 ATP J . -28.78 -25.79 24.54
C4 ATP J . -28.36 -24.95 23.56
PG ATP K . -26.96 -21.43 -12.94
O1G ATP K . -27.34 -21.10 -11.54
O2G ATP K . -26.03 -22.66 -13.05
O3G ATP K . -26.35 -20.27 -13.71
PB ATP K . -28.87 -21.61 -15.23
O1B ATP K . -28.34 -22.58 -16.21
O2B ATP K . -28.66 -20.14 -15.58
O3B ATP K . -28.25 -21.84 -13.79
PA ATP K . -31.52 -22.90 -15.35
O1A ATP K . -31.82 -22.91 -16.79
O2A ATP K . -31.04 -24.25 -14.79
O3A ATP K . -30.42 -21.82 -14.97
O5' ATP K . -32.78 -22.45 -14.51
C5' ATP K . -33.30 -23.26 -13.45
C4' ATP K . -34.81 -23.24 -13.50
O4' ATP K . -35.27 -21.87 -13.65
C3' ATP K . -35.44 -23.96 -14.68
O3' ATP K . -35.55 -25.36 -14.42
C2' ATP K . -36.81 -23.29 -14.78
O2' ATP K . -37.76 -23.87 -13.90
C1' ATP K . -36.50 -21.85 -14.36
N9 ATP K . -36.36 -20.91 -15.48
C8 ATP K . -35.27 -20.13 -15.78
N7 ATP K . -35.43 -19.39 -16.84
C5 ATP K . -36.70 -19.69 -17.27
C6 ATP K . -37.47 -19.24 -18.35
N6 ATP K . -37.05 -18.33 -19.25
N1 ATP K . -38.72 -19.75 -18.50
C2 ATP K . -39.15 -20.65 -17.62
N3 ATP K . -38.51 -21.15 -16.56
C4 ATP K . -37.29 -20.63 -16.44
PG ATP L . -2.90 -16.46 -34.07
O1G ATP L . -3.12 -17.21 -32.80
O2G ATP L . -3.26 -17.25 -35.33
O3G ATP L . -1.47 -15.91 -34.21
PB ATP L . -3.78 -13.65 -34.62
O1B ATP L . -2.61 -12.94 -34.08
O2B ATP L . -5.15 -13.03 -34.31
O3B ATP L . -3.83 -15.17 -34.13
PA ATP L . -4.37 -14.77 -37.30
O1A ATP L . -3.34 -15.46 -38.12
O2A ATP L . -5.34 -15.69 -36.58
O3A ATP L . -3.69 -13.84 -36.20
O5' ATP L . -5.20 -13.75 -38.17
C5' ATP L . -6.64 -13.72 -38.11
C4' ATP L . -7.18 -14.00 -39.50
O4' ATP L . -7.74 -12.79 -40.06
C3' ATP L . -6.14 -14.49 -40.50
O3' ATP L . -6.10 -15.91 -40.53
C2' ATP L . -6.66 -13.92 -41.82
O2' ATP L . -7.67 -14.73 -42.40
C1' ATP L . -7.25 -12.59 -41.36
N9 ATP L . -6.29 -11.49 -41.32
C8 ATP L . -5.87 -10.81 -40.21
N7 ATP L . -5.00 -9.86 -40.46
C5 ATP L . -4.83 -9.92 -41.84
C6 ATP L . -4.04 -9.18 -42.73
N6 ATP L . -3.22 -8.19 -42.36
N1 ATP L . -4.11 -9.50 -44.04
C2 ATP L . -4.92 -10.49 -44.42
N3 ATP L . -5.71 -11.25 -43.67
C4 ATP L . -5.63 -10.92 -42.38
#